data_6SRI
#
_entry.id   6SRI
#
_cell.length_a   1.00
_cell.length_b   1.00
_cell.length_c   1.00
_cell.angle_alpha   90.00
_cell.angle_beta   90.00
_cell.angle_gamma   90.00
#
_symmetry.space_group_name_H-M   'P 1'
#
loop_
_entity.id
_entity.type
_entity.pdbx_description
1 polymer 'Unassigned secondary structure elements (central region, proposed FANCB-FAAP100: chain A,a; base region, proposed FANCC-FANC-E-FANCF: chain 3)'
2 polymer 'Unassigned secondary structure elements (central region, proposed FANCB-FAAP100)'
3 polymer 'Unassigned secondary structure elements (central region, proposed FANCB-FAAP100)'
4 polymer 'Unassigned secondary structure elements (central region, proposed FANCB-FAAP100)'
5 polymer 'Unassigned secondary structure elements (central region, proposed FANCB-FAAP100)'
6 polymer 'Unassigned secondary structure elements (central region, proposed FANCB-FAAP100: chain F,f; base region, proposed FANCC-FANC-E-FANCF: chain Z)'
7 polymer 'Unassigned secondary structure elements (central region, proposed FANCB-FAAP100)'
8 polymer 'Unassigned secondary structure elements (central region, proposed FANCB-FAAP100)'
9 polymer 'Unassigned secondary structure elements (central region, proposed FANCB-FAAP100)'
10 polymer 'Unassigned secondary structure elements (central region, proposed FANCB-FAAP100)'
11 polymer 'Unassigned secondary structure elements (central region, proposed FANCB-FAAP100)'
12 polymer 'Unassigned secondary structure elements (proposed FANCB)'
13 polymer 'Unassigned secondary structure elements (proposed FAAP100)'
14 polymer 'Unassigned secondary structure elements (proposed FANCB)'
15 polymer 'Unassigned secondary structure elements (proposed FAAP100)'
16 polymer 'Unassigned secondary structure elements (base region, proposed FANCC-FANC-E-FANCF)'
17 polymer 'Unassigned secondary structure elements (base region, proposed FANCC-FANC-E-FANCF)'
18 polymer 'Unassigned secondary structure elements (base region, proposed FANCC-FANC-E-FANCF)'
19 polymer 'Unassigned secondary structure elements (base region, proposed FANCC-FANC-E-FANCF)'
20 polymer 'Unassigned secondary structure elements (base region, proposed FANCC-FANC-E-FANCF)'
21 polymer 'Unassigned secondary structure elements (base region, proposed FANCC-FANC-E-FANCF)'
22 polymer 'Unassigned secondary structure elements (base region, proposed FANCC-FANC-E-FANCF)'
23 polymer 'Unassigned secondary structure elements (base region, proposed FANCC-FANC-E-FANCF)'
24 polymer 'Fanconi anaemia protein FANCL'
25 polymer 'base region, proposed FANCF'
26 polymer 'Unassigned secondary structure elements (top region, proposed FANCG)'
27 polymer 'Unassigned secondary structure elements (top region, proposed FANCG)'
#
loop_
_entity_poly.entity_id
_entity_poly.type
_entity_poly.pdbx_seq_one_letter_code
_entity_poly.pdbx_strand_id
1 'polypeptide(L)'
;(UNK)(UNK)(UNK)(UNK)(UNK)(UNK)(UNK)(UNK)(UNK)(UNK)(UNK)(UNK)(UNK)(UNK)(UNK)(UNK)
(UNK)(UNK)(UNK)(UNK)(UNK)(UNK)(UNK)(UNK)(UNK)(UNK)(UNK)(UNK)(UNK)(UNK)(UNK)(UNK)
(UNK)(UNK)(UNK)(UNK)(UNK)(UNK)(UNK)(UNK)(UNK)(UNK)(UNK)(UNK)(UNK)(UNK)(UNK)(UNK)
(UNK)(UNK)(UNK)(UNK)(UNK)(UNK)(UNK)(UNK)(UNK)(UNK)(UNK)(UNK)(UNK)(UNK)(UNK)(UNK)
(UNK)(UNK)(UNK)(UNK)(UNK)(UNK)(UNK)(UNK)(UNK)(UNK)(UNK)(UNK)
;
A,a,3
2 'polypeptide(L)'
;(UNK)(UNK)(UNK)(UNK)(UNK)(UNK)(UNK)(UNK)(UNK)(UNK)(UNK)(UNK)(UNK)(UNK)(UNK)(UNK)
(UNK)(UNK)(UNK)(UNK)(UNK)(UNK)(UNK)(UNK)(UNK)
;
B,b
3 'polypeptide(L)'
;(UNK)(UNK)(UNK)(UNK)(UNK)(UNK)(UNK)(UNK)(UNK)(UNK)(UNK)(UNK)(UNK)(UNK)(UNK)(UNK)
(UNK)(UNK)(UNK)(UNK)(UNK)(UNK)(UNK)(UNK)(UNK)(UNK)(UNK)(UNK)(UNK)(UNK)
;
C,c
4 'polypeptide(L)'
;(UNK)(UNK)(UNK)(UNK)(UNK)(UNK)(UNK)(UNK)(UNK)(UNK)(UNK)(UNK)(UNK)(UNK)(UNK)(UNK)
(UNK)(UNK)(UNK)(UNK)(UNK)(UNK)(UNK)
;
D,d
5 'polypeptide(L)' (UNK)(UNK)(UNK)(UNK)(UNK)(UNK)(UNK)(UNK)(UNK) E,e
6 'polypeptide(L)' (UNK)(UNK)(UNK)(UNK)(UNK)(UNK)(UNK)(UNK)(UNK)(UNK)(UNK)(UNK)(UNK)(UNK)(UNK) F,f,Z
7 'polypeptide(L)'
;(UNK)(UNK)(UNK)(UNK)(UNK)(UNK)(UNK)(UNK)(UNK)(UNK)(UNK)(UNK)(UNK)(UNK)(UNK)(UNK)
(UNK)(UNK)(UNK)(UNK)(UNK)(UNK)(UNK)(UNK)(UNK)(UNK)
;
G,g
8 'polypeptide(L)'
;(UNK)(UNK)(UNK)(UNK)(UNK)(UNK)(UNK)(UNK)(UNK)(UNK)(UNK)(UNK)(UNK)(UNK)(UNK)(UNK)
(UNK)
;
H,J,h,j
9 'polypeptide(L)'
;(UNK)(UNK)(UNK)(UNK)(UNK)(UNK)(UNK)(UNK)(UNK)(UNK)(UNK)(UNK)(UNK)(UNK)(UNK)(UNK)
(UNK)(UNK)(UNK)(UNK)(UNK)(UNK)(UNK)(UNK)(UNK)(UNK)(UNK)(UNK)(UNK)(UNK)(UNK)(UNK)
(UNK)(UNK)(UNK)(UNK)(UNK)
;
I,i
10 'polypeptide(L)'
;(UNK)(UNK)(UNK)(UNK)(UNK)(UNK)(UNK)(UNK)(UNK)(UNK)(UNK)(UNK)(UNK)(UNK)(UNK)(UNK)
(UNK)(UNK)(UNK)(UNK)(UNK)
;
K,k
11 'polypeptide(L)'
;(UNK)(UNK)(UNK)(UNK)(UNK)(UNK)(UNK)(UNK)(UNK)(UNK)(UNK)(UNK)(UNK)(UNK)(UNK)(UNK)
(UNK)(UNK)
;
L,l
12 'polypeptide(L)'
;(UNK)(UNK)(UNK)(UNK)(UNK)(UNK)(UNK)(UNK)(UNK)(UNK)(UNK)(UNK)(UNK)(UNK)(UNK)(UNK)
(UNK)(UNK)(UNK)(UNK)(UNK)(UNK)(UNK)(UNK)(UNK)(UNK)(UNK)(UNK)(UNK)(UNK)(UNK)(UNK)
(UNK)(UNK)(UNK)(UNK)(UNK)(UNK)(UNK)(UNK)(UNK)(UNK)(UNK)(UNK)(UNK)(UNK)(UNK)(UNK)
(UNK)(UNK)(UNK)(UNK)(UNK)(UNK)(UNK)(UNK)(UNK)(UNK)(UNK)(UNK)(UNK)(UNK)(UNK)(UNK)
(UNK)(UNK)(UNK)(UNK)(UNK)(UNK)(UNK)(UNK)(UNK)(UNK)(UNK)(UNK)(UNK)(UNK)(UNK)(UNK)
(UNK)(UNK)(UNK)(UNK)(UNK)(UNK)(UNK)(UNK)(UNK)(UNK)(UNK)(UNK)(UNK)(UNK)(UNK)(UNK)
(UNK)(UNK)(UNK)(UNK)(UNK)(UNK)(UNK)(UNK)(UNK)(UNK)(UNK)(UNK)(UNK)(UNK)(UNK)(UNK)
(UNK)(UNK)(UNK)(UNK)(UNK)(UNK)(UNK)(UNK)
;
M,m
13 'polypeptide(L)'
;(UNK)(UNK)(UNK)(UNK)(UNK)(UNK)(UNK)(UNK)(UNK)(UNK)(UNK)(UNK)(UNK)(UNK)(UNK)(UNK)
(UNK)(UNK)(UNK)(UNK)(UNK)(UNK)(UNK)(UNK)(UNK)(UNK)(UNK)(UNK)(UNK)(UNK)(UNK)(UNK)
(UNK)(UNK)(UNK)(UNK)(UNK)(UNK)(UNK)(UNK)(UNK)(UNK)(UNK)
;
N,n
14 'polypeptide(L)'
;(UNK)(UNK)(UNK)(UNK)(UNK)(UNK)(UNK)(UNK)(UNK)(UNK)(UNK)(UNK)(UNK)(UNK)(UNK)(UNK)
(UNK)(UNK)(UNK)(UNK)(UNK)(UNK)(UNK)(UNK)(UNK)(UNK)(UNK)(UNK)(UNK)(UNK)(UNK)(UNK)
(UNK)(UNK)(UNK)(UNK)(UNK)(UNK)(UNK)(UNK)(UNK)(UNK)(UNK)(UNK)(UNK)(UNK)(UNK)(UNK)
(UNK)(UNK)(UNK)(UNK)(UNK)(UNK)(UNK)(UNK)(UNK)(UNK)(UNK)(UNK)(UNK)(UNK)(UNK)(UNK)
(UNK)(UNK)(UNK)(UNK)(UNK)(UNK)(UNK)(UNK)(UNK)(UNK)(UNK)(UNK)(UNK)(UNK)(UNK)(UNK)
(UNK)(UNK)(UNK)(UNK)(UNK)(UNK)(UNK)(UNK)(UNK)(UNK)(UNK)(UNK)(UNK)(UNK)(UNK)(UNK)
(UNK)(UNK)(UNK)(UNK)(UNK)(UNK)(UNK)(UNK)(UNK)(UNK)(UNK)(UNK)(UNK)(UNK)(UNK)(UNK)
(UNK)(UNK)(UNK)(UNK)(UNK)(UNK)(UNK)(UNK)(UNK)(UNK)(UNK)(UNK)(UNK)(UNK)(UNK)(UNK)
(UNK)(UNK)(UNK)(UNK)(UNK)(UNK)(UNK)(UNK)(UNK)(UNK)(UNK)(UNK)(UNK)(UNK)(UNK)(UNK)
(UNK)(UNK)(UNK)(UNK)(UNK)(UNK)(UNK)(UNK)(UNK)(UNK)(UNK)(UNK)(UNK)(UNK)(UNK)(UNK)
(UNK)(UNK)(UNK)(UNK)(UNK)(UNK)(UNK)(UNK)(UNK)(UNK)(UNK)(UNK)(UNK)(UNK)(UNK)(UNK)
(UNK)(UNK)(UNK)(UNK)(UNK)(UNK)(UNK)(UNK)(UNK)(UNK)(UNK)(UNK)(UNK)(UNK)(UNK)(UNK)
(UNK)(UNK)(UNK)(UNK)(UNK)(UNK)(UNK)(UNK)(UNK)(UNK)(UNK)(UNK)(UNK)(UNK)(UNK)(UNK)
(UNK)(UNK)(UNK)(UNK)(UNK)(UNK)(UNK)(UNK)(UNK)(UNK)(UNK)(UNK)(UNK)(UNK)(UNK)(UNK)
(UNK)(UNK)(UNK)(UNK)(UNK)(UNK)(UNK)(UNK)(UNK)(UNK)(UNK)(UNK)(UNK)(UNK)(UNK)(UNK)
(UNK)(UNK)(UNK)(UNK)(UNK)(UNK)(UNK)(UNK)(UNK)(UNK)(UNK)(UNK)(UNK)(UNK)(UNK)(UNK)
(UNK)(UNK)(UNK)(UNK)(UNK)(UNK)(UNK)(UNK)(UNK)(UNK)(UNK)(UNK)(UNK)(UNK)(UNK)(UNK)
(UNK)(UNK)(UNK)(UNK)(UNK)(UNK)(UNK)
;
o,O
15 'polypeptide(L)'
;(UNK)(UNK)(UNK)(UNK)(UNK)(UNK)(UNK)(UNK)(UNK)(UNK)(UNK)(UNK)(UNK)(UNK)(UNK)(UNK)
(UNK)(UNK)(UNK)(UNK)(UNK)(UNK)(UNK)(UNK)(UNK)(UNK)(UNK)(UNK)(UNK)(UNK)(UNK)(UNK)
(UNK)(UNK)(UNK)(UNK)(UNK)(UNK)(UNK)(UNK)(UNK)(UNK)(UNK)(UNK)(UNK)(UNK)(UNK)(UNK)
(UNK)(UNK)(UNK)(UNK)(UNK)(UNK)(UNK)(UNK)(UNK)(UNK)(UNK)(UNK)(UNK)(UNK)(UNK)(UNK)
(UNK)(UNK)(UNK)(UNK)(UNK)(UNK)(UNK)(UNK)(UNK)(UNK)(UNK)(UNK)(UNK)(UNK)(UNK)(UNK)
(UNK)(UNK)(UNK)(UNK)(UNK)(UNK)(UNK)(UNK)(UNK)(UNK)(UNK)(UNK)(UNK)(UNK)(UNK)(UNK)
(UNK)(UNK)(UNK)(UNK)(UNK)(UNK)(UNK)(UNK)(UNK)(UNK)(UNK)(UNK)(UNK)(UNK)(UNK)(UNK)
(UNK)(UNK)(UNK)(UNK)(UNK)(UNK)(UNK)(UNK)(UNK)(UNK)(UNK)(UNK)(UNK)(UNK)(UNK)(UNK)
(UNK)(UNK)(UNK)(UNK)(UNK)(UNK)(UNK)(UNK)(UNK)(UNK)(UNK)(UNK)(UNK)(UNK)(UNK)(UNK)
(UNK)(UNK)(UNK)(UNK)(UNK)(UNK)(UNK)(UNK)(UNK)(UNK)(UNK)(UNK)(UNK)(UNK)(UNK)(UNK)
(UNK)(UNK)(UNK)(UNK)(UNK)(UNK)(UNK)(UNK)(UNK)(UNK)(UNK)(UNK)(UNK)(UNK)(UNK)(UNK)
(UNK)(UNK)(UNK)(UNK)(UNK)(UNK)(UNK)(UNK)(UNK)(UNK)(UNK)(UNK)(UNK)(UNK)(UNK)(UNK)
(UNK)(UNK)(UNK)(UNK)(UNK)(UNK)(UNK)(UNK)(UNK)(UNK)(UNK)(UNK)(UNK)(UNK)(UNK)(UNK)
(UNK)(UNK)(UNK)(UNK)(UNK)(UNK)(UNK)(UNK)(UNK)(UNK)(UNK)(UNK)(UNK)(UNK)(UNK)(UNK)
(UNK)(UNK)(UNK)(UNK)(UNK)(UNK)(UNK)(UNK)(UNK)(UNK)(UNK)(UNK)(UNK)(UNK)(UNK)(UNK)
(UNK)(UNK)(UNK)(UNK)(UNK)(UNK)(UNK)(UNK)(UNK)(UNK)(UNK)(UNK)(UNK)(UNK)(UNK)(UNK)
(UNK)(UNK)(UNK)(UNK)(UNK)(UNK)(UNK)(UNK)(UNK)(UNK)(UNK)(UNK)(UNK)(UNK)(UNK)(UNK)
(UNK)(UNK)(UNK)(UNK)
;
p,P
16 'polypeptide(L)'
;(UNK)(UNK)(UNK)(UNK)(UNK)(UNK)(UNK)(UNK)(UNK)(UNK)(UNK)(UNK)(UNK)(UNK)(UNK)(UNK)
(UNK)(UNK)(UNK)(UNK)(UNK)(UNK)(UNK)(UNK)(UNK)(UNK)(UNK)(UNK)(UNK)(UNK)(UNK)(UNK)
(UNK)(UNK)(UNK)(UNK)(UNK)(UNK)(UNK)(UNK)(UNK)(UNK)(UNK)(UNK)(UNK)(UNK)(UNK)(UNK)
(UNK)(UNK)(UNK)(UNK)(UNK)(UNK)(UNK)(UNK)(UNK)(UNK)(UNK)(UNK)(UNK)(UNK)(UNK)(UNK)
(UNK)(UNK)(UNK)(UNK)(UNK)(UNK)(UNK)(UNK)(UNK)(UNK)(UNK)(UNK)(UNK)(UNK)(UNK)(UNK)
(UNK)(UNK)(UNK)(UNK)(UNK)(UNK)(UNK)(UNK)(UNK)(UNK)(UNK)(UNK)(UNK)(UNK)(UNK)(UNK)
(UNK)(UNK)(UNK)(UNK)(UNK)(UNK)(UNK)(UNK)(UNK)(UNK)(UNK)(UNK)(UNK)(UNK)(UNK)(UNK)
(UNK)(UNK)(UNK)(UNK)(UNK)(UNK)(UNK)(UNK)(UNK)(UNK)(UNK)(UNK)(UNK)(UNK)(UNK)(UNK)
(UNK)(UNK)(UNK)(UNK)(UNK)(UNK)(UNK)(UNK)(UNK)(UNK)(UNK)(UNK)(UNK)(UNK)(UNK)(UNK)
(UNK)(UNK)(UNK)(UNK)(UNK)(UNK)(UNK)(UNK)(UNK)(UNK)(UNK)(UNK)(UNK)(UNK)(UNK)(UNK)
(UNK)(UNK)(UNK)(UNK)(UNK)(UNK)(UNK)(UNK)(UNK)(UNK)(UNK)(UNK)(UNK)(UNK)(UNK)(UNK)
(UNK)(UNK)(UNK)(UNK)(UNK)(UNK)(UNK)(UNK)(UNK)(UNK)(UNK)(UNK)(UNK)(UNK)(UNK)(UNK)
(UNK)(UNK)(UNK)(UNK)(UNK)(UNK)(UNK)(UNK)(UNK)(UNK)(UNK)(UNK)(UNK)(UNK)(UNK)(UNK)
(UNK)(UNK)(UNK)(UNK)(UNK)(UNK)(UNK)(UNK)(UNK)(UNK)(UNK)(UNK)(UNK)(UNK)(UNK)(UNK)
(UNK)(UNK)(UNK)
;
U
17 'polypeptide(L)'
;(UNK)(UNK)(UNK)(UNK)(UNK)(UNK)(UNK)(UNK)(UNK)(UNK)(UNK)(UNK)(UNK)(UNK)(UNK)(UNK)
(UNK)(UNK)(UNK)(UNK)(UNK)(UNK)(UNK)(UNK)(UNK)(UNK)(UNK)
;
V
18 'polypeptide(L)'
;(UNK)(UNK)(UNK)(UNK)(UNK)(UNK)(UNK)(UNK)(UNK)(UNK)(UNK)(UNK)(UNK)(UNK)(UNK)(UNK)
(UNK)(UNK)(UNK)(UNK)
;
W
19 'polypeptide(L)' (UNK)(UNK)(UNK)(UNK)(UNK)(UNK)(UNK)(UNK)(UNK)(UNK)(UNK)(UNK)(UNK) X
20 'polypeptide(L)'
;(UNK)(UNK)(UNK)(UNK)(UNK)(UNK)(UNK)(UNK)(UNK)(UNK)(UNK)(UNK)(UNK)(UNK)(UNK)(UNK)
(UNK)(UNK)(UNK)(UNK)(UNK)(UNK)(UNK)(UNK)(UNK)(UNK)(UNK)(UNK)(UNK)(UNK)(UNK)(UNK)
(UNK)(UNK)(UNK)(UNK)(UNK)(UNK)(UNK)(UNK)(UNK)(UNK)(UNK)(UNK)(UNK)(UNK)(UNK)(UNK)
(UNK)(UNK)(UNK)(UNK)(UNK)(UNK)(UNK)(UNK)(UNK)(UNK)(UNK)(UNK)(UNK)(UNK)(UNK)(UNK)
(UNK)(UNK)(UNK)(UNK)(UNK)(UNK)(UNK)(UNK)(UNK)(UNK)(UNK)(UNK)(UNK)(UNK)(UNK)(UNK)
(UNK)(UNK)(UNK)(UNK)
;
Y
21 'polypeptide(L)'
;(UNK)(UNK)(UNK)(UNK)(UNK)(UNK)(UNK)(UNK)(UNK)(UNK)(UNK)(UNK)(UNK)(UNK)(UNK)(UNK)
(UNK)(UNK)(UNK)(UNK)(UNK)(UNK)(UNK)(UNK)(UNK)(UNK)(UNK)(UNK)(UNK)(UNK)(UNK)(UNK)
(UNK)(UNK)(UNK)(UNK)(UNK)(UNK)(UNK)(UNK)(UNK)(UNK)(UNK)(UNK)(UNK)(UNK)(UNK)(UNK)
(UNK)(UNK)(UNK)(UNK)(UNK)(UNK)(UNK)(UNK)(UNK)(UNK)(UNK)(UNK)(UNK)(UNK)(UNK)(UNK)
(UNK)(UNK)(UNK)(UNK)(UNK)(UNK)(UNK)(UNK)(UNK)(UNK)(UNK)(UNK)(UNK)(UNK)(UNK)(UNK)
(UNK)(UNK)(UNK)(UNK)(UNK)(UNK)(UNK)(UNK)(UNK)(UNK)(UNK)(UNK)(UNK)(UNK)(UNK)(UNK)
(UNK)(UNK)(UNK)(UNK)(UNK)(UNK)(UNK)(UNK)(UNK)(UNK)(UNK)(UNK)(UNK)
;
1
22 'polypeptide(L)'
;(UNK)(UNK)(UNK)(UNK)(UNK)(UNK)(UNK)(UNK)(UNK)(UNK)(UNK)(UNK)(UNK)(UNK)(UNK)(UNK)
(UNK)(UNK)(UNK)(UNK)(UNK)(UNK)(UNK)(UNK)(UNK)(UNK)(UNK)(UNK)(UNK)(UNK)(UNK)(UNK)
(UNK)(UNK)(UNK)(UNK)(UNK)(UNK)(UNK)(UNK)(UNK)(UNK)(UNK)(UNK)(UNK)(UNK)(UNK)(UNK)
(UNK)(UNK)(UNK)(UNK)(UNK)(UNK)(UNK)(UNK)(UNK)(UNK)(UNK)(UNK)(UNK)(UNK)
;
2
23 'polypeptide(L)'
;(UNK)(UNK)(UNK)(UNK)(UNK)(UNK)(UNK)(UNK)(UNK)(UNK)(UNK)(UNK)(UNK)(UNK)(UNK)(UNK)
(UNK)(UNK)(UNK)(UNK)(UNK)(UNK)(UNK)(UNK)(UNK)(UNK)(UNK)(UNK)(UNK)(UNK)(UNK)(UNK)
(UNK)(UNK)(UNK)(UNK)(UNK)(UNK)(UNK)(UNK)(UNK)(UNK)(UNK)(UNK)(UNK)(UNK)(UNK)(UNK)
(UNK)(UNK)(UNK)(UNK)(UNK)(UNK)(UNK)(UNK)(UNK)(UNK)(UNK)(UNK)(UNK)(UNK)(UNK)(UNK)
(UNK)(UNK)(UNK)(UNK)(UNK)(UNK)(UNK)
;
4
24 'polypeptide(L)'
;MAGRGSLLRQCPLLLPQNREGTAYEGFVSAQGRDFHIRILLPTDSQLKNARIECSWHLKKILHGYQHILKQRLHSCPDLV
SFVVELKTILEIALKNTQELHVPWPPEYYSCLIRDLEILGWNKVAYVDTGLTTVKLKAEDSRGRQHLITLKLNAKYPTEP
PDCVVDFPVQFAISWMPQDSLIDIHNQFLAALESLKEFWDTMDEIDGKTWVLEPENPARCATSRRIAIGNNVSVNIEVDP
RHPKMLPECYFLGADHAVNPLRTKLNNNMHLWDPEISLLQNLKDLLEIDFPSRAALEKSDFTKDCGICYAYRLNGTTPDQ
VCNEPRCGQPFHQACLYEWLQGLPSSRQSFNVIFGECPYCNKPLTVKSSMKKP
;
q,Q
25 'polypeptide(L)'
;(UNK)(UNK)(UNK)(UNK)(UNK)(UNK)(UNK)(UNK)(UNK)(UNK)(UNK)(UNK)(UNK)(UNK)(UNK)(UNK)
(UNK)(UNK)(UNK)(UNK)(UNK)(UNK)(UNK)(UNK)(UNK)(UNK)(UNK)(UNK)(UNK)(UNK)(UNK)(UNK)
(UNK)(UNK)(UNK)(UNK)(UNK)(UNK)(UNK)(UNK)(UNK)(UNK)(UNK)(UNK)(UNK)(UNK)(UNK)(UNK)
(UNK)(UNK)(UNK)(UNK)(UNK)(UNK)(UNK)(UNK)(UNK)(UNK)(UNK)(UNK)(UNK)(UNK)(UNK)(UNK)
(UNK)(UNK)(UNK)(UNK)(UNK)(UNK)(UNK)(UNK)(UNK)(UNK)(UNK)(UNK)(UNK)(UNK)(UNK)(UNK)
(UNK)(UNK)(UNK)(UNK)(UNK)(UNK)(UNK)(UNK)(UNK)(UNK)(UNK)(UNK)(UNK)(UNK)(UNK)(UNK)
(UNK)(UNK)(UNK)(UNK)(UNK)(UNK)(UNK)(UNK)(UNK)(UNK)(UNK)(UNK)(UNK)(UNK)(UNK)(UNK)
(UNK)(UNK)(UNK)(UNK)(UNK)(UNK)(UNK)(UNK)(UNK)(UNK)(UNK)(UNK)(UNK)(UNK)(UNK)(UNK)
(UNK)(UNK)(UNK)(UNK)(UNK)(UNK)(UNK)(UNK)(UNK)(UNK)(UNK)(UNK)(UNK)(UNK)(UNK)(UNK)
(UNK)(UNK)(UNK)(UNK)(UNK)(UNK)(UNK)(UNK)(UNK)(UNK)(UNK)(UNK)(UNK)(UNK)(UNK)(UNK)
(UNK)(UNK)(UNK)(UNK)(UNK)(UNK)(UNK)(UNK)(UNK)(UNK)(UNK)(UNK)(UNK)(UNK)(UNK)(UNK)
(UNK)(UNK)(UNK)(UNK)(UNK)(UNK)(UNK)(UNK)(UNK)(UNK)(UNK)(UNK)(UNK)(UNK)(UNK)(UNK)
(UNK)(UNK)(UNK)(UNK)(UNK)(UNK)(UNK)(UNK)(UNK)
;
T
26 'polypeptide(L)'
;(UNK)(UNK)(UNK)(UNK)(UNK)(UNK)(UNK)(UNK)(UNK)(UNK)(UNK)(UNK)(UNK)(UNK)(UNK)(UNK)
(UNK)(UNK)(UNK)(UNK)(UNK)(UNK)(UNK)(UNK)(UNK)(UNK)(UNK)(UNK)(UNK)(UNK)(UNK)(UNK)
(UNK)(UNK)(UNK)(UNK)(UNK)(UNK)(UNK)(UNK)(UNK)(UNK)(UNK)(UNK)(UNK)(UNK)(UNK)(UNK)
(UNK)(UNK)(UNK)(UNK)(UNK)(UNK)(UNK)(UNK)(UNK)(UNK)(UNK)(UNK)(UNK)(UNK)(UNK)(UNK)
(UNK)(UNK)(UNK)(UNK)(UNK)(UNK)(UNK)(UNK)(UNK)(UNK)(UNK)(UNK)(UNK)(UNK)(UNK)(UNK)
(UNK)(UNK)(UNK)(UNK)(UNK)(UNK)(UNK)(UNK)(UNK)(UNK)(UNK)(UNK)(UNK)(UNK)(UNK)(UNK)
(UNK)(UNK)(UNK)(UNK)(UNK)(UNK)(UNK)(UNK)(UNK)(UNK)(UNK)(UNK)(UNK)(UNK)(UNK)(UNK)
(UNK)(UNK)(UNK)(UNK)(UNK)(UNK)(UNK)(UNK)(UNK)(UNK)(UNK)(UNK)(UNK)(UNK)(UNK)(UNK)
(UNK)(UNK)(UNK)(UNK)(UNK)(UNK)(UNK)(UNK)(UNK)(UNK)(UNK)(UNK)(UNK)(UNK)(UNK)(UNK)
(UNK)(UNK)(UNK)(UNK)(UNK)(UNK)(UNK)(UNK)(UNK)(UNK)(UNK)(UNK)(UNK)(UNK)(UNK)(UNK)
(UNK)(UNK)(UNK)(UNK)(UNK)(UNK)(UNK)(UNK)(UNK)(UNK)(UNK)(UNK)(UNK)(UNK)(UNK)(UNK)
(UNK)(UNK)(UNK)(UNK)(UNK)(UNK)(UNK)(UNK)(UNK)(UNK)(UNK)(UNK)(UNK)(UNK)(UNK)(UNK)
(UNK)(UNK)(UNK)(UNK)(UNK)(UNK)(UNK)(UNK)(UNK)(UNK)(UNK)(UNK)(UNK)(UNK)(UNK)(UNK)
(UNK)(UNK)(UNK)(UNK)(UNK)(UNK)(UNK)(UNK)(UNK)(UNK)(UNK)(UNK)(UNK)(UNK)(UNK)(UNK)
(UNK)(UNK)(UNK)(UNK)(UNK)(UNK)(UNK)(UNK)(UNK)(UNK)(UNK)(UNK)(UNK)(UNK)(UNK)(UNK)
(UNK)(UNK)(UNK)(UNK)(UNK)(UNK)(UNK)(UNK)(UNK)(UNK)(UNK)(UNK)(UNK)(UNK)(UNK)(UNK)
(UNK)(UNK)(UNK)(UNK)(UNK)(UNK)(UNK)(UNK)(UNK)(UNK)(UNK)(UNK)(UNK)(UNK)(UNK)(UNK)
(UNK)(UNK)(UNK)(UNK)(UNK)(UNK)(UNK)(UNK)(UNK)(UNK)(UNK)(UNK)(UNK)
;
R
27 'polypeptide(L)'
;(UNK)(UNK)(UNK)(UNK)(UNK)(UNK)(UNK)(UNK)(UNK)(UNK)(UNK)(UNK)(UNK)(UNK)(UNK)(UNK)
(UNK)(UNK)(UNK)(UNK)(UNK)(UNK)(UNK)(UNK)(UNK)(UNK)(UNK)(UNK)(UNK)(UNK)(UNK)(UNK)
(UNK)(UNK)(UNK)(UNK)(UNK)(UNK)(UNK)(UNK)(UNK)(UNK)(UNK)(UNK)(UNK)(UNK)(UNK)(UNK)
(UNK)(UNK)(UNK)(UNK)(UNK)(UNK)(UNK)(UNK)(UNK)(UNK)(UNK)(UNK)(UNK)(UNK)(UNK)(UNK)
(UNK)(UNK)(UNK)(UNK)(UNK)(UNK)(UNK)(UNK)(UNK)(UNK)(UNK)(UNK)(UNK)(UNK)(UNK)(UNK)
(UNK)(UNK)(UNK)(UNK)(UNK)(UNK)(UNK)(UNK)(UNK)(UNK)(UNK)(UNK)(UNK)(UNK)(UNK)(UNK)
(UNK)(UNK)(UNK)(UNK)(UNK)(UNK)(UNK)(UNK)(UNK)(UNK)(UNK)(UNK)(UNK)(UNK)(UNK)(UNK)
(UNK)(UNK)(UNK)(UNK)(UNK)(UNK)(UNK)(UNK)(UNK)(UNK)(UNK)(UNK)(UNK)(UNK)(UNK)(UNK)
(UNK)(UNK)(UNK)(UNK)(UNK)(UNK)(UNK)(UNK)(UNK)(UNK)(UNK)(UNK)(UNK)(UNK)(UNK)(UNK)
(UNK)
;
S
#
# COMPACT_ATOMS: atom_id res chain seq x y z
N UNK A 1 20.06 16.48 17.64
CA UNK A 1 20.22 17.81 17.06
C UNK A 1 19.09 18.74 17.48
N UNK A 2 18.84 18.81 18.78
CA UNK A 2 17.79 19.67 19.32
C UNK A 2 18.23 21.12 19.23
N UNK A 3 17.56 21.90 18.38
CA UNK A 3 17.89 23.31 18.22
C UNK A 3 17.16 24.10 19.30
N UNK A 4 17.90 24.47 20.34
CA UNK A 4 17.35 25.23 21.46
C UNK A 4 18.36 26.27 21.92
N UNK A 5 17.89 27.22 22.72
CA UNK A 5 18.74 28.28 23.23
C UNK A 5 18.22 28.72 24.59
N UNK A 6 19.14 29.11 25.46
CA UNK A 6 18.78 29.56 26.80
C UNK A 6 18.30 31.01 26.77
N UNK A 7 17.98 31.54 27.95
CA UNK A 7 17.49 32.92 28.10
C UNK A 7 18.38 33.59 29.14
N UNK A 8 19.43 34.26 28.68
CA UNK A 8 20.33 34.95 29.60
C UNK A 8 19.65 36.09 30.33
N UNK A 9 18.56 36.64 29.79
CA UNK A 9 17.86 37.73 30.44
C UNK A 9 17.27 37.33 31.78
N UNK A 10 17.16 36.04 32.06
CA UNK A 10 16.62 35.48 33.29
C UNK A 10 15.10 35.56 33.37
N UNK A 11 14.42 36.05 32.34
CA UNK A 11 12.97 36.18 32.33
C UNK A 11 12.45 35.39 31.13
N UNK A 12 12.21 34.09 31.34
CA UNK A 12 11.71 33.25 30.26
C UNK A 12 10.34 33.69 29.79
N UNK A 13 9.55 34.33 30.66
CA UNK A 13 8.21 34.78 30.28
C UNK A 13 8.26 35.69 29.06
N UNK A 14 9.12 36.70 29.09
CA UNK A 14 9.23 37.63 27.97
C UNK A 14 9.51 36.88 26.67
N UNK A 15 10.56 36.06 26.66
CA UNK A 15 10.89 35.29 25.46
C UNK A 15 9.99 34.08 25.29
N UNK A 16 9.50 33.51 26.39
CA UNK A 16 8.62 32.35 26.29
C UNK A 16 7.35 32.68 25.51
N UNK A 17 6.70 33.80 25.86
CA UNK A 17 5.47 34.18 25.15
C UNK A 17 5.74 34.53 23.70
N UNK A 18 6.91 35.12 23.41
CA UNK A 18 7.22 35.50 22.04
C UNK A 18 7.66 34.33 21.18
N UNK A 19 8.12 33.24 21.79
CA UNK A 19 8.57 32.07 21.04
C UNK A 19 7.59 30.91 21.05
N UNK A 20 6.58 30.93 21.91
CA UNK A 20 5.60 29.85 21.92
C UNK A 20 4.77 29.85 20.64
N UNK A 21 4.23 31.01 20.27
CA UNK A 21 3.43 31.09 19.05
C UNK A 21 4.25 30.75 17.81
N UNK A 22 5.51 31.20 17.77
CA UNK A 22 6.37 30.88 16.65
C UNK A 22 6.62 29.38 16.55
N UNK A 23 7.01 28.76 17.66
CA UNK A 23 7.24 27.32 17.67
C UNK A 23 5.98 26.56 17.26
N UNK A 24 4.81 27.03 17.71
CA UNK A 24 3.56 26.36 17.36
C UNK A 24 3.27 26.47 15.87
N UNK A 25 3.39 27.67 15.31
CA UNK A 25 3.12 27.91 13.91
C UNK A 25 4.34 27.67 13.02
N UNK A 26 5.34 26.95 13.52
CA UNK A 26 6.52 26.62 12.74
C UNK A 26 6.15 26.08 11.37
N UNK A 27 5.43 24.96 11.33
CA UNK A 27 4.88 24.44 10.08
C UNK A 27 3.36 24.44 10.08
N UNK A 28 2.72 23.71 10.99
CA UNK A 28 1.28 23.80 11.15
C UNK A 28 0.84 23.95 12.61
N UNK A 29 1.47 23.23 13.53
CA UNK A 29 1.08 23.26 14.94
C UNK A 29 2.06 22.47 15.79
N UNK A 30 1.77 22.35 17.08
CA UNK A 30 2.55 21.51 17.99
C UNK A 30 4.02 21.94 18.03
N UNK A 31 4.24 23.16 18.52
CA UNK A 31 5.59 23.69 18.65
C UNK A 31 6.51 22.70 19.37
N UNK A 32 6.02 22.10 20.44
CA UNK A 32 6.78 21.11 21.22
C UNK A 32 8.09 21.70 21.72
N UNK A 33 7.97 22.71 22.59
CA UNK A 33 9.13 23.37 23.15
C UNK A 33 9.91 22.40 24.04
N UNK A 34 11.06 22.87 24.55
CA UNK A 34 11.89 22.03 25.40
C UNK A 34 11.21 21.77 26.74
N UNK A 35 10.50 22.77 27.28
CA UNK A 35 9.83 22.60 28.56
C UNK A 35 8.81 21.47 28.51
N UNK A 36 7.84 21.57 27.60
CA UNK A 36 6.81 20.56 27.45
C UNK A 36 6.36 20.54 25.99
N UNK A 37 5.25 19.87 25.73
CA UNK A 37 4.69 19.77 24.39
C UNK A 37 3.56 20.79 24.20
N UNK A 38 3.07 20.86 22.97
CA UNK A 38 1.99 21.77 22.62
C UNK A 38 1.06 21.06 21.65
N UNK A 39 0.12 21.82 21.08
CA UNK A 39 -0.84 21.28 20.13
C UNK A 39 -1.43 22.44 19.34
N UNK A 40 -2.42 22.15 18.49
CA UNK A 40 -3.07 23.14 17.67
C UNK A 40 -4.44 23.49 18.24
N UNK A 41 -5.07 24.50 17.66
CA UNK A 41 -6.38 24.96 18.10
C UNK A 41 -6.27 25.85 19.34
N UNK A 42 -7.42 29.71 22.75
CA UNK A 42 -6.20 29.11 23.30
C UNK A 42 -6.54 27.83 24.08
N UNK A 43 -7.20 28.00 25.22
CA UNK A 43 -7.57 26.87 26.07
C UNK A 43 -6.36 26.21 26.71
N UNK A 44 -5.35 27.01 27.06
CA UNK A 44 -4.13 26.50 27.67
C UNK A 44 -3.59 27.59 28.59
N UNK A 45 -3.75 27.39 29.89
CA UNK A 45 -3.29 28.38 30.85
C UNK A 45 -1.76 28.38 30.93
N UNK A 46 -1.18 29.57 31.04
CA UNK A 46 0.27 29.67 31.12
C UNK A 46 0.81 28.93 32.32
N UNK A 47 1.97 28.30 32.16
CA UNK A 47 2.62 27.56 33.22
C UNK A 47 3.48 28.43 34.13
N UNK A 48 3.26 29.74 34.13
CA UNK A 48 3.99 30.72 34.91
C UNK A 48 5.37 31.04 34.34
N UNK A 49 5.80 30.38 33.27
CA UNK A 49 7.09 30.63 32.65
C UNK A 49 8.23 30.51 33.66
N UNK A 50 8.35 29.32 34.24
CA UNK A 50 9.41 29.05 35.20
C UNK A 50 10.78 29.37 34.61
N UNK A 51 11.11 28.72 33.50
CA UNK A 51 12.36 28.89 32.76
C UNK A 51 13.59 28.34 33.48
N UNK A 52 13.43 27.78 34.67
CA UNK A 52 14.56 27.24 35.44
C UNK A 52 15.64 28.30 35.68
N UNK A 53 15.25 29.34 36.40
CA UNK A 53 16.15 30.45 36.70
C UNK A 53 17.43 29.97 37.37
N UNK A 54 18.48 30.78 37.33
CA UNK A 54 19.79 30.48 37.89
C UNK A 54 20.59 29.50 37.03
N UNK A 55 20.13 29.21 35.81
CA UNK A 55 20.83 28.29 34.93
C UNK A 55 20.57 28.71 33.49
N UNK A 56 20.86 27.82 32.54
CA UNK A 56 20.65 28.10 31.13
C UNK A 56 20.29 26.79 30.44
N UNK A 57 19.05 26.70 29.96
CA UNK A 57 18.56 25.50 29.28
C UNK A 57 17.70 25.93 28.10
N UNK A 58 17.99 25.37 26.92
CA UNK A 58 17.26 25.67 25.70
C UNK A 58 16.80 24.37 25.06
N UNK A 59 15.56 24.35 24.60
CA UNK A 59 14.99 23.17 23.95
C UNK A 59 14.43 23.51 22.58
N UNK A 60 10.92 19.49 20.26
CA UNK A 60 11.92 20.44 19.78
C UNK A 60 11.66 20.83 18.33
N UNK A 61 10.73 20.11 17.69
CA UNK A 61 10.39 20.38 16.30
C UNK A 61 9.19 19.52 15.94
N UNK A 62 8.43 19.98 14.94
CA UNK A 62 7.26 19.28 14.47
C UNK A 62 6.97 19.71 13.03
N UNK A 63 5.80 19.34 12.52
CA UNK A 63 5.42 19.69 11.16
C UNK A 63 4.74 21.06 11.12
N UNK A 64 5.34 12.26 11.91
CA UNK A 64 5.61 13.57 11.32
C UNK A 64 4.78 14.65 12.01
N UNK A 65 4.54 15.75 11.29
CA UNK A 65 3.75 16.84 11.86
C UNK A 65 2.34 16.39 12.20
N UNK A 66 1.59 15.93 11.19
CA UNK A 66 0.23 15.47 11.43
C UNK A 66 0.19 14.23 12.31
N UNK A 67 1.25 13.41 12.27
CA UNK A 67 1.28 12.20 13.09
C UNK A 67 1.18 12.53 14.57
N UNK A 68 1.75 13.66 14.99
CA UNK A 68 1.67 14.04 16.39
C UNK A 68 0.23 14.18 16.84
N UNK A 69 -0.54 15.02 16.14
CA UNK A 69 -1.96 15.19 16.49
C UNK A 69 -2.75 13.91 16.28
N UNK A 70 -2.39 13.11 15.29
CA UNK A 70 -3.11 11.87 15.04
C UNK A 70 -2.96 10.90 16.20
N UNK A 71 -1.74 10.77 16.74
CA UNK A 71 -1.52 9.88 17.86
C UNK A 71 -2.32 10.31 19.09
N UNK A 72 -2.49 11.62 19.28
CA UNK A 72 -3.29 12.11 20.40
C UNK A 72 -4.72 11.60 20.31
N UNK A 73 -5.37 11.82 19.16
CA UNK A 73 -6.74 11.35 18.99
C UNK A 73 -6.83 9.83 19.01
N UNK A 74 -5.78 9.15 18.57
CA UNK A 74 -5.79 7.68 18.62
C UNK A 74 -5.77 7.19 20.06
N UNK A 75 -4.85 7.71 20.87
CA UNK A 75 -4.78 7.32 22.28
C UNK A 75 -6.07 7.69 23.00
N UNK A 76 -6.47 8.96 22.92
CA UNK A 76 -7.68 9.42 23.58
C UNK A 76 -8.90 9.24 22.68
N UNK B 1 2.49 3.55 15.85
CA UNK B 1 3.37 2.65 15.11
C UNK B 1 3.71 3.22 13.74
N UNK B 2 2.76 3.15 12.83
CA UNK B 2 2.93 3.66 11.47
C UNK B 2 2.35 5.07 11.37
N UNK B 3 2.34 5.62 10.16
CA UNK B 3 1.83 6.96 9.90
C UNK B 3 1.71 7.13 8.39
N UNK B 4 1.20 8.29 7.99
CA UNK B 4 1.02 8.60 6.57
C UNK B 4 0.60 10.06 6.46
N UNK B 5 0.80 10.62 5.27
CA UNK B 5 0.46 12.01 5.00
C UNK B 5 0.10 12.14 3.53
N UNK B 6 -1.11 12.64 3.26
CA UNK B 6 -1.58 12.83 1.90
C UNK B 6 -2.87 13.63 1.95
N UNK B 7 -3.09 14.43 0.91
CA UNK B 7 -4.27 15.27 0.82
C UNK B 7 -5.05 15.09 -0.47
N UNK B 8 -4.36 14.84 -1.58
CA UNK B 8 -5.02 14.67 -2.88
C UNK B 8 -4.89 13.28 -3.46
N UNK B 9 -3.89 12.49 -3.04
CA UNK B 9 -3.73 11.14 -3.57
C UNK B 9 -4.99 10.31 -3.36
N UNK B 10 -5.46 10.24 -2.11
CA UNK B 10 -6.66 9.46 -1.82
C UNK B 10 -7.86 9.97 -2.60
N UNK B 11 -8.11 11.28 -2.55
CA UNK B 11 -9.25 11.86 -3.25
C UNK B 11 -9.20 11.56 -4.75
N UNK B 12 -8.00 11.45 -5.32
CA UNK B 12 -7.86 11.17 -6.75
C UNK B 12 -8.35 9.78 -7.14
N UNK B 13 -8.67 8.93 -6.17
CA UNK B 13 -9.15 7.58 -6.45
C UNK B 13 -10.65 7.52 -6.66
N UNK B 14 -11.33 8.65 -6.74
CA UNK B 14 -12.78 8.70 -6.93
C UNK B 14 -13.50 7.83 -5.91
N UNK B 15 -13.23 8.09 -4.64
CA UNK B 15 -13.82 7.36 -3.51
C UNK B 15 -13.27 5.95 -3.37
N UNK B 16 -12.08 5.68 -3.91
CA UNK B 16 -11.49 4.36 -3.82
C UNK B 16 -11.06 4.07 -2.38
N UNK B 17 -10.54 2.87 -2.17
CA UNK B 17 -10.09 2.45 -0.84
C UNK B 17 -9.02 1.39 -1.04
N UNK B 18 -7.78 1.71 -0.69
CA UNK B 18 -6.65 0.81 -0.82
C UNK B 18 -6.21 0.32 0.56
N UNK B 19 -5.24 -0.59 0.57
CA UNK B 19 -4.70 -1.16 1.79
C UNK B 19 -3.23 -0.79 1.94
N UNK B 20 -2.75 -0.82 3.17
CA UNK B 20 -1.38 -0.49 3.50
C UNK B 20 -0.55 -1.76 3.60
N UNK B 21 0.74 -1.58 3.91
CA UNK B 21 1.67 -2.71 4.04
C UNK B 21 2.79 -2.27 4.96
N UNK B 22 2.82 -2.82 6.18
CA UNK B 22 3.86 -2.49 7.16
C UNK B 22 5.13 -3.28 6.89
N UNK B 23 5.65 -3.12 5.68
CA UNK B 23 6.86 -3.82 5.26
C UNK B 23 8.06 -3.14 5.93
N UNK B 24 8.52 -3.70 7.04
CA UNK B 24 9.65 -3.17 7.79
C UNK B 24 10.51 -4.33 8.25
N UNK B 25 11.48 -4.03 9.10
CA UNK B 25 12.39 -5.05 9.63
C UNK B 25 13.83 -4.53 9.70
N UNK C 1 13.36 -0.47 12.31
CA UNK C 1 12.22 0.42 12.22
C UNK C 1 11.49 0.26 10.89
N UNK C 2 10.17 0.23 10.94
CA UNK C 2 9.34 0.08 9.75
C UNK C 2 8.25 1.14 9.74
N UNK C 3 7.88 1.58 8.55
CA UNK C 3 6.85 2.59 8.37
C UNK C 3 5.70 2.01 7.55
N UNK C 4 4.53 2.62 7.71
CA UNK C 4 3.35 2.17 6.99
C UNK C 4 3.48 2.49 5.51
N UNK C 5 2.48 2.07 4.73
CA UNK C 5 2.46 2.31 3.29
C UNK C 5 1.01 2.44 2.85
N UNK C 6 0.79 2.39 1.54
CA UNK C 6 -0.55 2.50 0.98
C UNK C 6 -0.51 1.99 -0.45
N UNK C 7 -1.42 1.08 -0.79
CA UNK C 7 -1.52 0.51 -2.13
C UNK C 7 -2.86 0.92 -2.72
N UNK C 8 -2.83 1.81 -3.70
CA UNK C 8 -4.05 2.30 -4.36
C UNK C 8 -4.30 1.48 -5.63
N UNK C 9 -4.68 0.23 -5.41
CA UNK C 9 -4.97 -0.69 -6.51
C UNK C 9 -6.23 -0.22 -7.23
N UNK C 10 -6.06 0.29 -8.44
CA UNK C 10 -7.19 0.77 -9.22
C UNK C 10 -8.02 -0.41 -9.74
N UNK C 11 -9.33 -0.19 -9.83
CA UNK C 11 -10.23 -1.24 -10.32
C UNK C 11 -11.29 -0.71 -11.28
N UNK C 12 -11.17 0.53 -11.75
CA UNK C 12 -12.13 1.10 -12.69
C UNK C 12 -11.42 1.84 -13.81
N UNK C 13 -10.33 1.26 -14.31
CA UNK C 13 -9.54 1.85 -15.39
C UNK C 13 -9.07 3.26 -15.02
N UNK C 14 -8.29 3.33 -13.96
CA UNK C 14 -7.75 4.58 -13.45
C UNK C 14 -6.23 4.62 -13.68
N UNK C 15 -5.61 5.70 -13.21
CA UNK C 15 -4.18 5.91 -13.34
C UNK C 15 -3.40 5.45 -12.11
N UNK C 16 -3.88 5.75 -10.91
CA UNK C 16 -3.21 5.37 -9.67
C UNK C 16 -1.79 5.94 -9.61
N UNK C 17 -1.71 7.26 -9.63
CA UNK C 17 -0.43 7.95 -9.57
C UNK C 17 0.29 7.60 -8.28
N UNK C 18 1.62 7.76 -8.32
CA UNK C 18 2.47 7.46 -7.16
C UNK C 18 2.30 8.58 -6.14
N UNK C 19 1.40 8.37 -5.17
CA UNK C 19 1.13 9.35 -4.11
C UNK C 19 1.15 8.59 -2.79
N UNK C 20 2.23 8.78 -2.03
CA UNK C 20 2.39 8.13 -0.74
C UNK C 20 3.08 9.08 0.23
N UNK C 21 2.93 8.78 1.52
CA UNK C 21 3.52 9.57 2.59
C UNK C 21 4.38 8.68 3.48
N UNK C 22 4.95 9.28 4.52
CA UNK C 22 5.80 8.58 5.47
C UNK C 22 5.15 8.61 6.86
N UNK C 23 5.46 7.60 7.66
CA UNK C 23 4.93 7.47 9.01
C UNK C 23 6.08 7.34 10.00
N UNK C 24 5.86 7.88 11.20
CA UNK C 24 6.86 7.84 12.27
C UNK C 24 6.37 6.94 13.38
N UNK C 25 7.31 6.23 14.01
CA UNK C 25 7.00 5.31 15.11
C UNK C 25 6.79 6.13 16.38
N UNK C 26 5.60 6.72 16.48
CA UNK C 26 5.24 7.55 17.62
C UNK C 26 4.88 6.64 18.79
N UNK C 27 5.72 6.66 19.84
CA UNK C 27 5.51 5.85 21.04
C UNK C 27 5.07 6.78 22.15
N UNK C 28 3.77 6.76 22.46
CA UNK C 28 3.24 7.61 23.51
C UNK C 28 3.77 7.16 24.87
N UNK C 29 3.42 7.93 25.90
CA UNK C 29 3.85 7.64 27.26
C UNK C 29 3.05 6.45 27.78
N UNK C 30 3.68 5.27 27.77
CA UNK C 30 3.04 4.06 28.24
C UNK C 30 2.26 3.38 27.11
N UNK D 1 15.37 -8.13 5.92
CA UNK D 1 14.44 -7.45 5.03
C UNK D 1 13.13 -8.21 4.92
N UNK D 2 12.41 -8.31 6.04
CA UNK D 2 11.13 -9.02 6.08
C UNK D 2 10.03 -8.11 5.53
N UNK D 3 8.78 -8.55 5.68
CA UNK D 3 7.63 -7.79 5.20
C UNK D 3 6.44 -8.09 6.12
N UNK D 4 5.26 -7.69 5.69
CA UNK D 4 4.03 -7.90 6.45
C UNK D 4 2.86 -7.43 5.60
N UNK D 5 1.66 -7.68 6.09
CA UNK D 5 0.43 -7.29 5.41
C UNK D 5 -0.57 -6.80 6.43
N UNK D 6 -1.73 -6.35 5.95
CA UNK D 6 -2.80 -5.84 6.80
C UNK D 6 -4.05 -5.70 5.94
N UNK D 7 -5.11 -5.14 6.52
CA UNK D 7 -6.37 -4.95 5.80
C UNK D 7 -6.26 -3.73 4.89
N UNK D 8 -7.38 -3.34 4.28
CA UNK D 8 -7.43 -2.20 3.39
C UNK D 8 -8.29 -1.10 3.99
N UNK D 9 -7.97 0.14 3.65
CA UNK D 9 -8.70 1.30 4.14
C UNK D 9 -9.86 1.63 3.19
N UNK D 10 -10.53 2.75 3.45
CA UNK D 10 -11.66 3.16 2.61
C UNK D 10 -11.76 4.68 2.69
N UNK D 11 -11.70 5.33 1.53
CA UNK D 11 -11.78 6.79 1.43
C UNK D 11 -13.03 7.17 0.66
N UNK D 12 -13.84 8.03 1.25
CA UNK D 12 -15.08 8.50 0.64
C UNK D 12 -15.55 9.72 1.41
N UNK D 13 -16.76 10.20 1.09
CA UNK D 13 -17.32 11.35 1.77
C UNK D 13 -17.66 10.98 3.20
N UNK D 14 -16.86 11.46 4.16
CA UNK D 14 -17.11 11.15 5.56
C UNK D 14 -18.22 12.02 6.14
N UNK D 15 -18.04 13.34 6.10
CA UNK D 15 -18.98 14.33 6.61
C UNK D 15 -19.07 14.38 8.13
N UNK D 16 -18.32 13.52 8.84
CA UNK D 16 -18.37 13.51 10.30
C UNK D 16 -17.19 12.73 10.87
N UNK D 17 -16.49 13.32 11.83
CA UNK D 17 -15.34 12.67 12.46
C UNK D 17 -15.06 13.25 13.83
N UNK D 18 -10.20 12.07 14.13
CA UNK D 18 -9.63 13.40 13.93
C UNK D 18 -10.46 14.46 14.64
N UNK D 19 -11.78 14.32 14.54
CA UNK D 19 -12.69 15.26 15.18
C UNK D 19 -12.84 14.93 16.67
N UNK D 20 -13.78 15.59 17.33
CA UNK D 20 -14.02 15.37 18.76
C UNK D 20 -12.83 15.79 19.61
N UNK D 21 -12.29 16.97 19.31
CA UNK D 21 -11.14 17.47 20.06
C UNK D 21 -11.54 17.79 21.49
N UNK D 22 -10.55 18.17 22.29
CA UNK D 22 -10.75 18.51 23.70
C UNK D 22 -11.34 17.33 24.48
N UNK D 23 -10.62 16.22 24.46
CA UNK D 23 -11.04 15.02 25.15
C UNK D 23 -9.95 14.50 26.09
N UNK E 1 19.76 7.37 2.71
CA UNK E 1 19.42 6.10 3.34
C UNK E 1 19.59 4.95 2.36
N UNK E 2 18.69 3.97 2.45
CA UNK E 2 18.71 2.79 1.59
C UNK E 2 17.33 2.60 0.98
N UNK E 3 17.31 2.16 -0.28
CA UNK E 3 16.05 1.94 -0.98
C UNK E 3 15.48 0.58 -0.58
N UNK E 4 14.40 0.18 -1.26
CA UNK E 4 13.74 -1.09 -0.98
C UNK E 4 13.00 -1.54 -2.24
N UNK E 5 12.16 -2.55 -2.10
CA UNK E 5 11.39 -3.07 -3.22
C UNK E 5 10.34 -4.03 -2.68
N UNK E 6 9.20 -4.09 -3.36
CA UNK E 6 8.10 -4.96 -2.99
C UNK E 6 7.10 -4.98 -4.13
N UNK E 7 5.98 -5.68 -3.92
CA UNK E 7 4.94 -5.78 -4.92
C UNK E 7 3.61 -6.03 -4.23
N UNK E 8 2.52 -5.79 -4.96
CA UNK E 8 1.16 -5.97 -4.46
C UNK E 8 0.35 -6.67 -5.56
N UNK E 9 0.30 -8.00 -5.49
CA UNK E 9 -0.44 -8.78 -6.47
C UNK E 9 0.31 -8.85 -7.80
N UNK F 1 -2.88 -10.10 -2.14
CA UNK F 1 -1.71 -9.96 -1.27
C UNK F 1 -0.45 -10.46 -1.97
N UNK F 2 0.27 -11.36 -1.31
CA UNK F 2 1.50 -11.93 -1.85
C UNK F 2 2.53 -10.85 -2.17
N UNK F 3 2.92 -10.12 -1.12
CA UNK F 3 3.89 -9.03 -1.24
C UNK F 3 5.27 -9.64 -1.47
N UNK F 4 5.72 -9.65 -2.71
CA UNK F 4 7.03 -10.21 -3.04
C UNK F 4 8.13 -9.30 -2.50
N UNK F 5 9.17 -9.92 -1.96
CA UNK F 5 10.31 -9.19 -1.41
C UNK F 5 11.32 -8.97 -2.52
N UNK F 6 11.27 -7.79 -3.14
CA UNK F 6 12.18 -7.45 -4.22
C UNK F 6 13.57 -7.15 -3.68
N UNK F 7 14.48 -6.76 -4.58
CA UNK F 7 15.83 -6.43 -4.18
C UNK F 7 15.84 -5.20 -3.27
N UNK F 8 16.99 -4.97 -2.63
CA UNK F 8 17.15 -3.83 -1.73
C UNK F 8 18.61 -3.41 -1.77
N UNK F 9 18.91 -2.33 -2.48
CA UNK F 9 20.26 -1.80 -2.61
C UNK F 9 20.36 -0.56 -1.74
N UNK F 10 21.00 -0.70 -0.58
CA UNK F 10 21.16 0.40 0.36
C UNK F 10 22.09 1.44 -0.24
N UNK F 11 21.55 2.60 -0.60
CA UNK F 11 22.33 3.68 -1.18
C UNK F 11 23.02 4.47 -0.07
N UNK F 12 23.62 5.60 -0.43
CA UNK F 12 24.29 6.44 0.56
C UNK F 12 23.30 6.89 1.63
N UNK F 13 23.78 6.96 2.87
CA UNK F 13 22.98 7.37 4.03
C UNK F 13 23.71 8.50 4.72
N UNK F 14 23.44 9.73 4.31
CA UNK F 14 24.07 10.91 4.89
C UNK F 14 23.19 12.11 4.60
N UNK F 15 22.77 12.81 5.64
CA UNK F 15 21.92 13.98 5.49
C UNK F 15 20.46 13.66 5.80
N UNK G 1 0.03 -6.93 13.61
CA UNK G 1 -0.93 -5.85 13.82
C UNK G 1 -1.82 -6.15 15.02
N UNK G 2 -2.27 -5.10 15.70
CA UNK G 2 -3.13 -5.24 16.87
C UNK G 2 -4.44 -4.48 16.73
N UNK G 3 -4.43 -3.31 16.11
CA UNK G 3 -5.64 -2.51 15.93
C UNK G 3 -5.36 -1.41 14.92
N UNK G 4 -6.30 -1.20 14.01
CA UNK G 4 -6.19 -0.20 12.96
C UNK G 4 -7.26 0.86 13.20
N UNK G 5 -6.93 1.89 13.97
CA UNK G 5 -7.84 2.98 14.28
C UNK G 5 -7.23 4.27 13.74
N UNK G 6 -7.88 4.87 12.75
CA UNK G 6 -7.40 6.09 12.12
C UNK G 6 -8.56 7.06 12.00
N UNK G 7 -8.49 8.17 12.73
CA UNK G 7 -9.52 9.19 12.67
C UNK G 7 -9.36 10.03 11.41
N UNK G 8 -10.26 11.01 11.23
CA UNK G 8 -10.26 11.90 10.07
C UNK G 8 -10.24 13.34 10.58
N UNK G 9 -9.03 13.86 10.82
CA UNK G 9 -8.87 15.25 11.25
C UNK G 9 -7.65 15.91 10.64
N UNK G 10 -6.99 15.28 9.67
CA UNK G 10 -5.79 15.82 9.05
C UNK G 10 -5.63 15.18 7.67
N UNK G 11 -4.46 15.33 7.08
CA UNK G 11 -4.17 14.72 5.78
C UNK G 11 -4.58 13.26 5.79
N UNK G 12 -5.02 12.77 4.63
CA UNK G 12 -5.51 11.40 4.51
C UNK G 12 -4.35 10.41 4.52
N UNK G 13 -3.68 10.28 5.65
CA UNK G 13 -2.58 9.33 5.81
C UNK G 13 -3.13 7.97 6.24
N UNK G 14 -2.26 6.96 6.15
CA UNK G 14 -2.62 5.59 6.51
C UNK G 14 -1.59 5.06 7.49
N UNK G 15 -2.08 4.47 8.59
CA UNK G 15 -1.21 3.93 9.62
C UNK G 15 -2.07 3.20 10.64
N UNK G 16 -1.45 2.24 11.33
CA UNK G 16 -2.15 1.45 12.34
C UNK G 16 -1.18 0.91 13.38
N UNK G 17 3.16 -3.09 16.06
CA UNK G 17 2.13 -3.56 16.97
C UNK G 17 1.31 -2.39 17.51
N UNK G 18 0.93 -1.48 16.62
CA UNK G 18 0.14 -0.32 17.01
C UNK G 18 -1.34 -0.66 17.10
N UNK G 19 3.40 -5.88 20.74
CA UNK G 19 4.21 -6.27 21.89
C UNK G 19 5.49 -6.97 21.45
N UNK G 20 5.48 -8.30 21.49
CA UNK G 20 6.65 -9.06 21.08
C UNK G 20 7.00 -8.80 19.63
N UNK G 21 5.99 -8.73 18.75
CA UNK G 21 6.25 -8.48 17.33
C UNK G 21 6.89 -7.11 17.13
N UNK G 22 6.27 -6.07 17.69
CA UNK G 22 6.81 -4.73 17.54
C UNK G 22 8.21 -4.63 18.15
N UNK G 23 8.44 -5.31 19.27
CA UNK G 23 9.73 -5.29 19.95
C UNK G 23 10.79 -6.13 19.25
N UNK G 24 10.47 -6.71 18.09
CA UNK G 24 11.45 -7.52 17.38
C UNK G 24 12.66 -6.69 16.97
N UNK G 25 12.45 -5.67 16.16
CA UNK G 25 13.47 -4.75 15.67
C UNK G 25 14.34 -5.35 14.57
N UNK G 26 14.15 -6.62 14.23
CA UNK G 26 14.96 -7.25 13.18
C UNK G 26 14.07 -8.04 12.21
N UNK H 1 -19.94 7.39 -12.98
CA UNK H 1 -19.49 8.27 -14.04
C UNK H 1 -18.90 9.56 -13.47
N UNK H 2 -19.55 10.09 -12.44
CA UNK H 2 -19.07 11.33 -11.82
C UNK H 2 -17.68 11.13 -11.23
N UNK H 3 -17.42 9.94 -10.68
CA UNK H 3 -16.10 9.67 -10.09
C UNK H 3 -15.00 9.78 -11.15
N UNK H 4 -15.29 9.36 -12.38
CA UNK H 4 -14.31 9.46 -13.45
C UNK H 4 -13.90 10.91 -13.69
N UNK H 5 -14.89 11.78 -13.91
CA UNK H 5 -14.59 13.20 -14.14
C UNK H 5 -13.93 13.82 -12.92
N UNK H 6 -14.32 13.40 -11.72
CA UNK H 6 -13.71 13.93 -10.51
C UNK H 6 -12.22 13.58 -10.47
N UNK H 7 -11.89 12.31 -10.67
CA UNK H 7 -10.48 11.90 -10.66
C UNK H 7 -9.71 12.50 -11.83
N UNK H 8 -10.39 12.82 -12.93
CA UNK H 8 -9.70 13.40 -14.07
C UNK H 8 -9.36 14.86 -13.82
N UNK H 9 -10.34 15.65 -13.38
CA UNK H 9 -10.10 17.07 -13.12
C UNK H 9 -9.06 17.26 -12.03
N UNK H 10 -9.33 16.74 -10.83
CA UNK H 10 -8.42 16.86 -9.71
C UNK H 10 -7.29 15.85 -9.74
N UNK H 11 -7.10 15.16 -10.86
CA UNK H 11 -6.05 14.16 -11.01
C UNK H 11 -5.04 14.62 -12.06
N UNK H 12 -4.07 13.76 -12.35
CA UNK H 12 -3.03 14.04 -13.33
C UNK H 12 -3.07 13.12 -14.53
N UNK H 13 -3.35 11.82 -14.33
CA UNK H 13 -3.41 10.85 -15.42
C UNK H 13 -2.08 10.78 -16.17
N UNK H 14 -1.04 10.40 -15.43
CA UNK H 14 0.29 10.28 -16.02
C UNK H 14 0.28 9.22 -17.11
N UNK H 15 1.04 9.46 -18.18
CA UNK H 15 1.13 8.52 -19.30
C UNK H 15 2.30 7.55 -19.13
N UNK H 16 3.51 8.09 -18.98
CA UNK H 16 4.71 7.29 -18.81
C UNK H 16 5.37 7.48 -17.46
N UNK H 17 5.62 8.73 -17.07
CA UNK H 17 6.25 9.02 -15.78
C UNK H 17 7.77 8.82 -15.86
N UNK I 1 41.29 -15.90 10.37
CA UNK I 1 40.21 -16.18 11.31
C UNK I 1 39.79 -14.91 12.04
N UNK I 2 40.32 -13.77 11.60
CA UNK I 2 40.02 -12.48 12.19
C UNK I 2 38.78 -11.83 11.61
N UNK I 3 37.94 -12.60 10.91
CA UNK I 3 36.72 -12.03 10.33
C UNK I 3 35.78 -11.53 11.42
N UNK I 4 35.66 -12.27 12.51
CA UNK I 4 34.80 -11.83 13.61
C UNK I 4 35.30 -10.53 14.22
N UNK I 5 36.61 -10.42 14.44
CA UNK I 5 37.18 -9.19 14.98
C UNK I 5 36.97 -8.02 14.03
N UNK I 6 37.17 -8.27 12.74
CA UNK I 6 36.96 -7.20 11.75
C UNK I 6 35.52 -6.73 11.74
N UNK I 7 34.57 -7.68 11.78
CA UNK I 7 33.15 -7.30 11.80
C UNK I 7 32.81 -6.53 13.06
N UNK I 8 33.35 -6.97 14.21
CA UNK I 8 33.09 -6.26 15.46
C UNK I 8 33.64 -4.84 15.41
N UNK I 9 34.85 -4.68 14.88
CA UNK I 9 35.44 -3.34 14.77
C UNK I 9 34.63 -2.46 13.83
N UNK I 10 34.19 -3.02 12.70
CA UNK I 10 33.37 -2.24 11.77
C UNK I 10 32.05 -1.82 12.42
N UNK I 11 31.40 -2.73 13.15
CA UNK I 11 30.16 -2.38 13.83
C UNK I 11 30.38 -1.31 14.88
N UNK I 12 31.46 -1.42 15.66
CA UNK I 12 31.75 -0.40 16.66
C UNK I 12 32.02 0.95 16.02
N UNK I 13 32.75 0.97 14.90
CA UNK I 13 33.02 2.23 14.22
C UNK I 13 31.74 2.84 13.67
N UNK I 14 30.87 2.01 13.07
CA UNK I 14 29.60 2.53 12.57
C UNK I 14 28.74 3.08 13.71
N UNK I 15 28.71 2.40 14.85
CA UNK I 15 27.93 2.87 15.99
C UNK I 15 28.49 4.20 16.49
N UNK I 16 29.82 4.30 16.61
CA UNK I 16 30.42 5.55 17.06
C UNK I 16 30.11 6.69 16.09
N UNK I 17 30.17 6.41 14.78
CA UNK I 17 29.88 7.44 13.80
C UNK I 17 28.43 7.89 13.89
N UNK I 18 27.49 6.95 13.99
CA UNK I 18 26.08 7.30 14.06
C UNK I 18 25.70 7.95 15.38
N UNK I 19 26.48 7.73 16.44
CA UNK I 19 26.16 8.31 17.73
C UNK I 19 26.47 9.81 17.75
N UNK I 20 27.63 10.19 17.21
CA UNK I 20 28.05 11.59 17.24
C UNK I 20 27.11 12.45 16.38
N UNK I 21 27.06 12.16 15.09
CA UNK I 21 26.23 12.92 14.14
C UNK I 21 26.16 12.13 12.84
N UNK I 22 25.55 12.73 11.83
CA UNK I 22 25.42 12.08 10.54
C UNK I 22 26.80 11.90 9.89
N UNK I 23 26.81 11.24 8.74
CA UNK I 23 28.04 10.99 8.01
C UNK I 23 28.80 12.29 7.77
N UNK I 24 30.02 12.36 8.28
CA UNK I 24 30.87 13.53 8.14
C UNK I 24 32.26 13.07 7.70
N UNK I 25 32.71 13.55 6.53
CA UNK I 25 33.99 13.19 5.94
C UNK I 25 33.97 11.84 5.24
N UNK I 26 32.78 11.23 5.06
CA UNK I 26 32.67 9.94 4.40
C UNK I 26 33.37 8.83 5.18
N UNK I 27 33.52 9.01 6.49
CA UNK I 27 34.17 7.99 7.32
C UNK I 27 33.35 6.70 7.33
N UNK I 28 32.06 6.78 7.66
CA UNK I 28 31.21 5.60 7.66
C UNK I 28 31.08 5.02 6.26
N UNK I 29 31.07 5.88 5.24
CA UNK I 29 31.01 5.39 3.87
C UNK I 29 32.22 4.53 3.54
N UNK I 30 33.42 5.04 3.81
CA UNK I 30 34.63 4.27 3.55
C UNK I 30 34.65 3.00 4.40
N UNK I 31 34.20 3.07 5.64
CA UNK I 31 34.18 1.89 6.51
C UNK I 31 33.28 0.81 5.93
N UNK I 32 32.10 1.19 5.46
CA UNK I 32 31.19 0.21 4.87
C UNK I 32 31.80 -0.42 3.63
N UNK I 33 32.38 0.40 2.75
CA UNK I 33 33.01 -0.13 1.55
C UNK I 33 34.13 -1.11 1.90
N UNK I 34 34.93 -0.78 2.92
CA UNK I 34 36.01 -1.66 3.32
C UNK I 34 35.48 -2.96 3.91
N UNK I 35 34.39 -2.89 4.68
CA UNK I 35 33.81 -4.08 5.29
C UNK I 35 33.02 -4.93 4.30
N UNK I 36 32.82 -4.45 3.07
CA UNK I 36 32.07 -5.22 2.08
C UNK I 36 32.80 -6.47 1.64
N UNK I 37 34.10 -6.58 1.93
CA UNK I 37 34.88 -7.75 1.53
C UNK I 37 34.68 -8.89 2.54
N UNK J 1 50.49 -7.18 18.09
CA UNK J 1 49.05 -7.19 18.34
C UNK J 1 48.75 -7.00 19.83
N UNK J 2 49.50 -7.69 20.69
CA UNK J 2 49.27 -7.55 22.13
C UNK J 2 49.59 -6.14 22.60
N UNK J 3 50.67 -5.55 22.09
CA UNK J 3 51.01 -4.18 22.48
C UNK J 3 49.94 -3.20 22.03
N UNK J 4 49.44 -3.36 20.79
CA UNK J 4 48.39 -2.48 20.31
C UNK J 4 47.11 -2.64 21.13
N UNK J 5 46.75 -3.87 21.48
CA UNK J 5 45.57 -4.08 22.30
C UNK J 5 45.73 -3.46 23.67
N UNK J 6 46.91 -3.60 24.29
CA UNK J 6 47.14 -2.99 25.59
C UNK J 6 47.07 -1.47 25.51
N UNK J 7 47.65 -0.89 24.46
CA UNK J 7 47.59 0.56 24.30
C UNK J 7 46.15 1.03 24.11
N UNK J 8 45.36 0.31 23.30
CA UNK J 8 43.97 0.68 23.11
C UNK J 8 43.19 0.59 24.41
N UNK J 9 43.43 -0.47 25.19
CA UNK J 9 42.73 -0.62 26.46
C UNK J 9 43.11 0.49 27.42
N UNK J 10 44.40 0.85 27.47
CA UNK J 10 44.82 1.95 28.34
C UNK J 10 44.19 3.26 27.93
N UNK J 11 44.15 3.53 26.61
CA UNK J 11 43.52 4.75 26.13
C UNK J 11 42.04 4.78 26.48
N UNK J 12 41.34 3.66 26.30
CA UNK J 12 39.92 3.60 26.65
C UNK J 12 39.71 3.85 28.14
N UNK J 13 40.55 3.23 28.98
CA UNK J 13 40.41 3.43 30.42
C UNK J 13 40.68 4.88 30.80
N UNK J 14 41.68 5.51 30.17
CA UNK J 14 41.97 6.90 30.47
C UNK J 14 40.84 7.82 30.03
N UNK J 15 40.25 7.56 28.86
CA UNK J 15 39.16 8.38 28.36
C UNK J 15 37.82 8.07 29.02
N UNK J 16 37.74 6.98 29.78
CA UNK J 16 36.49 6.63 30.45
C UNK J 16 36.18 7.61 31.57
N UNK J 17 35.77 7.05 32.70
CA UNK J 17 35.43 7.83 33.87
C UNK J 17 34.01 8.38 33.77
N UNK K 1 21.63 16.46 23.67
CA UNK K 1 22.82 16.98 24.32
C UNK K 1 23.47 15.92 25.19
N UNK K 2 23.14 15.93 26.49
CA UNK K 2 23.72 14.94 27.40
C UNK K 2 23.34 13.52 26.99
N UNK K 3 22.13 13.34 26.46
CA UNK K 3 21.70 12.01 26.04
C UNK K 3 22.58 11.47 24.93
N UNK K 4 22.81 12.27 23.89
CA UNK K 4 23.66 11.82 22.78
C UNK K 4 25.10 11.61 23.25
N UNK K 5 25.57 12.46 24.16
CA UNK K 5 26.92 12.28 24.69
C UNK K 5 27.06 10.95 25.41
N UNK K 6 26.11 10.64 26.30
CA UNK K 6 26.15 9.37 27.01
C UNK K 6 26.02 8.20 26.06
N UNK K 7 25.19 8.33 25.03
CA UNK K 7 25.04 7.26 24.05
C UNK K 7 26.36 7.00 23.33
N UNK K 8 27.02 8.07 22.87
CA UNK K 8 28.30 7.92 22.20
C UNK K 8 29.35 7.34 23.13
N UNK K 9 29.35 7.74 24.39
CA UNK K 9 30.29 7.20 25.37
C UNK K 9 30.08 5.70 25.55
N UNK K 10 28.83 5.29 25.71
CA UNK K 10 28.52 3.87 25.87
C UNK K 10 28.91 3.09 24.63
N UNK K 11 28.67 3.66 23.44
CA UNK K 11 29.03 2.98 22.20
C UNK K 11 30.55 2.80 22.11
N UNK K 12 31.30 3.85 22.43
CA UNK K 12 32.75 3.75 22.40
C UNK K 12 33.25 2.73 23.41
N UNK K 13 32.64 2.70 24.60
CA UNK K 13 33.05 1.72 25.61
C UNK K 13 32.78 0.31 25.14
N UNK K 14 31.61 0.07 24.54
CA UNK K 14 31.29 -1.26 24.03
C UNK K 14 32.23 -1.66 22.91
N UNK K 15 32.57 -0.71 22.03
CA UNK K 15 33.50 -1.02 20.94
C UNK K 15 34.89 -1.37 21.49
N UNK K 16 35.37 -0.60 22.48
CA UNK K 16 36.66 -0.91 23.08
C UNK K 16 36.65 -2.27 23.76
N UNK K 17 35.56 -2.59 24.46
CA UNK K 17 35.45 -3.89 25.11
C UNK K 17 35.47 -5.01 24.08
N UNK K 18 34.72 -4.85 22.99
CA UNK K 18 34.72 -5.87 21.95
C UNK K 18 36.09 -6.04 21.32
N UNK K 19 36.79 -4.93 21.06
CA UNK K 19 38.12 -5.01 20.46
C UNK K 19 39.13 -5.62 21.42
N UNK K 20 38.93 -5.45 22.73
CA UNK K 20 39.86 -6.01 23.70
C UNK K 20 39.83 -7.53 23.70
N UNK K 21 38.72 -8.12 23.29
CA UNK K 21 38.60 -9.58 23.26
C UNK K 21 39.25 -10.16 22.00
N UNK L 1 33.15 20.65 27.67
CA UNK L 1 33.89 19.94 28.72
C UNK L 1 33.89 18.44 28.47
N UNK L 2 32.89 17.74 29.02
CA UNK L 2 32.81 16.30 28.83
C UNK L 2 32.61 15.94 27.36
N UNK L 3 31.73 16.67 26.68
CA UNK L 3 31.49 16.39 25.27
C UNK L 3 32.74 16.66 24.44
N UNK L 4 33.45 17.75 24.73
CA UNK L 4 34.67 18.06 23.99
C UNK L 4 35.73 16.99 24.22
N UNK L 5 35.89 16.54 25.47
CA UNK L 5 36.86 15.50 25.76
C UNK L 5 36.50 14.20 25.06
N UNK L 6 35.21 13.85 25.05
CA UNK L 6 34.78 12.63 24.36
C UNK L 6 35.04 12.74 22.86
N UNK L 7 34.74 13.90 22.26
CA UNK L 7 35.00 14.07 20.84
C UNK L 7 36.49 13.97 20.53
N UNK L 8 37.33 14.59 21.37
CA UNK L 8 38.77 14.51 21.16
C UNK L 8 39.27 13.08 21.27
N UNK L 9 38.77 12.33 22.26
CA UNK L 9 39.18 10.94 22.42
C UNK L 9 38.74 10.11 21.22
N UNK L 10 37.52 10.33 20.72
CA UNK L 10 37.06 9.59 19.56
C UNK L 10 37.88 9.92 18.33
N UNK L 11 38.22 11.20 18.14
CA UNK L 11 39.05 11.57 17.00
C UNK L 11 40.43 10.95 17.09
N UNK L 12 41.03 10.94 18.30
CA UNK L 12 42.33 10.31 18.47
C UNK L 12 42.27 8.82 18.18
N UNK L 13 41.22 8.15 18.68
CA UNK L 13 41.07 6.72 18.41
C UNK L 13 40.93 6.45 16.92
N UNK L 14 40.12 7.26 16.23
CA UNK L 14 39.94 7.07 14.79
C UNK L 14 41.25 7.30 14.04
N UNK L 15 42.01 8.31 14.44
CA UNK L 15 43.29 8.57 13.79
C UNK L 15 44.28 7.44 14.02
N UNK L 16 44.33 6.91 15.25
CA UNK L 16 45.24 5.83 15.57
C UNK L 16 44.77 4.47 15.06
N UNK L 17 43.52 4.37 14.60
CA UNK L 17 43.00 3.11 14.09
C UNK L 17 43.67 2.74 12.78
N UNK L 18 43.14 3.29 11.69
CA UNK L 18 43.67 3.04 10.36
C UNK L 18 43.09 4.01 9.35
N UNK M 1 -8.65 26.77 -20.96
CA UNK M 1 -8.53 25.36 -20.59
C UNK M 1 -9.39 25.05 -19.37
N UNK M 2 -10.65 25.44 -19.42
CA UNK M 2 -11.57 25.19 -18.31
C UNK M 2 -11.94 23.72 -18.28
N UNK M 3 -11.50 23.02 -17.23
CA UNK M 3 -11.77 21.60 -17.06
C UNK M 3 -13.15 21.44 -16.42
N UNK M 4 -14.15 21.15 -17.24
CA UNK M 4 -15.51 20.97 -16.76
C UNK M 4 -16.17 19.81 -17.51
N UNK M 5 -17.29 19.35 -16.97
CA UNK M 5 -18.02 18.25 -17.57
C UNK M 5 -19.51 18.42 -17.27
N UNK M 6 -20.33 17.97 -18.21
CA UNK M 6 -21.78 18.07 -18.06
C UNK M 6 -22.29 16.93 -17.19
N UNK M 7 -23.61 16.90 -17.00
CA UNK M 7 -24.29 15.88 -16.18
C UNK M 7 -25.38 15.25 -17.04
N UNK M 8 -25.04 14.16 -17.72
CA UNK M 8 -26.01 13.47 -18.56
C UNK M 8 -27.17 12.90 -17.76
N UNK M 9 -26.98 12.66 -16.46
CA UNK M 9 -28.06 12.10 -15.65
C UNK M 9 -29.25 13.04 -15.53
N UNK M 10 -29.08 14.31 -15.89
CA UNK M 10 -30.10 15.34 -15.84
C UNK M 10 -30.41 15.83 -14.43
N UNK M 11 -29.71 15.34 -13.41
CA UNK M 11 -29.92 15.74 -12.02
C UNK M 11 -28.60 16.30 -11.49
N UNK M 12 -28.39 17.61 -11.70
CA UNK M 12 -27.16 18.24 -11.24
C UNK M 12 -27.05 18.21 -9.72
N UNK M 13 -28.18 18.15 -9.01
CA UNK M 13 -28.15 18.12 -7.55
C UNK M 13 -27.31 16.96 -7.04
N UNK M 14 -27.57 15.74 -7.54
CA UNK M 14 -26.82 14.57 -7.10
C UNK M 14 -25.32 14.79 -7.28
N UNK M 15 -24.91 15.15 -8.49
CA UNK M 15 -23.49 15.38 -8.74
C UNK M 15 -23.02 16.74 -8.23
N UNK M 16 -23.92 17.73 -8.19
CA UNK M 16 -23.55 19.05 -7.71
C UNK M 16 -23.10 18.99 -6.25
N UNK M 17 -23.88 18.31 -5.40
CA UNK M 17 -23.52 18.21 -3.99
C UNK M 17 -22.24 17.40 -3.79
N UNK M 18 -22.02 16.38 -4.62
CA UNK M 18 -20.83 15.55 -4.49
C UNK M 18 -19.58 16.21 -5.04
N UNK M 19 -19.71 17.19 -5.93
CA UNK M 19 -18.57 17.86 -6.51
C UNK M 19 -18.30 19.24 -5.95
N UNK M 20 -19.25 19.82 -5.21
CA UNK M 20 -19.01 21.15 -4.62
C UNK M 20 -17.93 21.09 -3.56
N UNK M 21 -18.04 20.14 -2.63
CA UNK M 21 -17.04 20.02 -1.58
C UNK M 21 -15.66 19.69 -2.15
N UNK M 22 -15.62 18.83 -3.17
CA UNK M 22 -14.35 18.49 -3.80
C UNK M 22 -13.72 19.72 -4.45
N UNK M 23 -14.50 20.44 -5.26
CA UNK M 23 -13.99 21.64 -5.89
C UNK M 23 -13.52 22.66 -4.86
N UNK M 24 -14.23 22.78 -3.74
CA UNK M 24 -13.85 23.73 -2.71
C UNK M 24 -12.53 23.32 -2.04
N UNK M 25 -12.41 22.05 -1.67
CA UNK M 25 -11.20 21.54 -1.02
C UNK M 25 -10.14 21.09 -2.01
N UNK M 26 -10.24 21.52 -3.27
CA UNK M 26 -9.24 21.17 -4.29
C UNK M 26 -7.83 21.41 -3.78
N UNK M 27 -7.51 22.65 -3.43
CA UNK M 27 -6.23 22.96 -2.78
C UNK M 27 -6.43 23.51 -1.37
N UNK M 28 -7.12 24.64 -1.21
CA UNK M 28 -7.49 25.12 0.11
C UNK M 28 -8.94 25.53 0.22
N UNK M 29 -9.48 26.21 -0.79
CA UNK M 29 -10.85 26.70 -0.75
C UNK M 29 -11.25 27.31 -2.09
N UNK M 30 -12.46 27.88 -2.16
CA UNK M 30 -12.92 28.60 -3.35
C UNK M 30 -12.91 27.69 -4.59
N UNK M 31 -13.75 26.66 -4.55
CA UNK M 31 -13.88 25.75 -5.67
C UNK M 31 -14.10 26.50 -6.98
N UNK M 32 -14.96 27.51 -6.96
CA UNK M 32 -15.25 28.33 -8.14
C UNK M 32 -15.76 27.48 -9.31
N UNK M 33 -16.92 26.87 -9.09
CA UNK M 33 -17.53 26.02 -10.10
C UNK M 33 -17.92 26.85 -11.32
N UNK M 34 -18.41 26.16 -12.36
CA UNK M 34 -18.81 26.86 -13.58
C UNK M 34 -20.06 27.69 -13.34
N UNK M 35 -20.99 27.20 -12.51
CA UNK M 35 -22.21 27.95 -12.24
C UNK M 35 -21.90 29.31 -11.62
N UNK M 36 -21.23 29.31 -10.48
CA UNK M 36 -20.87 30.54 -9.79
C UNK M 36 -19.57 30.31 -9.04
N UNK M 37 -19.23 31.23 -8.14
CA UNK M 37 -18.02 31.15 -7.34
C UNK M 37 -18.33 30.59 -5.95
N UNK M 38 -17.27 30.37 -5.19
CA UNK M 38 -17.39 29.83 -3.84
C UNK M 38 -16.36 30.53 -2.96
N UNK M 39 -16.21 30.03 -1.73
CA UNK M 39 -15.27 30.59 -0.77
C UNK M 39 -15.00 29.55 0.30
N UNK M 40 -14.24 29.93 1.32
CA UNK M 40 -13.89 29.04 2.42
C UNK M 40 -14.73 29.37 3.66
N UNK M 41 -14.59 28.53 4.67
CA UNK M 41 -15.33 28.71 5.91
C UNK M 41 -16.77 28.23 5.78
N UNK M 42 -21.41 26.11 7.19
CA UNK M 42 -21.56 26.38 5.76
C UNK M 42 -21.90 27.85 5.51
N UNK M 43 -23.10 28.25 5.90
CA UNK M 43 -23.57 29.63 5.72
C UNK M 43 -23.79 29.97 4.25
N UNK M 44 -24.24 28.98 3.47
CA UNK M 44 -24.49 29.18 2.05
C UNK M 44 -25.65 28.26 1.66
N UNK M 45 -26.82 28.85 1.43
CA UNK M 45 -27.99 28.07 1.07
C UNK M 45 -27.86 27.56 -0.36
N UNK M 46 -28.29 26.32 -0.58
CA UNK M 46 -28.20 25.73 -1.90
C UNK M 46 -29.01 26.54 -2.90
N UNK M 47 -28.50 26.64 -4.13
CA UNK M 47 -29.16 27.37 -5.21
C UNK M 47 -30.18 26.54 -5.95
N UNK M 48 -30.67 25.44 -5.36
CA UNK M 48 -31.63 24.51 -5.93
C UNK M 48 -31.03 23.58 -6.97
N UNK M 49 -29.75 23.74 -7.32
CA UNK M 49 -29.08 22.89 -8.30
C UNK M 49 -29.85 22.85 -9.62
N UNK M 50 -29.97 24.04 -10.22
CA UNK M 50 -30.65 24.16 -11.51
C UNK M 50 -30.02 23.24 -12.54
N UNK M 51 -28.72 23.39 -12.79
CA UNK M 51 -27.93 22.59 -13.72
C UNK M 51 -28.26 22.84 -15.18
N UNK M 52 -29.21 23.72 -15.48
CA UNK M 52 -29.58 24.02 -16.86
C UNK M 52 -30.03 22.76 -17.61
N UNK M 53 -31.11 22.17 -17.11
CA UNK M 53 -31.64 20.93 -17.68
C UNK M 53 -31.95 21.10 -19.17
N UNK M 54 -32.04 19.99 -19.89
CA UNK M 54 -32.29 19.94 -21.33
C UNK M 54 -31.07 20.31 -22.15
N UNK M 55 -29.89 20.38 -21.53
CA UNK M 55 -28.66 20.72 -22.24
C UNK M 55 -27.49 20.03 -21.53
N UNK M 56 -26.28 20.47 -21.85
CA UNK M 56 -25.07 19.91 -21.25
C UNK M 56 -24.04 21.01 -21.13
N UNK M 57 -23.71 21.39 -19.89
CA UNK M 57 -22.75 22.45 -19.64
C UNK M 57 -21.89 22.05 -18.45
N UNK M 58 -20.58 22.13 -18.60
CA UNK M 58 -19.64 21.78 -17.55
C UNK M 58 -18.65 22.92 -17.36
N UNK M 59 -18.37 23.25 -16.10
CA UNK M 59 -17.45 24.33 -15.78
C UNK M 59 -16.35 23.85 -14.83
N UNK M 60 -13.27 28.06 -12.23
CA UNK M 60 -13.04 26.72 -12.75
C UNK M 60 -11.84 26.07 -12.06
N UNK M 61 -11.12 26.85 -11.26
CA UNK M 61 -9.96 26.35 -10.54
C UNK M 61 -9.48 27.44 -9.60
N UNK M 62 -8.80 27.03 -8.53
CA UNK M 62 -8.28 27.95 -7.53
C UNK M 62 -7.12 27.26 -6.81
N UNK M 63 -6.67 27.86 -5.71
CA UNK M 63 -5.56 27.31 -4.93
C UNK M 63 -6.09 26.32 -3.90
N UNK M 64 -3.76 34.18 -7.25
CA UNK M 64 -3.62 32.77 -6.96
C UNK M 64 -4.74 32.28 -6.04
N UNK M 65 -4.47 31.19 -5.32
CA UNK M 65 -5.47 30.64 -4.39
C UNK M 65 -5.81 31.65 -3.30
N UNK M 66 -4.82 32.04 -2.50
CA UNK M 66 -5.06 33.00 -1.44
C UNK M 66 -5.46 34.36 -1.98
N UNK M 67 -5.00 34.72 -3.19
CA UNK M 67 -5.36 36.00 -3.76
C UNK M 67 -6.86 36.16 -3.93
N UNK M 68 -7.57 35.07 -4.22
CA UNK M 68 -9.02 35.13 -4.37
C UNK M 68 -9.67 35.65 -3.08
N UNK M 69 -9.39 34.98 -1.97
CA UNK M 69 -9.95 35.42 -0.69
C UNK M 69 -9.44 36.79 -0.28
N UNK M 70 -8.18 37.11 -0.62
CA UNK M 70 -7.62 38.40 -0.26
C UNK M 70 -8.37 39.53 -0.96
N UNK M 71 -8.66 39.36 -2.25
CA UNK M 71 -9.39 40.39 -2.99
C UNK M 71 -10.77 40.63 -2.41
N UNK M 72 -11.43 39.57 -1.90
CA UNK M 72 -12.73 39.73 -1.28
C UNK M 72 -12.66 40.67 -0.09
N UNK M 73 -11.75 40.38 0.84
CA UNK M 73 -11.60 41.24 2.02
C UNK M 73 -11.12 42.63 1.65
N UNK M 74 -10.33 42.76 0.57
CA UNK M 74 -9.90 44.07 0.13
C UNK M 74 -11.06 44.91 -0.37
N UNK M 75 -11.88 44.35 -1.26
CA UNK M 75 -13.05 45.05 -1.76
C UNK M 75 -14.01 45.38 -0.62
N UNK M 76 -14.42 44.37 0.13
CA UNK M 76 -15.34 44.57 1.24
C UNK M 76 -14.61 44.92 2.52
N UNK N 1 -4.86 44.07 -8.10
CA UNK N 1 -3.75 44.37 -9.01
C UNK N 1 -2.61 43.36 -8.83
N UNK N 2 -1.87 43.49 -7.75
CA UNK N 2 -0.75 42.61 -7.44
C UNK N 2 -1.20 41.53 -6.46
N UNK N 3 -0.26 40.71 -6.01
CA UNK N 3 -0.54 39.62 -5.09
C UNK N 3 0.78 39.09 -4.57
N UNK N 4 0.71 38.13 -3.66
CA UNK N 4 1.89 37.52 -3.07
C UNK N 4 1.46 36.33 -2.22
N UNK N 5 2.41 35.44 -1.96
CA UNK N 5 2.14 34.24 -1.18
C UNK N 5 3.42 33.85 -0.46
N UNK N 6 3.34 33.75 0.87
CA UNK N 6 4.49 33.38 1.69
C UNK N 6 4.01 33.13 3.10
N UNK N 7 4.67 32.20 3.79
CA UNK N 7 4.32 31.85 5.16
C UNK N 7 5.49 31.94 6.13
N UNK N 8 6.70 31.61 5.67
CA UNK N 8 7.87 31.64 6.54
C UNK N 8 8.91 32.68 6.15
N UNK N 9 8.91 33.13 4.90
CA UNK N 9 9.88 34.14 4.47
C UNK N 9 9.80 35.39 5.34
N UNK N 10 8.61 35.97 5.46
CA UNK N 10 8.44 37.17 6.27
C UNK N 10 8.85 36.92 7.72
N UNK N 11 8.32 35.85 8.33
CA UNK N 11 8.64 35.54 9.71
C UNK N 11 10.14 35.38 9.93
N UNK N 12 10.86 34.90 8.92
CA UNK N 12 12.31 34.71 9.05
C UNK N 12 13.08 36.01 9.18
N UNK N 13 12.43 37.15 9.00
CA UNK N 13 13.09 38.45 9.10
C UNK N 13 13.11 38.99 10.53
N UNK N 14 12.71 38.19 11.51
CA UNK N 14 12.69 38.61 12.91
C UNK N 14 11.94 39.92 13.08
N UNK N 15 10.69 39.94 12.61
CA UNK N 15 9.82 41.11 12.67
C UNK N 15 10.24 42.22 11.72
N UNK N 16 10.98 41.89 10.66
CA UNK N 16 11.42 42.88 9.70
C UNK N 16 10.23 43.39 8.88
N UNK N 17 10.51 44.34 7.99
CA UNK N 17 9.47 44.91 7.13
C UNK N 17 10.15 45.43 5.88
N UNK N 18 9.87 44.79 4.74
CA UNK N 18 10.45 45.16 3.46
C UNK N 18 9.38 45.83 2.59
N UNK N 19 9.81 46.30 1.43
CA UNK N 19 8.93 46.95 0.47
C UNK N 19 8.85 46.14 -0.81
N UNK N 20 7.78 46.34 -1.55
CA UNK N 20 7.55 45.64 -2.81
C UNK N 20 7.98 46.51 -3.98
N UNK N 21 7.80 45.99 -5.19
CA UNK N 21 8.17 46.70 -6.41
C UNK N 21 7.32 46.16 -7.54
N UNK N 22 6.36 46.97 -8.01
CA UNK N 22 5.47 46.58 -9.11
C UNK N 22 6.15 46.76 -10.47
N UNK N 23 7.30 46.10 -10.61
CA UNK N 23 8.07 46.18 -11.85
C UNK N 23 7.38 45.33 -12.91
N UNK N 24 6.59 45.98 -13.76
CA UNK N 24 5.86 45.30 -14.82
C UNK N 24 5.93 46.17 -16.07
N UNK N 25 5.16 45.78 -17.09
CA UNK N 25 5.13 46.52 -18.35
C UNK N 25 5.08 45.56 -19.54
N UNK O 1 1.20 42.82 -18.53
CA UNK O 1 0.83 42.41 -17.17
C UNK O 1 2.04 42.44 -16.25
N UNK O 2 1.84 42.96 -15.04
CA UNK O 2 2.90 43.06 -14.04
C UNK O 2 2.39 42.50 -12.71
N UNK O 3 3.31 41.90 -11.96
CA UNK O 3 3.01 41.32 -10.67
C UNK O 3 3.82 42.01 -9.58
N UNK O 4 3.31 41.93 -8.35
CA UNK O 4 3.99 42.55 -7.21
C UNK O 4 5.27 41.81 -6.89
N UNK O 5 6.02 42.32 -5.92
CA UNK O 5 7.27 41.73 -5.49
C UNK O 5 7.46 42.01 -4.00
N UNK O 6 8.67 41.76 -3.51
CA UNK O 6 8.98 41.99 -2.11
C UNK O 6 10.49 42.02 -1.95
N UNK O 7 11.00 43.07 -1.31
CA UNK O 7 12.42 43.25 -1.07
C UNK O 7 12.67 43.19 0.44
N UNK O 8 13.29 42.11 0.90
CA UNK O 8 13.58 41.93 2.33
C UNK O 8 15.00 42.41 2.62
N UNK O 9 15.17 43.72 2.55
CA UNK O 9 16.46 44.34 2.80
C UNK O 9 16.82 44.18 4.28
N UNK O 10 17.80 43.32 4.55
CA UNK O 10 18.22 43.08 5.93
C UNK O 10 19.00 44.28 6.47
N UNK O 11 18.84 44.53 7.77
CA UNK O 11 19.54 45.64 8.40
C UNK O 11 20.12 45.29 9.77
N UNK O 12 20.15 44.00 10.13
CA UNK O 12 20.70 43.57 11.42
C UNK O 12 21.59 42.35 11.24
N UNK O 13 22.39 42.36 10.17
CA UNK O 13 23.31 41.25 9.87
C UNK O 13 22.55 39.92 9.77
N UNK O 14 21.62 39.88 8.82
CA UNK O 14 20.81 38.70 8.56
C UNK O 14 21.19 38.07 7.23
N UNK O 15 20.46 37.02 6.86
CA UNK O 15 20.71 36.29 5.62
C UNK O 15 19.82 36.76 4.48
N UNK O 16 18.53 36.99 4.74
CA UNK O 16 17.59 37.43 3.71
C UNK O 16 17.52 36.43 2.54
N UNK O 17 17.12 35.22 2.88
CA UNK O 17 16.99 34.17 1.88
C UNK O 17 15.99 34.57 0.80
N UNK O 18 16.14 33.96 -0.37
CA UNK O 18 15.27 34.24 -1.52
C UNK O 18 13.92 33.59 -1.28
N UNK O 19 12.98 34.36 -0.73
CA UNK O 19 11.63 33.87 -0.43
C UNK O 19 10.65 34.90 -1.00
N UNK O 20 10.01 34.56 -2.12
CA UNK O 20 9.05 35.45 -2.76
C UNK O 20 7.91 34.62 -3.34
N UNK O 21 6.80 35.29 -3.60
CA UNK O 21 5.60 34.66 -4.16
C UNK O 21 5.18 35.41 -5.42
N UNK O 22 4.08 34.95 -6.02
CA UNK O 22 3.54 35.54 -7.23
C UNK O 22 2.16 36.13 -6.95
N UNK O 23 1.80 37.14 -7.74
CA UNK O 23 0.51 37.81 -7.59
C UNK O 23 -0.22 37.79 -8.93
N UNK O 24 -1.54 37.72 -8.85
CA UNK O 24 -2.40 37.69 -10.03
C UNK O 24 -3.20 38.99 -10.11
N UNK O 25 -3.42 39.46 -11.34
CA UNK O 25 -4.17 40.69 -11.58
C UNK O 25 -5.67 40.37 -11.44
N UNK O 26 -6.11 40.30 -10.19
CA UNK O 26 -7.50 40.00 -9.89
C UNK O 26 -8.33 41.27 -10.09
N UNK O 27 -9.21 41.25 -11.11
CA UNK O 27 -10.07 42.37 -11.44
C UNK O 27 -11.49 42.00 -11.01
N UNK O 28 -11.93 42.57 -9.89
CA UNK O 28 -13.27 42.30 -9.39
C UNK O 28 -14.32 42.88 -10.32
N UNK O 29 -15.58 42.59 -10.02
CA UNK O 29 -16.71 43.08 -10.82
C UNK O 29 -16.88 44.57 -10.57
N UNK O 30 -16.39 45.39 -11.49
CA UNK O 30 -16.49 46.84 -11.36
C UNK O 30 -15.31 47.40 -10.58
N UNK P 1 10.01 47.19 -21.15
CA UNK P 1 10.50 46.66 -19.88
C UNK P 1 10.68 47.78 -18.86
N UNK P 2 9.58 48.43 -18.49
CA UNK P 2 9.63 49.52 -17.52
C UNK P 2 9.68 48.96 -16.10
N UNK P 3 9.54 49.84 -15.11
CA UNK P 3 9.57 49.44 -13.71
C UNK P 3 8.67 50.37 -12.92
N UNK P 4 8.79 50.32 -11.59
CA UNK P 4 7.99 51.16 -10.70
C UNK P 4 8.47 50.91 -9.28
N UNK P 5 7.94 51.70 -8.35
CA UNK P 5 8.30 51.60 -6.94
C UNK P 5 7.03 51.81 -6.11
N UNK P 6 7.19 51.68 -4.80
CA UNK P 6 6.09 51.84 -3.86
C UNK P 6 6.69 51.92 -2.45
N UNK P 7 5.83 51.96 -1.44
CA UNK P 7 6.26 52.04 -0.06
C UNK P 7 6.71 50.66 0.42
N UNK P 8 6.99 50.53 1.72
CA UNK P 8 7.44 49.28 2.31
C UNK P 8 6.40 48.78 3.30
N UNK P 9 6.34 47.46 3.45
CA UNK P 9 5.39 46.82 4.34
C UNK P 9 6.01 46.69 5.73
N UNK P 10 5.32 45.99 6.64
CA UNK P 10 5.80 45.78 8.00
C UNK P 10 5.22 44.49 8.52
N UNK P 11 6.08 43.56 8.93
CA UNK P 11 5.67 42.27 9.45
C UNK P 11 6.10 42.16 10.91
N UNK P 12 5.15 41.84 11.78
CA UNK P 12 5.41 41.70 13.21
C UNK P 12 4.20 40.98 13.82
N UNK P 13 4.19 40.90 15.15
CA UNK P 13 3.09 40.25 15.86
C UNK P 13 1.84 41.10 15.73
N UNK P 14 0.89 40.65 14.91
CA UNK P 14 -0.34 41.40 14.70
C UNK P 14 -1.33 41.17 15.86
N UNK P 15 -1.71 39.93 16.09
CA UNK P 15 -2.64 39.51 17.13
C UNK P 15 -4.08 39.93 16.88
N UNK P 16 -4.36 40.62 15.77
CA UNK P 16 -5.72 41.04 15.47
C UNK P 16 -5.83 41.48 14.01
N UNK P 17 -6.84 40.98 13.31
CA UNK P 17 -7.06 41.32 11.91
C UNK P 17 -8.50 41.08 11.50
N UNK P 18 -7.76 40.49 6.57
CA UNK P 18 -7.94 39.04 6.49
C UNK P 18 -9.07 38.59 7.40
N UNK P 19 -9.11 39.16 8.61
CA UNK P 19 -10.14 38.81 9.59
C UNK P 19 -11.42 39.57 9.27
N UNK P 20 -12.39 39.50 10.18
CA UNK P 20 -13.68 40.18 10.01
C UNK P 20 -14.46 39.61 8.83
N UNK P 21 -14.52 38.29 8.74
CA UNK P 21 -15.24 37.63 7.66
C UNK P 21 -16.74 37.89 7.79
N UNK P 22 -17.48 37.42 6.78
CA UNK P 22 -18.93 37.58 6.75
C UNK P 22 -19.33 39.04 6.76
N UNK P 23 -18.84 39.77 5.75
CA UNK P 23 -19.14 41.19 5.64
C UNK P 23 -19.70 41.52 4.25
N UNK Q 1 8.32 30.89 -19.87
CA UNK Q 1 8.12 32.32 -20.08
C UNK Q 1 9.44 33.02 -20.35
N UNK Q 2 9.57 34.25 -19.84
CA UNK Q 2 10.78 35.05 -19.99
C UNK Q 2 11.24 35.54 -18.64
N UNK Q 3 12.55 35.59 -18.44
CA UNK Q 3 13.13 36.05 -17.19
C UNK Q 3 13.14 37.58 -17.14
N UNK Q 4 13.77 38.13 -16.12
CA UNK Q 4 13.86 39.58 -15.95
C UNK Q 4 15.08 39.89 -15.10
N UNK Q 5 15.19 41.14 -14.64
CA UNK Q 5 16.30 41.56 -13.82
C UNK Q 5 16.00 42.94 -13.26
N UNK Q 6 16.51 43.21 -12.07
CA UNK Q 6 16.30 44.49 -11.39
C UNK Q 6 17.25 44.54 -10.20
N UNK Q 7 17.14 45.63 -9.42
CA UNK Q 7 17.98 45.81 -8.25
C UNK Q 7 17.25 46.69 -7.26
N UNK Q 8 17.72 46.66 -6.01
CA UNK Q 8 17.14 47.45 -4.91
C UNK Q 8 18.29 48.05 -4.11
N UNK Q 9 18.67 49.27 -4.47
CA UNK Q 9 19.76 49.96 -3.79
C UNK Q 9 21.11 49.39 -4.20
N UNK R 1 15.85 53.21 -2.94
CA UNK R 1 15.15 52.91 -4.18
C UNK R 1 16.13 52.70 -5.34
N UNK R 2 15.91 53.45 -6.42
CA UNK R 2 16.76 53.37 -7.61
C UNK R 2 16.82 51.94 -8.16
N UNK R 3 15.65 51.45 -8.55
CA UNK R 3 15.53 50.10 -9.11
C UNK R 3 16.12 50.10 -10.51
N UNK R 4 17.34 49.60 -10.64
CA UNK R 4 18.00 49.54 -11.94
C UNK R 4 17.34 48.48 -12.82
N UNK R 5 17.17 48.81 -14.09
CA UNK R 5 16.55 47.90 -15.07
C UNK R 5 17.65 47.04 -15.67
N UNK R 6 17.82 45.84 -15.13
CA UNK R 6 18.83 44.92 -15.62
C UNK R 6 18.40 44.30 -16.94
N UNK R 7 19.21 43.39 -17.46
CA UNK R 7 18.91 42.72 -18.71
C UNK R 7 17.65 41.87 -18.56
N UNK R 8 17.12 41.43 -19.70
CA UNK R 8 15.91 40.60 -19.73
C UNK R 8 16.00 39.70 -20.96
N UNK R 9 16.33 38.43 -20.74
CA UNK R 9 16.44 37.44 -21.80
C UNK R 9 15.22 36.54 -21.73
N UNK R 10 14.28 36.76 -22.64
CA UNK R 10 13.04 35.98 -22.68
C UNK R 10 13.38 34.54 -23.09
N UNK R 11 13.25 33.62 -22.16
CA UNK R 11 13.52 32.21 -22.43
C UNK R 11 12.31 31.57 -23.11
N UNK R 12 12.33 30.24 -23.23
CA UNK R 12 11.22 29.53 -23.84
C UNK R 12 9.94 29.77 -23.04
N UNK R 13 8.82 29.88 -23.77
CA UNK R 13 7.51 30.12 -23.16
C UNK R 13 6.57 29.04 -23.68
N UNK R 14 6.50 27.93 -22.96
CA UNK R 14 5.64 26.81 -23.34
C UNK R 14 5.39 25.97 -22.10
N UNK R 15 4.13 25.79 -21.73
CA UNK R 15 3.77 24.99 -20.57
C UNK R 15 3.39 25.88 -19.39
N UNK S 1 0.47 53.68 -8.40
CA UNK S 1 -0.22 53.12 -7.23
C UNK S 1 -1.35 54.03 -6.78
N UNK S 2 -2.39 53.44 -6.22
CA UNK S 2 -3.54 54.20 -5.73
C UNK S 2 -3.84 53.95 -4.26
N UNK S 3 -3.65 52.72 -3.78
CA UNK S 3 -3.92 52.39 -2.39
C UNK S 3 -3.30 51.03 -2.09
N UNK S 4 -2.65 50.92 -0.94
CA UNK S 4 -2.00 49.69 -0.49
C UNK S 4 -2.71 49.21 0.76
N UNK S 5 -3.74 48.37 0.57
CA UNK S 5 -4.52 47.81 1.67
C UNK S 5 -4.38 46.30 1.60
N UNK S 6 -3.74 45.72 2.61
CA UNK S 6 -3.50 44.28 2.68
C UNK S 6 -3.87 43.79 4.08
N UNK S 7 -4.91 42.98 4.17
CA UNK S 7 -5.34 42.41 5.45
C UNK S 7 -4.43 41.26 5.83
N UNK S 8 -4.71 40.66 7.00
CA UNK S 8 -3.92 39.54 7.53
C UNK S 8 -4.89 38.39 7.82
N UNK S 9 -5.13 37.57 6.80
CA UNK S 9 -5.98 36.38 6.97
C UNK S 9 -5.47 35.19 6.17
N UNK S 10 -4.28 35.25 5.60
CA UNK S 10 -3.73 34.17 4.80
C UNK S 10 -2.20 34.31 4.78
N UNK S 11 -1.55 33.60 3.88
CA UNK S 11 -0.11 33.68 3.73
C UNK S 11 0.34 35.13 3.68
N UNK S 12 1.52 35.40 4.22
CA UNK S 12 2.04 36.77 4.28
C UNK S 12 2.51 37.25 2.92
N UNK S 13 1.58 37.43 2.00
CA UNK S 13 1.90 37.94 0.67
C UNK S 13 1.89 39.47 0.66
N UNK S 14 2.43 40.03 -0.41
CA UNK S 14 2.51 41.48 -0.57
C UNK S 14 1.90 41.87 -1.91
N UNK S 15 1.02 42.86 -1.90
CA UNK S 15 0.36 43.33 -3.10
C UNK S 15 -0.46 44.57 -2.76
N UNK S 16 -0.69 45.40 -3.77
CA UNK S 16 -1.46 46.62 -3.60
C UNK S 16 -2.12 47.04 -4.90
N UNK S 17 -2.70 49.82 -10.72
CA UNK S 17 -3.54 50.86 -10.12
C UNK S 17 -4.54 50.25 -9.14
N UNK S 18 -4.06 49.33 -8.32
CA UNK S 18 -4.91 48.68 -7.33
C UNK S 18 -5.08 49.54 -6.09
N UNK S 19 -6.09 53.51 -12.88
CA UNK S 19 -6.94 53.88 -14.01
C UNK S 19 -6.12 53.94 -15.30
N UNK S 20 -5.71 55.14 -15.68
CA UNK S 20 -4.92 55.30 -16.91
C UNK S 20 -3.60 54.54 -16.81
N UNK S 21 -2.95 54.59 -15.65
CA UNK S 21 -1.67 53.89 -15.49
C UNK S 21 -1.87 52.38 -15.62
N UNK S 22 -2.82 51.83 -14.87
CA UNK S 22 -3.07 50.39 -14.95
C UNK S 22 -3.49 49.98 -16.35
N UNK S 23 -4.28 50.81 -17.03
CA UNK S 23 -4.75 50.52 -18.38
C UNK S 23 -3.68 50.71 -19.44
N UNK S 24 -2.44 51.02 -19.04
CA UNK S 24 -1.38 51.20 -20.02
C UNK S 24 -1.13 49.92 -20.82
N UNK S 25 -0.74 48.85 -20.12
CA UNK S 25 -0.47 47.53 -20.68
C UNK S 25 0.87 47.46 -21.40
N UNK S 26 1.61 48.56 -21.53
CA UNK S 26 2.90 48.56 -22.20
C UNK S 26 3.95 49.31 -21.40
N UNK T 1 17.85 40.67 20.57
CA UNK T 1 18.60 39.41 20.67
C UNK T 1 17.71 38.22 20.37
N UNK T 2 16.48 38.24 20.89
CA UNK T 2 15.55 37.15 20.66
C UNK T 2 15.24 37.00 19.17
N UNK T 3 15.16 38.11 18.45
CA UNK T 3 14.88 38.04 17.02
C UNK T 3 15.96 37.27 16.28
N UNK T 4 17.22 37.41 16.71
CA UNK T 4 18.31 36.68 16.08
C UNK T 4 18.10 35.18 16.19
N UNK T 5 17.87 34.68 17.42
CA UNK T 5 17.65 33.25 17.62
C UNK T 5 16.39 32.80 16.90
N UNK T 6 15.36 33.64 16.86
CA UNK T 6 14.13 33.28 16.15
C UNK T 6 14.40 33.07 14.67
N UNK T 7 15.07 34.03 14.02
CA UNK T 7 15.37 33.90 12.61
C UNK T 7 16.35 32.77 12.34
N UNK T 8 17.19 32.43 13.32
CA UNK T 8 18.15 31.34 13.13
C UNK T 8 17.46 29.99 13.18
N UNK T 9 16.66 29.76 14.22
CA UNK T 9 15.97 28.48 14.36
C UNK T 9 15.02 28.24 13.19
N UNK T 10 14.04 29.13 13.01
CA UNK T 10 13.07 29.01 11.94
C UNK T 10 13.59 29.51 10.60
N UNK T 11 14.88 29.74 10.48
CA UNK T 11 15.50 30.22 9.24
C UNK T 11 16.46 29.15 8.70
N UNK T 12 17.15 29.50 7.62
CA UNK T 12 18.09 28.61 6.97
C UNK T 12 19.52 29.12 7.00
N UNK T 13 19.73 30.42 6.84
CA UNK T 13 21.07 31.02 6.86
C UNK T 13 21.97 30.40 5.79
N UNK T 14 21.54 30.57 4.53
CA UNK T 14 22.30 30.05 3.42
C UNK T 14 23.67 30.71 3.35
N UNK T 15 24.68 29.92 2.98
CA UNK T 15 26.05 30.42 2.88
C UNK T 15 26.37 30.91 1.47
N UNK T 16 26.21 30.04 0.48
CA UNK T 16 26.48 30.38 -0.92
C UNK T 16 25.24 30.34 -1.79
N UNK T 17 24.48 29.25 -1.74
CA UNK T 17 23.26 29.12 -2.54
C UNK T 17 23.60 28.75 -3.98
N UNK U 1 11.82 46.16 -48.49
CA UNK U 1 10.90 47.04 -47.80
C UNK U 1 9.73 46.26 -47.20
N UNK U 2 9.82 44.93 -47.26
CA UNK U 2 8.79 44.05 -46.74
C UNK U 2 8.96 43.74 -45.25
N UNK U 3 9.77 44.53 -44.53
CA UNK U 3 9.95 44.30 -43.11
C UNK U 3 8.65 44.49 -42.35
N UNK U 4 7.86 45.50 -42.71
CA UNK U 4 6.59 45.72 -42.05
C UNK U 4 5.65 44.54 -42.26
N UNK U 5 5.57 44.04 -43.50
CA UNK U 5 4.71 42.89 -43.78
C UNK U 5 5.18 41.65 -43.03
N UNK U 6 6.50 41.44 -42.98
CA UNK U 6 7.03 40.30 -42.24
C UNK U 6 6.69 40.39 -40.75
N UNK U 7 6.86 41.58 -40.16
CA UNK U 7 6.53 41.76 -38.75
C UNK U 7 5.05 41.54 -38.50
N UNK U 8 4.20 42.05 -39.39
CA UNK U 8 2.76 41.86 -39.24
C UNK U 8 2.39 40.38 -39.32
N UNK U 9 2.99 39.66 -40.27
CA UNK U 9 2.71 38.23 -40.39
C UNK U 9 3.19 37.46 -39.16
N UNK U 10 4.37 37.81 -38.64
CA UNK U 10 4.86 37.15 -37.45
C UNK U 10 3.95 37.42 -36.26
N UNK U 11 3.50 38.67 -36.10
CA UNK U 11 2.58 38.99 -35.00
C UNK U 11 1.28 38.24 -35.13
N UNK U 12 0.73 38.16 -36.35
CA UNK U 12 -0.52 37.42 -36.56
C UNK U 12 -0.34 35.95 -36.24
N UNK U 13 0.79 35.37 -36.66
CA UNK U 13 1.04 33.96 -36.38
C UNK U 13 1.18 33.72 -34.88
N UNK U 14 1.89 34.59 -34.18
CA UNK U 14 2.02 34.45 -32.73
C UNK U 14 0.67 34.56 -32.04
N UNK U 15 -0.16 35.51 -32.48
CA UNK U 15 -1.48 35.67 -31.90
C UNK U 15 -2.34 34.43 -32.13
N UNK U 16 -2.32 33.91 -33.36
CA UNK U 16 -3.08 32.69 -33.65
C UNK U 16 -2.60 31.52 -32.80
N UNK U 17 -1.28 31.39 -32.63
CA UNK U 17 -0.75 30.30 -31.83
C UNK U 17 -1.17 30.43 -30.37
N UNK U 18 -1.06 31.64 -29.81
CA UNK U 18 -1.42 31.85 -28.42
C UNK U 18 -2.93 31.76 -28.18
N UNK U 19 -3.74 31.98 -29.22
CA UNK U 19 -5.18 31.92 -29.05
C UNK U 19 -5.68 30.49 -28.91
N UNK U 20 -5.14 29.58 -29.73
CA UNK U 20 -5.59 28.20 -29.71
C UNK U 20 -5.20 27.51 -28.40
N UNK U 21 -3.90 27.44 -28.12
CA UNK U 21 -3.40 26.80 -26.91
C UNK U 21 -1.92 27.17 -26.77
N UNK U 22 -1.25 26.58 -25.79
CA UNK U 22 0.15 26.85 -25.56
C UNK U 22 0.99 26.33 -26.74
N UNK U 23 2.29 26.60 -26.67
CA UNK U 23 3.21 26.19 -27.73
C UNK U 23 3.09 24.69 -27.97
N UNK U 24 2.75 24.33 -29.22
CA UNK U 24 2.61 22.94 -29.61
C UNK U 24 3.34 22.74 -30.93
N UNK U 25 4.32 21.84 -30.93
CA UNK U 25 5.16 21.54 -32.09
C UNK U 25 6.27 22.56 -32.30
N UNK U 26 6.49 23.47 -31.35
CA UNK U 26 7.53 24.49 -31.47
C UNK U 26 7.26 25.44 -32.63
N UNK U 27 6.00 25.59 -33.01
CA UNK U 27 5.66 26.50 -34.11
C UNK U 27 5.99 27.94 -33.74
N UNK U 28 5.47 28.42 -32.61
CA UNK U 28 5.76 29.78 -32.17
C UNK U 28 7.26 29.96 -31.90
N UNK U 29 7.91 28.92 -31.38
CA UNK U 29 9.35 29.00 -31.15
C UNK U 29 10.10 29.24 -32.45
N UNK U 30 9.83 28.43 -33.47
CA UNK U 30 10.48 28.63 -34.76
C UNK U 30 10.14 29.97 -35.37
N UNK U 31 8.88 30.42 -35.20
CA UNK U 31 8.49 31.72 -35.75
C UNK U 31 9.26 32.85 -35.09
N UNK U 32 9.43 32.80 -33.77
CA UNK U 32 10.20 33.83 -33.08
C UNK U 32 11.64 33.83 -33.54
N UNK U 33 12.25 32.65 -33.64
CA UNK U 33 13.64 32.58 -34.09
C UNK U 33 13.79 33.14 -35.50
N UNK U 34 12.82 32.85 -36.38
CA UNK U 34 12.90 33.36 -37.75
C UNK U 34 12.71 34.88 -37.77
N UNK U 35 11.83 35.40 -36.92
CA UNK U 35 11.59 36.84 -36.87
C UNK U 35 12.70 37.61 -36.17
N UNK U 36 13.66 36.91 -35.55
CA UNK U 36 14.75 37.60 -34.85
C UNK U 36 15.67 38.34 -35.80
N UNK U 37 15.61 38.05 -37.10
CA UNK U 37 16.47 38.71 -38.07
C UNK U 37 15.90 40.07 -38.45
N UNK V 1 2.85 37.23 -56.24
CA UNK V 1 2.42 37.81 -54.98
C UNK V 1 0.94 38.16 -54.99
N UNK V 2 0.47 38.75 -56.09
CA UNK V 2 -0.94 39.10 -56.19
C UNK V 2 -1.82 37.86 -56.16
N UNK V 3 -1.42 36.80 -56.87
CA UNK V 3 -2.19 35.57 -56.87
C UNK V 3 -2.24 34.95 -55.49
N UNK V 4 -1.11 34.94 -54.78
CA UNK V 4 -1.09 34.38 -53.43
C UNK V 4 -1.96 35.20 -52.48
N UNK V 5 -1.91 36.52 -52.60
CA UNK V 5 -2.75 37.36 -51.77
C UNK V 5 -4.23 37.13 -52.04
N UNK V 6 -4.60 37.01 -53.33
CA UNK V 6 -5.99 36.73 -53.68
C UNK V 6 -6.44 35.38 -53.13
N UNK V 7 -5.58 34.37 -53.25
CA UNK V 7 -5.93 33.06 -52.72
C UNK V 7 -6.11 33.09 -51.21
N UNK V 8 -5.21 33.79 -50.51
CA UNK V 8 -5.33 33.89 -49.06
C UNK V 8 -6.61 34.62 -48.67
N UNK V 9 -6.95 35.70 -49.39
CA UNK V 9 -8.17 36.42 -49.09
C UNK V 9 -9.40 35.57 -49.33
N UNK V 10 -9.40 34.80 -50.44
CA UNK V 10 -10.52 33.91 -50.71
C UNK V 10 -10.66 32.84 -49.64
N UNK V 11 -9.54 32.26 -49.21
CA UNK V 11 -9.59 31.25 -48.15
C UNK V 11 -10.11 31.85 -46.85
N UNK V 12 -9.64 33.05 -46.49
CA UNK V 12 -10.13 33.70 -45.28
C UNK V 12 -11.63 33.96 -45.37
N UNK V 13 -12.11 34.46 -46.51
CA UNK V 13 -13.53 34.72 -46.67
C UNK V 13 -14.34 33.44 -46.57
N UNK V 14 -13.85 32.35 -47.17
CA UNK V 14 -14.56 31.08 -47.10
C UNK V 14 -14.60 30.55 -45.67
N UNK V 15 -13.50 30.65 -44.94
CA UNK V 15 -13.44 30.18 -43.56
C UNK V 15 -14.12 31.11 -42.58
N UNK V 16 -14.48 32.33 -42.98
CA UNK V 16 -15.15 33.27 -42.10
C UNK V 16 -16.57 32.81 -41.79
N UNK V 17 -17.47 33.77 -41.84
CA UNK V 17 -18.88 33.50 -41.56
C UNK V 17 -19.15 33.49 -40.06
N UNK W 1 -14.06 27.89 -23.84
CA UNK W 1 -14.69 27.19 -24.94
C UNK W 1 -15.05 28.15 -26.07
N UNK W 2 -16.31 28.61 -26.07
CA UNK W 2 -16.75 29.54 -27.10
C UNK W 2 -15.94 30.83 -27.07
N UNK W 3 -15.54 31.28 -25.87
CA UNK W 3 -14.75 32.50 -25.77
C UNK W 3 -13.42 32.36 -26.49
N UNK W 4 -12.69 31.28 -26.23
CA UNK W 4 -11.41 31.07 -26.89
C UNK W 4 -11.58 30.87 -28.38
N UNK W 5 -12.65 30.21 -28.79
CA UNK W 5 -12.92 30.02 -30.21
C UNK W 5 -13.13 31.36 -30.91
N UNK W 6 -13.96 32.23 -30.33
CA UNK W 6 -14.19 33.54 -30.91
C UNK W 6 -12.92 34.38 -30.91
N UNK W 7 -12.12 34.27 -29.85
CA UNK W 7 -10.85 35.01 -29.80
C UNK W 7 -9.93 34.56 -30.93
N UNK W 8 -9.79 33.26 -31.13
CA UNK W 8 -8.93 32.75 -32.20
C UNK W 8 -9.47 33.15 -33.56
N UNK W 9 -10.80 33.14 -33.73
CA UNK W 9 -11.39 33.56 -35.00
C UNK W 9 -11.09 35.02 -35.29
N UNK W 10 -11.26 35.88 -34.28
CA UNK W 10 -10.97 37.30 -34.46
C UNK W 10 -9.48 37.52 -34.75
N UNK W 11 -8.62 36.76 -34.09
CA UNK W 11 -7.18 36.90 -34.34
C UNK W 11 -6.83 36.49 -35.76
N UNK W 12 -7.40 35.38 -36.23
CA UNK W 12 -7.14 34.95 -37.61
C UNK W 12 -7.68 35.96 -38.61
N UNK W 13 -8.85 36.54 -38.33
CA UNK W 13 -9.42 37.54 -39.22
C UNK W 13 -8.53 38.77 -39.29
N UNK W 14 -8.05 39.23 -38.13
CA UNK W 14 -7.16 40.39 -38.11
C UNK W 14 -5.85 40.10 -38.84
N UNK W 15 -5.31 38.89 -38.67
CA UNK W 15 -4.08 38.54 -39.36
C UNK W 15 -4.29 38.50 -40.87
N UNK W 16 -5.40 37.93 -41.33
CA UNK W 16 -5.69 37.91 -42.75
C UNK W 16 -5.88 39.32 -43.31
N UNK W 17 -6.56 40.18 -42.56
CA UNK W 17 -6.74 41.56 -43.00
C UNK W 17 -5.40 42.27 -43.11
N UNK W 18 -4.53 42.10 -42.11
CA UNK W 18 -3.21 42.72 -42.16
C UNK W 18 -2.40 42.20 -43.34
N UNK W 19 -2.45 40.90 -43.59
CA UNK W 19 -1.68 40.34 -44.70
C UNK W 19 -2.24 40.77 -46.05
N UNK W 20 -3.54 41.06 -46.12
CA UNK W 20 -4.14 41.49 -47.38
C UNK W 20 -3.63 42.87 -47.80
N UNK W 21 -3.19 43.68 -46.85
CA UNK W 21 -2.67 45.01 -47.15
C UNK W 21 -1.23 44.94 -47.63
N UNK X 1 -17.73 21.16 -34.22
CA UNK X 1 -18.38 21.82 -35.34
C UNK X 1 -17.63 23.09 -35.74
N UNK X 2 -18.04 24.23 -35.15
CA UNK X 2 -17.39 25.49 -35.46
C UNK X 2 -15.93 25.48 -35.03
N UNK X 3 -15.64 24.95 -33.83
CA UNK X 3 -14.27 24.90 -33.36
C UNK X 3 -13.41 23.98 -34.25
N UNK X 4 -13.98 22.83 -34.64
CA UNK X 4 -13.24 21.92 -35.51
C UNK X 4 -12.95 22.56 -36.87
N UNK X 5 -13.94 23.26 -37.44
CA UNK X 5 -13.72 23.91 -38.72
C UNK X 5 -12.69 25.02 -38.59
N UNK X 6 -12.72 25.79 -37.51
CA UNK X 6 -11.72 26.84 -37.31
C UNK X 6 -10.33 26.24 -37.17
N UNK X 7 -10.20 25.14 -36.41
CA UNK X 7 -8.90 24.50 -36.26
C UNK X 7 -8.39 23.97 -37.59
N UNK X 8 -9.27 23.36 -38.39
CA UNK X 8 -8.87 22.86 -39.70
C UNK X 8 -8.42 24.00 -40.61
N UNK X 9 -9.16 25.10 -40.60
CA UNK X 9 -8.77 26.25 -41.43
C UNK X 9 -7.43 26.81 -40.99
N UNK X 10 -7.21 26.91 -39.68
CA UNK X 10 -5.93 27.42 -39.18
C UNK X 10 -4.78 26.49 -39.57
N UNK X 11 -4.99 25.18 -39.46
CA UNK X 11 -3.96 24.23 -39.85
C UNK X 11 -3.66 24.33 -41.34
N UNK X 12 -4.69 24.45 -42.17
CA UNK X 12 -4.48 24.59 -43.61
C UNK X 12 -3.72 25.88 -43.92
N UNK X 13 -4.08 26.98 -43.27
CA UNK X 13 -3.37 28.23 -43.49
C UNK X 13 -1.90 28.12 -43.08
N UNK X 14 -1.63 27.50 -41.93
CA UNK X 14 -0.26 27.33 -41.49
C UNK X 14 0.53 26.46 -42.45
N UNK X 15 -0.09 25.39 -42.96
CA UNK X 15 0.60 24.52 -43.90
C UNK X 15 0.90 25.25 -45.21
N UNK X 16 -0.06 26.03 -45.71
CA UNK X 16 0.12 26.77 -46.95
C UNK X 16 1.00 28.01 -46.79
N UNK X 17 1.29 28.43 -45.56
CA UNK X 17 2.13 29.59 -45.33
C UNK X 17 3.57 29.32 -45.75
N UNK X 18 4.32 28.72 -44.84
CA UNK X 18 5.72 28.40 -45.09
C UNK X 18 6.27 27.44 -44.03
N UNK Y 1 41.08 69.65 40.17
CA UNK Y 1 39.73 69.41 39.58
C UNK Y 1 39.69 69.84 38.11
N UNK Y 2 40.36 70.95 37.81
CA UNK Y 2 40.39 71.45 36.44
C UNK Y 2 41.08 70.46 35.50
N UNK Y 3 42.10 69.76 35.99
CA UNK Y 3 42.81 68.80 35.14
C UNK Y 3 41.87 67.67 34.72
N UNK Y 4 41.04 67.18 35.64
CA UNK Y 4 40.11 66.11 35.31
C UNK Y 4 39.08 66.58 34.28
N UNK Y 5 38.56 67.79 34.44
CA UNK Y 5 37.60 68.31 33.47
C UNK Y 5 38.24 68.49 32.10
N UNK Y 6 39.48 68.98 32.06
CA UNK Y 6 40.17 69.15 30.80
C UNK Y 6 40.42 67.79 30.12
N UNK Y 7 40.81 66.79 30.90
CA UNK Y 7 41.03 65.46 30.34
C UNK Y 7 39.72 64.87 29.80
N UNK Y 8 38.63 65.05 30.54
CA UNK Y 8 37.33 64.55 30.07
C UNK Y 8 36.91 65.25 28.79
N UNK Y 9 37.11 66.57 28.71
CA UNK Y 9 36.76 67.30 27.50
C UNK Y 9 37.62 66.85 26.32
N UNK Y 10 38.91 66.62 26.55
CA UNK Y 10 39.77 66.15 25.47
C UNK Y 10 39.36 64.75 25.01
N UNK Y 11 39.00 63.87 25.94
CA UNK Y 11 38.56 62.54 25.56
C UNK Y 11 37.25 62.60 24.77
N UNK Y 12 36.31 63.45 25.20
CA UNK Y 12 35.07 63.60 24.46
C UNK Y 12 35.32 64.15 23.06
N UNK Y 13 36.21 65.13 22.94
CA UNK Y 13 36.53 65.66 21.62
C UNK Y 13 37.18 64.63 20.72
N UNK Y 14 38.09 63.82 21.27
CA UNK Y 14 38.72 62.77 20.48
C UNK Y 14 37.70 61.73 20.04
N UNK Y 15 36.79 61.35 20.93
CA UNK Y 15 35.75 60.39 20.56
C UNK Y 15 34.85 60.96 19.47
N UNK Y 16 34.48 62.23 19.57
CA UNK Y 16 33.64 62.86 18.55
C UNK Y 16 34.37 62.92 17.22
N UNK Y 17 35.66 63.24 17.23
CA UNK Y 17 36.44 63.30 16.00
C UNK Y 17 36.53 61.91 15.36
N UNK Y 18 36.74 60.89 16.19
CA UNK Y 18 36.81 59.53 15.66
C UNK Y 18 35.47 59.11 15.06
N UNK Y 19 34.37 59.44 15.73
CA UNK Y 19 33.06 59.10 15.20
C UNK Y 19 32.80 59.82 13.88
N UNK Y 20 33.17 61.10 13.80
CA UNK Y 20 32.99 61.85 12.57
C UNK Y 20 33.83 61.27 11.43
N UNK Y 21 35.07 60.87 11.74
CA UNK Y 21 35.92 60.26 10.72
C UNK Y 21 35.35 58.94 10.25
N UNK Y 22 34.84 58.13 11.17
CA UNK Y 22 34.22 56.86 10.78
C UNK Y 22 32.99 57.09 9.91
N UNK Y 23 32.16 58.09 10.26
CA UNK Y 23 30.98 58.39 9.47
C UNK Y 23 31.37 58.88 8.08
N UNK Y 24 32.40 59.72 7.99
CA UNK Y 24 32.85 60.20 6.69
C UNK Y 24 33.39 59.05 5.84
N UNK Y 25 34.15 58.15 6.45
CA UNK Y 25 34.64 57.00 5.71
C UNK Y 25 33.52 56.10 5.22
N UNK Y 26 32.51 55.87 6.06
CA UNK Y 26 31.38 55.06 5.64
C UNK Y 26 30.62 55.72 4.50
N UNK Y 27 30.42 57.05 4.59
CA UNK Y 27 29.75 57.76 3.50
C UNK Y 27 30.55 57.69 2.21
N UNK Y 28 31.87 57.84 2.29
CA UNK Y 28 32.70 57.74 1.10
C UNK Y 28 32.64 56.35 0.50
N UNK Y 29 32.66 55.32 1.34
CA UNK Y 29 32.57 53.94 0.83
C UNK Y 29 31.22 53.70 0.16
N UNK Y 30 30.14 54.22 0.75
CA UNK Y 30 28.82 54.06 0.16
C UNK Y 30 28.73 54.77 -1.18
N UNK Y 31 29.31 55.98 -1.26
CA UNK Y 31 29.30 56.73 -2.51
C UNK Y 31 30.11 55.99 -3.58
N UNK Y 32 31.26 55.44 -3.19
CA UNK Y 32 32.07 54.69 -4.15
C UNK Y 32 31.33 53.45 -4.65
N UNK Y 33 30.65 52.74 -3.74
CA UNK Y 33 29.89 51.57 -4.14
C UNK Y 33 28.75 51.94 -5.08
N UNK Y 34 28.05 53.05 -4.78
CA UNK Y 34 26.98 53.49 -5.65
C UNK Y 34 27.51 53.88 -7.03
N UNK Y 35 28.65 54.56 -7.08
CA UNK Y 35 29.23 54.93 -8.36
C UNK Y 35 29.64 53.70 -9.15
N UNK Y 36 30.24 52.71 -8.48
CA UNK Y 36 30.63 51.48 -9.16
C UNK Y 36 29.41 50.75 -9.70
N UNK Y 37 28.33 50.69 -8.92
CA UNK Y 37 27.12 50.04 -9.38
C UNK Y 37 26.52 50.77 -10.58
N UNK Y 38 26.51 52.10 -10.54
CA UNK Y 38 25.99 52.87 -11.66
C UNK Y 38 26.83 52.65 -12.92
N UNK Y 39 28.15 52.60 -12.76
CA UNK Y 39 29.02 52.36 -13.90
C UNK Y 39 28.80 50.97 -14.48
N UNK Y 40 28.65 49.97 -13.61
CA UNK Y 40 28.42 48.60 -14.08
C UNK Y 40 27.06 48.46 -14.74
N UNK Y 41 26.07 49.25 -14.31
CA UNK Y 41 24.74 49.18 -14.91
C UNK Y 41 24.80 49.45 -16.41
N UNK Y 42 25.60 50.43 -16.82
CA UNK Y 42 25.71 50.76 -18.24
C UNK Y 42 27.05 51.44 -18.52
N UNK Y 43 25.23 54.42 -19.23
CA UNK Y 43 24.46 53.82 -18.15
C UNK Y 43 22.99 53.64 -18.56
N UNK Y 44 22.59 54.35 -19.62
CA UNK Y 44 21.21 54.26 -20.09
C UNK Y 44 21.01 53.03 -20.98
N UNK Y 45 21.78 52.93 -22.06
CA UNK Y 45 21.65 51.80 -22.98
C UNK Y 45 23.05 51.53 -23.55
N UNK Y 46 23.70 50.49 -23.04
CA UNK Y 46 25.04 50.13 -23.50
C UNK Y 46 25.37 48.76 -22.88
N UNK Y 47 26.53 48.22 -23.27
CA UNK Y 47 26.99 46.93 -22.78
C UNK Y 47 27.53 47.08 -21.35
N UNK Y 48 26.60 47.27 -20.42
CA UNK Y 48 26.96 47.43 -19.02
C UNK Y 48 27.58 46.15 -18.47
N UNK Y 49 28.11 46.25 -17.27
CA UNK Y 49 28.75 45.10 -16.60
C UNK Y 49 27.72 44.31 -15.79
N UNK Y 50 26.75 43.75 -16.51
CA UNK Y 50 25.69 42.95 -15.90
C UNK Y 50 25.47 41.72 -16.77
N UNK Y 51 25.80 40.55 -16.24
CA UNK Y 51 25.66 39.28 -16.94
C UNK Y 51 24.50 38.51 -16.34
N UNK Y 52 23.56 38.09 -17.19
CA UNK Y 52 22.38 37.32 -16.78
C UNK Y 52 22.30 36.09 -17.67
N UNK Y 53 22.95 35.00 -17.25
CA UNK Y 53 22.97 33.76 -18.02
C UNK Y 53 21.75 32.93 -17.61
N UNK Y 54 20.60 33.30 -18.17
CA UNK Y 54 19.34 32.61 -17.89
C UNK Y 54 19.27 31.37 -18.77
N UNK Y 55 19.56 30.21 -18.17
CA UNK Y 55 19.54 28.94 -18.89
C UNK Y 55 18.81 27.93 -18.02
N UNK Y 56 17.53 27.73 -18.29
CA UNK Y 56 16.73 26.78 -17.52
C UNK Y 56 17.00 25.36 -17.98
N UNK Y 57 16.65 24.40 -17.11
CA UNK Y 57 16.84 22.99 -17.38
C UNK Y 57 15.52 22.33 -17.73
N UNK Y 58 15.61 21.10 -18.26
CA UNK Y 58 14.43 20.35 -18.64
C UNK Y 58 13.89 19.58 -17.44
N UNK Y 59 12.93 18.70 -17.67
CA UNK Y 59 12.34 17.91 -16.60
C UNK Y 59 13.28 16.78 -16.18
N UNK Y 60 13.01 16.22 -15.01
CA UNK Y 60 13.81 15.12 -14.47
C UNK Y 60 13.02 13.84 -14.32
N UNK Y 61 11.82 13.90 -13.73
CA UNK Y 61 10.97 12.73 -13.53
C UNK Y 61 9.61 13.21 -13.08
N UNK Y 62 8.68 12.27 -12.92
CA UNK Y 62 7.32 12.63 -12.49
C UNK Y 62 7.34 13.28 -11.12
N UNK Y 63 7.77 12.53 -10.10
CA UNK Y 63 7.87 13.08 -8.76
C UNK Y 63 8.85 12.21 -7.98
N UNK Y 64 10.03 12.75 -7.67
CA UNK Y 64 11.04 12.06 -6.88
C UNK Y 64 11.38 10.67 -7.42
N UNK Y 65 11.10 10.43 -8.70
CA UNK Y 65 11.36 9.13 -9.31
C UNK Y 65 11.48 9.32 -10.82
N UNK Y 66 11.61 8.21 -11.54
CA UNK Y 66 11.72 8.24 -13.00
C UNK Y 66 10.97 7.04 -13.55
N UNK Y 67 11.20 6.74 -14.83
CA UNK Y 67 10.56 5.63 -15.51
C UNK Y 67 11.60 4.58 -15.88
N UNK Y 68 11.17 3.32 -15.85
CA UNK Y 68 12.03 2.18 -16.15
C UNK Y 68 11.47 1.42 -17.34
N UNK Y 69 12.34 0.62 -17.96
CA UNK Y 69 11.96 -0.19 -19.11
C UNK Y 69 12.86 -1.42 -19.18
N UNK Y 70 12.30 -2.49 -19.70
CA UNK Y 70 13.04 -3.75 -19.84
C UNK Y 70 12.40 -4.56 -20.96
N UNK Y 71 12.82 -5.82 -21.09
CA UNK Y 71 12.31 -6.70 -22.14
C UNK Y 71 10.94 -7.20 -21.72
N UNK Y 72 9.90 -6.75 -22.42
CA UNK Y 72 8.52 -7.16 -22.16
C UNK Y 72 8.08 -6.73 -20.76
N UNK Y 73 8.19 -5.43 -20.50
CA UNK Y 73 7.81 -4.85 -19.21
C UNK Y 73 6.35 -4.41 -19.29
N UNK Y 74 5.50 -5.02 -18.47
CA UNK Y 74 4.09 -4.69 -18.46
C UNK Y 74 3.87 -3.31 -17.85
N UNK Y 75 2.61 -2.89 -17.80
CA UNK Y 75 2.23 -1.59 -17.24
C UNK Y 75 2.28 -1.68 -15.71
N UNK Y 76 3.50 -1.60 -15.18
CA UNK Y 76 3.72 -1.68 -13.73
C UNK Y 76 3.33 -0.34 -13.13
N UNK Y 77 2.16 -0.29 -12.50
CA UNK Y 77 1.69 0.94 -11.88
C UNK Y 77 2.70 1.41 -10.82
N UNK Y 78 2.91 2.72 -10.77
CA UNK Y 78 3.85 3.29 -9.82
C UNK Y 78 3.22 3.40 -8.44
N UNK Y 79 4.07 3.31 -7.42
CA UNK Y 79 3.63 3.44 -6.02
C UNK Y 79 4.76 4.10 -5.25
N UNK Y 80 4.67 5.41 -5.09
CA UNK Y 80 5.71 6.17 -4.40
C UNK Y 80 5.51 6.09 -2.89
N UNK Y 81 6.61 5.84 -2.18
CA UNK Y 81 6.58 5.78 -0.72
C UNK Y 81 8.01 5.88 -0.22
N UNK Y 82 8.28 6.84 0.65
CA UNK Y 82 9.61 7.06 1.21
C UNK Y 82 9.47 8.01 2.39
N UNK Y 83 10.60 8.45 2.92
CA UNK Y 83 10.64 9.39 4.06
C UNK Y 83 9.97 8.79 5.29
N UNK Y 84 10.51 7.66 5.73
CA UNK Y 84 10.00 6.99 6.93
C UNK Y 84 10.20 7.87 8.16
N UNK Y 85 9.09 8.30 8.76
CA UNK Y 85 9.17 9.17 9.92
C UNK Y 85 9.81 8.43 11.10
N UNK Y 86 10.37 9.21 12.02
CA UNK Y 86 11.02 8.68 13.20
C UNK Y 86 10.05 8.73 14.39
N UNK Y 87 10.56 8.44 15.58
CA UNK Y 87 9.74 8.47 16.80
C UNK Y 87 9.58 9.90 17.28
N UNK Y 88 9.06 10.07 18.49
CA UNK Y 88 8.85 11.40 19.06
C UNK Y 88 9.88 11.77 20.11
N UNK Y 89 10.36 10.80 20.90
CA UNK Y 89 11.38 11.07 21.92
C UNK Y 89 12.25 9.81 22.03
N UNK Y 90 13.38 9.82 21.32
CA UNK Y 90 14.32 8.71 21.34
C UNK Y 90 15.58 9.15 20.60
N UNK Y 91 16.52 8.23 20.46
CA UNK Y 91 17.78 8.46 19.76
C UNK Y 91 17.82 7.50 18.58
N UNK Y 92 17.49 8.00 17.39
CA UNK Y 92 17.47 7.20 16.17
C UNK Y 92 18.44 7.77 15.15
N UNK Y 93 18.67 7.02 14.09
CA UNK Y 93 19.55 7.41 13.01
C UNK Y 93 18.74 7.85 11.79
N UNK Y 94 19.44 8.15 10.70
CA UNK Y 94 18.78 8.57 9.49
C UNK Y 94 17.93 7.45 8.92
N UNK Y 95 16.83 7.82 8.28
CA UNK Y 95 15.90 6.87 7.68
C UNK Y 95 16.16 6.73 6.18
N UNK Y 96 15.55 5.71 5.60
CA UNK Y 96 15.67 5.42 4.18
C UNK Y 96 14.30 5.18 3.59
N UNK Y 97 14.16 5.49 2.30
CA UNK Y 97 12.89 5.32 1.59
C UNK Y 97 12.82 3.93 1.00
N UNK Y 98 11.65 3.30 1.14
CA UNK Y 98 11.40 1.95 0.62
C UNK Y 98 10.13 2.02 -0.23
N UNK Y 99 10.31 2.31 -1.53
CA UNK Y 99 9.20 2.39 -2.46
C UNK Y 99 8.90 1.03 -3.07
N UNK Y 100 7.63 0.79 -3.36
CA UNK Y 100 7.18 -0.47 -3.95
C UNK Y 100 6.04 -0.17 -4.91
N UNK Y 101 6.22 -0.51 -6.17
CA UNK Y 101 5.20 -0.29 -7.19
C UNK Y 101 4.30 -1.51 -7.32
N UNK Y 102 3.30 -1.40 -8.18
CA UNK Y 102 2.35 -2.48 -8.43
C UNK Y 102 2.77 -3.29 -9.65
N UNK Y 103 2.21 -4.49 -9.77
CA UNK Y 103 2.50 -5.40 -10.86
C UNK Y 103 1.27 -5.49 -11.77
N UNK Y 104 1.51 -5.41 -13.08
CA UNK Y 104 0.42 -5.50 -14.05
C UNK Y 104 0.76 -6.36 -15.26
N UNK Y 105 1.92 -7.00 -15.27
CA UNK Y 105 2.33 -7.84 -16.40
C UNK Y 105 3.59 -8.59 -15.98
N UNK Y 106 4.11 -9.41 -16.89
CA UNK Y 106 5.31 -10.19 -16.63
C UNK Y 106 6.06 -10.41 -17.94
N UNK Y 107 7.28 -10.89 -17.82
CA UNK Y 107 8.13 -11.15 -18.98
C UNK Y 107 9.18 -12.18 -18.57
N UNK Y 108 10.18 -12.37 -19.43
CA UNK Y 108 11.25 -13.32 -19.16
C UNK Y 108 12.47 -12.69 -18.51
N UNK Y 109 12.66 -11.38 -18.63
CA UNK Y 109 13.78 -10.67 -18.04
C UNK Y 109 13.36 -9.70 -16.94
N UNK Y 110 12.44 -8.79 -17.26
CA UNK Y 110 11.94 -7.80 -16.30
C UNK Y 110 13.09 -7.02 -15.65
N UNK Y 111 13.90 -6.41 -16.51
CA UNK Y 111 15.05 -5.61 -16.07
C UNK Y 111 14.73 -4.15 -16.33
N UNK Y 112 14.32 -3.44 -15.28
CA UNK Y 112 13.98 -2.02 -15.39
C UNK Y 112 14.25 -1.38 -14.03
N UNK Y 113 15.39 -0.69 -13.92
CA UNK Y 113 15.79 -0.02 -12.69
C UNK Y 113 15.67 1.49 -12.91
N UNK Y 114 14.88 2.14 -12.06
CA UNK Y 114 14.68 3.59 -12.13
C UNK Y 114 14.73 4.13 -10.69
N UNK Y 115 15.92 4.55 -10.27
CA UNK Y 115 16.15 5.09 -8.93
C UNK Y 115 16.96 6.37 -9.05
N UNK Y 116 16.42 7.46 -8.53
CA UNK Y 116 17.09 8.76 -8.57
C UNK Y 116 16.85 9.46 -7.24
N UNK Y 117 17.29 10.71 -7.17
CA UNK Y 117 17.15 11.53 -5.96
C UNK Y 117 17.40 12.98 -6.35
N UNK Y 118 17.47 13.86 -5.35
CA UNK Y 118 17.72 15.27 -5.58
C UNK Y 118 18.15 15.91 -4.27
N UNK Y 119 19.11 16.82 -4.35
CA UNK Y 119 19.63 17.52 -3.19
C UNK Y 119 19.11 18.96 -3.17
N UNK Y 120 19.58 19.72 -2.19
CA UNK Y 120 19.16 21.11 -2.04
C UNK Y 120 20.30 21.96 -1.49
N UNK Z 1 46.06 77.62 34.60
CA UNK Z 1 45.14 78.73 34.20
C UNK Z 1 45.12 78.91 32.68
N UNK Z 2 46.19 79.50 32.15
CA UNK Z 2 46.26 79.71 30.70
C UNK Z 2 46.27 78.39 29.94
N UNK Z 3 46.89 77.36 30.52
CA UNK Z 3 46.93 76.06 29.85
C UNK Z 3 45.53 75.48 29.68
N UNK Z 4 44.69 75.60 30.71
CA UNK Z 4 43.33 75.08 30.61
C UNK Z 4 42.54 75.82 29.55
N UNK Z 5 42.68 77.14 29.48
CA UNK Z 5 41.97 77.91 28.46
C UNK Z 5 42.45 77.55 27.07
N UNK Z 6 43.77 77.38 26.90
CA UNK Z 6 44.30 76.98 25.60
C UNK Z 6 43.78 75.60 25.19
N UNK Z 7 43.74 74.67 26.13
CA UNK Z 7 43.21 73.35 25.82
C UNK Z 7 41.74 73.37 25.46
N UNK Z 8 40.95 74.18 26.19
CA UNK Z 8 39.53 74.29 25.87
C UNK Z 8 39.34 74.90 24.49
N UNK Z 9 40.13 75.91 24.15
CA UNK Z 9 40.04 76.51 22.83
C UNK Z 9 40.43 75.54 21.73
N UNK Z 10 41.49 74.77 21.95
CA UNK Z 10 41.89 73.78 20.96
C UNK Z 10 40.82 72.71 20.78
N UNK Z 11 40.21 72.26 21.89
CA UNK Z 11 39.15 71.27 21.79
C UNK Z 11 37.94 71.83 21.04
N UNK Z 12 37.58 73.08 21.32
CA UNK Z 12 36.46 73.70 20.61
C UNK Z 12 36.75 73.82 19.12
N UNK Z 13 37.97 74.24 18.77
CA UNK Z 13 38.34 74.35 17.36
C UNK Z 13 38.31 72.98 16.68
N UNK Z 14 38.80 71.94 17.35
CA UNK Z 14 38.77 70.60 16.78
C UNK Z 14 37.33 70.12 16.60
N UNK Z 15 36.47 70.38 17.57
CA UNK Z 15 35.07 69.97 17.44
C UNK Z 15 34.39 70.70 16.28
N UNK Z 16 34.68 72.00 16.14
CA UNK Z 16 34.10 72.75 15.03
C UNK Z 16 34.59 72.22 13.69
N UNK Z 17 35.89 71.93 13.59
CA UNK Z 17 36.43 71.38 12.34
C UNK Z 17 35.80 70.02 12.03
N UNK Z 18 35.64 69.17 13.05
CA UNK Z 18 35.02 67.87 12.83
C UNK Z 18 33.57 68.01 12.39
N UNK Z 19 32.83 68.94 12.99
CA UNK Z 19 31.44 69.16 12.59
C UNK Z 19 31.36 69.66 11.16
N UNK Z 20 32.26 70.59 10.78
CA UNK Z 20 32.27 71.08 9.41
C UNK Z 20 32.59 69.97 8.42
N UNK Z 21 33.56 69.12 8.76
CA UNK Z 21 33.91 68.01 7.89
C UNK Z 21 32.76 67.03 7.74
N UNK Z 22 32.06 66.74 8.85
CA UNK Z 22 30.92 65.83 8.80
C UNK Z 22 29.81 66.43 7.95
N UNK Z 23 29.56 67.74 8.08
CA UNK Z 23 28.53 68.37 7.27
C UNK Z 23 28.91 68.33 5.79
N UNK Z 24 30.17 68.59 5.46
CA UNK Z 24 30.60 68.54 4.06
C UNK Z 24 30.47 67.13 3.51
N UNK Z 25 30.83 66.12 4.30
CA UNK Z 25 30.71 64.74 3.84
C UNK Z 25 29.26 64.36 3.63
N UNK Z 26 28.37 64.79 4.53
CA UNK Z 26 26.95 64.50 4.37
C UNK Z 26 26.39 65.18 3.12
N UNK Z 27 26.79 66.43 2.88
CA UNK Z 27 26.33 67.12 1.68
C UNK Z 27 26.83 66.42 0.42
N UNK Z 28 28.09 65.99 0.41
CA UNK Z 28 28.63 65.30 -0.75
C UNK Z 28 27.91 63.97 -0.98
N UNK Z 29 27.62 63.24 0.10
CA UNK Z 29 26.91 61.98 -0.03
C UNK Z 29 25.50 62.19 -0.57
N UNK Z 30 24.82 63.23 -0.07
CA UNK Z 30 23.47 63.54 -0.56
C UNK Z 30 23.51 63.91 -2.05
N UNK Z 31 24.49 64.72 -2.45
CA UNK Z 31 24.61 65.08 -3.86
C UNK Z 31 24.88 63.87 -4.72
N UNK Z 32 25.76 62.97 -4.26
CA UNK Z 32 26.06 61.76 -5.02
C UNK Z 32 24.81 60.87 -5.14
N UNK Z 33 24.06 60.73 -4.05
CA UNK Z 33 22.84 59.93 -4.10
C UNK Z 33 21.82 60.54 -5.06
N UNK Z 34 21.67 61.87 -5.03
CA UNK Z 34 20.74 62.52 -5.94
C UNK Z 34 21.17 62.31 -7.39
N UNK Z 35 22.48 62.43 -7.66
CA UNK Z 35 22.97 62.24 -9.03
C UNK Z 35 22.73 60.80 -9.49
N UNK Z 36 22.97 59.83 -8.59
CA UNK Z 36 22.74 58.44 -8.95
C UNK Z 36 21.26 58.17 -9.21
N UNK Z 37 20.38 58.75 -8.39
CA UNK Z 37 18.95 58.58 -8.61
C UNK Z 37 18.51 59.20 -9.93
N UNK Z 38 19.04 60.38 -10.25
CA UNK Z 38 18.70 61.02 -11.52
C UNK Z 38 19.19 60.18 -12.69
N UNK Z 39 20.39 59.64 -12.59
CA UNK Z 39 20.93 58.80 -13.66
C UNK Z 39 20.09 57.54 -13.83
N UNK Z 40 19.68 56.92 -12.73
CA UNK Z 40 18.84 55.73 -12.81
C UNK Z 40 17.48 56.05 -13.42
N UNK Z 41 16.89 57.18 -13.05
CA UNK Z 41 15.60 57.55 -13.61
C UNK Z 41 15.71 57.85 -15.10
N UNK Z 42 16.81 58.50 -15.52
CA UNK Z 42 17.00 58.82 -16.93
C UNK Z 42 17.12 57.55 -17.77
N UNK Z 43 17.80 56.54 -17.24
CA UNK Z 43 17.98 55.28 -17.97
C UNK Z 43 17.07 54.20 -17.40
N UNK AA 1 -48.67 -28.52 -38.04
CA UNK AA 1 -48.40 -27.99 -36.67
C UNK AA 1 -47.14 -28.60 -36.08
N UNK AA 2 -46.95 -29.91 -36.32
CA UNK AA 2 -45.78 -30.58 -35.80
C UNK AA 2 -44.49 -30.02 -36.39
N UNK AA 3 -44.53 -29.61 -37.66
CA UNK AA 3 -43.33 -29.06 -38.30
C UNK AA 3 -42.90 -27.78 -37.61
N UNK AA 4 -43.85 -26.92 -37.26
CA UNK AA 4 -43.51 -25.68 -36.58
C UNK AA 4 -42.91 -25.95 -35.20
N UNK AA 5 -43.48 -26.88 -34.46
CA UNK AA 5 -42.94 -27.22 -33.15
C UNK AA 5 -41.53 -27.80 -33.27
N UNK AA 6 -41.31 -28.65 -34.27
CA UNK AA 6 -39.97 -29.22 -34.47
C UNK AA 6 -38.97 -28.13 -34.84
N UNK AA 7 -39.37 -27.19 -35.71
CA UNK AA 7 -38.46 -26.10 -36.07
C UNK AA 7 -38.14 -25.22 -34.86
N UNK AA 8 -39.14 -24.94 -34.04
CA UNK AA 8 -38.90 -24.13 -32.84
C UNK AA 8 -37.98 -24.85 -31.88
N UNK AA 9 -38.17 -26.16 -31.71
CA UNK AA 9 -37.29 -26.92 -30.83
C UNK AA 9 -35.87 -26.94 -31.35
N UNK AA 10 -35.71 -27.11 -32.67
CA UNK AA 10 -34.37 -27.10 -33.25
C UNK AA 10 -33.70 -25.74 -33.09
N UNK AA 11 -34.45 -24.66 -33.28
CA UNK AA 11 -33.89 -23.33 -33.08
C UNK AA 11 -33.48 -23.10 -31.63
N UNK AA 12 -34.33 -23.53 -30.69
CA UNK AA 12 -33.98 -23.40 -29.28
C UNK AA 12 -32.74 -24.20 -28.94
N UNK AA 13 -32.63 -25.43 -29.47
CA UNK AA 13 -31.45 -26.22 -29.22
C UNK AA 13 -30.19 -25.60 -29.80
N UNK AA 14 -30.29 -25.04 -31.01
CA UNK AA 14 -29.14 -24.38 -31.61
C UNK AA 14 -28.72 -23.15 -30.80
N UNK AA 15 -29.70 -22.38 -30.33
CA UNK AA 15 -29.38 -21.21 -29.51
C UNK AA 15 -28.71 -21.63 -28.20
N UNK AA 16 -29.22 -22.70 -27.58
CA UNK AA 16 -28.63 -23.17 -26.34
C UNK AA 16 -27.20 -23.68 -26.58
N UNK AA 17 -26.98 -24.37 -27.69
CA UNK AA 17 -25.63 -24.86 -28.00
C UNK AA 17 -24.69 -23.69 -28.24
N UNK AA 18 -25.15 -22.66 -28.94
CA UNK AA 18 -24.31 -21.49 -29.17
C UNK AA 18 -23.98 -20.77 -27.86
N UNK AA 19 -24.98 -20.64 -26.98
CA UNK AA 19 -24.73 -20.01 -25.69
C UNK AA 19 -23.74 -20.82 -24.86
N UNK AA 20 -23.87 -22.15 -24.87
CA UNK AA 20 -22.95 -22.99 -24.13
C UNK AA 20 -21.54 -22.89 -24.70
N UNK AA 21 -21.40 -22.84 -26.02
CA UNK AA 21 -20.09 -22.69 -26.62
C UNK AA 21 -19.46 -21.35 -26.27
N UNK AA 22 -20.26 -20.28 -26.29
CA UNK AA 22 -19.74 -18.97 -25.92
C UNK AA 22 -19.30 -18.96 -24.45
N UNK AA 23 -20.09 -19.57 -23.57
CA UNK AA 23 -19.72 -19.63 -22.16
C UNK AA 23 -18.45 -20.43 -21.96
N UNK AA 24 -18.31 -21.56 -22.67
CA UNK AA 24 -17.10 -22.36 -22.55
C UNK AA 24 -15.88 -21.58 -23.06
N UNK AA 25 -16.03 -20.86 -24.17
CA UNK AA 25 -14.93 -20.05 -24.66
C UNK AA 25 -14.53 -18.96 -23.68
N UNK AA 26 -15.52 -18.29 -23.10
CA UNK AA 26 -15.23 -17.25 -22.11
C UNK AA 26 -14.52 -17.84 -20.89
N UNK AA 27 -14.98 -19.01 -20.43
CA UNK AA 27 -14.34 -19.64 -19.28
C UNK AA 27 -12.91 -20.06 -19.60
N UNK AA 28 -12.67 -20.57 -20.81
CA UNK AA 28 -11.32 -20.95 -21.20
C UNK AA 28 -10.43 -19.72 -21.29
N UNK AA 29 -10.93 -18.62 -21.83
CA UNK AA 29 -10.14 -17.40 -21.89
C UNK AA 29 -9.81 -16.88 -20.49
N UNK AA 30 -10.78 -16.93 -19.58
CA UNK AA 30 -10.54 -16.48 -18.21
C UNK AA 30 -9.50 -17.37 -17.54
N UNK AA 31 -9.59 -18.68 -17.74
CA UNK AA 31 -8.62 -19.60 -17.15
C UNK AA 31 -7.23 -19.35 -17.71
N UNK AA 32 -7.13 -19.10 -19.02
CA UNK AA 32 -5.82 -18.81 -19.61
C UNK AA 32 -5.25 -17.51 -19.07
N UNK AA 33 -6.09 -16.49 -18.91
CA UNK AA 33 -5.61 -15.22 -18.35
C UNK AA 33 -5.15 -15.40 -16.92
N UNK AA 34 -5.89 -16.17 -16.12
CA UNK AA 34 -5.49 -16.41 -14.75
C UNK AA 34 -4.17 -17.18 -14.68
N UNK AA 35 -4.01 -18.18 -15.54
CA UNK AA 35 -2.76 -18.94 -15.57
C UNK AA 35 -1.59 -18.05 -15.97
N UNK AA 36 -1.79 -17.19 -16.97
CA UNK AA 36 -0.73 -16.27 -17.37
C UNK AA 36 -0.36 -15.31 -16.25
N UNK AA 37 -1.38 -14.79 -15.54
CA UNK AA 37 -1.10 -13.89 -14.42
C UNK AA 37 -0.35 -14.60 -13.31
N UNK AA 38 -0.73 -15.85 -13.01
CA UNK AA 38 -0.04 -16.61 -11.97
C UNK AA 38 1.40 -16.89 -12.37
N UNK AA 39 1.63 -17.22 -13.65
CA UNK AA 39 2.99 -17.47 -14.12
C UNK AA 39 3.83 -16.20 -14.04
N UNK AA 40 3.24 -15.06 -14.42
CA UNK AA 40 3.97 -13.79 -14.34
C UNK AA 40 4.30 -13.43 -12.90
N UNK AA 41 3.36 -13.66 -11.98
CA UNK AA 41 3.61 -13.34 -10.58
C UNK AA 41 4.74 -14.17 -10.01
N UNK AA 42 4.81 -15.43 -10.39
CA UNK AA 42 5.87 -16.32 -9.90
C UNK AA 42 7.16 -16.10 -10.67
N UNK AA 43 13.17 -15.63 -8.26
CA UNK AA 43 13.80 -16.69 -7.50
C UNK AA 43 13.90 -16.32 -6.02
N UNK AA 44 14.45 -17.22 -5.22
CA UNK AA 44 14.61 -16.96 -3.79
C UNK AA 44 15.84 -16.10 -3.50
N UNK AA 45 17.01 -16.58 -3.90
CA UNK AA 45 18.26 -15.84 -3.68
C UNK AA 45 19.18 -16.17 -4.86
N UNK AA 46 19.19 -15.29 -5.85
CA UNK AA 46 20.02 -15.47 -7.04
C UNK AA 46 19.90 -14.21 -7.89
N UNK AA 47 20.62 -14.18 -9.00
CA UNK AA 47 20.62 -13.05 -9.93
C UNK AA 47 19.36 -13.11 -10.79
N UNK AA 48 18.21 -12.95 -10.13
CA UNK AA 48 16.93 -12.99 -10.80
C UNK AA 48 16.79 -11.79 -11.75
N UNK AA 49 15.68 -11.78 -12.50
CA UNK AA 49 15.41 -10.71 -13.46
C UNK AA 49 14.73 -9.54 -12.73
N UNK AA 50 15.51 -8.92 -11.85
CA UNK AA 50 15.05 -7.77 -11.07
C UNK AA 50 16.17 -6.74 -11.07
N UNK AA 51 15.95 -5.62 -11.75
CA UNK AA 51 16.92 -4.55 -11.85
C UNK AA 51 16.44 -3.36 -11.03
N UNK AA 52 17.31 -2.87 -10.13
CA UNK AA 52 17.01 -1.73 -9.27
C UNK AA 52 18.16 -0.75 -9.41
N UNK AA 53 18.06 0.16 -10.38
CA UNK AA 53 19.11 1.16 -10.63
C UNK AA 53 18.87 2.35 -9.71
N UNK AA 54 19.24 2.17 -8.44
CA UNK AA 54 19.09 3.22 -7.44
C UNK AA 54 20.31 4.14 -7.52
N UNK AA 55 20.17 5.25 -8.24
CA UNK AA 55 21.25 6.21 -8.42
C UNK AA 55 20.65 7.61 -8.27
N UNK AA 56 20.77 8.16 -7.07
CA UNK AA 56 20.25 9.50 -6.79
C UNK AA 56 21.22 10.56 -7.33
N UNK AA 57 20.70 11.76 -7.49
CA UNK AA 57 21.47 12.89 -8.00
C UNK AA 57 21.80 13.85 -6.86
N UNK AA 58 22.73 14.76 -7.14
CA UNK AA 58 23.17 15.75 -6.17
C UNK AA 58 22.24 16.96 -6.21
N UNK AA 59 22.61 18.03 -5.49
CA UNK AA 59 21.80 19.23 -5.45
C UNK AA 59 21.96 20.02 -6.75
N UNK AA 60 21.02 20.95 -6.98
CA UNK AA 60 21.02 21.79 -8.16
C UNK AA 60 21.20 23.27 -7.83
N UNK AA 61 20.46 23.78 -6.86
CA UNK AA 61 20.54 25.18 -6.47
C UNK AA 61 19.74 25.35 -5.18
N UNK AA 62 19.78 26.56 -4.63
CA UNK AA 62 19.07 26.85 -3.40
C UNK AA 62 17.56 26.64 -3.58
N UNK AA 63 16.94 27.43 -4.45
CA UNK AA 63 15.52 27.28 -4.73
C UNK AA 63 15.25 27.93 -6.08
N UNK AA 64 14.96 27.11 -7.10
CA UNK AA 64 14.61 27.59 -8.43
C UNK AA 64 15.65 28.56 -9.00
N UNK AA 65 16.87 28.52 -8.50
CA UNK AA 65 17.93 29.42 -8.94
C UNK AA 65 19.27 28.79 -8.60
N UNK AA 66 20.35 29.54 -8.85
CA UNK AA 66 21.70 29.08 -8.57
C UNK AA 66 22.52 30.27 -8.08
N UNK AA 67 23.83 30.09 -8.04
CA UNK AA 67 24.76 31.13 -7.59
C UNK AA 67 25.61 31.61 -8.77
N UNK AA 68 25.94 32.90 -8.75
CA UNK AA 68 26.74 33.52 -9.79
C UNK AA 68 28.02 34.09 -9.19
N UNK AA 69 29.00 34.32 -10.06
CA UNK AA 69 30.28 34.88 -9.65
C UNK AA 69 30.90 35.63 -10.81
N UNK AA 70 31.68 36.65 -10.48
CA UNK AA 70 32.33 37.49 -11.49
C UNK AA 70 33.55 38.14 -10.85
N UNK AA 71 34.17 39.07 -11.57
CA UNK AA 71 35.36 39.76 -11.10
C UNK AA 71 34.94 40.82 -10.08
N UNK AA 72 35.28 40.59 -8.82
CA UNK AA 72 34.97 41.52 -7.73
C UNK AA 72 33.46 41.68 -7.56
N UNK AA 73 32.79 40.56 -7.34
CA UNK AA 73 31.34 40.52 -7.14
C UNK AA 73 31.04 40.59 -5.65
N UNK AA 74 30.38 41.66 -5.22
CA UNK AA 74 30.05 41.83 -3.82
C UNK AA 74 28.98 40.84 -3.39
N UNK AA 75 28.61 40.89 -2.12
CA UNK AA 75 27.59 40.02 -1.56
C UNK AA 75 26.21 40.53 -1.98
N UNK AA 76 25.85 40.20 -3.22
CA UNK AA 76 24.56 40.61 -3.79
C UNK AA 76 23.48 39.71 -3.21
N UNK AA 77 22.71 40.25 -2.27
CA UNK AA 77 21.63 39.48 -1.66
C UNK AA 77 20.65 39.00 -2.73
N UNK AA 78 20.21 37.76 -2.59
CA UNK AA 78 19.29 37.17 -3.56
C UNK AA 78 17.86 37.65 -3.29
N UNK AA 79 17.06 37.68 -4.36
CA UNK AA 79 15.66 38.08 -4.25
C UNK AA 79 14.88 37.28 -5.29
N UNK AA 80 14.29 36.18 -4.86
CA UNK AA 80 13.57 35.30 -5.77
C UNK AA 80 12.14 35.80 -5.97
N UNK AA 81 11.71 35.81 -7.22
CA UNK AA 81 10.34 36.23 -7.55
C UNK AA 81 10.01 35.83 -8.99
N UNK AA 82 8.90 35.14 -9.18
CA UNK AA 82 8.46 34.69 -10.50
C UNK AA 82 7.01 34.22 -10.39
N UNK AA 83 6.51 33.60 -11.45
CA UNK AA 83 5.15 33.07 -11.49
C UNK AA 83 4.11 34.19 -11.28
N UNK AA 84 4.14 35.16 -12.18
CA UNK AA 84 3.19 36.26 -12.14
C UNK AA 84 1.78 35.77 -12.40
N UNK AA 85 0.91 35.88 -11.40
CA UNK AA 85 -0.45 35.41 -11.55
C UNK AA 85 -1.19 36.17 -12.65
N UNK AA 86 -2.20 35.53 -13.21
CA UNK AA 86 -3.01 36.13 -14.27
C UNK AA 86 -4.28 36.73 -13.67
N UNK AA 87 -5.21 37.13 -14.53
CA UNK AA 87 -6.47 37.71 -14.10
C UNK AA 87 -7.43 36.60 -13.67
N UNK AA 88 -8.69 36.96 -13.45
CA UNK AA 88 -9.70 36.00 -13.03
C UNK AA 88 -10.63 35.58 -14.16
N UNK AA 89 -10.96 36.49 -15.09
CA UNK AA 89 -11.83 36.15 -16.21
C UNK AA 89 -11.37 37.00 -17.41
N UNK AA 90 -10.55 36.40 -18.25
CA UNK AA 90 -10.04 37.06 -19.45
C UNK AA 90 -9.31 36.02 -20.28
N UNK AA 91 -8.73 36.47 -21.40
CA UNK AA 91 -7.96 35.62 -22.29
C UNK AA 91 -6.54 36.15 -22.35
N UNK AA 92 -5.64 35.52 -21.59
CA UNK AA 92 -4.24 35.92 -21.51
C UNK AA 92 -3.36 34.78 -21.98
N UNK AA 93 -2.07 35.10 -22.16
CA UNK AA 93 -1.08 34.13 -22.60
C UNK AA 93 -0.22 33.70 -21.41
N UNK AA 94 0.78 32.88 -21.69
CA UNK AA 94 1.66 32.39 -20.64
C UNK AA 94 2.44 33.55 -20.02
N UNK AA 95 2.70 33.42 -18.72
CA UNK AA 95 3.42 34.45 -17.97
C UNK AA 95 4.89 34.09 -17.86
N UNK AA 96 5.68 35.05 -17.38
CA UNK AA 96 7.11 34.87 -17.20
C UNK AA 96 7.53 35.46 -15.86
N UNK AA 97 8.56 34.86 -15.27
CA UNK AA 97 9.07 35.31 -13.98
C UNK AA 97 10.16 36.35 -14.18
N UNK AA 98 10.11 37.41 -13.37
CA UNK AA 98 11.08 38.50 -13.42
C UNK AA 98 11.65 38.69 -12.02
N UNK AA 99 12.73 37.97 -11.72
CA UNK AA 99 13.38 38.04 -10.42
C UNK AA 99 14.43 39.15 -10.43
N UNK AA 100 14.61 39.78 -9.26
CA UNK AA 100 15.57 40.86 -9.10
C UNK AA 100 16.17 40.75 -7.71
N UNK AA 101 17.49 40.64 -7.64
CA UNK AA 101 18.20 40.55 -6.38
C UNK AA 101 18.61 41.94 -5.89
N UNK AA 102 19.23 41.98 -4.72
CA UNK AA 102 19.69 43.22 -4.12
C UNK AA 102 21.16 43.45 -4.43
N UNK AA 103 21.60 44.70 -4.24
CA UNK AA 103 22.97 45.10 -4.50
C UNK AA 103 23.67 45.37 -3.18
N UNK AA 104 24.90 44.86 -3.04
CA UNK AA 104 25.67 45.05 -1.82
C UNK AA 104 27.13 45.38 -2.06
N UNK AA 105 27.56 45.56 -3.30
CA UNK AA 105 28.95 45.87 -3.63
C UNK AA 105 29.01 46.26 -5.09
N UNK AA 106 30.23 46.51 -5.57
CA UNK AA 106 30.45 46.89 -6.95
C UNK AA 106 31.83 46.44 -7.39
N UNK AA 107 32.05 46.47 -8.70
CA UNK AA 107 33.33 46.06 -9.29
C UNK AA 107 33.46 46.72 -10.65
N UNK AA 108 34.45 46.27 -11.43
CA UNK AA 108 34.69 46.82 -12.75
C UNK AA 108 34.06 46.00 -13.87
N UNK AA 109 33.78 44.72 -13.63
CA UNK AA 109 33.17 43.85 -14.63
C UNK AA 109 31.76 43.41 -14.25
N UNK AA 110 31.59 42.83 -13.06
CA UNK AA 110 30.29 42.37 -12.58
C UNK AA 110 29.62 41.44 -13.59
N UNK AA 111 30.34 40.38 -13.95
CA UNK AA 111 29.86 39.38 -14.90
C UNK AA 111 29.57 38.10 -14.12
N UNK AA 112 28.29 37.90 -13.77
CA UNK AA 112 27.89 36.71 -13.03
C UNK AA 112 26.44 36.42 -13.39
N UNK AA 113 26.24 35.45 -14.28
CA UNK AA 113 24.92 35.05 -14.74
C UNK AA 113 24.57 33.71 -14.12
N UNK AA 114 23.45 33.65 -13.39
CA UNK AA 114 22.99 32.42 -12.74
C UNK AA 114 21.47 32.34 -12.97
N UNK AA 115 21.08 31.66 -14.04
CA UNK AA 115 19.67 31.49 -14.39
C UNK AA 115 19.44 30.04 -14.78
N UNK AA 116 18.52 29.38 -14.10
CA UNK AA 116 18.19 27.99 -14.36
C UNK AA 116 16.68 27.80 -14.24
N UNK AA 117 16.24 26.56 -14.36
CA UNK AA 117 14.82 26.21 -14.27
C UNK AA 117 14.73 24.70 -14.08
N UNK AA 118 13.51 24.17 -14.12
CA UNK AA 118 13.29 22.74 -13.96
C UNK AA 118 11.88 22.40 -14.44
N UNK AA 119 11.75 21.27 -15.09
CA UNK AA 119 10.48 20.80 -15.63
C UNK AA 119 9.94 19.65 -14.76
N UNK AA 120 8.81 19.10 -15.19
CA UNK AA 120 8.18 18.00 -14.48
C UNK AA 120 7.67 16.94 -15.44
N UNK BA 1 -43.12 -40.26 -41.44
CA UNK BA 1 -43.72 -39.05 -40.82
C UNK BA 1 -43.40 -38.98 -39.34
N UNK BA 2 -44.07 -39.82 -38.54
CA UNK BA 2 -43.82 -39.82 -37.10
C UNK BA 2 -42.39 -40.23 -36.77
N UNK BA 3 -41.82 -41.13 -37.58
CA UNK BA 3 -40.45 -41.57 -37.32
C UNK BA 3 -39.47 -40.42 -37.48
N UNK BA 4 -39.67 -39.58 -38.49
CA UNK BA 4 -38.77 -38.44 -38.69
C UNK BA 4 -38.87 -37.46 -37.54
N UNK BA 5 -40.09 -37.19 -37.06
CA UNK BA 5 -40.25 -36.28 -35.93
C UNK BA 5 -39.62 -36.85 -34.68
N UNK BA 6 -39.79 -38.15 -34.44
CA UNK BA 6 -39.17 -38.78 -33.27
C UNK BA 6 -37.65 -38.70 -33.35
N UNK BA 7 -37.09 -38.95 -34.54
CA UNK BA 7 -35.65 -38.86 -34.69
C UNK BA 7 -35.14 -37.44 -34.48
N UNK BA 8 -35.86 -36.45 -35.00
CA UNK BA 8 -35.46 -35.06 -34.81
C UNK BA 8 -35.50 -34.70 -33.33
N UNK BA 9 -36.55 -35.14 -32.63
CA UNK BA 9 -36.64 -34.87 -31.20
C UNK BA 9 -35.52 -35.53 -30.42
N UNK BA 10 -35.21 -36.78 -30.75
CA UNK BA 10 -34.11 -37.47 -30.07
C UNK BA 10 -32.79 -36.77 -30.33
N UNK BA 11 -32.55 -36.32 -31.57
CA UNK BA 11 -31.33 -35.62 -31.88
C UNK BA 11 -31.24 -34.30 -31.13
N UNK BA 12 -32.36 -33.58 -31.04
CA UNK BA 12 -32.36 -32.32 -30.29
C UNK BA 12 -32.08 -32.56 -28.82
N UNK BA 13 -32.70 -33.60 -28.23
CA UNK BA 13 -32.45 -33.90 -26.83
C UNK BA 13 -30.99 -34.29 -26.60
N UNK BA 14 -30.41 -35.08 -27.51
CA UNK BA 14 -29.02 -35.46 -27.38
C UNK BA 14 -28.10 -34.25 -27.48
N UNK BA 15 -28.40 -33.34 -28.40
CA UNK BA 15 -27.59 -32.13 -28.55
C UNK BA 15 -27.68 -31.28 -27.30
N UNK BA 16 -28.89 -31.15 -26.74
CA UNK BA 16 -29.06 -30.36 -25.52
C UNK BA 16 -28.29 -30.98 -24.36
N UNK BA 17 -28.37 -32.32 -24.22
CA UNK BA 17 -27.63 -32.99 -23.16
C UNK BA 17 -26.12 -32.81 -23.33
N UNK BA 18 -25.63 -32.91 -24.57
CA UNK BA 18 -24.21 -32.72 -24.81
C UNK BA 18 -23.78 -31.30 -24.49
N UNK BA 19 -24.60 -30.31 -24.86
CA UNK BA 19 -24.27 -28.93 -24.54
C UNK BA 19 -24.24 -28.70 -23.04
N UNK BA 20 -25.22 -29.26 -22.32
CA UNK BA 20 -25.23 -29.12 -20.87
C UNK BA 20 -24.02 -29.77 -20.23
N UNK BA 21 -23.63 -30.95 -20.72
CA UNK BA 21 -22.45 -31.63 -20.19
C UNK BA 21 -21.19 -30.82 -20.46
N UNK BA 22 -21.07 -30.26 -21.67
CA UNK BA 22 -19.91 -29.44 -22.00
C UNK BA 22 -19.84 -28.20 -21.12
N UNK BA 23 -21.00 -27.57 -20.88
CA UNK BA 23 -21.02 -26.40 -20.01
C UNK BA 23 -20.62 -26.76 -18.59
N UNK BA 24 -21.13 -27.88 -18.08
CA UNK BA 24 -20.76 -28.30 -16.73
C UNK BA 24 -19.27 -28.62 -16.64
N UNK BA 25 -18.71 -29.27 -17.66
CA UNK BA 25 -17.29 -29.58 -17.66
C UNK BA 25 -16.46 -28.31 -17.70
N UNK BA 26 -16.87 -27.33 -18.52
CA UNK BA 26 -16.15 -26.07 -18.59
C UNK BA 26 -16.20 -25.33 -17.26
N UNK BA 27 -17.37 -25.32 -16.61
CA UNK BA 27 -17.48 -24.67 -15.30
C UNK BA 27 -16.59 -25.37 -14.27
N UNK BA 28 -16.57 -26.70 -14.28
CA UNK BA 28 -15.73 -27.42 -13.33
C UNK BA 28 -14.25 -27.14 -13.59
N UNK BA 29 -13.85 -27.10 -14.86
CA UNK BA 29 -12.46 -26.80 -15.18
C UNK BA 29 -12.08 -25.39 -14.75
N UNK BA 30 -12.98 -24.42 -14.97
CA UNK BA 30 -12.72 -23.06 -14.53
C UNK BA 30 -12.59 -22.98 -13.02
N UNK BA 31 -13.47 -23.66 -12.29
CA UNK BA 31 -13.39 -23.66 -10.84
C UNK BA 31 -12.09 -24.29 -10.36
N UNK BA 32 -11.69 -25.40 -10.98
CA UNK BA 32 -10.44 -26.04 -10.59
C UNK BA 32 -9.24 -25.14 -10.87
N UNK BA 33 -9.24 -24.47 -12.02
CA UNK BA 33 -8.15 -23.55 -12.33
C UNK BA 33 -8.10 -22.39 -11.35
N UNK BA 34 -9.26 -21.85 -10.99
CA UNK BA 34 -9.29 -20.76 -10.01
C UNK BA 34 -8.78 -21.24 -8.65
N UNK BA 35 -9.17 -22.43 -8.24
CA UNK BA 35 -8.71 -22.96 -6.96
C UNK BA 35 -7.19 -23.17 -6.98
N UNK BA 36 -6.68 -23.70 -8.10
CA UNK BA 36 -5.23 -23.91 -8.20
C UNK BA 36 -4.48 -22.59 -8.17
N UNK BA 37 -5.01 -21.57 -8.86
CA UNK BA 37 -4.37 -20.25 -8.85
C UNK BA 37 -4.38 -19.65 -7.45
N UNK BA 38 -5.50 -19.79 -6.73
CA UNK BA 38 -5.58 -19.27 -5.37
C UNK BA 38 -4.59 -19.99 -4.46
N UNK BA 39 -4.49 -21.31 -4.61
CA UNK BA 39 -3.54 -22.07 -3.79
C UNK BA 39 -2.10 -21.66 -4.09
N UNK BA 40 -1.78 -21.45 -5.37
CA UNK BA 40 -0.44 -21.03 -5.72
C UNK BA 40 -0.13 -19.63 -5.18
N UNK BA 41 -1.10 -18.72 -5.25
CA UNK BA 41 -0.89 -17.38 -4.73
C UNK BA 41 -0.72 -17.40 -3.21
N UNK BA 42 -1.49 -18.24 -2.52
CA UNK BA 42 -1.38 -18.32 -1.07
C UNK BA 42 -0.01 -18.82 -0.65
N UNK BA 43 0.54 -19.78 -1.38
CA UNK BA 43 1.85 -20.33 -1.06
C UNK BA 43 2.92 -19.81 -2.02
N UNK CA 1 -51.74 -37.97 -23.31
CA UNK CA 1 -51.66 -37.80 -24.76
C UNK CA 1 -53.01 -38.07 -25.42
N UNK CA 2 -53.97 -37.19 -25.17
CA UNK CA 2 -55.30 -37.32 -25.73
C UNK CA 2 -56.02 -35.98 -25.57
N UNK CA 3 -57.31 -35.97 -25.90
CA UNK CA 3 -58.09 -34.76 -25.79
C UNK CA 3 -58.19 -34.31 -24.32
N UNK CA 4 -58.64 -33.09 -24.12
CA UNK CA 4 -58.78 -32.53 -22.78
C UNK CA 4 -59.83 -33.32 -22.01
N UNK CA 5 -59.41 -33.92 -20.89
CA UNK CA 5 -60.31 -34.70 -20.07
C UNK CA 5 -61.38 -33.81 -19.45
N UNK CA 6 -62.33 -34.44 -18.77
CA UNK CA 6 -63.43 -33.74 -18.11
C UNK CA 6 -63.53 -34.25 -16.67
N UNK CA 7 -63.06 -33.45 -15.72
CA UNK CA 7 -63.11 -33.86 -14.32
C UNK CA 7 -64.55 -34.05 -13.84
N UNK CA 8 -65.49 -33.36 -14.47
CA UNK CA 8 -66.91 -33.47 -14.11
C UNK CA 8 -67.14 -33.10 -12.64
N UNK CA 9 -66.80 -31.85 -12.32
CA UNK CA 9 -66.97 -31.35 -10.96
C UNK CA 9 -68.43 -31.03 -10.68
N UNK CA 10 -68.75 -30.90 -9.41
CA UNK CA 10 -70.11 -30.60 -8.95
C UNK CA 10 -70.03 -30.20 -7.48
N UNK CA 11 -71.19 -29.98 -6.87
CA UNK CA 11 -71.30 -29.58 -5.47
C UNK CA 11 -70.91 -28.13 -5.23
N UNK CA 12 -70.92 -27.30 -6.26
CA UNK CA 12 -70.58 -25.90 -6.12
C UNK CA 12 -71.72 -25.14 -5.45
N UNK CA 13 -71.38 -24.30 -4.48
CA UNK CA 13 -72.39 -23.52 -3.77
C UNK CA 13 -73.09 -22.58 -4.74
N UNK CA 14 -74.39 -22.41 -4.54
CA UNK CA 14 -75.22 -21.54 -5.37
C UNK CA 14 -76.11 -20.66 -4.50
N UNK CA 15 -75.53 -20.08 -3.46
CA UNK CA 15 -76.26 -19.22 -2.53
C UNK CA 15 -76.38 -17.82 -3.13
N UNK CA 16 -76.87 -16.87 -2.33
CA UNK CA 16 -77.05 -15.48 -2.73
C UNK CA 16 -78.26 -15.26 -3.64
N UNK CA 17 -79.16 -16.23 -3.75
CA UNK CA 17 -80.37 -16.18 -4.57
C UNK CA 17 -80.09 -16.29 -6.06
N UNK CA 18 -78.84 -16.53 -6.47
CA UNK CA 18 -78.49 -16.65 -7.88
C UNK CA 18 -78.86 -15.41 -8.68
N UNK CA 19 -78.82 -14.24 -8.04
CA UNK CA 19 -79.15 -12.98 -8.70
C UNK CA 19 -79.53 -11.92 -7.68
N UNK CA 20 -76.30 -11.16 -9.39
CA UNK CA 20 -75.92 -12.24 -8.49
C UNK CA 20 -75.70 -11.71 -7.06
N UNK CA 21 -74.85 -12.39 -6.30
CA UNK CA 21 -74.54 -12.00 -4.94
C UNK CA 21 -73.21 -11.27 -4.82
N UNK CA 22 -72.64 -10.81 -5.93
CA UNK CA 22 -71.37 -10.09 -5.92
C UNK CA 22 -70.25 -10.94 -5.34
N UNK CA 23 -70.19 -12.21 -5.77
CA UNK CA 23 -69.18 -13.15 -5.31
C UNK CA 23 -67.87 -12.97 -6.09
N UNK CA 24 -67.33 -11.75 -6.02
CA UNK CA 24 -66.09 -11.44 -6.73
C UNK CA 24 -64.87 -12.00 -6.00
N UNK CA 25 -64.91 -12.07 -4.68
CA UNK CA 25 -63.77 -12.59 -3.92
C UNK CA 25 -63.48 -14.02 -4.33
N UNK CA 26 -62.21 -14.32 -4.55
CA UNK CA 26 -61.77 -15.65 -4.94
C UNK CA 26 -60.26 -15.74 -4.82
N UNK CA 27 -59.78 -16.87 -4.32
CA UNK CA 27 -58.36 -17.11 -4.14
C UNK CA 27 -57.92 -18.28 -5.01
N UNK CA 28 -56.62 -18.61 -4.93
CA UNK CA 28 -56.06 -19.71 -5.70
C UNK CA 28 -56.07 -21.01 -4.91
N UNK CA 29 -55.43 -21.02 -3.75
CA UNK CA 29 -55.38 -22.21 -2.90
C UNK CA 29 -54.72 -21.83 -1.58
N UNK CA 30 -54.99 -22.64 -0.56
CA UNK CA 30 -54.44 -22.43 0.77
C UNK CA 30 -53.52 -23.56 1.22
N UNK CA 31 -53.95 -24.81 1.05
CA UNK CA 31 -53.14 -25.96 1.45
C UNK CA 31 -53.98 -27.23 1.51
N UNK CA 32 -56.03 -26.68 -1.09
CA UNK CA 32 -57.07 -26.97 -2.06
C UNK CA 32 -57.44 -25.72 -2.85
N UNK CA 33 -58.75 -25.51 -3.04
CA UNK CA 33 -59.23 -24.35 -3.77
C UNK CA 33 -59.25 -23.12 -2.85
N UNK CA 34 -59.85 -22.03 -3.32
CA UNK CA 34 -59.93 -20.80 -2.54
C UNK CA 34 -61.00 -19.91 -3.16
N UNK CA 35 -61.95 -19.48 -2.34
CA UNK CA 35 -63.03 -18.62 -2.78
C UNK CA 35 -63.30 -17.55 -1.75
N UNK CA 36 -64.00 -16.50 -2.17
CA UNK CA 36 -64.34 -15.38 -1.30
C UNK CA 36 -65.83 -15.08 -1.41
N UNK CA 37 -66.35 -14.35 -0.44
CA UNK CA 37 -67.75 -13.96 -0.39
C UNK CA 37 -67.84 -12.44 -0.47
N UNK CA 38 -68.60 -11.94 -1.45
CA UNK CA 38 -68.75 -10.51 -1.62
C UNK CA 38 -69.70 -9.95 -0.57
N UNK CA 39 -69.71 -8.62 -0.47
CA UNK CA 39 -70.56 -7.93 0.50
C UNK CA 39 -72.03 -8.01 0.09
N UNK CA 40 -68.09 -7.78 2.69
CA UNK CA 40 -67.49 -9.09 2.55
C UNK CA 40 -68.55 -10.19 2.60
N UNK CA 41 -68.11 -11.44 2.58
CA UNK CA 41 -69.01 -12.59 2.61
C UNK CA 41 -68.21 -13.82 3.01
N UNK CA 42 -68.87 -14.96 3.00
CA UNK CA 42 -68.24 -16.23 3.37
C UNK CA 42 -67.39 -16.73 2.21
N UNK CA 43 -66.09 -16.85 2.43
CA UNK CA 43 -65.17 -17.35 1.42
C UNK CA 43 -64.92 -18.84 1.64
N UNK CA 44 -65.99 -19.61 1.45
CA UNK CA 44 -65.93 -21.06 1.66
C UNK CA 44 -65.14 -21.72 0.55
N UNK CA 45 -64.28 -22.66 0.93
CA UNK CA 45 -63.47 -23.42 -0.01
C UNK CA 45 -63.68 -24.92 0.07
N UNK CA 46 -64.36 -25.42 1.10
CA UNK CA 46 -64.67 -26.83 1.34
C UNK CA 46 -63.47 -27.63 1.83
N UNK CA 47 -62.27 -27.05 1.89
CA UNK CA 47 -61.07 -27.77 2.34
C UNK CA 47 -60.89 -29.10 1.61
N UNK CA 48 -61.34 -29.17 0.36
CA UNK CA 48 -61.24 -30.38 -0.43
C UNK CA 48 -61.77 -30.08 -1.83
N UNK CA 49 -61.39 -30.94 -2.78
CA UNK CA 49 -61.84 -30.76 -4.17
C UNK CA 49 -63.34 -31.02 -4.29
N UNK CA 50 -63.78 -32.23 -3.90
CA UNK CA 50 -65.18 -32.59 -4.00
C UNK CA 50 -66.02 -32.07 -2.84
N UNK CA 51 -65.41 -31.48 -1.83
CA UNK CA 51 -66.14 -30.96 -0.69
C UNK CA 51 -66.56 -29.51 -0.94
N UNK CA 52 -67.64 -29.10 -0.27
CA UNK CA 52 -68.20 -27.76 -0.38
C UNK CA 52 -68.50 -27.19 0.99
N UNK CA 53 -67.63 -27.45 1.96
CA UNK CA 53 -67.83 -26.94 3.30
C UNK CA 53 -67.73 -25.41 3.31
N UNK CA 54 -68.40 -24.79 4.28
CA UNK CA 54 -68.38 -23.34 4.39
C UNK CA 54 -66.97 -22.86 4.73
N UNK CA 55 -66.79 -21.54 4.67
CA UNK CA 55 -65.52 -20.91 4.96
C UNK CA 55 -65.77 -19.68 5.83
N UNK CA 56 -64.73 -18.88 6.02
CA UNK CA 56 -64.85 -17.67 6.84
C UNK CA 56 -65.88 -16.74 6.22
N UNK CA 57 -66.87 -16.35 7.02
CA UNK CA 57 -67.95 -15.47 6.56
C UNK CA 57 -67.56 -14.03 6.91
N UNK CA 58 -67.05 -13.31 5.90
CA UNK CA 58 -66.65 -11.93 6.10
C UNK CA 58 -67.88 -11.03 6.18
N UNK CA 59 -67.64 -9.72 6.28
CA UNK CA 59 -68.73 -8.75 6.37
C UNK CA 59 -68.20 -7.39 5.95
N UNK CA 60 -69.12 -6.54 5.52
CA UNK CA 60 -68.78 -5.18 5.09
C UNK CA 60 -70.01 -4.43 4.61
N UNK CA 61 -69.87 -3.47 0.21
CA UNK CA 61 -68.71 -2.70 -0.27
C UNK CA 61 -67.73 -2.45 0.86
N UNK CA 62 -66.54 -3.04 0.74
CA UNK CA 62 -65.49 -2.90 1.75
C UNK CA 62 -64.14 -2.66 1.09
N UNK CA 63 -64.12 -1.82 0.05
CA UNK CA 63 -62.91 -1.51 -0.68
C UNK CA 63 -62.27 -2.76 -1.27
N UNK CA 64 -63.03 -3.41 -2.16
CA UNK CA 64 -62.57 -4.61 -2.83
C UNK CA 64 -61.69 -4.25 -4.02
N UNK CA 65 -61.37 -5.24 -4.86
CA UNK CA 65 -60.54 -5.03 -6.04
C UNK CA 65 -59.15 -4.51 -5.66
N UNK CA 66 -58.45 -5.30 -4.85
CA UNK CA 66 -57.10 -4.96 -4.39
C UNK CA 66 -56.31 -6.24 -4.23
N UNK CA 67 -55.12 -6.13 -3.66
CA UNK CA 67 -54.27 -7.29 -3.43
C UNK CA 67 -54.76 -8.04 -2.19
N UNK CA 68 -54.96 -9.34 -2.34
CA UNK CA 68 -55.50 -10.15 -1.25
C UNK CA 68 -55.11 -11.61 -1.48
N UNK CA 69 -55.72 -12.52 -0.72
CA UNK CA 69 -55.44 -13.94 -0.86
C UNK CA 69 -54.07 -14.29 -0.30
N UNK CA 70 -53.61 -13.54 0.71
CA UNK CA 70 -52.34 -13.85 1.35
C UNK CA 70 -52.55 -14.94 2.40
N UNK CA 71 -53.25 -16.00 2.02
CA UNK CA 71 -53.47 -17.16 2.87
C UNK CA 71 -54.46 -16.86 4.00
N UNK CA 72 -54.81 -15.59 4.20
CA UNK CA 72 -55.79 -15.21 5.20
C UNK CA 72 -56.97 -14.46 4.60
N UNK CA 73 -56.72 -13.36 3.89
CA UNK CA 73 -57.77 -12.53 3.30
C UNK CA 73 -57.07 -11.39 2.56
N UNK CA 74 -57.88 -10.60 1.86
CA UNK CA 74 -57.34 -9.43 1.15
C UNK CA 74 -58.48 -8.45 0.90
N UNK CA 75 -58.48 -7.34 1.63
CA UNK CA 75 -59.44 -6.26 1.40
C UNK CA 75 -58.76 -4.96 1.86
N UNK CA 76 -58.19 -4.24 0.91
CA UNK CA 76 -57.48 -3.00 1.22
C UNK CA 76 -57.29 -2.20 -0.07
N UNK CA 77 -56.64 -1.05 0.06
CA UNK CA 77 -56.36 -0.19 -1.08
C UNK CA 77 -55.26 0.79 -0.69
N UNK CA 78 -54.69 1.45 -1.70
CA UNK CA 78 -53.63 2.41 -1.45
C UNK CA 78 -54.12 3.57 -0.59
N UNK CA 79 -55.39 3.96 -0.74
CA UNK CA 79 -55.97 5.05 0.04
C UNK CA 79 -56.72 4.47 1.24
N UNK CA 80 -55.94 3.99 2.21
CA UNK CA 80 -56.50 3.40 3.41
C UNK CA 80 -57.30 4.43 4.21
N UNK CA 81 -58.90 1.81 -1.29
CA UNK CA 81 -59.82 0.95 -0.57
C UNK CA 81 -59.40 0.79 0.89
N UNK CA 82 -60.39 0.61 1.77
CA UNK CA 82 -60.10 0.44 3.19
C UNK CA 82 -59.22 -0.78 3.40
N UNK CA 83 -58.03 -0.56 3.96
CA UNK CA 83 -57.09 -1.65 4.22
C UNK CA 83 -57.64 -2.51 5.35
N UNK CA 84 -58.09 -3.72 5.00
CA UNK CA 84 -58.64 -4.66 5.99
C UNK CA 84 -58.17 -6.06 5.59
N UNK CA 85 -57.14 -6.56 6.26
CA UNK CA 85 -56.58 -7.87 6.01
C UNK CA 85 -57.06 -8.80 7.12
N UNK CA 86 -58.22 -9.41 6.91
CA UNK CA 86 -58.80 -10.29 7.91
C UNK CA 86 -57.94 -11.55 8.06
N UNK CA 87 -58.27 -12.33 9.09
CA UNK CA 87 -57.57 -13.57 9.39
C UNK CA 87 -58.54 -14.74 9.28
N UNK CA 88 -57.96 -15.95 9.27
CA UNK CA 88 -58.79 -17.16 9.18
C UNK CA 88 -59.84 -17.18 10.28
N UNK CA 89 -59.47 -16.78 11.50
CA UNK CA 89 -60.38 -16.72 12.65
C UNK CA 89 -60.16 -15.38 13.34
N UNK CA 90 -60.90 -14.37 12.91
CA UNK CA 90 -60.80 -13.03 13.48
C UNK CA 90 -61.84 -12.14 12.82
N UNK CA 91 -62.14 -11.01 13.47
CA UNK CA 91 -63.11 -10.07 12.94
C UNK CA 91 -62.68 -8.62 13.09
N UNK CA 92 -61.42 -8.35 13.42
CA UNK CA 92 -60.93 -7.00 13.58
C UNK CA 92 -60.44 -6.37 12.28
N UNK CA 93 -60.56 -7.07 11.16
CA UNK CA 93 -60.15 -6.62 9.84
C UNK CA 93 -58.64 -6.63 9.62
N UNK CA 94 -57.85 -6.98 10.64
CA UNK CA 94 -56.39 -7.00 10.52
C UNK CA 94 -55.84 -5.67 10.02
N UNK CA 95 -56.25 -4.60 10.68
CA UNK CA 95 -55.81 -3.26 10.31
C UNK CA 95 -54.35 -3.06 10.67
N UNK CA 96 -49.96 -2.00 9.68
CA UNK CA 96 -48.99 -0.94 9.47
C UNK CA 96 -49.68 0.42 9.36
N UNK CA 97 -49.95 0.84 8.13
CA UNK CA 97 -50.61 2.13 7.89
C UNK CA 97 -51.35 2.02 6.56
N UNK CA 98 -52.67 1.90 6.63
CA UNK CA 98 -53.49 1.78 5.43
C UNK CA 98 -53.43 3.06 4.61
N UNK CA 99 -44.17 2.16 -2.41
CA UNK CA 99 -44.18 0.71 -2.27
C UNK CA 99 -45.59 0.21 -1.89
N UNK CA 100 -46.45 0.11 -2.90
CA UNK CA 100 -47.82 -0.35 -2.70
C UNK CA 100 -48.20 -1.47 -3.67
N UNK CA 101 -47.21 -2.15 -4.26
CA UNK CA 101 -47.46 -3.23 -5.21
C UNK CA 101 -46.56 -4.42 -4.92
N UNK CA 102 -46.17 -4.62 -3.67
CA UNK CA 102 -45.31 -5.73 -3.32
C UNK CA 102 -46.07 -7.05 -3.46
N UNK CA 103 -45.39 -8.04 -4.05
CA UNK CA 103 -45.99 -9.36 -4.27
C UNK CA 103 -45.70 -10.26 -3.07
N UNK CA 104 -46.03 -11.54 -3.20
CA UNK CA 104 -45.80 -12.49 -2.13
C UNK CA 104 -44.31 -12.82 -2.02
N UNK CA 105 -43.99 -13.72 -1.09
CA UNK CA 105 -42.61 -14.13 -0.87
C UNK CA 105 -42.62 -15.29 0.14
N UNK CA 106 -41.46 -15.91 0.30
CA UNK CA 106 -41.29 -17.03 1.21
C UNK CA 106 -40.41 -16.62 2.39
N UNK CA 107 -40.28 -17.53 3.35
CA UNK CA 107 -39.51 -17.36 4.57
C UNK CA 107 -40.16 -16.45 5.59
N UNK CA 108 -41.29 -15.85 5.29
CA UNK CA 108 -41.98 -14.94 6.20
C UNK CA 108 -43.30 -14.55 5.57
N UNK CA 109 -44.11 -13.82 6.34
CA UNK CA 109 -45.41 -13.36 5.85
C UNK CA 109 -45.23 -12.54 4.59
N UNK CA 110 -46.14 -12.71 3.63
CA UNK CA 110 -46.10 -11.99 2.36
C UNK CA 110 -46.56 -10.56 2.58
N UNK CA 111 -45.66 -9.75 3.12
CA UNK CA 111 -45.97 -8.35 3.38
C UNK CA 111 -46.25 -7.60 2.08
N UNK CA 112 -45.31 -7.68 1.13
CA UNK CA 112 -45.45 -7.00 -0.16
C UNK CA 112 -45.58 -5.49 0.02
N UNK CA 113 -44.56 -4.91 0.64
CA UNK CA 113 -44.50 -3.47 0.89
C UNK CA 113 -43.21 -2.91 0.31
N UNK CA 114 -43.17 -1.59 0.19
CA UNK CA 114 -42.00 -0.90 -0.34
C UNK CA 114 -40.94 -0.72 0.74
N UNK CA 115 -44.45 2.02 0.63
CA UNK CA 115 -43.30 1.62 1.43
C UNK CA 115 -43.68 1.44 2.89
N UNK CA 116 -43.61 0.20 3.37
CA UNK CA 116 -43.95 -0.12 4.75
C UNK CA 116 -43.42 -1.52 5.06
N UNK CA 117 -43.76 -2.02 6.24
CA UNK CA 117 -43.31 -3.36 6.66
C UNK CA 117 -44.43 -3.95 7.52
N UNK CA 118 -45.25 -4.81 6.92
CA UNK CA 118 -46.36 -5.46 7.60
C UNK CA 118 -46.19 -6.97 7.49
N UNK CA 119 -46.26 -7.65 8.63
CA UNK CA 119 -46.12 -9.10 8.66
C UNK CA 119 -47.30 -9.75 9.38
N UNK CA 120 -47.22 -11.06 9.61
CA UNK CA 120 -48.29 -11.76 10.29
C UNK CA 120 -48.54 -11.19 11.70
N UNK CA 121 -47.50 -10.65 12.32
CA UNK CA 121 -47.60 -10.08 13.66
C UNK CA 121 -47.56 -8.56 13.66
N UNK CA 122 -47.85 -7.94 12.52
CA UNK CA 122 -47.87 -6.49 12.32
C UNK CA 122 -46.48 -5.87 12.24
N UNK CA 123 -45.41 -6.65 12.40
CA UNK CA 123 -44.04 -6.15 12.35
C UNK CA 123 -43.34 -6.76 11.14
N UNK CA 124 -42.77 -5.92 10.29
CA UNK CA 124 -42.06 -6.35 9.10
C UNK CA 124 -40.61 -5.89 9.19
N UNK CA 125 -39.68 -6.80 8.89
CA UNK CA 125 -38.26 -6.49 8.95
C UNK CA 125 -37.81 -5.78 7.68
N UNK CA 126 -35.66 -3.79 3.19
CA UNK CA 126 -35.87 -3.27 1.85
C UNK CA 126 -34.55 -3.17 1.09
N UNK CA 127 -33.66 -4.13 1.35
CA UNK CA 127 -32.36 -4.13 0.68
C UNK CA 127 -32.54 -4.36 -0.81
N UNK CA 128 -31.74 -3.67 -1.61
CA UNK CA 128 -31.76 -3.76 -3.07
C UNK CA 128 -32.95 -3.04 -3.69
N UNK CA 129 -33.61 -2.16 -2.94
CA UNK CA 129 -34.77 -1.41 -3.43
C UNK CA 129 -34.46 0.08 -3.59
N UNK CA 130 -33.22 0.41 -3.96
CA UNK CA 130 -32.80 1.80 -4.16
C UNK CA 130 -33.26 2.25 -5.55
N UNK CA 131 -34.56 2.52 -5.66
CA UNK CA 131 -35.17 2.96 -6.91
C UNK CA 131 -36.62 3.28 -6.63
N UNK CA 132 -37.27 3.91 -7.61
CA UNK CA 132 -38.67 4.28 -7.51
C UNK CA 132 -39.59 3.37 -8.31
N UNK CA 133 -39.31 3.18 -9.60
CA UNK CA 133 -40.12 2.31 -10.43
C UNK CA 133 -39.68 0.86 -10.28
N UNK CA 134 -40.62 -0.06 -10.49
CA UNK CA 134 -40.34 -1.48 -10.37
C UNK CA 134 -41.55 -2.26 -10.87
N UNK CA 135 -41.30 -3.46 -11.36
CA UNK CA 135 -42.35 -4.33 -11.87
C UNK CA 135 -42.77 -5.33 -10.80
N UNK CA 136 -43.74 -6.18 -11.14
CA UNK CA 136 -44.27 -7.19 -10.24
C UNK CA 136 -43.58 -8.52 -10.56
N UNK CA 137 -42.80 -9.02 -9.61
CA UNK CA 137 -42.08 -10.27 -9.79
C UNK CA 137 -41.70 -10.82 -8.42
N UNK CA 138 -41.45 -12.13 -8.38
CA UNK CA 138 -41.08 -12.82 -7.16
C UNK CA 138 -39.76 -13.57 -7.39
N UNK CA 139 -38.88 -13.51 -6.39
CA UNK CA 139 -37.58 -14.17 -6.45
C UNK CA 139 -37.63 -15.41 -5.56
N UNK CA 140 -37.42 -16.58 -6.18
CA UNK CA 140 -37.45 -17.81 -5.41
C UNK CA 140 -36.25 -17.92 -4.48
N UNK CA 141 -35.08 -17.53 -4.94
CA UNK CA 141 -33.88 -17.59 -4.11
C UNK CA 141 -34.02 -16.67 -2.91
N UNK CA 142 -33.62 -17.17 -1.74
CA UNK CA 142 -33.71 -16.38 -0.53
C UNK CA 142 -32.69 -15.23 -0.56
N UNK CA 143 -33.10 -14.09 -0.03
CA UNK CA 143 -32.24 -12.91 0.00
C UNK CA 143 -31.97 -12.39 -1.42
N UNK CA 144 -26.41 -5.72 -8.41
CA UNK CA 144 -26.41 -7.13 -8.05
C UNK CA 144 -27.38 -7.42 -6.92
N UNK CA 145 -28.58 -6.83 -7.01
CA UNK CA 145 -29.58 -7.04 -5.97
C UNK CA 145 -30.04 -8.50 -5.93
N UNK CA 146 -30.16 -9.13 -7.09
CA UNK CA 146 -30.58 -10.52 -7.28
C UNK CA 146 -32.09 -10.71 -7.13
N UNK CA 147 -32.85 -9.64 -6.89
CA UNK CA 147 -34.29 -9.76 -6.75
C UNK CA 147 -34.95 -9.96 -8.10
N UNK CA 148 -36.09 -10.65 -8.10
CA UNK CA 148 -36.84 -10.93 -9.33
C UNK CA 148 -37.78 -9.76 -9.60
N UNK CA 149 -37.23 -8.72 -10.23
CA UNK CA 149 -37.97 -7.52 -10.56
C UNK CA 149 -37.89 -7.29 -12.07
N UNK CA 150 -39.04 -7.09 -12.70
CA UNK CA 150 -39.13 -6.86 -14.13
C UNK CA 150 -39.28 -5.37 -14.38
N UNK CA 151 -38.27 -4.76 -14.98
CA UNK CA 151 -38.31 -3.32 -15.25
C UNK CA 151 -39.48 -3.00 -16.17
N UNK CA 152 -40.33 -2.07 -15.73
CA UNK CA 152 -41.48 -1.67 -16.53
C UNK CA 152 -41.08 -0.99 -17.83
N UNK CA 153 -39.86 -0.47 -17.92
CA UNK CA 153 -39.38 0.20 -19.11
C UNK CA 153 -38.73 -0.75 -20.11
N UNK CA 154 -39.08 -2.04 -20.05
CA UNK CA 154 -38.51 -3.04 -20.95
C UNK CA 154 -37.04 -3.32 -20.63
N UNK CA 155 -36.69 -3.26 -19.36
CA UNK CA 155 -35.32 -3.52 -18.89
C UNK CA 155 -35.43 -4.46 -17.69
N UNK CA 156 -35.37 -5.77 -17.98
CA UNK CA 156 -35.47 -6.79 -16.94
C UNK CA 156 -34.13 -6.87 -16.20
N UNK CA 157 -33.99 -6.04 -15.16
CA UNK CA 157 -32.77 -6.01 -14.35
C UNK CA 157 -32.77 -7.17 -13.38
N UNK CA 158 -32.59 -8.37 -13.93
CA UNK CA 158 -32.57 -9.58 -13.13
C UNK CA 158 -31.16 -9.82 -12.56
N UNK CA 159 -31.08 -10.79 -11.66
CA UNK CA 159 -29.82 -11.15 -11.02
C UNK CA 159 -30.07 -12.39 -10.15
N UNK CA 160 -28.99 -12.93 -9.61
CA UNK CA 160 -29.07 -14.11 -8.77
C UNK CA 160 -28.56 -13.82 -7.36
N UNK CA 161 -31.28 -7.70 -9.72
CA UNK CA 161 -32.41 -7.24 -8.91
C UNK CA 161 -32.39 -5.71 -8.78
N UNK CA 162 -31.83 -5.23 -7.68
CA UNK CA 162 -31.74 -3.79 -7.45
C UNK CA 162 -30.99 -3.10 -8.59
N UNK CA 163 -29.73 -3.49 -8.80
CA UNK CA 163 -28.94 -2.91 -9.87
C UNK CA 163 -29.41 -3.42 -11.22
N UNK CA 164 -29.51 -2.51 -12.19
CA UNK CA 164 -29.94 -2.88 -13.52
C UNK CA 164 -28.96 -3.86 -14.14
N UNK CA 165 -29.49 -4.99 -14.62
CA UNK CA 165 -28.65 -6.02 -15.24
C UNK CA 165 -28.58 -5.84 -16.75
N UNK CA 166 -29.73 -5.84 -17.41
CA UNK CA 166 -29.79 -5.69 -18.87
C UNK CA 166 -31.19 -5.21 -19.25
N UNK CA 167 -31.47 -5.20 -20.54
CA UNK CA 167 -32.77 -4.77 -21.05
C UNK CA 167 -33.19 -5.68 -22.19
N UNK CA 168 -34.48 -5.64 -22.51
CA UNK CA 168 -35.03 -6.45 -23.59
C UNK CA 168 -36.40 -5.91 -23.96
N UNK CA 169 -36.62 -5.70 -25.26
CA UNK CA 169 -37.89 -5.19 -25.73
C UNK CA 169 -38.92 -6.30 -25.83
N UNK CA 170 -40.18 -5.93 -25.58
CA UNK CA 170 -41.29 -6.88 -25.62
C UNK CA 170 -42.45 -6.25 -26.38
N UNK CA 171 -43.10 -7.05 -27.22
CA UNK CA 171 -44.22 -6.56 -28.00
C UNK CA 171 -45.37 -6.13 -27.09
N UNK CA 172 -45.88 -7.05 -26.29
CA UNK CA 172 -46.99 -6.76 -25.40
C UNK CA 172 -46.55 -5.75 -24.33
N UNK CA 173 -47.54 -5.22 -23.62
CA UNK CA 173 -47.27 -4.25 -22.57
C UNK CA 173 -46.83 -4.96 -21.29
N UNK CA 174 -45.66 -4.58 -20.79
CA UNK CA 174 -45.11 -5.16 -19.57
C UNK CA 174 -45.86 -4.57 -18.37
N UNK CA 175 -46.98 -5.19 -18.01
CA UNK CA 175 -47.79 -4.72 -16.89
C UNK CA 175 -47.41 -5.44 -15.59
N UNK CA 176 -47.48 -6.77 -15.59
CA UNK CA 176 -47.14 -7.56 -14.40
C UNK CA 176 -46.68 -8.93 -14.88
N UNK CA 177 -45.36 -9.15 -14.86
CA UNK CA 177 -44.78 -10.40 -15.30
C UNK CA 177 -44.70 -11.39 -14.13
N UNK CA 178 -44.26 -12.60 -14.43
CA UNK CA 178 -44.13 -13.66 -13.44
C UNK CA 178 -42.79 -14.36 -13.61
N UNK CA 179 -42.45 -15.19 -12.62
CA UNK CA 179 -41.21 -15.94 -12.63
C UNK CA 179 -41.48 -17.36 -13.14
N UNK CA 180 -40.88 -17.70 -14.28
CA UNK CA 180 -41.06 -19.02 -14.87
C UNK CA 180 -40.19 -20.02 -14.13
N UNK CA 181 -40.82 -20.96 -13.42
CA UNK CA 181 -40.08 -21.97 -12.68
C UNK CA 181 -39.20 -22.79 -13.61
N UNK CA 182 -39.81 -23.48 -14.57
CA UNK CA 182 -39.07 -24.30 -15.52
C UNK CA 182 -38.42 -25.49 -14.82
N UNK CA 183 -37.86 -28.75 -17.49
CA UNK CA 183 -37.40 -27.43 -17.92
C UNK CA 183 -35.93 -27.23 -17.60
N UNK CA 184 -35.60 -27.33 -16.30
CA UNK CA 184 -34.24 -27.17 -15.82
C UNK CA 184 -33.66 -25.78 -16.10
N UNK CA 185 -34.53 -24.79 -16.32
CA UNK CA 185 -34.09 -23.43 -16.59
C UNK CA 185 -35.08 -22.47 -15.95
N UNK CA 186 -34.54 -21.49 -15.22
CA UNK CA 186 -35.36 -20.49 -14.53
C UNK CA 186 -35.85 -19.47 -15.57
N UNK CA 187 -36.91 -19.86 -16.28
CA UNK CA 187 -37.48 -18.98 -17.29
C UNK CA 187 -38.11 -17.76 -16.65
N UNK CA 188 -38.45 -16.78 -17.49
CA UNK CA 188 -39.07 -15.53 -17.06
C UNK CA 188 -40.46 -15.45 -17.69
N UNK CA 189 -41.49 -15.81 -16.92
CA UNK CA 189 -42.87 -15.77 -17.40
C UNK CA 189 -43.35 -14.32 -17.40
N UNK CA 190 -42.99 -13.61 -18.47
CA UNK CA 190 -43.36 -12.21 -18.60
C UNK CA 190 -44.84 -12.06 -18.95
N UNK CA 191 -45.68 -11.84 -17.94
CA UNK CA 191 -47.12 -11.68 -18.14
C UNK CA 191 -47.36 -10.28 -18.69
N UNK CA 192 -47.37 -10.17 -20.02
CA UNK CA 192 -47.56 -8.89 -20.70
C UNK CA 192 -49.03 -8.48 -20.55
N UNK CA 193 -49.29 -7.53 -19.65
CA UNK CA 193 -50.65 -7.04 -19.44
C UNK CA 193 -51.24 -6.34 -20.66
N UNK CA 194 -50.42 -6.06 -21.68
CA UNK CA 194 -50.88 -5.39 -22.89
C UNK CA 194 -51.28 -6.37 -23.99
N UNK CA 195 -51.74 -7.57 -23.62
CA UNK CA 195 -52.11 -8.59 -24.60
C UNK CA 195 -50.89 -9.16 -25.31
N UNK CA 196 -49.78 -9.28 -24.59
CA UNK CA 196 -48.54 -9.83 -25.12
C UNK CA 196 -47.97 -10.84 -24.14
N UNK CA 197 -46.92 -11.53 -24.58
CA UNK CA 197 -46.26 -12.54 -23.75
C UNK CA 197 -44.81 -12.65 -24.18
N UNK CA 198 -43.91 -12.66 -23.21
CA UNK CA 198 -42.48 -12.77 -23.48
C UNK CA 198 -41.84 -13.68 -22.43
N UNK CA 199 -40.70 -14.27 -22.81
CA UNK CA 199 -39.97 -15.18 -21.94
C UNK CA 199 -38.49 -14.82 -21.96
N UNK CA 200 -37.79 -15.24 -20.90
CA UNK CA 200 -36.36 -14.99 -20.79
C UNK CA 200 -35.82 -15.80 -19.62
N UNK CA 201 -34.58 -16.25 -19.76
CA UNK CA 201 -33.93 -17.03 -18.72
C UNK CA 201 -32.45 -17.13 -19.07
N UNK CA 202 -31.66 -17.59 -18.10
CA UNK CA 202 -30.21 -17.75 -18.25
C UNK CA 202 -29.51 -16.45 -18.60
N UNK CA 203 -30.13 -15.30 -18.30
CA UNK CA 203 -29.62 -13.96 -18.57
C UNK CA 203 -29.72 -13.57 -20.04
N UNK CA 204 -30.18 -14.46 -20.92
CA UNK CA 204 -30.31 -14.16 -22.34
C UNK CA 204 -31.76 -13.78 -22.65
N UNK CA 205 -31.91 -12.91 -23.65
CA UNK CA 205 -33.24 -12.46 -24.06
C UNK CA 205 -33.99 -13.61 -24.71
N UNK CA 206 -34.96 -14.17 -23.99
CA UNK CA 206 -35.74 -15.28 -24.52
C UNK CA 206 -36.57 -14.81 -25.72
N UNK CA 207 -36.66 -15.69 -26.73
CA UNK CA 207 -37.41 -15.40 -27.94
C UNK CA 207 -38.85 -15.89 -27.88
N UNK CA 208 -39.41 -16.03 -26.69
CA UNK CA 208 -40.80 -16.48 -26.53
C UNK CA 208 -41.78 -15.32 -26.63
N UNK CA 209 -41.71 -14.57 -27.72
CA UNK CA 209 -42.58 -13.43 -27.95
C UNK CA 209 -43.89 -13.80 -28.64
N UNK CA 210 -44.18 -15.10 -28.77
CA UNK CA 210 -45.41 -15.57 -29.41
C UNK CA 210 -46.56 -15.53 -28.42
N UNK CA 211 -46.91 -14.32 -28.00
CA UNK CA 211 -48.00 -14.11 -27.06
C UNK CA 211 -49.29 -13.77 -27.82
N UNK CA 212 -49.77 -14.77 -28.55
CA UNK CA 212 -50.99 -14.59 -29.33
C UNK CA 212 -52.20 -14.35 -28.43
N UNK CA 213 -52.32 -15.13 -27.36
CA UNK CA 213 -53.44 -14.97 -26.44
C UNK CA 213 -53.27 -13.69 -25.63
N UNK CA 214 -54.40 -13.05 -25.33
CA UNK CA 214 -54.36 -11.82 -24.54
C UNK CA 214 -53.82 -12.07 -23.14
N UNK CA 215 -54.19 -13.21 -22.54
CA UNK CA 215 -53.72 -13.57 -21.21
C UNK CA 215 -53.22 -15.01 -21.24
N UNK CA 216 -52.29 -15.32 -20.34
CA UNK CA 216 -51.69 -16.64 -20.24
C UNK CA 216 -51.90 -17.15 -18.81
N UNK CA 217 -52.56 -18.30 -18.69
CA UNK CA 217 -52.81 -18.94 -17.40
C UNK CA 217 -52.39 -20.39 -17.51
N UNK CA 218 -51.11 -20.66 -17.24
CA UNK CA 218 -50.56 -22.01 -17.33
C UNK CA 218 -49.45 -22.14 -16.30
N UNK CA 219 -48.64 -23.19 -16.44
CA UNK CA 219 -47.51 -23.53 -15.58
C UNK CA 219 -47.92 -24.18 -14.26
N UNK CA 220 -49.21 -24.46 -14.06
CA UNK CA 220 -49.63 -25.10 -12.81
C UNK CA 220 -49.02 -26.49 -12.67
N UNK CA 221 -49.10 -27.29 -13.73
CA UNK CA 221 -48.53 -28.62 -13.70
C UNK CA 221 -47.02 -28.58 -13.97
N UNK CA 222 -46.38 -29.73 -13.79
CA UNK CA 222 -44.94 -29.82 -14.03
C UNK CA 222 -44.60 -29.42 -15.47
N UNK CA 223 -45.35 -29.93 -16.43
CA UNK CA 223 -45.10 -29.61 -17.83
C UNK CA 223 -45.56 -28.19 -18.13
N UNK CA 224 -44.81 -27.51 -18.98
CA UNK CA 224 -45.15 -26.13 -19.34
C UNK CA 224 -46.46 -26.11 -20.11
N UNK CA 225 -47.36 -25.20 -19.73
CA UNK CA 225 -48.66 -25.06 -20.35
C UNK CA 225 -48.89 -23.59 -20.68
N UNK CA 226 -49.30 -23.31 -21.91
CA UNK CA 226 -49.56 -21.94 -22.32
C UNK CA 226 -50.72 -21.34 -21.54
N UNK CA 227 -51.86 -22.02 -21.54
CA UNK CA 227 -53.05 -21.54 -20.83
C UNK CA 227 -53.47 -20.15 -21.29
N UNK CA 228 -53.38 -19.90 -22.60
CA UNK CA 228 -53.73 -18.61 -23.14
C UNK CA 228 -55.24 -18.37 -23.00
N UNK CA 229 -55.61 -17.15 -22.61
CA UNK CA 229 -57.02 -16.83 -22.45
C UNK CA 229 -57.76 -16.94 -23.79
N UNK CA 230 -57.15 -16.48 -24.87
CA UNK CA 230 -57.72 -16.54 -26.21
C UNK CA 230 -56.88 -17.51 -27.04
N UNK CA 231 -57.51 -18.58 -27.53
CA UNK CA 231 -56.82 -19.60 -28.32
C UNK CA 231 -55.67 -20.22 -27.53
N UNK CA 232 -55.98 -20.68 -26.32
CA UNK CA 232 -54.98 -21.29 -25.46
C UNK CA 232 -54.38 -22.51 -26.15
N UNK CA 233 -53.05 -22.53 -26.25
CA UNK CA 233 -52.37 -23.66 -26.87
C UNK CA 233 -52.52 -24.91 -26.02
N UNK CA 234 -52.61 -26.06 -26.69
CA UNK CA 234 -52.79 -27.32 -25.99
C UNK CA 234 -51.52 -27.70 -25.23
N UNK CA 235 -50.40 -27.83 -25.94
CA UNK CA 235 -49.12 -28.18 -25.34
C UNK CA 235 -48.25 -26.93 -25.36
N UNK CA 236 -48.34 -26.15 -24.28
CA UNK CA 236 -47.57 -24.90 -24.16
C UNK CA 236 -46.18 -25.15 -23.58
N UNK CA 237 -45.44 -26.05 -24.21
CA UNK CA 237 -44.08 -26.37 -23.78
C UNK CA 237 -43.07 -25.55 -24.57
N UNK CA 238 -41.90 -25.33 -23.96
CA UNK CA 238 -40.85 -24.56 -24.61
C UNK CA 238 -40.47 -25.18 -25.95
N UNK CA 239 -39.92 -26.39 -25.92
CA UNK CA 239 -39.55 -27.09 -27.13
C UNK CA 239 -40.18 -28.47 -27.24
N UNK CA 240 -40.28 -29.21 -26.14
CA UNK CA 240 -40.86 -30.56 -26.15
C UNK CA 240 -42.30 -30.46 -25.64
N UNK CA 241 -43.18 -30.02 -26.55
CA UNK CA 241 -44.60 -29.89 -26.21
C UNK CA 241 -45.38 -29.63 -27.49
N UNK CA 242 -46.56 -30.25 -27.60
CA UNK CA 242 -47.41 -30.06 -28.76
C UNK CA 242 -48.80 -30.62 -28.48
N UNK CA 243 -49.83 -29.81 -28.72
CA UNK CA 243 -51.22 -30.22 -28.50
C UNK CA 243 -52.12 -29.08 -28.95
N UNK CA 244 -53.42 -29.36 -28.93
CA UNK CA 244 -54.44 -28.38 -29.30
C UNK CA 244 -55.24 -28.01 -28.06
N UNK CA 245 -55.39 -26.71 -27.83
CA UNK CA 245 -56.10 -26.20 -26.67
C UNK CA 245 -57.55 -25.89 -27.03
N UNK CA 246 -58.41 -25.96 -26.02
CA UNK CA 246 -59.84 -25.66 -26.21
C UNK CA 246 -60.02 -24.15 -26.33
N UNK CA 247 -60.65 -23.73 -27.42
CA UNK CA 247 -60.90 -22.32 -27.71
C UNK CA 247 -62.38 -22.07 -27.94
N UNK CA 248 -63.21 -22.64 -27.06
CA UNK CA 248 -64.65 -22.45 -27.16
C UNK CA 248 -65.01 -20.97 -27.04
N UNK CA 249 -66.25 -20.64 -27.44
CA UNK CA 249 -66.69 -19.26 -27.38
C UNK CA 249 -66.61 -18.71 -25.96
N UNK CA 250 -66.93 -19.53 -24.97
CA UNK CA 250 -66.88 -19.09 -23.58
C UNK CA 250 -66.71 -20.33 -22.71
N UNK CA 251 -65.51 -20.51 -22.14
CA UNK CA 251 -65.25 -21.66 -21.29
C UNK CA 251 -65.77 -21.42 -19.87
N UNK CA 252 -65.24 -20.38 -19.20
CA UNK CA 252 -65.66 -20.05 -17.84
C UNK CA 252 -65.46 -18.55 -17.65
N UNK CA 253 -66.56 -17.79 -17.77
CA UNK CA 253 -66.50 -16.34 -17.61
C UNK CA 253 -66.65 -15.89 -16.16
N UNK CA 254 -67.55 -16.53 -15.42
CA UNK CA 254 -67.78 -16.15 -14.02
C UNK CA 254 -66.59 -16.41 -13.12
N UNK CA 255 -65.60 -17.17 -13.57
CA UNK CA 255 -64.43 -17.48 -12.76
C UNK CA 255 -63.28 -17.84 -13.68
N UNK CA 256 -62.10 -17.98 -13.09
CA UNK CA 256 -60.89 -18.33 -13.81
C UNK CA 256 -60.59 -19.82 -13.63
N UNK CA 257 -59.44 -20.26 -14.15
CA UNK CA 257 -59.03 -21.64 -14.06
C UNK CA 257 -58.07 -21.84 -12.89
N UNK CA 258 -57.81 -23.11 -12.57
CA UNK CA 258 -56.91 -23.48 -11.48
C UNK CA 258 -56.69 -24.99 -11.55
N UNK CA 259 -55.86 -25.49 -10.64
CA UNK CA 259 -55.56 -26.93 -10.59
C UNK CA 259 -55.15 -27.25 -9.16
N UNK CA 260 -56.07 -27.86 -8.40
CA UNK CA 260 -55.77 -28.23 -7.02
C UNK CA 260 -54.58 -29.19 -6.96
N UNK CA 261 -54.72 -30.36 -7.58
CA UNK CA 261 -53.65 -31.37 -7.64
C UNK CA 261 -53.51 -31.80 -9.11
N UNK CA 262 -52.72 -31.05 -9.88
CA UNK CA 262 -52.49 -31.34 -11.29
C UNK CA 262 -53.79 -31.48 -12.08
N UNK CA 263 -54.86 -30.86 -11.60
CA UNK CA 263 -56.16 -30.93 -12.25
C UNK CA 263 -56.48 -29.61 -12.92
N UNK CA 264 -57.68 -29.51 -13.49
CA UNK CA 264 -58.16 -28.30 -14.16
C UNK CA 264 -59.37 -27.79 -13.38
N UNK CA 265 -59.12 -26.93 -12.39
CA UNK CA 265 -60.18 -26.38 -11.55
C UNK CA 265 -60.67 -25.07 -12.15
N UNK CA 266 -61.51 -25.20 -13.17
CA UNK CA 266 -62.09 -24.06 -13.87
C UNK CA 266 -63.59 -24.04 -13.59
N UNK CA 267 -64.08 -22.91 -13.06
CA UNK CA 267 -65.49 -22.76 -12.72
C UNK CA 267 -65.94 -21.38 -13.17
N UNK CA 268 -66.98 -21.33 -14.00
CA UNK CA 268 -67.51 -20.06 -14.48
C UNK CA 268 -69.03 -20.01 -14.45
N UNK CA 269 -69.68 -20.87 -13.67
CA UNK CA 269 -71.13 -20.92 -13.54
C UNK CA 269 -71.55 -20.42 -12.16
N UNK CA 270 -72.86 -20.42 -11.93
CA UNK CA 270 -73.39 -19.97 -10.64
C UNK CA 270 -72.85 -20.83 -9.51
N UNK CA 271 -73.14 -22.13 -9.55
CA UNK CA 271 -72.68 -23.07 -8.52
C UNK CA 271 -71.39 -23.73 -8.98
N UNK CA 272 -70.33 -22.93 -9.04
CA UNK CA 272 -69.03 -23.43 -9.46
C UNK CA 272 -68.57 -24.53 -8.52
N UNK CA 273 -68.40 -25.74 -9.06
CA UNK CA 273 -67.96 -26.88 -8.28
C UNK CA 273 -66.60 -27.41 -8.73
N UNK CA 274 -66.42 -27.62 -10.03
CA UNK CA 274 -65.16 -28.12 -10.57
C UNK CA 274 -65.20 -27.92 -12.08
N UNK CA 275 -64.18 -28.43 -12.77
CA UNK CA 275 -64.09 -28.31 -14.22
C UNK CA 275 -63.37 -29.54 -14.76
N UNK CA 276 -62.95 -29.47 -16.02
CA UNK CA 276 -62.26 -30.57 -16.67
C UNK CA 276 -60.74 -30.37 -16.57
N UNK CA 277 -60.00 -31.37 -17.06
CA UNK CA 277 -58.54 -31.31 -17.02
C UNK CA 277 -58.01 -32.16 -18.16
N UNK CA 278 -57.28 -31.55 -19.08
CA UNK CA 278 -56.73 -32.28 -20.21
C UNK CA 278 -55.76 -33.35 -19.72
N UNK CA 279 -55.49 -34.32 -20.59
CA UNK CA 279 -54.58 -35.42 -20.26
C UNK CA 279 -54.36 -36.32 -21.48
N UNK DA 1 -32.43 -52.03 25.38
CA UNK DA 1 -33.61 -52.89 25.46
C UNK DA 1 -34.68 -52.27 26.35
N UNK DA 2 -34.41 -51.07 26.87
CA UNK DA 2 -35.34 -50.37 27.74
C UNK DA 2 -35.15 -48.87 27.49
N UNK DA 3 -36.01 -48.31 26.64
CA UNK DA 3 -35.96 -46.89 26.32
C UNK DA 3 -36.64 -46.08 27.41
N UNK DA 4 -36.83 -44.78 27.17
CA UNK DA 4 -37.47 -43.89 28.12
C UNK DA 4 -38.53 -43.03 27.46
N UNK DA 5 -39.21 -43.56 26.44
CA UNK DA 5 -40.24 -42.84 25.71
C UNK DA 5 -41.51 -42.83 26.57
N UNK DA 6 -41.69 -41.75 27.33
CA UNK DA 6 -42.87 -41.61 28.18
C UNK DA 6 -44.13 -41.66 27.32
N UNK DA 7 -44.96 -42.67 27.56
CA UNK DA 7 -46.19 -42.87 26.78
C UNK DA 7 -47.24 -41.85 27.20
N UNK DA 8 -46.97 -40.59 26.90
CA UNK DA 8 -47.91 -39.52 27.21
C UNK DA 8 -49.08 -39.51 26.24
N UNK DA 9 -48.86 -39.95 25.00
CA UNK DA 9 -49.91 -40.00 23.99
C UNK DA 9 -49.75 -41.26 23.17
N UNK DA 10 -50.72 -41.51 22.29
CA UNK DA 10 -50.72 -42.69 21.42
C UNK DA 10 -51.74 -42.45 20.32
N UNK DA 11 -51.99 -43.48 19.51
CA UNK DA 11 -52.95 -43.39 18.41
C UNK DA 11 -53.59 -44.76 18.27
N UNK DA 12 -54.78 -44.92 18.86
CA UNK DA 12 -55.50 -46.20 18.81
C UNK DA 12 -56.35 -46.32 17.57
N UNK DA 13 -57.13 -45.28 17.24
CA UNK DA 13 -57.98 -45.34 16.06
C UNK DA 13 -57.16 -45.59 14.80
N UNK DA 14 -55.95 -45.03 14.73
CA UNK DA 14 -55.07 -45.21 13.57
C UNK DA 14 -54.40 -46.57 13.68
N UNK DA 15 -55.17 -47.61 13.37
CA UNK DA 15 -54.70 -48.98 13.41
C UNK DA 15 -55.15 -49.76 12.18
N UNK DA 16 -55.04 -49.14 11.02
CA UNK DA 16 -55.45 -49.77 9.77
C UNK DA 16 -54.39 -50.78 9.33
N UNK DA 17 -54.65 -51.43 8.20
CA UNK DA 17 -53.76 -52.43 7.63
C UNK DA 17 -53.18 -51.88 6.34
N UNK DA 18 -51.86 -51.74 6.30
CA UNK DA 18 -51.15 -51.24 5.12
C UNK DA 18 -49.66 -51.30 5.41
N UNK DA 19 -48.87 -51.15 4.36
CA UNK DA 19 -47.41 -51.16 4.47
C UNK DA 19 -46.89 -49.75 4.71
N UNK DA 20 -45.58 -49.64 4.86
CA UNK DA 20 -44.92 -48.34 5.07
C UNK DA 20 -44.47 -47.70 3.76
N UNK DA 21 -45.41 -47.58 2.82
CA UNK DA 21 -45.13 -46.98 1.52
C UNK DA 21 -45.90 -45.70 1.28
N UNK DA 22 -47.22 -45.71 1.47
CA UNK DA 22 -48.04 -44.52 1.27
C UNK DA 22 -48.14 -43.70 2.55
N UNK DA 23 -46.98 -43.23 3.00
CA UNK DA 23 -46.91 -42.44 4.22
C UNK DA 23 -45.53 -41.79 4.30
N UNK DA 24 -45.47 -40.65 4.98
CA UNK DA 24 -44.22 -39.92 5.13
C UNK DA 24 -44.37 -38.92 6.27
N UNK DA 25 -43.24 -38.37 6.70
CA UNK DA 25 -43.20 -37.40 7.78
C UNK DA 25 -42.57 -36.11 7.27
N UNK DA 26 -43.30 -35.00 7.39
CA UNK DA 26 -42.82 -33.70 6.93
C UNK DA 26 -42.95 -32.71 8.07
N UNK DA 27 -41.90 -31.94 8.31
CA UNK DA 27 -41.89 -30.95 9.38
C UNK DA 27 -42.39 -29.59 8.87
N UNK DA 28 -42.73 -31.53 15.93
CA UNK DA 28 -43.53 -30.49 15.28
C UNK DA 28 -44.86 -31.05 14.80
N UNK DA 29 -45.33 -30.55 13.65
CA UNK DA 29 -46.58 -30.97 13.06
C UNK DA 29 -46.29 -31.63 11.71
N UNK DA 30 -46.77 -32.86 11.53
CA UNK DA 30 -46.55 -33.59 10.29
C UNK DA 30 -47.57 -34.72 10.21
N UNK DA 31 -47.99 -35.02 8.99
CA UNK DA 31 -48.96 -36.07 8.75
C UNK DA 31 -48.26 -37.43 8.58
N UNK DA 32 -49.04 -38.47 8.36
CA UNK DA 32 -48.50 -39.81 8.19
C UNK DA 32 -49.57 -40.68 7.54
N UNK DA 33 -49.13 -41.60 6.67
CA UNK DA 33 -50.06 -42.48 5.98
C UNK DA 33 -49.59 -43.93 6.08
N UNK DA 34 -50.26 -44.83 5.36
CA UNK DA 34 -49.93 -46.24 5.36
C UNK DA 34 -49.97 -46.77 3.94
N UNK DA 35 -49.63 -48.05 3.78
CA UNK DA 35 -49.61 -48.70 2.48
C UNK DA 35 -51.00 -49.08 1.99
N UNK DA 36 -52.06 -48.63 2.65
CA UNK DA 36 -53.42 -48.95 2.27
C UNK DA 36 -53.96 -48.06 1.15
N UNK DA 37 -53.08 -47.34 0.44
CA UNK DA 37 -53.49 -46.45 -0.64
C UNK DA 37 -54.44 -45.36 -0.14
N UNK DA 38 -53.98 -44.64 0.87
CA UNK DA 38 -54.77 -43.57 1.47
C UNK DA 38 -53.83 -42.59 2.15
N UNK DA 39 -54.35 -41.40 2.42
CA UNK DA 39 -53.59 -40.34 3.08
C UNK DA 39 -53.97 -40.26 4.56
N UNK DA 40 -53.16 -39.53 5.31
CA UNK DA 40 -53.38 -39.36 6.74
C UNK DA 40 -52.51 -38.22 7.24
N UNK DA 41 -52.98 -37.56 8.30
CA UNK DA 41 -52.24 -36.44 8.89
C UNK DA 41 -52.74 -36.26 10.31
N UNK DA 42 -51.84 -36.43 11.28
CA UNK DA 42 -52.17 -36.31 12.70
C UNK DA 42 -51.60 -34.98 13.19
N UNK DA 43 -52.37 -33.91 13.01
CA UNK DA 43 -51.98 -32.58 13.46
C UNK DA 43 -52.95 -31.99 14.48
N UNK DA 44 -53.86 -32.80 15.02
CA UNK DA 44 -54.84 -32.32 16.00
C UNK DA 44 -55.31 -33.52 16.81
N UNK DA 45 -56.39 -33.33 17.57
CA UNK DA 45 -56.93 -34.41 18.39
C UNK DA 45 -57.25 -35.63 17.53
N UNK DA 46 -58.02 -35.43 16.46
CA UNK DA 46 -58.40 -36.51 15.56
C UNK DA 46 -58.30 -36.02 14.12
N UNK DA 47 -57.64 -36.82 13.28
CA UNK DA 47 -57.47 -36.46 11.87
C UNK DA 47 -57.17 -37.73 11.10
N UNK DA 48 -58.06 -38.10 10.17
CA UNK DA 48 -57.88 -39.30 9.37
C UNK DA 48 -58.11 -39.11 7.88
N UNK DA 49 -58.51 -37.92 7.43
CA UNK DA 49 -58.76 -37.70 6.02
C UNK DA 49 -57.47 -37.88 5.23
N UNK DA 50 -57.62 -38.38 4.00
CA UNK DA 50 -56.49 -38.61 3.11
C UNK DA 50 -57.01 -38.77 1.69
N UNK DA 51 -56.13 -39.15 0.77
CA UNK DA 51 -56.48 -39.35 -0.62
C UNK DA 51 -56.04 -40.73 -1.07
N UNK DA 52 -56.68 -41.23 -2.12
CA UNK DA 52 -56.35 -42.54 -2.65
C UNK DA 52 -54.89 -42.58 -3.10
N UNK DA 53 -54.34 -43.79 -3.14
CA UNK DA 53 -52.96 -44.03 -3.54
C UNK DA 53 -52.92 -44.86 -4.82
N UNK DA 54 -51.71 -45.01 -5.36
CA UNK DA 54 -51.50 -45.77 -6.58
C UNK DA 54 -50.69 -47.05 -6.34
N UNK DA 55 -49.55 -46.94 -5.68
CA UNK DA 55 -48.71 -48.10 -5.40
C UNK DA 55 -47.81 -47.77 -4.21
N UNK DA 56 -46.85 -48.64 -3.94
CA UNK DA 56 -45.91 -48.45 -2.83
C UNK DA 56 -44.81 -47.48 -3.25
N UNK DA 57 -43.78 -47.36 -2.41
CA UNK DA 57 -42.66 -46.47 -2.69
C UNK DA 57 -41.44 -47.01 -1.96
N UNK DA 58 -40.34 -46.27 -2.06
CA UNK DA 58 -39.08 -46.66 -1.43
C UNK DA 58 -38.63 -45.68 -0.35
N UNK DA 59 -38.59 -44.39 -0.66
CA UNK DA 59 -38.17 -43.38 0.29
C UNK DA 59 -38.75 -42.03 -0.14
N UNK DA 60 -38.27 -40.95 0.47
CA UNK DA 60 -38.72 -39.61 0.17
C UNK DA 60 -37.54 -38.75 -0.27
N UNK DA 61 -37.82 -37.73 -1.07
CA UNK DA 61 -36.79 -36.83 -1.57
C UNK DA 61 -37.40 -35.45 -1.75
N UNK DA 62 -36.71 -34.59 -2.48
CA UNK DA 62 -37.15 -33.23 -2.74
C UNK DA 62 -37.69 -33.15 -4.17
N UNK DA 63 -38.96 -32.77 -4.30
CA UNK DA 63 -39.59 -32.65 -5.60
C UNK DA 63 -40.85 -31.81 -5.46
N UNK DA 64 -41.06 -30.91 -6.40
CA UNK DA 64 -42.22 -30.03 -6.39
C UNK DA 64 -43.50 -30.82 -6.56
N UNK DA 65 -38.69 -27.22 -5.41
CA UNK DA 65 -38.57 -27.53 -3.99
C UNK DA 65 -39.91 -28.01 -3.42
N UNK DA 66 -39.96 -29.27 -3.00
CA UNK DA 66 -41.17 -29.85 -2.43
C UNK DA 66 -40.79 -31.14 -1.72
N UNK DA 67 -41.78 -31.88 -1.27
CA UNK DA 67 -41.55 -33.14 -0.56
C UNK DA 67 -41.30 -34.26 -1.58
N UNK DA 68 -41.26 -35.49 -1.09
CA UNK DA 68 -41.02 -36.66 -1.95
C UNK DA 68 -42.32 -36.96 -2.70
N UNK DA 69 -42.39 -36.52 -3.96
CA UNK DA 69 -43.59 -36.69 -4.78
C UNK DA 69 -43.64 -38.12 -5.36
N UNK DA 70 -43.60 -39.09 -4.45
CA UNK DA 70 -43.66 -40.50 -4.83
C UNK DA 70 -45.11 -40.98 -4.83
N UNK DA 71 -45.30 -42.26 -5.11
CA UNK DA 71 -46.63 -42.85 -5.13
C UNK DA 71 -47.13 -43.03 -6.56
N UNK DA 72 -44.83 -44.06 -11.98
CA UNK DA 72 -45.99 -43.42 -11.38
C UNK DA 72 -45.68 -42.95 -9.96
N UNK DA 73 -45.59 -41.62 -9.78
CA UNK DA 73 -45.30 -41.03 -8.48
C UNK DA 73 -46.08 -39.72 -8.39
N UNK DA 74 -47.02 -39.65 -7.45
CA UNK DA 74 -47.84 -38.46 -7.24
C UNK DA 74 -47.84 -38.16 -5.74
N UNK DA 75 -46.86 -37.35 -5.31
CA UNK DA 75 -46.72 -36.96 -3.92
C UNK DA 75 -46.41 -35.47 -3.82
N UNK DA 76 -47.14 -34.67 -4.60
CA UNK DA 76 -46.94 -33.23 -4.60
C UNK DA 76 -46.96 -32.68 -3.18
N UNK DA 77 -45.87 -31.97 -2.82
CA UNK DA 77 -45.74 -31.39 -1.48
C UNK DA 77 -46.48 -30.05 -1.43
N UNK DA 78 -47.81 -30.15 -1.45
CA UNK DA 78 -48.66 -28.96 -1.39
C UNK DA 78 -50.00 -29.39 -0.80
N UNK DA 79 -50.26 -29.01 0.45
CA UNK DA 79 -51.49 -29.33 1.15
C UNK DA 79 -51.75 -30.83 1.22
N UNK DA 80 -50.71 -31.65 1.09
CA UNK DA 80 -50.78 -33.10 1.12
C UNK DA 80 -51.49 -33.71 -0.07
N UNK DA 81 -51.90 -32.92 -1.06
CA UNK DA 81 -52.59 -33.43 -2.23
C UNK DA 81 -51.59 -34.02 -3.23
N UNK DA 82 -52.11 -34.82 -4.15
CA UNK DA 82 -51.30 -35.46 -5.18
C UNK DA 82 -51.38 -34.61 -6.45
N UNK DA 83 -50.62 -33.51 -6.45
CA UNK DA 83 -50.60 -32.61 -7.59
C UNK DA 83 -50.12 -33.34 -8.85
N UNK DA 84 -48.88 -33.84 -8.81
CA UNK DA 84 -48.31 -34.56 -9.95
C UNK DA 84 -48.54 -36.07 -9.78
N UNK DA 85 -49.82 -36.44 -9.75
CA UNK DA 85 -50.19 -37.85 -9.61
C UNK DA 85 -49.48 -38.71 -10.64
N UNK DA 86 -49.66 -38.39 -11.91
CA UNK DA 86 -49.02 -39.15 -12.99
C UNK DA 86 -47.56 -38.72 -13.12
N UNK DA 87 -46.65 -39.69 -13.06
CA UNK DA 87 -45.21 -39.42 -13.17
C UNK DA 87 -44.87 -39.18 -14.64
N UNK DA 88 -45.08 -37.95 -15.07
CA UNK DA 88 -44.81 -37.55 -16.45
C UNK DA 88 -45.07 -36.06 -16.56
N UNK DA 89 -44.72 -35.50 -17.73
CA UNK DA 89 -44.94 -34.07 -17.95
C UNK DA 89 -46.42 -33.73 -17.96
N UNK DA 90 -47.24 -34.58 -18.57
CA UNK DA 90 -48.68 -34.39 -18.64
C UNK DA 90 -49.38 -35.61 -18.09
N UNK DA 91 -50.45 -35.39 -17.33
CA UNK DA 91 -51.20 -36.49 -16.74
C UNK DA 91 -51.78 -37.37 -17.84
N UNK DA 92 -51.74 -38.68 -17.62
CA UNK DA 92 -52.27 -39.64 -18.59
C UNK DA 92 -52.22 -41.06 -18.04
N UNK DA 93 -41.42 -45.04 -8.18
CA UNK DA 93 -42.24 -45.01 -6.97
C UNK DA 93 -42.03 -43.72 -6.19
N UNK DA 94 -41.69 -43.85 -4.91
CA UNK DA 94 -41.46 -42.69 -4.06
C UNK DA 94 -40.04 -42.17 -4.28
N UNK DA 95 -39.62 -41.23 -3.44
CA UNK DA 95 -38.29 -40.66 -3.55
C UNK DA 95 -37.24 -41.70 -3.14
N UNK DA 96 -35.97 -41.32 -3.26
CA UNK DA 96 -34.86 -42.19 -2.91
C UNK DA 96 -34.09 -41.69 -1.70
N UNK DA 97 -33.62 -40.44 -1.72
CA UNK DA 97 -32.88 -39.88 -0.61
C UNK DA 97 -32.70 -38.38 -0.86
N UNK DA 98 -32.78 -37.60 0.22
CA UNK DA 98 -32.60 -36.16 0.15
C UNK DA 98 -31.15 -35.84 0.50
N UNK DA 99 -30.39 -35.39 -0.49
CA UNK DA 99 -28.98 -35.05 -0.32
C UNK DA 99 -28.72 -33.68 -0.93
N UNK DA 100 -27.54 -33.14 -0.62
CA UNK DA 100 -27.10 -31.83 -1.11
C UNK DA 100 -25.81 -32.05 -1.88
N UNK DA 101 -25.93 -32.24 -3.20
CA UNK DA 101 -24.77 -32.46 -4.04
C UNK DA 101 -24.16 -31.13 -4.47
N UNK DA 102 -34.03 -30.78 -7.01
CA UNK DA 102 -33.74 -29.60 -6.18
C UNK DA 102 -32.66 -29.92 -5.16
N UNK DA 103 -32.33 -31.21 -5.03
CA UNK DA 103 -31.31 -31.65 -4.09
C UNK DA 103 -30.62 -32.88 -4.66
N UNK DA 104 -29.62 -33.37 -3.93
CA UNK DA 104 -28.86 -34.55 -4.34
C UNK DA 104 -29.70 -35.80 -4.05
N UNK DA 105 -30.66 -36.05 -4.94
CA UNK DA 105 -31.53 -37.21 -4.79
C UNK DA 105 -30.71 -38.49 -4.95
N UNK DA 106 -30.59 -39.25 -3.87
CA UNK DA 106 -29.83 -40.50 -3.87
C UNK DA 106 -30.82 -41.62 -3.51
N UNK DA 107 -31.29 -42.34 -4.53
CA UNK DA 107 -32.25 -43.43 -4.36
C UNK DA 107 -31.76 -44.68 -5.08
N UNK DA 108 -30.49 -45.02 -4.87
CA UNK DA 108 -29.92 -46.21 -5.49
C UNK DA 108 -30.69 -47.44 -5.06
N UNK DA 109 -31.38 -48.07 -6.02
CA UNK DA 109 -32.18 -49.26 -5.76
C UNK DA 109 -31.45 -50.50 -6.26
N UNK DA 110 -31.93 -51.66 -5.82
CA UNK DA 110 -31.35 -52.93 -6.22
C UNK DA 110 -32.13 -53.55 -7.37
N UNK DA 111 -32.07 -48.44 -10.40
CA UNK DA 111 -30.82 -49.19 -10.33
C UNK DA 111 -29.65 -48.25 -10.09
N UNK DA 112 -29.95 -46.99 -9.79
CA UNK DA 112 -28.92 -45.99 -9.54
C UNK DA 112 -29.47 -44.98 -8.53
N UNK DA 113 -28.62 -44.02 -8.15
CA UNK DA 113 -28.97 -42.98 -7.19
C UNK DA 113 -29.07 -41.61 -7.85
N UNK DA 114 -29.59 -41.58 -9.08
CA UNK DA 114 -29.75 -40.33 -9.80
C UNK DA 114 -31.12 -39.74 -9.49
N UNK DA 115 -31.13 -38.47 -9.08
CA UNK DA 115 -32.37 -37.79 -8.73
C UNK DA 115 -32.93 -37.07 -9.95
N UNK DA 116 -34.02 -36.34 -9.75
CA UNK DA 116 -34.69 -35.59 -10.81
C UNK DA 116 -34.24 -34.13 -10.71
N UNK DA 117 -33.30 -33.74 -11.56
CA UNK DA 117 -32.78 -32.37 -11.59
C UNK DA 117 -32.15 -32.00 -10.25
N UNK DA 118 -31.15 -32.78 -9.85
CA UNK DA 118 -30.47 -32.52 -8.59
C UNK DA 118 -29.80 -31.15 -8.58
N UNK DA 119 -29.26 -30.73 -9.73
CA UNK DA 119 -28.61 -29.43 -9.83
C UNK DA 119 -29.62 -28.29 -9.72
N UNK DA 120 -37.53 -33.92 -10.36
CA UNK DA 120 -37.73 -33.70 -11.79
C UNK DA 120 -38.02 -35.00 -12.51
N UNK DA 121 -37.19 -35.32 -13.50
CA UNK DA 121 -37.34 -36.55 -14.29
C UNK DA 121 -36.02 -37.30 -14.29
N UNK DA 122 -36.13 -38.63 -14.41
CA UNK DA 122 -34.95 -39.49 -14.43
C UNK DA 122 -34.08 -39.19 -15.65
N UNK DA 123 -32.89 -38.66 -15.42
CA UNK DA 123 -31.95 -38.32 -16.48
C UNK DA 123 -30.70 -39.20 -16.47
N UNK DA 124 -30.02 -39.28 -15.32
CA UNK DA 124 -28.81 -40.09 -15.21
C UNK DA 124 -28.73 -40.65 -13.80
N UNK DA 125 -28.15 -41.84 -13.67
CA UNK DA 125 -28.00 -42.50 -12.38
C UNK DA 125 -26.85 -43.51 -12.50
N UNK DA 126 -26.71 -44.35 -11.49
CA UNK DA 126 -25.67 -45.37 -11.42
C UNK DA 126 -26.28 -46.74 -11.67
N UNK DA 127 -25.45 -47.77 -11.55
CA UNK DA 127 -25.85 -49.15 -11.73
C UNK DA 127 -25.68 -49.87 -10.40
N UNK DA 128 -26.80 -50.26 -9.79
CA UNK DA 128 -26.79 -50.94 -8.50
C UNK DA 128 -27.85 -52.03 -8.50
N UNK DA 129 -27.50 -53.17 -7.93
CA UNK DA 129 -28.39 -54.34 -7.84
C UNK DA 129 -28.37 -54.91 -6.43
N UNK DA 130 -28.50 -54.04 -5.44
CA UNK DA 130 -28.48 -54.47 -4.04
C UNK DA 130 -29.48 -55.59 -3.81
N UNK DA 131 -29.07 -56.57 -3.02
CA UNK DA 131 -29.88 -57.74 -2.69
C UNK DA 131 -29.84 -58.02 -1.20
N UNK DA 132 -30.02 -56.98 -0.40
CA UNK DA 132 -29.98 -57.06 1.05
C UNK DA 132 -31.32 -56.60 1.63
N UNK DA 133 -31.38 -56.52 2.96
CA UNK DA 133 -32.61 -56.11 3.63
C UNK DA 133 -32.81 -54.61 3.57
N UNK DA 134 -31.76 -53.83 3.80
CA UNK DA 134 -31.85 -52.38 3.78
C UNK DA 134 -30.44 -51.82 3.90
N UNK DA 135 -30.34 -50.49 3.83
CA UNK DA 135 -29.06 -49.80 3.94
C UNK DA 135 -29.31 -48.40 4.50
N UNK DA 136 -28.59 -48.06 5.56
CA UNK DA 136 -28.76 -46.76 6.21
C UNK DA 136 -28.07 -45.67 5.39
N UNK DA 137 -28.08 -44.44 5.90
CA UNK DA 137 -27.46 -43.32 5.21
C UNK DA 137 -27.03 -42.31 6.28
N UNK DA 138 -25.73 -42.30 6.59
CA UNK DA 138 -25.20 -41.40 7.61
C UNK DA 138 -25.41 -39.94 7.21
N UNK DA 139 -26.25 -39.23 7.96
CA UNK DA 139 -26.53 -37.84 7.69
C UNK DA 139 -27.44 -37.32 8.81
N UNK DA 140 -27.47 -35.99 8.94
CA UNK DA 140 -28.29 -35.34 9.95
C UNK DA 140 -28.85 -34.05 9.35
N UNK DA 141 -29.44 -33.22 10.22
CA UNK DA 141 -30.00 -31.95 9.75
C UNK DA 141 -28.92 -31.09 9.09
N UNK DA 142 -27.79 -30.89 9.77
CA UNK DA 142 -26.69 -30.10 9.22
C UNK DA 142 -25.35 -30.76 9.47
N UNK DA 143 -25.32 -32.10 9.55
CA UNK DA 143 -24.07 -32.82 9.79
C UNK DA 143 -23.22 -32.89 8.52
N UNK DA 144 -23.76 -33.48 7.46
CA UNK DA 144 -23.05 -33.63 6.20
C UNK DA 144 -24.06 -34.10 5.15
N UNK DA 145 -23.55 -34.35 3.94
CA UNK DA 145 -24.36 -34.79 2.80
C UNK DA 145 -23.66 -36.00 2.19
N UNK DA 146 -24.09 -37.20 2.57
CA UNK DA 146 -23.52 -38.43 2.06
C UNK DA 146 -24.42 -39.59 2.48
N UNK DA 147 -24.30 -40.69 1.75
CA UNK DA 147 -25.10 -41.89 2.02
C UNK DA 147 -24.37 -43.11 1.48
N UNK DA 148 -24.85 -44.28 1.87
CA UNK DA 148 -24.26 -45.54 1.46
C UNK DA 148 -25.37 -46.56 1.26
N UNK DA 149 -25.07 -47.58 0.47
CA UNK DA 149 -26.03 -48.65 0.16
C UNK DA 149 -25.28 -49.96 0.08
N UNK DA 150 -25.95 -51.00 -0.41
CA UNK DA 150 -25.40 -52.33 -0.55
C UNK DA 150 -25.13 -52.64 -2.03
N UNK DA 151 -24.69 -53.87 -2.29
CA UNK DA 151 -24.38 -54.29 -3.65
C UNK DA 151 -25.17 -55.55 -4.02
N UNK DA 152 -24.85 -56.13 -5.19
CA UNK DA 152 -25.55 -57.33 -5.62
C UNK DA 152 -25.46 -58.44 -4.59
N UNK DA 153 -24.32 -58.55 -3.91
CA UNK DA 153 -24.09 -59.57 -2.89
C UNK DA 153 -23.88 -58.94 -1.52
N UNK DA 154 -24.66 -57.90 -1.20
CA UNK DA 154 -24.56 -57.19 0.07
C UNK DA 154 -23.16 -56.60 0.27
N UNK DA 155 -22.77 -55.75 -0.66
CA UNK DA 155 -21.46 -55.09 -0.64
C UNK DA 155 -21.61 -53.74 0.04
N UNK DA 156 -21.12 -53.63 1.27
CA UNK DA 156 -21.19 -52.38 2.00
C UNK DA 156 -20.27 -51.35 1.37
N UNK DA 157 -20.82 -50.15 1.10
CA UNK DA 157 -20.06 -49.08 0.50
C UNK DA 157 -20.50 -47.75 1.11
N UNK DA 158 -19.67 -46.73 0.90
CA UNK DA 158 -19.95 -45.39 1.42
C UNK DA 158 -19.48 -44.38 0.37
N UNK DA 159 -20.43 -43.75 -0.31
CA UNK DA 159 -20.13 -42.74 -1.34
C UNK DA 159 -20.90 -41.48 -0.97
N UNK DA 160 -20.19 -40.51 -0.38
CA UNK DA 160 -20.79 -39.25 0.04
C UNK DA 160 -19.98 -38.09 -0.55
N UNK DA 161 -20.63 -36.94 -0.63
CA UNK DA 161 -19.99 -35.73 -1.16
C UNK DA 161 -19.56 -35.88 -2.61
N UNK DA 162 -20.30 -36.68 -3.38
CA UNK DA 162 -20.06 -36.95 -4.78
C UNK DA 162 -18.80 -37.77 -5.05
N UNK DA 163 -18.11 -38.23 -4.01
CA UNK DA 163 -16.88 -39.01 -4.17
C UNK DA 163 -17.27 -40.48 -4.27
N UNK DA 164 -17.54 -40.93 -5.51
CA UNK DA 164 -17.92 -42.32 -5.77
C UNK DA 164 -16.67 -43.20 -5.72
N UNK DA 165 -16.19 -43.41 -4.49
CA UNK DA 165 -15.01 -44.23 -4.28
C UNK DA 165 -15.32 -45.70 -4.58
N UNK DA 166 -14.27 -46.53 -4.53
CA UNK DA 166 -14.40 -47.96 -4.80
C UNK DA 166 -13.67 -48.82 -3.77
N UNK DA 167 -13.33 -48.25 -2.61
CA UNK DA 167 -12.64 -49.00 -1.57
C UNK DA 167 -13.51 -50.17 -1.11
N UNK DA 168 -13.04 -51.39 -1.37
CA UNK DA 168 -13.77 -52.58 -0.98
C UNK DA 168 -12.78 -53.72 -0.78
N UNK DA 169 -13.09 -54.58 0.18
CA UNK DA 169 -12.24 -55.73 0.51
C UNK DA 169 -13.11 -56.79 1.18
N UNK DA 170 -12.47 -57.80 1.75
CA UNK DA 170 -13.17 -58.87 2.42
C UNK DA 170 -13.58 -58.45 3.83
N UNK DA 171 -14.63 -59.08 4.33
CA UNK DA 171 -15.14 -58.79 5.67
C UNK DA 171 -16.22 -59.81 6.01
N UNK DA 172 -16.52 -59.91 7.30
CA UNK DA 172 -17.54 -60.84 7.78
C UNK DA 172 -18.52 -60.25 8.77
N UNK DA 173 -18.30 -59.03 9.25
CA UNK DA 173 -19.21 -58.43 10.21
C UNK DA 173 -20.60 -58.26 9.59
N UNK DA 174 -21.60 -58.24 10.46
CA UNK DA 174 -23.00 -58.10 10.07
C UNK DA 174 -23.59 -56.83 10.69
N UNK DA 175 -24.89 -56.65 10.50
CA UNK DA 175 -25.59 -55.49 11.05
C UNK DA 175 -27.09 -55.70 10.83
N UNK DA 176 -27.87 -54.86 11.49
CA UNK DA 176 -29.33 -54.91 11.40
C UNK DA 176 -29.96 -53.68 10.79
N UNK DA 177 -29.41 -52.50 11.08
CA UNK DA 177 -29.93 -51.24 10.55
C UNK DA 177 -28.78 -50.28 10.35
N UNK DA 178 -29.10 -49.00 10.14
CA UNK DA 178 -28.09 -47.98 9.93
C UNK DA 178 -28.60 -46.65 10.48
N UNK DA 179 -27.67 -45.73 10.68
CA UNK DA 179 -28.00 -44.40 11.20
C UNK DA 179 -26.94 -43.42 10.69
N UNK DA 180 -27.07 -42.16 11.13
CA UNK DA 180 -26.15 -41.10 10.73
C UNK DA 180 -25.87 -40.25 11.96
N UNK DA 181 -24.60 -40.17 12.34
CA UNK DA 181 -24.17 -39.37 13.48
C UNK DA 181 -23.67 -38.00 12.99
N UNK DA 182 -23.10 -37.23 13.91
CA UNK DA 182 -22.58 -35.92 13.55
C UNK DA 182 -21.42 -36.03 12.55
N UNK DA 183 -20.40 -36.81 12.90
CA UNK DA 183 -19.25 -37.03 12.03
C UNK DA 183 -19.08 -38.48 11.62
N UNK DA 184 -19.39 -39.43 12.49
CA UNK DA 184 -19.29 -40.85 12.20
C UNK DA 184 -20.67 -41.41 11.90
N UNK DA 185 -20.68 -42.55 11.21
CA UNK DA 185 -21.92 -43.22 10.84
C UNK DA 185 -21.75 -44.72 11.01
N UNK DA 186 -22.74 -45.36 11.62
CA UNK DA 186 -22.73 -46.80 11.86
C UNK DA 186 -24.15 -47.31 11.84
N UNK DA 187 -24.29 -48.64 11.97
CA UNK DA 187 -25.60 -49.29 11.95
C UNK DA 187 -25.66 -50.30 13.09
N UNK DA 188 -26.89 -50.58 13.52
CA UNK DA 188 -27.09 -51.55 14.60
C UNK DA 188 -26.90 -52.97 14.08
N UNK DA 189 -26.73 -53.90 15.02
CA UNK DA 189 -26.52 -55.30 14.71
C UNK DA 189 -27.81 -56.08 14.92
N UNK DA 190 -27.76 -57.37 14.55
CA UNK DA 190 -28.89 -58.26 14.68
C UNK DA 190 -28.90 -59.04 15.99
N UNK DA 191 -28.16 -58.57 17.00
CA UNK DA 191 -28.10 -59.23 18.29
C UNK DA 191 -28.33 -58.25 19.44
N UNK DA 192 -29.13 -57.21 19.20
CA UNK DA 192 -29.45 -56.22 20.21
C UNK DA 192 -28.26 -55.32 20.55
N UNK DA 193 -27.36 -55.10 19.58
CA UNK DA 193 -26.19 -54.26 19.80
C UNK DA 193 -25.60 -53.91 18.44
N UNK DA 194 -25.32 -52.63 18.25
CA UNK DA 194 -24.74 -52.13 17.02
C UNK DA 194 -23.46 -51.36 17.32
N UNK DA 195 -22.70 -51.07 16.26
CA UNK DA 195 -21.44 -50.35 16.37
C UNK DA 195 -21.47 -49.13 15.46
N UNK DA 196 -20.41 -48.33 15.55
CA UNK DA 196 -20.27 -47.13 14.74
C UNK DA 196 -19.31 -47.38 13.58
N UNK DA 197 -19.03 -46.32 12.84
CA UNK DA 197 -18.13 -46.41 11.69
C UNK DA 197 -17.62 -45.02 11.36
N UNK DA 198 -16.30 -44.86 11.33
CA UNK DA 198 -15.69 -43.58 11.01
C UNK DA 198 -15.64 -43.40 9.49
N UNK DA 199 -14.90 -42.39 9.02
CA UNK DA 199 -14.79 -42.15 7.60
C UNK DA 199 -14.27 -43.39 6.86
N UNK DA 200 -13.49 -44.23 7.54
CA UNK DA 200 -12.98 -45.45 6.92
C UNK DA 200 -14.04 -46.52 6.74
N UNK DA 201 -15.21 -46.36 7.35
CA UNK DA 201 -16.31 -47.32 7.27
C UNK DA 201 -16.09 -48.56 8.12
N UNK DA 202 -15.17 -48.53 9.06
CA UNK DA 202 -14.91 -49.68 9.91
C UNK DA 202 -16.06 -49.86 10.92
N UNK DA 203 -15.94 -50.88 11.76
CA UNK DA 203 -16.94 -51.17 12.76
C UNK DA 203 -16.62 -50.44 14.06
N UNK DA 204 -17.62 -50.38 14.95
CA UNK DA 204 -17.49 -49.72 16.24
C UNK DA 204 -17.54 -50.69 17.39
N UNK DA 205 -18.58 -51.52 17.47
CA UNK DA 205 -18.73 -52.49 18.54
C UNK DA 205 -19.95 -53.36 18.23
N UNK DA 206 -20.21 -54.34 19.09
CA UNK DA 206 -21.35 -55.23 18.92
C UNK DA 206 -21.84 -55.66 20.29
N UNK DA 207 -23.15 -55.85 20.40
CA UNK DA 207 -23.79 -56.25 21.64
C UNK DA 207 -24.48 -57.59 21.48
N UNK DA 208 -24.81 -58.20 22.61
CA UNK DA 208 -25.49 -59.49 22.62
C UNK DA 208 -26.06 -59.72 24.01
N UNK DA 209 -27.35 -60.06 24.07
CA UNK DA 209 -28.02 -60.30 25.34
C UNK DA 209 -29.10 -61.35 25.12
N UNK DA 210 -29.99 -61.51 26.11
CA UNK DA 210 -31.07 -62.48 26.03
C UNK DA 210 -32.42 -61.79 26.11
N UNK DA 211 -36.57 -53.97 19.17
CA UNK DA 211 -36.25 -52.60 19.52
C UNK DA 211 -37.50 -51.72 19.56
N UNK DA 212 -37.44 -50.65 20.35
CA UNK DA 212 -38.55 -49.71 20.48
C UNK DA 212 -37.96 -48.32 20.70
N UNK DA 213 -37.83 -47.57 19.61
CA UNK DA 213 -37.26 -46.23 19.64
C UNK DA 213 -37.34 -45.65 18.24
N UNK DA 214 -37.13 -44.33 18.15
CA UNK DA 214 -37.17 -43.62 16.88
C UNK DA 214 -36.06 -42.56 16.92
N UNK DA 215 -34.91 -42.89 16.35
CA UNK DA 215 -33.78 -41.98 16.32
C UNK DA 215 -34.12 -40.78 15.44
N UNK DA 216 -34.31 -39.62 16.05
CA UNK DA 216 -34.64 -38.40 15.31
C UNK DA 216 -34.53 -37.23 16.29
N UNK DA 217 -34.88 -36.04 15.80
CA UNK DA 217 -34.84 -34.83 16.63
C UNK DA 217 -35.98 -33.93 16.16
N UNK DA 218 -37.12 -34.01 16.86
CA UNK DA 218 -38.29 -33.22 16.53
C UNK DA 218 -38.92 -32.49 17.71
N UNK DA 219 -38.67 -32.91 18.94
CA UNK DA 219 -39.25 -32.25 20.11
C UNK DA 219 -40.71 -32.63 20.29
N UNK DA 220 -20.37 -38.82 24.56
CA UNK DA 220 -21.44 -37.95 24.10
C UNK DA 220 -22.68 -38.09 24.98
N UNK DA 221 -23.84 -37.77 24.41
CA UNK DA 221 -25.11 -37.85 25.13
C UNK DA 221 -26.22 -37.54 24.14
N UNK DA 222 -27.46 -37.71 24.60
CA UNK DA 222 -28.64 -37.45 23.77
C UNK DA 222 -28.69 -38.36 22.55
N UNK DA 223 -28.49 -39.65 22.78
CA UNK DA 223 -28.51 -40.62 21.69
C UNK DA 223 -29.93 -40.84 21.21
N UNK DA 224 -30.08 -41.74 20.24
CA UNK DA 224 -31.37 -42.07 19.66
C UNK DA 224 -31.64 -43.55 19.83
N UNK DA 225 -32.90 -43.91 20.06
CA UNK DA 225 -33.30 -45.30 20.27
C UNK DA 225 -33.54 -45.95 18.92
N UNK DA 226 -32.90 -47.11 18.71
CA UNK DA 226 -33.06 -47.87 17.48
C UNK DA 226 -33.01 -49.35 17.81
N UNK DA 227 -33.89 -50.13 17.19
CA UNK DA 227 -33.96 -51.56 17.44
C UNK DA 227 -34.95 -52.17 16.46
N UNK DA 228 -34.93 -53.50 16.37
CA UNK DA 228 -35.82 -54.24 15.48
C UNK DA 228 -37.20 -54.37 16.13
N UNK DA 229 -38.04 -55.22 15.56
CA UNK DA 229 -39.40 -55.43 16.07
C UNK DA 229 -39.45 -56.16 17.41
N UNK DA 230 -38.31 -56.44 18.04
CA UNK DA 230 -38.31 -57.14 19.32
C UNK DA 230 -38.85 -56.29 20.47
N UNK DA 231 -39.09 -54.99 20.24
CA UNK DA 231 -39.64 -54.06 21.22
C UNK DA 231 -38.64 -53.65 22.30
N UNK DA 232 -37.39 -54.09 22.22
CA UNK DA 232 -36.38 -53.75 23.22
C UNK DA 232 -35.54 -52.61 22.65
N UNK DA 233 -35.92 -51.38 22.97
CA UNK DA 233 -35.24 -50.19 22.48
C UNK DA 233 -34.21 -49.72 23.50
N UNK DA 234 -33.06 -49.27 22.99
CA UNK DA 234 -31.99 -48.79 23.84
C UNK DA 234 -31.17 -47.76 23.07
N UNK DA 235 -30.48 -46.90 23.82
CA UNK DA 235 -29.64 -45.87 23.22
C UNK DA 235 -28.59 -45.44 24.24
N UNK DA 236 -27.60 -44.70 23.75
CA UNK DA 236 -26.51 -44.20 24.59
C UNK DA 236 -25.64 -43.30 23.72
N UNK DA 237 -24.70 -42.61 24.36
CA UNK DA 237 -23.81 -41.71 23.65
C UNK DA 237 -22.63 -42.48 23.06
N UNK DA 238 -22.92 -43.55 22.32
CA UNK DA 238 -21.89 -44.33 21.64
C UNK DA 238 -21.08 -45.18 22.62
N UNK DA 239 -21.29 -44.99 23.92
CA UNK DA 239 -20.58 -45.78 24.91
C UNK DA 239 -21.42 -46.20 26.11
N UNK DA 240 -22.71 -45.88 26.13
CA UNK DA 240 -23.58 -46.21 27.25
C UNK DA 240 -24.45 -47.42 26.89
N UNK DA 241 -24.88 -48.14 27.92
CA UNK DA 241 -25.80 -49.25 27.72
C UNK DA 241 -27.10 -48.75 27.12
N UNK DA 242 -27.53 -49.38 26.02
CA UNK DA 242 -28.73 -48.94 25.32
C UNK DA 242 -29.89 -48.75 26.28
N UNK DA 243 -30.34 -49.84 26.90
CA UNK DA 243 -31.44 -49.77 27.86
C UNK DA 243 -31.65 -51.17 28.43
N UNK DA 244 -32.53 -51.25 29.44
CA UNK DA 244 -32.91 -52.53 30.04
C UNK DA 244 -34.37 -52.40 30.49
N UNK DA 245 -35.28 -52.84 29.63
CA UNK DA 245 -36.71 -52.75 29.90
C UNK DA 245 -37.43 -53.79 29.04
N UNK DA 246 -38.75 -53.67 28.96
CA UNK DA 246 -39.59 -54.55 28.17
C UNK DA 246 -40.22 -53.77 27.02
N UNK DA 247 -41.10 -54.44 26.28
CA UNK DA 247 -41.77 -53.85 25.14
C UNK DA 247 -43.15 -53.36 25.55
N UNK DA 248 -43.45 -52.10 25.25
CA UNK DA 248 -44.75 -51.53 25.61
C UNK DA 248 -45.86 -52.14 24.76
N UNK DA 249 -45.67 -52.17 23.45
CA UNK DA 249 -46.67 -52.71 22.53
C UNK DA 249 -46.02 -52.84 21.16
N UNK DA 250 -46.81 -53.31 20.19
CA UNK DA 250 -46.30 -53.48 18.84
C UNK DA 250 -45.85 -52.13 18.27
N UNK DA 251 -44.85 -52.19 17.40
CA UNK DA 251 -44.30 -50.99 16.77
C UNK DA 251 -44.11 -51.28 15.28
N UNK DA 252 -44.48 -50.30 14.45
CA UNK DA 252 -44.34 -50.40 13.01
C UNK DA 252 -43.30 -49.47 12.43
N UNK DA 253 -43.32 -48.20 12.81
CA UNK DA 253 -42.37 -47.21 12.32
C UNK DA 253 -42.55 -45.94 13.12
N UNK DA 254 -41.65 -44.99 12.88
CA UNK DA 254 -41.68 -43.69 13.57
C UNK DA 254 -40.58 -42.83 12.97
N UNK DA 255 -40.56 -41.56 13.38
CA UNK DA 255 -39.57 -40.60 12.91
C UNK DA 255 -39.41 -39.51 13.96
N UNK DA 256 -38.70 -38.44 13.59
CA UNK DA 256 -38.46 -37.31 14.49
C UNK DA 256 -38.60 -36.04 13.66
N UNK DA 257 -39.80 -35.45 13.68
CA UNK DA 257 -40.07 -34.23 12.94
C UNK DA 257 -41.12 -33.37 13.65
N UNK DA 258 -45.56 -38.07 24.73
CA UNK DA 258 -44.50 -37.13 24.37
C UNK DA 258 -44.47 -36.90 22.86
N UNK DA 259 -43.26 -36.79 22.31
CA UNK DA 259 -43.06 -36.57 20.89
C UNK DA 259 -42.69 -37.88 20.21
N UNK DA 260 -42.37 -37.82 18.92
CA UNK DA 260 -41.99 -38.98 18.14
C UNK DA 260 -43.10 -40.04 18.16
N UNK DA 261 -44.27 -39.66 17.63
CA UNK DA 261 -45.41 -40.55 17.58
C UNK DA 261 -45.23 -41.61 16.50
N UNK DA 262 -44.72 -42.78 16.88
CA UNK DA 262 -44.50 -43.86 15.95
C UNK DA 262 -45.82 -44.57 15.63
N UNK DA 263 -45.74 -45.60 14.79
CA UNK DA 263 -46.90 -46.39 14.41
C UNK DA 263 -46.68 -47.85 14.76
N UNK DA 264 -47.77 -48.62 14.74
CA UNK DA 264 -47.75 -50.03 15.05
C UNK DA 264 -48.35 -50.79 13.87
N UNK DA 265 -47.56 -51.70 13.28
CA UNK DA 265 -48.01 -52.49 12.15
C UNK DA 265 -48.95 -53.62 12.54
N UNK DA 266 -49.30 -53.74 13.82
CA UNK DA 266 -50.19 -54.78 14.31
C UNK DA 266 -51.45 -54.17 14.94
N UNK DA 267 -51.93 -53.06 14.38
CA UNK DA 267 -53.10 -52.32 14.82
C UNK DA 267 -52.84 -51.48 16.07
N UNK DA 268 -51.65 -51.55 16.66
CA UNK DA 268 -51.33 -50.78 17.84
C UNK DA 268 -50.71 -49.44 17.44
N UNK DA 269 -50.32 -48.65 18.45
CA UNK DA 269 -49.71 -47.35 18.22
C UNK DA 269 -49.14 -46.84 19.52
N UNK DA 270 -47.99 -46.17 19.45
CA UNK DA 270 -47.34 -45.62 20.63
C UNK DA 270 -46.51 -44.43 20.19
N UNK DA 271 -46.83 -43.25 20.72
CA UNK DA 271 -46.12 -42.00 20.40
C UNK DA 271 -45.76 -41.34 21.73
N UNK DA 272 -44.58 -41.67 22.25
CA UNK DA 272 -44.11 -41.12 23.51
C UNK DA 272 -42.61 -40.85 23.40
N UNK DA 273 -42.09 -40.15 24.40
CA UNK DA 273 -40.67 -39.80 24.45
C UNK DA 273 -40.36 -39.21 25.81
N UNK DA 274 -39.11 -39.38 26.24
CA UNK DA 274 -38.65 -38.87 27.52
C UNK DA 274 -38.05 -37.48 27.35
N UNK DA 275 -37.47 -36.95 28.42
CA UNK DA 275 -36.85 -35.63 28.38
C UNK DA 275 -35.64 -35.64 27.44
N UNK DA 276 -35.15 -34.44 27.14
CA UNK DA 276 -34.00 -34.29 26.25
C UNK DA 276 -32.73 -34.86 26.90
N UNK EA 1 -2.06 -32.30 -79.35
CA UNK EA 1 -1.51 -33.47 -78.68
C UNK EA 1 -2.19 -33.70 -77.34
N UNK EA 2 -2.83 -32.67 -76.82
CA UNK EA 2 -3.53 -32.74 -75.54
C UNK EA 2 -5.03 -32.94 -75.69
N UNK EA 3 -5.70 -32.07 -76.46
CA UNK EA 3 -7.13 -32.17 -76.68
C UNK EA 3 -7.48 -32.80 -78.04
N UNK EA 4 -6.67 -33.76 -78.49
CA UNK EA 4 -6.88 -34.43 -79.76
C UNK EA 4 -7.64 -35.74 -79.62
N UNK EA 5 -8.54 -35.83 -78.63
CA UNK EA 5 -9.32 -37.04 -78.44
C UNK EA 5 -10.22 -37.32 -79.65
N UNK EA 6 -10.86 -36.28 -80.18
CA UNK EA 6 -11.71 -36.47 -81.35
C UNK EA 6 -10.89 -36.91 -82.56
N UNK EA 7 -9.72 -36.31 -82.77
CA UNK EA 7 -8.87 -36.71 -83.88
C UNK EA 7 -8.42 -38.16 -83.73
N UNK EA 8 -8.06 -38.56 -82.51
CA UNK EA 8 -7.64 -39.94 -82.28
C UNK EA 8 -8.79 -40.91 -82.53
N UNK EA 9 -9.99 -40.56 -82.09
CA UNK EA 9 -11.15 -41.42 -82.32
C UNK EA 9 -11.45 -41.54 -83.82
N UNK EA 10 -11.36 -40.42 -84.54
CA UNK EA 10 -11.59 -40.46 -85.99
C UNK EA 10 -10.53 -41.33 -86.68
N UNK EA 11 -9.26 -41.19 -86.28
CA UNK EA 11 -8.22 -42.01 -86.86
C UNK EA 11 -8.44 -43.49 -86.58
N UNK EA 12 -8.85 -43.82 -85.35
CA UNK EA 12 -9.11 -45.22 -85.01
C UNK EA 12 -10.28 -45.76 -85.81
N UNK EA 13 -11.34 -44.96 -85.98
CA UNK EA 13 -12.48 -45.41 -86.78
C UNK EA 13 -12.08 -45.62 -88.23
N UNK EA 14 -11.26 -44.72 -88.79
CA UNK EA 14 -10.81 -44.88 -90.16
C UNK EA 14 -9.95 -46.13 -90.32
N UNK EA 15 -9.07 -46.38 -89.35
CA UNK EA 15 -8.24 -47.58 -89.40
C UNK EA 15 -9.07 -48.84 -89.32
N UNK EA 16 -10.09 -48.84 -88.45
CA UNK EA 16 -10.97 -50.00 -88.35
C UNK EA 16 -11.74 -50.22 -89.64
N UNK EA 17 -12.24 -49.14 -90.25
CA UNK EA 17 -12.95 -49.26 -91.50
C UNK EA 17 -12.05 -49.80 -92.61
N UNK EA 18 -10.80 -49.33 -92.66
CA UNK EA 18 -9.87 -49.83 -93.66
C UNK EA 18 -9.55 -51.30 -93.43
N UNK EA 19 -9.36 -51.70 -92.16
CA UNK EA 19 -9.09 -53.10 -91.86
C UNK EA 19 -10.27 -53.98 -92.25
N UNK EA 20 -11.50 -53.51 -92.00
CA UNK EA 20 -12.67 -54.28 -92.39
C UNK EA 20 -12.78 -54.39 -93.91
N UNK EA 21 -12.54 -53.29 -94.62
CA UNK EA 21 -12.59 -53.33 -96.08
C UNK EA 21 -11.53 -54.26 -96.64
N UNK EA 22 -10.36 -54.33 -96.01
CA UNK EA 22 -9.31 -55.24 -96.47
C UNK EA 22 -9.68 -56.69 -96.18
N UNK EA 23 -10.15 -56.96 -94.97
CA UNK EA 23 -10.54 -58.32 -94.62
C UNK EA 23 -11.73 -58.82 -95.43
N UNK EA 24 -12.55 -57.90 -95.96
CA UNK EA 24 -13.65 -58.31 -96.84
C UNK EA 24 -13.13 -59.15 -98.00
N UNK EA 25 -12.16 -58.63 -98.75
CA UNK EA 25 -11.56 -59.41 -99.81
C UNK EA 25 -10.59 -60.45 -99.27
N UNK EA 26 -10.04 -60.23 -98.08
CA UNK EA 26 -9.11 -61.15 -97.43
C UNK EA 26 -9.80 -61.99 -96.36
N UNK EA 27 -11.05 -62.38 -96.59
CA UNK EA 27 -11.79 -63.17 -95.62
C UNK EA 27 -10.96 -64.37 -95.16
N UNK EA 28 -11.17 -64.76 -93.90
CA UNK EA 28 -10.41 -65.84 -93.26
C UNK EA 28 -8.93 -65.46 -93.14
N UNK EA 29 -8.71 -64.29 -92.53
CA UNK EA 29 -7.37 -63.78 -92.29
C UNK EA 29 -6.79 -64.19 -90.95
N UNK EA 30 -7.25 -65.31 -90.39
CA UNK EA 30 -6.75 -65.78 -89.10
C UNK EA 30 -5.23 -65.77 -89.07
N UNK EA 31 -4.59 -66.21 -90.15
CA UNK EA 31 -3.13 -66.23 -90.19
C UNK EA 31 -2.54 -64.84 -90.07
N UNK EA 32 -3.25 -63.83 -90.59
CA UNK EA 32 -2.78 -62.44 -90.52
C UNK EA 32 -3.36 -61.73 -89.31
N UNK EA 33 -2.97 -62.23 -88.13
CA UNK EA 33 -3.45 -61.68 -86.87
C UNK EA 33 -2.76 -60.38 -86.49
N UNK EA 34 -1.65 -60.03 -87.14
CA UNK EA 34 -0.95 -58.79 -86.81
C UNK EA 34 -1.84 -57.58 -87.06
N UNK EA 35 -2.47 -57.52 -88.23
CA UNK EA 35 -3.35 -56.39 -88.53
C UNK EA 35 -4.61 -56.42 -87.68
N UNK EA 36 -5.22 -57.59 -87.52
CA UNK EA 36 -6.43 -57.69 -86.70
C UNK EA 36 -6.14 -57.34 -85.25
N UNK EA 37 -5.03 -57.83 -84.70
CA UNK EA 37 -4.69 -57.54 -83.31
C UNK EA 37 -4.48 -56.05 -83.09
N UNK EA 38 -3.80 -55.38 -84.04
CA UNK EA 38 -3.56 -53.96 -83.89
C UNK EA 38 -4.86 -53.17 -83.88
N UNK EA 39 -5.80 -53.52 -84.76
CA UNK EA 39 -7.07 -52.80 -84.81
C UNK EA 39 -7.87 -53.03 -83.53
N UNK EA 40 -7.94 -54.28 -83.05
CA UNK EA 40 -8.67 -54.57 -81.84
C UNK EA 40 -8.05 -53.87 -80.64
N UNK EA 41 -6.72 -53.89 -80.53
CA UNK EA 41 -6.05 -53.23 -79.42
C UNK EA 41 -6.29 -51.72 -79.44
N UNK EA 42 -6.21 -51.11 -80.63
CA UNK EA 42 -6.47 -49.68 -80.75
C UNK EA 42 -7.91 -49.34 -80.36
N UNK EA 43 -8.86 -50.15 -80.82
CA UNK EA 43 -10.27 -49.91 -80.48
C UNK EA 43 -10.48 -50.05 -78.98
N UNK EA 44 -9.87 -51.04 -78.35
CA UNK EA 44 -10.01 -51.21 -76.91
C UNK EA 44 -9.39 -50.04 -76.14
N UNK EA 45 -8.23 -49.57 -76.59
CA UNK EA 45 -7.58 -48.45 -75.92
C UNK EA 45 -8.40 -47.17 -76.07
N UNK EA 46 -8.93 -46.92 -77.26
CA UNK EA 46 -9.73 -45.71 -77.48
C UNK EA 46 -11.02 -45.76 -76.66
N UNK EA 47 -11.71 -46.91 -76.67
CA UNK EA 47 -12.95 -47.02 -75.90
C UNK EA 47 -12.70 -46.95 -74.41
N UNK EA 48 -11.54 -47.43 -73.95
CA UNK EA 48 -11.21 -47.41 -72.52
C UNK EA 48 -10.36 -46.22 -72.11
N UNK EA 49 -9.65 -45.59 -73.05
CA UNK EA 49 -8.81 -44.44 -72.76
C UNK EA 49 -7.79 -44.76 -71.67
N UNK EA 50 -6.99 -45.80 -71.92
CA UNK EA 50 -5.96 -46.24 -70.99
C UNK EA 50 -4.70 -46.55 -71.78
N UNK EA 51 -3.71 -47.15 -71.11
CA UNK EA 51 -2.46 -47.50 -71.75
C UNK EA 51 -2.63 -48.59 -72.80
N UNK EA 52 -3.75 -49.29 -72.80
CA UNK EA 52 -4.08 -50.37 -73.72
C UNK EA 52 -3.40 -51.70 -73.35
N UNK EA 53 -2.69 -51.76 -72.23
CA UNK EA 53 -2.02 -52.98 -71.79
C UNK EA 53 -2.59 -53.53 -70.50
N UNK EA 54 -2.69 -52.70 -69.46
CA UNK EA 54 -3.25 -53.16 -68.19
C UNK EA 54 -4.76 -53.22 -68.22
N UNK EA 55 -5.41 -52.21 -68.83
CA UNK EA 55 -6.86 -52.21 -68.90
C UNK EA 55 -7.38 -53.21 -69.93
N UNK EA 56 -6.58 -53.51 -70.95
CA UNK EA 56 -7.02 -54.47 -71.96
C UNK EA 56 -7.19 -55.86 -71.38
N UNK EA 57 -6.27 -56.27 -70.50
CA UNK EA 57 -6.32 -57.58 -69.87
C UNK EA 57 -7.25 -57.63 -68.66
N UNK EA 58 -7.97 -56.54 -68.39
CA UNK EA 58 -8.88 -56.53 -67.25
C UNK EA 58 -9.97 -57.60 -67.37
N UNK EA 59 -10.38 -57.92 -68.60
CA UNK EA 59 -11.40 -58.94 -68.80
C UNK EA 59 -10.80 -60.34 -68.75
N UNK EA 60 -9.69 -60.56 -69.45
CA UNK EA 60 -9.02 -61.84 -69.47
C UNK EA 60 -8.04 -62.02 -68.32
N UNK EA 61 -8.08 -61.15 -67.31
CA UNK EA 61 -7.16 -61.25 -66.19
C UNK EA 61 -7.35 -62.54 -65.40
N UNK EA 62 -8.51 -63.19 -65.53
CA UNK EA 62 -8.77 -64.44 -64.83
C UNK EA 62 -9.22 -65.56 -65.76
N UNK EA 63 -9.05 -65.41 -67.07
CA UNK EA 63 -9.47 -66.47 -68.00
C UNK EA 63 -8.66 -67.74 -67.78
N UNK EA 64 -7.38 -67.59 -67.44
CA UNK EA 64 -6.55 -68.77 -67.20
C UNK EA 64 -7.01 -69.52 -65.96
N UNK EA 65 -7.30 -68.81 -64.87
CA UNK EA 65 -7.76 -69.46 -63.66
C UNK EA 65 -9.18 -70.01 -63.80
N UNK EA 66 -9.98 -69.41 -64.66
CA UNK EA 66 -11.36 -69.88 -64.86
C UNK EA 66 -11.39 -71.12 -65.74
N UNK EA 67 -10.89 -71.01 -66.98
CA UNK EA 67 -10.89 -72.14 -67.89
C UNK EA 67 -9.58 -72.27 -68.68
N UNK EA 68 -8.55 -71.49 -68.34
CA UNK EA 68 -7.27 -71.54 -69.04
C UNK EA 68 -7.44 -71.26 -70.54
N UNK EA 69 -7.92 -70.06 -70.84
CA UNK EA 69 -8.15 -69.64 -72.22
C UNK EA 69 -6.81 -69.42 -72.90
N UNK EA 70 -6.52 -70.24 -73.93
CA UNK EA 70 -5.27 -70.12 -74.65
C UNK EA 70 -5.16 -68.83 -75.46
N UNK EA 71 -6.27 -68.10 -75.64
CA UNK EA 71 -6.22 -66.85 -76.39
C UNK EA 71 -5.29 -65.85 -75.73
N UNK EA 72 -5.26 -65.83 -74.39
CA UNK EA 72 -4.37 -64.91 -73.68
C UNK EA 72 -2.90 -65.21 -73.99
N UNK EA 73 -2.56 -66.50 -74.05
CA UNK EA 73 -1.18 -66.87 -74.38
C UNK EA 73 -0.80 -66.41 -75.78
N UNK EA 74 -1.69 -66.59 -76.75
CA UNK EA 74 -1.42 -66.15 -78.11
C UNK EA 74 -1.29 -64.64 -78.18
N UNK EA 75 -2.14 -63.91 -77.45
CA UNK EA 75 -2.05 -62.46 -77.43
C UNK EA 75 -0.74 -62.00 -76.82
N UNK EA 76 -0.32 -62.63 -75.72
CA UNK EA 76 0.96 -62.28 -75.10
C UNK EA 76 2.12 -62.57 -76.04
N UNK EA 77 2.08 -63.70 -76.74
CA UNK EA 77 3.14 -64.03 -77.68
C UNK EA 77 3.19 -63.03 -78.82
N UNK EA 78 2.03 -62.62 -79.34
CA UNK EA 78 2.01 -61.64 -80.41
C UNK EA 78 2.55 -60.29 -79.93
N UNK EA 79 2.18 -59.89 -78.70
CA UNK EA 79 2.69 -58.64 -78.16
C UNK EA 79 4.20 -58.69 -77.98
N UNK EA 80 4.71 -59.83 -77.49
CA UNK EA 80 6.16 -59.96 -77.32
C UNK EA 80 6.88 -59.93 -78.66
N UNK EA 81 6.30 -60.58 -79.68
CA UNK EA 81 6.91 -60.54 -81.01
C UNK EA 81 6.91 -59.13 -81.58
N UNK EA 82 5.82 -58.39 -81.39
CA UNK EA 82 5.76 -57.02 -81.86
C UNK EA 82 6.79 -56.14 -81.15
N UNK EA 83 6.92 -56.33 -79.83
CA UNK EA 83 7.91 -55.56 -79.08
C UNK EA 83 9.32 -55.89 -79.54
N UNK EA 84 9.60 -57.17 -79.79
CA UNK EA 84 10.93 -57.55 -80.27
C UNK EA 84 11.21 -56.96 -81.64
N UNK EA 85 10.21 -56.96 -82.53
CA UNK EA 85 10.39 -56.36 -83.85
C UNK EA 85 10.64 -54.86 -83.74
N UNK EA 86 9.89 -54.18 -82.88
CA UNK EA 86 10.09 -52.75 -82.70
C UNK EA 86 11.47 -52.45 -82.13
N UNK EA 87 11.95 -53.28 -81.20
CA UNK EA 87 13.28 -53.09 -80.65
C UNK EA 87 14.35 -53.33 -81.70
N UNK EA 88 14.16 -54.36 -82.55
CA UNK EA 88 15.12 -54.61 -83.63
C UNK EA 88 15.15 -53.44 -84.61
N UNK EA 89 13.98 -52.89 -84.95
CA UNK EA 89 13.89 -51.73 -85.82
C UNK EA 89 14.19 -50.48 -84.98
N UNK EA 90 15.47 -50.33 -84.65
CA UNK EA 90 15.93 -49.23 -83.79
C UNK EA 90 16.17 -48.00 -84.64
N UNK EA 91 15.27 -47.03 -84.56
CA UNK EA 91 15.40 -45.76 -85.27
C UNK EA 91 15.75 -44.61 -84.34
N UNK EA 92 15.04 -44.47 -83.22
CA UNK EA 92 15.31 -43.42 -82.24
C UNK EA 92 15.48 -44.10 -80.89
N UNK EA 93 16.71 -44.05 -80.35
CA UNK EA 93 16.97 -44.69 -79.07
C UNK EA 93 16.17 -44.04 -77.94
N UNK EA 94 16.02 -42.71 -77.99
CA UNK EA 94 15.26 -42.02 -76.96
C UNK EA 94 13.81 -42.50 -76.90
N UNK EA 95 13.24 -42.84 -78.06
CA UNK EA 95 11.86 -43.34 -78.08
C UNK EA 95 11.80 -44.82 -77.77
N UNK EA 96 12.78 -45.60 -78.25
CA UNK EA 96 12.78 -47.03 -77.98
C UNK EA 96 12.93 -47.31 -76.49
N UNK EA 97 13.79 -46.55 -75.80
CA UNK EA 97 13.96 -46.75 -74.37
C UNK EA 97 12.67 -46.42 -73.61
N UNK EA 98 12.00 -45.33 -73.99
CA UNK EA 98 10.75 -44.98 -73.35
C UNK EA 98 9.68 -46.04 -73.60
N UNK EA 99 9.61 -46.55 -74.83
CA UNK EA 99 8.64 -47.60 -75.13
C UNK EA 99 8.91 -48.86 -74.32
N UNK EA 100 10.18 -49.24 -74.20
CA UNK EA 100 10.53 -50.43 -73.42
C UNK EA 100 10.19 -50.22 -71.95
N UNK EA 101 10.46 -49.03 -71.41
CA UNK EA 101 10.13 -48.74 -70.02
C UNK EA 101 8.62 -48.80 -69.79
N UNK EA 102 7.84 -48.23 -70.72
CA UNK EA 102 6.39 -48.27 -70.58
C UNK EA 102 5.87 -49.69 -70.66
N UNK EA 103 6.42 -50.50 -71.57
CA UNK EA 103 6.00 -51.90 -71.67
C UNK EA 103 6.32 -52.65 -70.38
N UNK EA 104 7.52 -52.43 -69.83
CA UNK EA 104 7.89 -53.09 -68.58
C UNK EA 104 6.98 -52.67 -67.44
N UNK EA 105 6.65 -51.38 -67.37
CA UNK EA 105 5.75 -50.90 -66.32
C UNK EA 105 4.37 -51.52 -66.46
N UNK EA 106 3.86 -51.58 -67.69
CA UNK EA 106 2.55 -52.19 -67.92
C UNK EA 106 2.56 -53.67 -67.54
N UNK EA 107 3.63 -54.38 -67.88
CA UNK EA 107 3.73 -55.80 -67.53
C UNK EA 107 3.80 -55.99 -66.02
N UNK EA 108 4.53 -55.11 -65.33
CA UNK EA 108 4.64 -55.23 -63.88
C UNK EA 108 3.32 -54.89 -63.19
N UNK EA 109 2.56 -53.94 -63.75
CA UNK EA 109 1.29 -53.56 -63.14
C UNK EA 109 0.33 -54.75 -63.06
N UNK EA 110 0.24 -55.51 -64.13
CA UNK EA 110 -0.64 -56.68 -64.17
C UNK EA 110 0.15 -57.93 -63.77
N UNK EA 111 -0.51 -58.80 -63.01
CA UNK EA 111 0.14 -60.02 -62.54
C UNK EA 111 0.12 -61.10 -63.62
N UNK EA 112 0.59 -60.75 -64.82
CA UNK EA 112 0.67 -61.71 -65.90
C UNK EA 112 1.95 -61.58 -66.74
N UNK EA 113 2.88 -60.70 -66.37
CA UNK EA 113 4.09 -60.51 -67.15
C UNK EA 113 5.08 -61.66 -67.00
N UNK EA 114 4.95 -62.46 -65.94
CA UNK EA 114 5.88 -63.57 -65.73
C UNK EA 114 5.83 -64.55 -66.90
N UNK EA 115 4.68 -65.21 -67.09
CA UNK EA 115 4.57 -66.15 -68.20
C UNK EA 115 4.74 -65.48 -69.56
N UNK EA 116 4.62 -64.15 -69.61
CA UNK EA 116 4.77 -63.43 -70.87
C UNK EA 116 6.24 -63.22 -71.23
N UNK EA 117 7.09 -62.94 -70.26
CA UNK EA 117 8.47 -62.57 -70.53
C UNK EA 117 9.49 -63.59 -70.05
N UNK EA 118 9.38 -64.10 -68.83
CA UNK EA 118 10.38 -65.02 -68.31
C UNK EA 118 10.53 -66.23 -69.23
N UNK EA 119 9.41 -66.90 -69.54
CA UNK EA 119 9.46 -68.06 -70.41
C UNK EA 119 9.54 -67.68 -71.89
N UNK EA 120 9.04 -66.50 -72.26
CA UNK EA 120 9.02 -66.08 -73.65
C UNK EA 120 10.35 -65.52 -74.14
N UNK EA 121 11.30 -65.27 -73.23
CA UNK EA 121 12.61 -64.79 -73.66
C UNK EA 121 13.28 -65.79 -74.60
N UNK EA 122 13.15 -67.08 -74.31
CA UNK EA 122 13.76 -68.10 -75.17
C UNK EA 122 13.14 -68.10 -76.55
N UNK EA 123 11.81 -68.03 -76.62
CA UNK EA 123 11.13 -67.99 -77.92
C UNK EA 123 11.45 -66.73 -78.68
N UNK EA 124 11.65 -65.61 -77.98
CA UNK EA 124 12.03 -64.38 -78.65
C UNK EA 124 13.44 -64.44 -79.20
N UNK EA 125 14.36 -65.03 -78.42
CA UNK EA 125 15.74 -65.18 -78.90
C UNK EA 125 15.81 -66.13 -80.09
N UNK EA 126 15.06 -67.23 -80.05
CA UNK EA 126 15.01 -68.19 -81.14
C UNK EA 126 13.92 -67.77 -82.13
N UNK EA 127 14.21 -66.71 -82.87
CA UNK EA 127 13.27 -66.13 -83.83
C UNK EA 127 13.55 -66.53 -85.27
N UNK EA 128 14.65 -67.24 -85.53
CA UNK EA 128 15.01 -67.67 -86.88
C UNK EA 128 15.19 -66.47 -87.81
N UNK EA 129 16.14 -65.61 -87.45
CA UNK EA 129 16.39 -64.37 -88.18
C UNK EA 129 17.89 -64.09 -88.14
N UNK EA 130 18.26 -62.86 -88.42
CA UNK EA 130 19.67 -62.46 -88.46
C UNK EA 130 20.20 -62.30 -87.05
N UNK EA 131 21.41 -61.75 -86.93
CA UNK EA 131 22.07 -61.60 -85.64
C UNK EA 131 21.69 -60.27 -85.03
N UNK EA 132 21.05 -60.31 -83.87
CA UNK EA 132 20.61 -59.13 -83.12
C UNK EA 132 21.02 -59.24 -81.66
N UNK EA 133 22.27 -59.64 -81.43
CA UNK EA 133 22.75 -59.80 -80.06
C UNK EA 133 22.56 -58.53 -79.24
N UNK EA 134 22.58 -57.37 -79.89
CA UNK EA 134 22.40 -56.10 -79.17
C UNK EA 134 21.01 -56.05 -78.53
N UNK EA 135 19.98 -56.37 -79.31
CA UNK EA 135 18.62 -56.36 -78.77
C UNK EA 135 18.44 -57.43 -77.71
N UNK EA 136 19.03 -58.61 -77.92
CA UNK EA 136 18.92 -59.67 -76.93
C UNK EA 136 19.58 -59.28 -75.61
N UNK EA 137 20.69 -58.54 -75.68
CA UNK EA 137 21.36 -58.10 -74.46
C UNK EA 137 20.59 -56.96 -73.80
N UNK EA 138 20.04 -56.04 -74.59
CA UNK EA 138 19.28 -54.94 -74.03
C UNK EA 138 18.03 -55.44 -73.30
N UNK EA 139 17.31 -56.39 -73.92
CA UNK EA 139 16.12 -56.94 -73.28
C UNK EA 139 16.49 -57.69 -72.00
N UNK EA 140 17.59 -58.44 -72.02
CA UNK EA 140 18.01 -59.15 -70.82
C UNK EA 140 18.38 -58.19 -69.71
N UNK EA 141 19.08 -57.10 -70.05
CA UNK EA 141 19.44 -56.11 -69.03
C UNK EA 141 18.20 -55.44 -68.47
N UNK EA 142 17.23 -55.12 -69.34
CA UNK EA 142 15.99 -54.51 -68.87
C UNK EA 142 15.24 -55.45 -67.94
N UNK EA 143 15.17 -56.73 -68.29
CA UNK EA 143 14.48 -57.70 -67.44
C UNK EA 143 15.20 -57.84 -66.09
N UNK EA 144 16.53 -57.88 -66.12
CA UNK EA 144 17.29 -57.98 -64.87
C UNK EA 144 17.06 -56.76 -63.99
N UNK EA 145 17.04 -55.57 -64.59
CA UNK EA 145 16.80 -54.36 -63.82
C UNK EA 145 15.39 -54.34 -63.24
N UNK EA 146 14.41 -54.81 -64.02
CA UNK EA 146 13.03 -54.85 -63.52
C UNK EA 146 12.88 -55.86 -62.40
N UNK EA 147 13.59 -56.98 -62.47
CA UNK EA 147 13.49 -57.99 -61.43
C UNK EA 147 14.29 -57.63 -60.19
N UNK EA 148 15.33 -56.80 -60.34
CA UNK EA 148 16.14 -56.41 -59.19
C UNK EA 148 15.45 -55.30 -58.39
N UNK EA 149 14.97 -54.26 -59.07
CA UNK EA 149 14.30 -53.16 -58.37
C UNK EA 149 13.00 -53.63 -57.74
N UNK EA 150 12.08 -54.13 -58.56
CA UNK EA 150 10.79 -54.59 -58.07
C UNK EA 150 10.86 -56.06 -57.66
N UNK EA 151 9.89 -56.47 -56.84
CA UNK EA 151 9.82 -57.84 -56.36
C UNK EA 151 8.87 -58.72 -57.17
N UNK EA 152 8.07 -58.14 -58.05
CA UNK EA 152 7.15 -58.93 -58.85
C UNK EA 152 7.89 -59.91 -59.77
N UNK EA 153 9.09 -59.53 -60.21
CA UNK EA 153 9.85 -60.41 -61.09
C UNK EA 153 10.22 -61.71 -60.38
N UNK EA 154 10.65 -61.62 -59.11
CA UNK EA 154 11.00 -62.83 -58.37
C UNK EA 154 9.77 -63.72 -58.15
N UNK EA 155 8.63 -63.10 -57.83
CA UNK EA 155 7.42 -63.89 -57.64
C UNK EA 155 6.99 -64.57 -58.93
N UNK EA 156 7.13 -63.88 -60.06
CA UNK EA 156 6.75 -64.48 -61.34
C UNK EA 156 7.72 -65.58 -61.76
N UNK EA 157 9.01 -65.44 -61.42
CA UNK EA 157 9.99 -66.45 -61.79
C UNK EA 157 10.02 -67.63 -60.83
N UNK EA 158 9.46 -67.48 -59.62
CA UNK EA 158 9.44 -68.57 -58.66
C UNK EA 158 8.42 -69.66 -59.01
N UNK EA 159 7.62 -69.45 -60.04
CA UNK EA 159 6.64 -70.48 -60.43
C UNK EA 159 7.32 -71.71 -61.01
N UNK EA 160 8.49 -71.54 -61.64
CA UNK EA 160 9.23 -72.64 -62.23
C UNK EA 160 10.71 -72.47 -61.92
N UNK EA 161 11.30 -73.51 -61.34
CA UNK EA 161 12.72 -73.47 -60.98
C UNK EA 161 13.56 -73.44 -62.25
N UNK EA 162 14.16 -72.29 -62.54
CA UNK EA 162 14.98 -72.14 -63.73
C UNK EA 162 16.43 -72.54 -63.44
N UNK EA 163 17.22 -72.64 -64.50
CA UNK EA 163 18.62 -73.03 -64.39
C UNK EA 163 19.49 -71.79 -64.22
N UNK EA 164 20.80 -71.97 -64.28
CA UNK EA 164 21.78 -70.89 -64.14
C UNK EA 164 22.61 -70.73 -65.40
N UNK EA 165 21.95 -70.79 -66.56
CA UNK EA 165 22.64 -70.67 -67.85
C UNK EA 165 23.01 -69.20 -68.11
N UNK EA 166 23.93 -68.71 -67.28
CA UNK EA 166 24.47 -67.35 -67.33
C UNK EA 166 23.52 -66.30 -66.80
N UNK EA 167 22.29 -66.67 -66.43
CA UNK EA 167 21.33 -65.69 -65.90
C UNK EA 167 20.75 -66.16 -64.57
N UNK EA 168 20.65 -67.49 -64.39
CA UNK EA 168 20.08 -68.02 -63.16
C UNK EA 168 20.91 -67.63 -61.95
N UNK EA 169 22.23 -67.87 -62.00
CA UNK EA 169 23.09 -67.53 -60.88
C UNK EA 169 23.13 -66.02 -60.67
N UNK EA 170 23.11 -65.24 -61.76
CA UNK EA 170 23.11 -63.79 -61.63
C UNK EA 170 21.86 -63.31 -60.89
N UNK EA 171 20.70 -63.82 -61.27
CA UNK EA 171 19.46 -63.44 -60.61
C UNK EA 171 19.45 -63.91 -59.16
N UNK EA 172 19.98 -65.11 -58.90
CA UNK EA 172 20.02 -65.61 -57.53
C UNK EA 172 20.90 -64.74 -56.64
N UNK EA 173 22.03 -64.27 -57.19
CA UNK EA 173 22.91 -63.40 -56.41
C UNK EA 173 22.30 -62.02 -56.21
N UNK EA 174 21.77 -61.43 -57.28
CA UNK EA 174 21.16 -60.11 -57.16
C UNK EA 174 19.94 -60.14 -56.25
N UNK EA 175 19.10 -61.18 -56.38
CA UNK EA 175 17.93 -61.28 -55.52
C UNK EA 175 18.34 -61.51 -54.07
N UNK EA 176 19.36 -62.33 -53.84
CA UNK EA 176 19.82 -62.57 -52.48
C UNK EA 176 20.39 -61.31 -51.85
N UNK EA 177 21.13 -60.51 -52.62
CA UNK EA 177 21.73 -59.29 -52.09
C UNK EA 177 20.76 -58.13 -52.01
N UNK EA 178 19.64 -58.19 -52.73
CA UNK EA 178 18.65 -57.11 -52.76
C UNK EA 178 17.41 -57.45 -51.96
N UNK EA 179 17.59 -58.11 -50.82
CA UNK EA 179 16.46 -58.45 -49.96
C UNK EA 179 15.61 -57.22 -49.69
N UNK EA 180 14.30 -57.45 -49.55
CA UNK EA 180 13.34 -56.37 -49.36
C UNK EA 180 12.31 -56.82 -48.33
N UNK EA 181 11.20 -56.09 -48.25
CA UNK EA 181 10.09 -56.32 -47.32
C UNK EA 181 10.36 -55.81 -45.92
N UNK EA 182 11.53 -55.21 -45.65
CA UNK EA 182 11.86 -54.68 -44.34
C UNK EA 182 11.75 -55.76 -43.26
N UNK EA 183 12.13 -56.98 -43.61
CA UNK EA 183 12.07 -58.10 -42.68
C UNK EA 183 10.64 -58.42 -42.28
N UNK EA 184 3.85 -57.69 -43.73
CA UNK EA 184 2.82 -58.44 -43.03
C UNK EA 184 2.52 -59.75 -43.74
N UNK EA 185 1.34 -59.85 -44.34
CA UNK EA 185 0.97 -61.07 -45.05
C UNK EA 185 1.91 -61.34 -46.22
N UNK EA 186 2.21 -60.30 -47.01
CA UNK EA 186 3.10 -60.48 -48.15
C UNK EA 186 4.50 -60.89 -47.72
N UNK EA 187 4.92 -60.45 -46.53
CA UNK EA 187 6.25 -60.81 -46.05
C UNK EA 187 6.39 -62.32 -45.88
N UNK EA 188 5.33 -62.97 -45.37
CA UNK EA 188 5.38 -64.42 -45.18
C UNK EA 188 5.51 -65.14 -46.52
N UNK EA 189 4.73 -64.73 -47.52
CA UNK EA 189 4.82 -65.35 -48.84
C UNK EA 189 6.18 -65.11 -49.46
N UNK EA 190 6.73 -63.90 -49.30
CA UNK EA 190 8.06 -63.62 -49.83
C UNK EA 190 9.12 -64.49 -49.17
N UNK EA 191 9.05 -64.65 -47.85
CA UNK EA 191 10.01 -65.50 -47.15
C UNK EA 191 9.87 -66.95 -47.58
N UNK EA 192 8.64 -67.42 -47.76
CA UNK EA 192 8.44 -68.79 -48.22
C UNK EA 192 9.01 -69.00 -49.61
N UNK EA 193 8.77 -68.05 -50.52
CA UNK EA 193 9.32 -68.16 -51.86
C UNK EA 193 10.84 -68.14 -51.84
N UNK EA 194 11.44 -67.28 -51.01
CA UNK EA 194 12.89 -67.24 -50.91
C UNK EA 194 13.44 -68.55 -50.37
N UNK EA 195 12.79 -69.13 -49.35
CA UNK EA 195 13.24 -70.40 -48.81
C UNK EA 195 13.12 -71.52 -49.85
N UNK EA 196 12.02 -71.52 -50.61
CA UNK EA 196 11.86 -72.54 -51.65
C UNK EA 196 12.93 -72.39 -52.73
N UNK EA 197 13.23 -71.16 -53.13
CA UNK EA 197 14.28 -70.94 -54.13
C UNK EA 197 15.63 -71.37 -53.61
N UNK EA 198 15.93 -71.08 -52.34
CA UNK EA 198 17.21 -71.50 -51.77
C UNK EA 198 17.31 -73.02 -51.70
N UNK EA 199 16.21 -73.68 -51.32
CA UNK EA 199 16.22 -75.13 -51.27
C UNK EA 199 16.42 -75.74 -52.66
N UNK EA 200 15.74 -75.17 -53.67
CA UNK EA 200 15.91 -75.66 -55.03
C UNK EA 200 17.34 -75.46 -55.52
N UNK EA 201 17.94 -74.31 -55.20
CA UNK EA 201 19.32 -74.05 -55.60
C UNK EA 201 20.27 -75.03 -54.92
N UNK EA 202 20.06 -75.28 -53.62
CA UNK EA 202 20.91 -76.23 -52.91
C UNK EA 202 20.77 -77.63 -53.50
N UNK EA 203 19.54 -78.03 -53.85
CA UNK EA 203 19.34 -79.34 -54.46
C UNK EA 203 20.04 -79.43 -55.81
N UNK EA 204 19.93 -78.39 -56.62
CA UNK EA 204 20.57 -78.34 -57.93
C UNK EA 204 21.93 -77.66 -57.90
N UNK EA 205 22.56 -77.57 -56.73
CA UNK EA 205 23.86 -76.94 -56.54
C UNK EA 205 23.85 -75.44 -56.83
N UNK EA 206 22.67 -74.84 -57.01
CA UNK EA 206 22.55 -73.41 -57.25
C UNK EA 206 22.33 -72.63 -55.95
N UNK EA 207 23.23 -72.82 -55.00
CA UNK EA 207 23.13 -72.18 -53.70
C UNK EA 207 24.06 -70.97 -53.64
N UNK EA 208 23.60 -69.91 -52.96
CA UNK EA 208 24.36 -68.69 -52.80
C UNK EA 208 24.71 -68.53 -51.33
N UNK EA 209 26.01 -68.44 -51.03
CA UNK EA 209 26.46 -68.30 -49.65
C UNK EA 209 25.88 -67.04 -49.02
N UNK EA 210 25.92 -65.92 -49.74
CA UNK EA 210 25.39 -64.68 -49.20
C UNK EA 210 23.87 -64.71 -49.11
N UNK EA 211 23.20 -65.17 -50.17
CA UNK EA 211 21.75 -65.23 -50.16
C UNK EA 211 21.23 -66.19 -49.10
N UNK EA 212 21.85 -67.37 -49.00
CA UNK EA 212 21.43 -68.34 -47.99
C UNK EA 212 21.66 -67.80 -46.58
N UNK EA 213 22.80 -67.14 -46.35
CA UNK EA 213 23.06 -66.58 -45.04
C UNK EA 213 22.05 -65.48 -44.70
N UNK EA 214 21.73 -64.63 -45.66
CA UNK EA 214 20.74 -63.58 -45.41
C UNK EA 214 19.37 -64.18 -45.12
N UNK EA 215 18.98 -65.21 -45.87
CA UNK EA 215 17.70 -65.86 -45.62
C UNK EA 215 17.65 -66.48 -44.24
N UNK EA 216 18.73 -67.15 -43.83
CA UNK EA 216 18.77 -67.76 -42.50
C UNK EA 216 18.71 -66.70 -41.41
N UNK EA 217 19.44 -65.59 -41.60
CA UNK EA 217 19.40 -64.51 -40.62
C UNK EA 217 17.99 -63.92 -40.51
N UNK EA 218 17.32 -63.72 -41.65
CA UNK EA 218 15.96 -63.18 -41.61
C UNK EA 218 15.01 -64.16 -40.93
N UNK EA 219 15.13 -65.45 -41.23
CA UNK EA 219 14.26 -66.44 -40.59
C UNK EA 219 14.50 -66.49 -39.09
N UNK EA 220 15.75 -66.32 -38.66
CA UNK EA 220 16.05 -66.34 -37.23
C UNK EA 220 15.54 -65.08 -36.54
N UNK EA 221 15.64 -63.93 -37.21
CA UNK EA 221 15.24 -62.68 -36.58
C UNK EA 221 13.72 -62.54 -36.53
N UNK EA 222 13.02 -62.95 -37.58
CA UNK EA 222 11.57 -62.80 -37.64
C UNK EA 222 11.00 -63.95 -38.45
N UNK EA 223 9.74 -63.83 -38.86
CA UNK EA 223 9.06 -64.88 -39.62
C UNK EA 223 8.90 -66.15 -38.80
N UNK EA 224 8.31 -66.01 -37.62
CA UNK EA 224 8.06 -67.13 -36.71
C UNK EA 224 6.59 -67.33 -36.41
N UNK EA 225 5.82 -66.27 -36.19
CA UNK EA 225 4.40 -66.38 -35.89
C UNK EA 225 3.69 -65.19 -36.54
N UNK EA 226 2.94 -65.46 -37.59
CA UNK EA 226 2.22 -64.41 -38.30
C UNK EA 226 0.83 -64.18 -37.71
N UNK EA 227 0.01 -65.23 -37.66
CA UNK EA 227 -1.34 -65.12 -37.11
C UNK EA 227 -2.23 -64.29 -38.02
N UNK FA 1 -0.09 -68.18 -44.77
CA UNK FA 1 0.07 -67.00 -43.92
C UNK FA 1 0.63 -67.38 -42.56
N UNK FA 2 0.25 -68.55 -42.07
CA UNK FA 2 0.72 -69.05 -40.78
C UNK FA 2 1.37 -70.42 -40.85
N UNK FA 3 0.91 -71.30 -41.74
CA UNK FA 3 1.49 -72.63 -41.87
C UNK FA 3 2.45 -72.76 -43.04
N UNK FA 4 2.36 -71.89 -44.04
CA UNK FA 4 3.27 -71.97 -45.18
C UNK FA 4 4.71 -71.71 -44.75
N UNK FA 5 4.92 -70.77 -43.84
CA UNK FA 5 6.27 -70.49 -43.36
C UNK FA 5 6.85 -71.69 -42.61
N UNK FA 6 6.03 -72.32 -41.75
CA UNK FA 6 6.50 -73.49 -41.03
C UNK FA 6 6.80 -74.64 -41.98
N UNK FA 7 5.96 -74.82 -43.00
CA UNK FA 7 6.21 -75.88 -43.98
C UNK FA 7 7.50 -75.63 -44.74
N UNK FA 8 7.74 -74.39 -45.15
CA UNK FA 8 8.97 -74.07 -45.86
C UNK FA 8 10.19 -74.27 -44.96
N UNK FA 9 10.09 -73.89 -43.69
CA UNK FA 9 11.20 -74.09 -42.77
C UNK FA 9 11.49 -75.57 -42.58
N UNK FA 10 10.43 -76.38 -42.43
CA UNK FA 10 10.63 -77.82 -42.28
C UNK FA 10 11.24 -78.43 -43.54
N UNK FA 11 10.80 -77.99 -44.71
CA UNK FA 11 11.38 -78.50 -45.96
C UNK FA 11 12.84 -78.12 -46.08
N UNK FA 12 13.19 -76.89 -45.72
CA UNK FA 12 14.59 -76.46 -45.77
C UNK FA 12 15.43 -77.26 -44.79
N UNK FA 13 14.92 -77.49 -43.59
CA UNK FA 13 15.67 -78.29 -42.61
C UNK FA 13 15.87 -79.71 -43.11
N UNK FA 14 14.83 -80.32 -43.70
CA UNK FA 14 14.97 -81.67 -44.22
C UNK FA 14 15.98 -81.72 -45.36
N UNK FA 15 15.96 -80.72 -46.25
CA UNK FA 15 16.91 -80.68 -47.35
C UNK FA 15 18.34 -80.53 -46.82
N UNK FA 16 18.53 -79.67 -45.82
CA UNK FA 16 19.86 -79.50 -45.24
C UNK FA 16 20.33 -80.78 -44.57
N UNK FA 17 19.45 -81.47 -43.85
CA UNK FA 17 19.83 -82.73 -43.22
C UNK FA 17 20.19 -83.78 -44.27
N UNK FA 18 19.42 -83.85 -45.36
CA UNK FA 18 19.74 -84.81 -46.42
C UNK FA 18 21.07 -84.49 -47.07
N UNK FA 19 21.34 -83.21 -47.33
CA UNK FA 19 22.61 -82.82 -47.91
C UNK FA 19 23.78 -83.16 -46.98
N UNK FA 20 23.61 -82.92 -45.68
CA UNK FA 20 24.66 -83.25 -44.72
C UNK FA 20 24.90 -84.76 -44.67
N UNK FA 21 23.83 -85.55 -44.67
CA UNK FA 21 23.98 -86.99 -44.67
C UNK FA 21 24.69 -87.49 -45.92
N UNK FA 22 24.33 -86.92 -47.08
CA UNK FA 22 24.98 -87.31 -48.32
C UNK FA 22 26.46 -86.93 -48.31
N UNK FA 23 26.79 -85.75 -47.81
CA UNK FA 23 28.19 -85.33 -47.75
C UNK FA 23 28.98 -86.20 -46.79
N UNK FA 24 28.35 -86.63 -45.69
CA UNK FA 24 29.04 -87.50 -44.74
C UNK FA 24 29.24 -88.90 -45.31
N UNK FA 25 28.25 -89.39 -46.06
CA UNK FA 25 28.38 -90.73 -46.66
C UNK FA 25 29.38 -90.73 -47.80
N UNK FA 26 29.48 -89.64 -48.55
CA UNK FA 26 30.42 -89.56 -49.66
C UNK FA 26 31.87 -89.52 -49.22
N UNK FA 27 32.14 -89.36 -47.92
CA UNK FA 27 33.50 -89.32 -47.42
C UNK FA 27 33.62 -90.08 -46.10
N UNK GA 1 17.17 -49.50 -58.38
CA UNK GA 1 15.73 -49.30 -58.59
C UNK GA 1 15.47 -48.32 -59.72
N UNK GA 2 14.84 -47.20 -59.39
CA UNK GA 2 14.52 -46.18 -60.39
C UNK GA 2 15.75 -45.46 -60.89
N UNK GA 3 16.92 -45.68 -60.30
CA UNK GA 3 18.16 -45.04 -60.72
C UNK GA 3 19.11 -45.98 -61.44
N UNK GA 4 19.36 -47.17 -60.89
CA UNK GA 4 20.24 -48.13 -61.55
C UNK GA 4 19.68 -48.56 -62.90
N UNK GA 5 18.38 -48.85 -62.95
CA UNK GA 5 17.78 -49.26 -64.21
C UNK GA 5 17.83 -48.14 -65.24
N UNK GA 6 17.57 -46.91 -64.81
CA UNK GA 6 17.62 -45.78 -65.74
C UNK GA 6 19.04 -45.58 -66.27
N UNK GA 7 20.04 -45.68 -65.39
CA UNK GA 7 21.42 -45.53 -65.83
C UNK GA 7 21.82 -46.64 -66.79
N UNK GA 8 21.40 -47.87 -66.52
CA UNK GA 8 21.70 -48.98 -67.41
C UNK GA 8 21.05 -48.77 -68.78
N UNK GA 9 19.78 -48.33 -68.78
CA UNK GA 9 19.10 -48.07 -70.05
C UNK GA 9 19.79 -46.96 -70.83
N UNK GA 10 20.21 -45.89 -70.15
CA UNK GA 10 20.90 -44.81 -70.82
C UNK GA 10 22.23 -45.28 -71.41
N UNK GA 11 22.98 -46.08 -70.64
CA UNK GA 11 24.24 -46.60 -71.14
C UNK GA 11 24.03 -47.50 -72.35
N UNK GA 12 23.01 -48.35 -72.31
CA UNK GA 12 22.72 -49.21 -73.44
C UNK GA 12 22.32 -48.41 -74.68
N UNK GA 13 21.51 -47.38 -74.49
CA UNK GA 13 21.12 -46.53 -75.61
C UNK GA 13 22.33 -45.82 -76.20
N UNK GA 14 23.21 -45.30 -75.35
CA UNK GA 14 24.42 -44.63 -75.84
C UNK GA 14 25.31 -45.61 -76.61
N UNK GA 15 25.48 -46.83 -76.08
CA UNK GA 15 26.28 -47.82 -76.78
C UNK GA 15 25.67 -48.16 -78.13
N UNK GA 16 24.36 -48.35 -78.19
CA UNK GA 16 23.71 -48.66 -79.45
C UNK GA 16 23.86 -47.51 -80.46
N UNK GA 17 23.74 -46.27 -79.98
CA UNK GA 17 23.89 -45.13 -80.87
C UNK GA 17 25.32 -45.03 -81.39
N UNK GA 18 26.30 -45.25 -80.53
CA UNK GA 18 27.70 -45.17 -80.94
C UNK GA 18 28.17 -46.40 -81.72
N UNK GA 19 27.38 -47.47 -81.75
CA UNK GA 19 27.76 -48.67 -82.48
C UNK GA 19 27.73 -48.42 -83.98
N UNK GA 20 26.54 -48.54 -84.56
CA UNK GA 20 26.36 -48.34 -85.99
C UNK GA 20 26.33 -46.85 -86.32
N UNK HA 1 -1.23 -51.92 -83.04
CA UNK HA 1 -0.21 -52.82 -82.52
C UNK HA 1 1.18 -52.22 -82.70
N UNK HA 2 1.65 -52.19 -83.95
CA UNK HA 2 2.97 -51.63 -84.23
C UNK HA 2 3.04 -50.16 -83.84
N UNK HA 3 2.20 -49.33 -84.47
CA UNK HA 3 2.16 -47.91 -84.20
C UNK HA 3 1.24 -47.55 -83.03
N UNK HA 4 0.73 -48.54 -82.30
CA UNK HA 4 -0.15 -48.25 -81.18
C UNK HA 4 0.56 -47.45 -80.10
N UNK HA 5 1.82 -47.80 -79.81
CA UNK HA 5 2.57 -47.06 -78.80
C UNK HA 5 2.82 -45.63 -79.25
N UNK HA 6 3.19 -45.44 -80.51
CA UNK HA 6 3.42 -44.08 -81.01
C UNK HA 6 2.14 -43.26 -81.01
N UNK HA 7 1.00 -43.90 -81.27
CA UNK HA 7 -0.26 -43.17 -81.24
C UNK HA 7 -0.67 -42.82 -79.82
N UNK HA 8 -0.42 -43.72 -78.86
CA UNK HA 8 -0.78 -43.45 -77.47
C UNK HA 8 0.16 -42.46 -76.81
N UNK HA 9 1.40 -42.36 -77.28
CA UNK HA 9 2.36 -41.42 -76.71
C UNK HA 9 2.20 -40.00 -77.25
N UNK HA 10 1.09 -39.71 -77.93
CA UNK HA 10 0.89 -38.36 -78.46
C UNK HA 10 0.84 -37.32 -77.35
N UNK HA 11 0.31 -37.69 -76.18
CA UNK HA 11 0.23 -36.75 -75.07
C UNK HA 11 1.58 -36.39 -74.48
N UNK HA 12 2.64 -37.13 -74.82
CA UNK HA 12 3.96 -36.82 -74.29
C UNK HA 12 4.46 -35.46 -74.75
N UNK HA 13 4.14 -35.08 -75.98
CA UNK HA 13 4.58 -33.79 -76.53
C UNK HA 13 3.39 -32.88 -76.77
N UNK IA 1 0.64 -40.02 -65.43
CA UNK IA 1 1.29 -39.58 -64.21
C UNK IA 1 0.98 -40.53 -63.06
N UNK IA 2 -0.32 -40.84 -62.88
CA UNK IA 2 -0.71 -41.74 -61.81
C UNK IA 2 -0.14 -43.14 -62.01
N UNK IA 3 -0.13 -43.62 -63.25
CA UNK IA 3 0.40 -44.95 -63.52
C UNK IA 3 1.89 -45.01 -63.23
N UNK IA 4 2.64 -43.97 -63.60
CA UNK IA 4 4.08 -43.97 -63.36
C UNK IA 4 4.39 -44.00 -61.87
N UNK IA 5 3.66 -43.21 -61.07
CA UNK IA 5 3.90 -43.20 -59.64
C UNK IA 5 3.58 -44.55 -59.02
N UNK IA 6 2.48 -45.17 -59.43
CA UNK IA 6 2.12 -46.48 -58.91
C UNK IA 6 3.17 -47.53 -59.28
N UNK IA 7 3.66 -47.48 -60.52
CA UNK IA 7 4.69 -48.41 -60.95
C UNK IA 7 5.97 -48.22 -60.15
N UNK IA 8 6.38 -46.96 -59.93
CA UNK IA 8 7.57 -46.70 -59.15
C UNK IA 8 7.42 -47.18 -57.71
N UNK IA 9 6.23 -46.98 -57.12
CA UNK IA 9 6.00 -47.45 -55.76
C UNK IA 9 6.04 -48.98 -55.69
N UNK IA 10 5.43 -49.64 -56.66
CA UNK IA 10 5.46 -51.11 -56.68
C UNK IA 10 6.88 -51.62 -56.86
N UNK IA 11 7.69 -50.92 -57.66
CA UNK IA 11 9.07 -51.36 -57.88
C UNK IA 11 9.90 -51.16 -56.62
N UNK IA 12 9.94 -49.95 -56.09
CA UNK IA 12 10.70 -49.63 -54.89
C UNK IA 12 9.81 -49.26 -53.71
N UNK IA 13 8.94 -48.26 -53.88
CA UNK IA 13 8.04 -47.83 -52.81
C UNK IA 13 8.81 -47.45 -51.54
N UNK IA 14 10.04 -46.96 -51.71
CA UNK IA 14 10.88 -46.58 -50.58
C UNK IA 14 11.56 -45.25 -50.86
N UNK IA 15 10.83 -44.30 -51.44
CA UNK IA 15 11.36 -42.98 -51.76
C UNK IA 15 11.12 -41.98 -50.64
N UNK IA 16 9.87 -41.81 -50.24
CA UNK IA 16 9.50 -40.88 -49.19
C UNK IA 16 8.81 -41.64 -48.07
N UNK IA 17 9.29 -41.46 -46.83
CA UNK IA 17 8.69 -42.14 -45.70
C UNK IA 17 7.26 -41.69 -45.43
N UNK IA 18 6.87 -40.51 -45.92
CA UNK IA 18 5.52 -40.01 -45.74
C UNK IA 18 4.84 -39.60 -47.04
N UNK IA 19 5.47 -39.82 -48.19
CA UNK IA 19 4.88 -39.47 -49.48
C UNK IA 19 3.86 -40.50 -49.97
N UNK IA 20 3.45 -41.43 -49.12
CA UNK IA 20 2.47 -42.43 -49.54
C UNK IA 20 1.09 -41.82 -49.70
N UNK IA 21 0.67 -41.01 -48.72
CA UNK IA 21 -0.64 -40.38 -48.79
C UNK IA 21 -0.74 -39.41 -49.96
N UNK IA 22 0.37 -38.77 -50.33
CA UNK IA 22 0.35 -37.84 -51.46
C UNK IA 22 -0.07 -38.54 -52.73
N UNK IA 23 0.46 -39.76 -52.97
CA UNK IA 23 0.06 -40.52 -54.14
C UNK IA 23 -1.30 -41.19 -53.95
N UNK IA 24 -1.62 -41.61 -52.73
CA UNK IA 24 -2.92 -42.24 -52.49
C UNK IA 24 -4.05 -41.28 -52.79
N UNK IA 25 -3.91 -40.01 -52.40
CA UNK IA 25 -4.96 -39.04 -52.67
C UNK IA 25 -5.10 -38.77 -54.16
N UNK IA 26 -3.98 -38.63 -54.87
CA UNK IA 26 -4.05 -38.41 -56.31
C UNK IA 26 -4.64 -39.61 -57.04
N UNK IA 27 -4.45 -40.82 -56.50
CA UNK IA 27 -5.01 -42.01 -57.13
C UNK IA 27 -6.50 -42.15 -56.83
N UNK IA 28 -6.92 -41.84 -55.61
CA UNK IA 28 -8.31 -41.95 -55.21
C UNK IA 28 -9.12 -40.68 -55.46
N UNK IA 29 -8.53 -39.69 -56.14
CA UNK IA 29 -9.26 -38.47 -56.47
C UNK IA 29 -10.60 -38.80 -57.13
N UNK IA 30 -10.56 -39.47 -58.28
CA UNK IA 30 -11.78 -39.88 -58.95
C UNK IA 30 -12.36 -41.14 -58.32
N UNK IA 31 -11.64 -42.25 -58.42
CA UNK IA 31 -12.04 -43.51 -57.81
C UNK IA 31 -13.46 -43.94 -58.19
N UNK IA 32 -13.97 -43.44 -59.33
CA UNK IA 32 -15.34 -43.74 -59.72
C UNK IA 32 -15.43 -45.06 -60.48
N UNK IA 33 -14.73 -45.17 -61.61
CA UNK IA 33 -14.77 -46.38 -62.41
C UNK IA 33 -13.41 -46.79 -62.98
N UNK IA 34 -12.32 -46.14 -62.58
CA UNK IA 34 -11.00 -46.47 -63.11
C UNK IA 34 -10.64 -47.91 -62.78
N UNK IA 35 -10.52 -48.23 -61.50
CA UNK IA 35 -10.23 -49.56 -60.97
C UNK IA 35 -8.82 -50.05 -61.30
N UNK IA 36 -8.03 -49.28 -62.05
CA UNK IA 36 -6.68 -49.70 -62.42
C UNK IA 36 -5.65 -49.30 -61.38
N UNK IA 37 -5.55 -48.00 -61.10
CA UNK IA 37 -4.57 -47.52 -60.13
C UNK IA 37 -4.85 -48.06 -58.73
N UNK IA 38 -6.12 -48.07 -58.32
CA UNK IA 38 -6.47 -48.59 -57.01
C UNK IA 38 -6.13 -50.07 -56.90
N UNK IA 39 -6.49 -50.86 -57.92
CA UNK IA 39 -6.18 -52.29 -57.89
C UNK IA 39 -4.67 -52.53 -57.86
N UNK IA 40 -3.91 -51.74 -58.63
CA UNK IA 40 -2.46 -51.91 -58.62
C UNK IA 40 -1.87 -51.56 -57.27
N UNK IA 41 -2.34 -50.47 -56.66
CA UNK IA 41 -1.84 -50.09 -55.34
C UNK IA 41 -2.20 -51.14 -54.29
N UNK IA 42 -3.38 -51.74 -54.41
CA UNK IA 42 -3.77 -52.78 -53.47
C UNK IA 42 -2.91 -54.03 -53.66
N UNK IA 43 -2.69 -54.44 -54.91
CA UNK IA 43 -1.84 -55.61 -55.16
C UNK IA 43 -0.42 -55.39 -54.64
N UNK IA 44 0.14 -54.21 -54.91
CA UNK IA 44 1.49 -53.92 -54.43
C UNK IA 44 1.52 -53.62 -52.95
N UNK IA 45 0.42 -53.09 -52.40
CA UNK IA 45 0.39 -52.74 -50.98
C UNK IA 45 0.20 -53.97 -50.09
N UNK IA 46 -0.42 -55.03 -50.62
CA UNK IA 46 -0.63 -56.23 -49.82
C UNK IA 46 0.69 -56.83 -49.34
N UNK IA 47 1.77 -56.64 -50.11
CA UNK IA 47 3.05 -57.18 -49.70
C UNK IA 47 3.59 -56.48 -48.46
N UNK IA 48 3.21 -55.22 -48.24
CA UNK IA 48 3.66 -54.47 -47.09
C UNK IA 48 2.74 -54.73 -45.90
N UNK IA 49 2.93 -53.98 -44.81
CA UNK IA 49 2.13 -54.12 -43.61
C UNK IA 49 1.28 -52.90 -43.32
N UNK IA 50 1.88 -51.71 -43.29
CA UNK IA 50 1.18 -50.46 -43.02
C UNK IA 50 1.17 -49.61 -44.28
N UNK IA 51 -0.02 -49.21 -44.72
CA UNK IA 51 -0.16 -48.38 -45.91
C UNK IA 51 0.39 -46.98 -45.68
N UNK IA 52 -1.44 -45.64 -42.73
CA UNK IA 52 -2.16 -44.38 -42.58
C UNK IA 52 -3.66 -44.62 -42.41
N UNK IA 53 -4.22 -44.15 -41.29
CA UNK IA 53 -5.64 -44.32 -41.04
C UNK IA 53 -6.48 -43.65 -42.12
N UNK IA 54 -6.07 -42.45 -42.54
CA UNK IA 54 -6.82 -41.75 -43.58
C UNK IA 54 -6.77 -42.50 -44.90
N UNK IA 55 -5.63 -43.08 -45.25
CA UNK IA 55 -5.52 -43.82 -46.49
C UNK IA 55 -6.45 -45.02 -46.52
N UNK IA 56 -6.53 -45.76 -45.41
CA UNK IA 56 -7.41 -46.91 -45.35
C UNK IA 56 -8.88 -46.50 -45.47
N UNK IA 57 -9.26 -45.42 -44.78
CA UNK IA 57 -10.63 -44.94 -44.88
C UNK IA 57 -10.97 -44.50 -46.29
N UNK IA 58 -10.04 -43.80 -46.96
CA UNK IA 58 -10.26 -43.37 -48.33
C UNK IA 58 -10.40 -44.57 -49.26
N UNK IA 59 -9.54 -45.58 -49.10
CA UNK IA 59 -9.63 -46.77 -49.93
C UNK IA 59 -10.96 -47.49 -49.71
N UNK IA 60 -11.41 -47.58 -48.45
CA UNK IA 60 -12.68 -48.23 -48.17
C UNK IA 60 -13.84 -47.46 -48.78
N UNK IA 61 -13.83 -46.14 -48.65
CA UNK IA 61 -14.91 -45.32 -49.23
C UNK IA 61 -14.92 -45.44 -50.75
N UNK IA 62 -13.75 -45.49 -51.38
CA UNK IA 62 -13.69 -45.60 -52.83
C UNK IA 62 -14.32 -46.90 -53.32
N UNK IA 63 -14.06 -48.00 -52.61
CA UNK IA 63 -14.60 -49.31 -52.97
C UNK IA 63 -15.57 -49.72 -51.86
N UNK IA 64 -16.83 -49.33 -52.02
CA UNK IA 64 -17.86 -49.65 -51.04
C UNK IA 64 -19.22 -49.52 -51.73
N UNK IA 65 -19.95 -50.63 -51.83
CA UNK IA 65 -21.27 -50.62 -52.47
C UNK IA 65 -22.11 -51.67 -51.75
N UNK IA 66 -22.92 -51.21 -50.78
CA UNK IA 66 -23.79 -52.09 -50.02
C UNK IA 66 -25.14 -52.21 -50.72
N UNK IA 67 -26.11 -52.83 -50.04
CA UNK IA 67 -27.46 -53.05 -50.53
C UNK IA 67 -27.57 -54.14 -51.59
N UNK IA 68 -26.46 -54.74 -52.01
CA UNK IA 68 -26.46 -55.79 -53.01
C UNK IA 68 -25.55 -56.92 -52.56
N UNK IA 69 -26.09 -58.13 -52.51
CA UNK IA 69 -25.33 -59.30 -52.08
C UNK IA 69 -24.80 -60.13 -53.24
N UNK IA 70 -25.42 -60.04 -54.42
CA UNK IA 70 -24.95 -60.81 -55.56
C UNK IA 70 -23.76 -60.13 -56.25
N UNK IA 71 -23.93 -58.86 -56.62
CA UNK IA 71 -22.84 -58.15 -57.28
C UNK IA 71 -21.63 -58.00 -56.36
N UNK IA 72 -21.86 -57.88 -55.05
CA UNK IA 72 -20.74 -57.76 -54.11
C UNK IA 72 -19.86 -58.99 -54.13
N UNK IA 73 -20.46 -60.18 -54.17
CA UNK IA 73 -19.66 -61.40 -54.22
C UNK IA 73 -18.84 -61.48 -55.49
N UNK IA 74 -19.45 -61.13 -56.63
CA UNK IA 74 -18.72 -61.16 -57.89
C UNK IA 74 -17.57 -60.16 -57.88
N UNK IA 75 -17.80 -58.96 -57.34
CA UNK IA 75 -16.74 -57.96 -57.25
C UNK IA 75 -15.61 -58.44 -56.35
N UNK IA 76 -15.94 -59.05 -55.21
CA UNK IA 76 -14.91 -59.57 -54.32
C UNK IA 76 -14.11 -60.67 -54.99
N UNK IA 77 -14.79 -61.57 -55.71
CA UNK IA 77 -14.09 -62.64 -56.42
C UNK IA 77 -13.17 -62.08 -57.49
N UNK IA 78 -13.63 -61.08 -58.25
CA UNK IA 78 -12.79 -60.47 -59.27
C UNK IA 78 -11.58 -59.79 -58.65
N UNK IA 79 -11.78 -59.10 -57.52
CA UNK IA 79 -10.66 -58.45 -56.85
C UNK IA 79 -9.64 -59.47 -56.34
N UNK IA 80 -10.13 -60.57 -55.77
CA UNK IA 80 -9.23 -61.60 -55.27
C UNK IA 80 -8.45 -62.27 -56.40
N UNK IA 81 -9.12 -62.53 -57.52
CA UNK IA 81 -8.44 -63.16 -58.65
C UNK IA 81 -7.34 -62.26 -59.21
N UNK IA 82 -7.62 -60.96 -59.34
CA UNK IA 82 -6.61 -60.04 -59.85
C UNK IA 82 -5.40 -59.97 -58.92
N UNK IA 83 -5.64 -59.98 -57.60
CA UNK IA 83 -4.53 -59.93 -56.66
C UNK IA 83 -3.63 -61.15 -56.79
N UNK IA 84 -4.22 -62.33 -56.95
CA UNK IA 84 -3.45 -63.56 -57.08
C UNK IA 84 -2.93 -64.02 -55.73
N UNK JA 1 -33.99 -32.48 58.96
CA UNK JA 1 -34.28 -31.49 57.94
C UNK JA 1 -33.09 -31.30 57.01
N UNK JA 2 -32.73 -30.04 56.76
CA UNK JA 2 -31.60 -29.76 55.87
C UNK JA 2 -30.28 -30.24 56.47
N UNK JA 3 -30.16 -30.23 57.80
CA UNK JA 3 -28.93 -30.67 58.43
C UNK JA 3 -28.67 -32.16 58.16
N UNK JA 4 -29.71 -32.97 58.24
CA UNK JA 4 -29.55 -34.40 57.97
C UNK JA 4 -29.11 -34.65 56.53
N UNK JA 5 -29.71 -33.94 55.58
CA UNK JA 5 -29.31 -34.10 54.18
C UNK JA 5 -27.88 -33.63 53.96
N UNK JA 6 -27.49 -32.51 54.58
CA UNK JA 6 -26.13 -32.03 54.45
C UNK JA 6 -25.14 -33.03 55.02
N UNK JA 7 -25.46 -33.62 56.17
CA UNK JA 7 -24.57 -34.62 56.76
C UNK JA 7 -24.48 -35.86 55.90
N UNK JA 8 -25.60 -36.31 55.35
CA UNK JA 8 -25.59 -37.49 54.49
C UNK JA 8 -24.80 -37.23 53.21
N UNK JA 9 -24.84 -36.01 52.69
CA UNK JA 9 -24.06 -35.68 51.51
C UNK JA 9 -22.58 -35.58 51.84
N UNK JA 10 -22.23 -34.99 52.98
CA UNK JA 10 -20.83 -34.89 53.37
C UNK JA 10 -20.23 -36.28 53.61
N UNK JA 11 -21.01 -37.17 54.24
CA UNK JA 11 -20.51 -38.52 54.47
C UNK JA 11 -20.26 -39.24 53.15
N UNK JA 12 -21.18 -39.12 52.19
CA UNK JA 12 -21.00 -39.76 50.90
C UNK JA 12 -19.80 -39.17 50.16
N UNK JA 13 -19.61 -37.86 50.25
CA UNK JA 13 -18.46 -37.24 49.61
C UNK JA 13 -17.16 -37.73 50.22
N UNK JA 14 -17.11 -37.82 51.56
CA UNK JA 14 -15.90 -38.31 52.21
C UNK JA 14 -15.64 -39.76 51.85
N UNK JA 15 -16.68 -40.59 51.77
CA UNK JA 15 -16.51 -41.97 51.38
C UNK JA 15 -15.98 -42.10 49.96
N UNK JA 16 -16.53 -41.30 49.04
CA UNK JA 16 -16.07 -41.33 47.66
C UNK JA 16 -14.61 -40.87 47.57
N UNK JA 17 -14.25 -39.84 48.34
CA UNK JA 17 -12.86 -39.37 48.32
C UNK JA 17 -11.93 -40.44 48.87
N UNK JA 18 -12.31 -41.10 49.96
CA UNK JA 18 -11.48 -42.16 50.51
C UNK JA 18 -11.33 -43.31 49.52
N UNK JA 19 -12.41 -43.67 48.84
CA UNK JA 19 -12.34 -44.74 47.85
C UNK JA 19 -11.42 -44.36 46.69
N UNK JA 20 -11.54 -43.13 46.20
CA UNK JA 20 -10.68 -42.69 45.10
C UNK JA 20 -9.22 -42.61 45.53
N UNK JA 21 -8.96 -42.29 46.79
CA UNK JA 21 -7.59 -42.22 47.27
C UNK JA 21 -7.00 -43.60 47.52
N UNK JA 22 -7.83 -44.57 47.90
CA UNK JA 22 -7.36 -45.93 48.15
C UNK JA 22 -7.30 -46.78 46.90
N UNK JA 23 -8.02 -46.41 45.84
CA UNK JA 23 -7.96 -47.17 44.61
C UNK JA 23 -6.65 -46.95 43.85
N UNK JA 24 -6.03 -45.79 44.03
CA UNK JA 24 -4.78 -45.47 43.36
C UNK JA 24 -3.61 -46.17 44.03
N UNK JA 25 -3.25 -48.46 50.53
CA UNK JA 25 -3.45 -49.59 51.42
C UNK JA 25 -3.99 -49.13 52.77
N UNK JA 26 -3.08 -48.71 53.66
CA UNK JA 26 -3.49 -48.26 54.98
C UNK JA 26 -4.36 -47.00 54.89
N UNK JA 27 -4.00 -46.08 53.99
CA UNK JA 27 -4.79 -44.87 53.83
C UNK JA 27 -6.20 -45.19 53.34
N UNK JA 28 -6.31 -46.08 52.35
CA UNK JA 28 -7.63 -46.46 51.85
C UNK JA 28 -8.43 -47.18 52.91
N UNK JA 29 -7.79 -48.04 53.70
CA UNK JA 29 -8.49 -48.74 54.77
C UNK JA 29 -9.01 -47.75 55.81
N UNK JA 30 -8.19 -46.76 56.18
CA UNK JA 30 -8.63 -45.77 57.15
C UNK JA 30 -9.77 -44.93 56.59
N UNK JA 31 -9.68 -44.54 55.31
CA UNK JA 31 -10.76 -43.78 54.70
C UNK JA 31 -12.06 -44.58 54.68
N UNK JA 32 -11.98 -45.87 54.37
CA UNK JA 32 -13.18 -46.70 54.36
C UNK JA 32 -13.76 -46.85 55.76
N UNK JA 33 -12.89 -47.07 56.76
CA UNK JA 33 -13.38 -47.19 58.13
C UNK JA 33 -14.01 -45.89 58.61
N UNK JA 34 -13.52 -44.75 58.14
CA UNK JA 34 -14.09 -43.47 58.55
C UNK JA 34 -15.41 -43.18 57.83
N UNK JA 35 -15.52 -43.57 56.56
CA UNK JA 35 -16.72 -43.34 55.78
C UNK JA 35 -17.76 -44.44 55.94
N UNK JA 36 -17.46 -45.48 56.71
CA UNK JA 36 -18.40 -46.57 56.95
C UNK JA 36 -19.47 -46.21 57.98
N UNK JA 37 -19.61 -44.94 58.33
CA UNK JA 37 -20.62 -44.54 59.31
C UNK JA 37 -22.01 -45.04 58.92
N UNK JA 38 -22.31 -45.03 57.63
CA UNK JA 38 -23.61 -45.48 57.11
C UNK JA 38 -24.75 -44.65 57.70
N UNK JA 39 -24.70 -43.34 57.42
CA UNK JA 39 -25.73 -42.44 57.93
C UNK JA 39 -27.12 -42.84 57.46
N UNK JA 40 -27.22 -43.55 56.33
CA UNK JA 40 -28.51 -43.98 55.81
C UNK JA 40 -28.53 -45.48 55.55
N UNK JA 41 -29.62 -45.98 54.97
CA UNK JA 41 -29.74 -47.40 54.68
C UNK JA 41 -30.14 -47.70 53.24
N UNK JA 42 -30.38 -46.67 52.42
CA UNK JA 42 -30.72 -46.91 51.02
C UNK JA 42 -29.52 -47.40 50.23
N UNK JA 43 -28.45 -46.60 50.19
CA UNK JA 43 -27.22 -46.98 49.51
C UNK JA 43 -26.01 -47.05 50.43
N UNK JA 44 -26.14 -46.65 51.69
CA UNK JA 44 -25.00 -46.72 52.60
C UNK JA 44 -24.58 -48.17 52.85
N UNK JA 45 -25.54 -49.07 52.98
CA UNK JA 45 -25.20 -50.48 53.17
C UNK JA 45 -24.45 -51.03 51.98
N UNK JA 46 -24.91 -50.71 50.77
CA UNK JA 46 -24.22 -51.18 49.56
C UNK JA 46 -22.83 -50.59 49.47
N UNK JA 47 -22.67 -49.30 49.81
CA UNK JA 47 -21.36 -48.68 49.78
C UNK JA 47 -20.42 -49.34 50.77
N UNK JA 48 -20.91 -49.62 51.99
CA UNK JA 48 -20.07 -50.28 52.98
C UNK JA 48 -19.69 -51.69 52.54
N UNK JA 49 -20.64 -52.42 51.94
CA UNK JA 49 -20.32 -53.76 51.46
C UNK JA 49 -19.27 -53.71 50.35
N UNK JA 50 -19.39 -52.75 49.43
CA UNK JA 50 -18.40 -52.62 48.37
C UNK JA 50 -17.03 -52.26 48.94
N UNK JA 51 -17.00 -51.36 49.92
CA UNK JA 51 -15.73 -50.98 50.53
C UNK JA 51 -15.09 -52.17 51.24
N UNK JA 52 -15.90 -52.97 51.94
CA UNK JA 52 -15.36 -54.15 52.62
C UNK JA 52 -14.87 -55.18 51.64
N UNK JA 53 -15.56 -55.35 50.51
CA UNK JA 53 -15.13 -56.32 49.51
C UNK JA 53 -13.87 -55.86 48.77
N UNK JA 54 -13.71 -54.54 48.62
CA UNK JA 54 -12.52 -54.02 47.93
C UNK JA 54 -11.25 -54.19 48.75
N UNK JA 55 -11.36 -54.50 50.04
CA UNK JA 55 -10.17 -54.69 50.87
C UNK JA 55 -9.33 -55.84 50.34
N UNK JA 56 -8.05 -55.59 50.12
CA UNK JA 56 -7.12 -56.59 49.61
C UNK JA 56 -6.37 -57.33 50.71
N UNK JA 57 -6.97 -57.44 51.90
CA UNK JA 57 -6.32 -58.14 53.00
C UNK JA 57 -6.24 -59.63 52.70
N UNK JA 58 -5.21 -60.28 53.27
CA UNK JA 58 -5.02 -61.70 53.05
C UNK JA 58 -6.14 -62.51 53.70
N UNK JA 59 -6.60 -62.08 54.88
CA UNK JA 59 -7.66 -62.80 55.57
C UNK JA 59 -9.03 -62.52 54.94
N UNK JA 60 -9.41 -61.26 54.83
CA UNK JA 60 -10.68 -60.85 54.25
C UNK JA 60 -11.88 -61.35 55.04
N UNK JA 61 -11.68 -61.74 56.30
CA UNK JA 61 -12.79 -62.24 57.11
C UNK JA 61 -13.76 -61.12 57.48
N UNK JA 62 -13.23 -59.96 57.86
CA UNK JA 62 -14.11 -58.85 58.23
C UNK JA 62 -14.94 -58.37 57.05
N UNK JA 63 -14.31 -58.26 55.87
CA UNK JA 63 -15.05 -57.83 54.69
C UNK JA 63 -16.13 -58.85 54.32
N UNK JA 64 -15.79 -60.14 54.38
CA UNK JA 64 -16.77 -61.17 54.06
C UNK JA 64 -17.94 -61.13 55.05
N UNK JA 65 -17.65 -60.94 56.34
CA UNK JA 65 -18.71 -60.86 57.34
C UNK JA 65 -19.59 -59.64 57.09
N UNK JA 66 -18.99 -58.49 56.79
CA UNK JA 66 -19.77 -57.29 56.52
C UNK JA 66 -20.62 -57.44 55.27
N UNK JA 67 -20.12 -58.16 54.27
CA UNK JA 67 -20.91 -58.37 53.06
C UNK JA 67 -22.05 -59.35 53.30
N UNK JA 68 -21.82 -60.37 54.13
CA UNK JA 68 -22.86 -61.35 54.42
C UNK JA 68 -23.92 -60.79 55.36
N UNK JA 69 -23.56 -59.84 56.22
CA UNK JA 69 -24.51 -59.23 57.14
C UNK JA 69 -25.43 -58.22 56.47
N UNK JA 70 -25.41 -58.12 55.15
CA UNK JA 70 -26.28 -57.16 54.47
C UNK JA 70 -27.75 -57.50 54.69
N UNK JA 71 -28.13 -58.74 54.42
CA UNK JA 71 -29.51 -59.20 54.58
C UNK JA 71 -30.47 -58.54 53.59
N UNK JA 72 -29.96 -58.16 52.41
CA UNK JA 72 -30.76 -57.53 51.37
C UNK JA 72 -30.27 -58.03 50.02
N UNK JA 73 -30.73 -57.37 48.96
CA UNK JA 73 -30.31 -57.75 47.61
C UNK JA 73 -28.83 -57.50 47.43
N UNK JA 74 -28.10 -58.54 47.00
CA UNK JA 74 -26.66 -58.41 46.81
C UNK JA 74 -26.33 -57.52 45.62
N UNK JA 75 -27.14 -57.58 44.56
CA UNK JA 75 -26.92 -56.78 43.36
C UNK JA 75 -25.52 -57.00 42.79
N UNK JA 76 -25.13 -58.27 42.68
CA UNK JA 76 -23.84 -58.71 42.18
C UNK JA 76 -22.72 -58.56 43.20
N UNK JA 77 -23.00 -58.06 44.40
CA UNK JA 77 -21.96 -57.91 45.41
C UNK JA 77 -21.66 -59.23 46.10
N UNK JA 78 -22.69 -59.89 46.65
CA UNK JA 78 -22.49 -61.16 47.32
C UNK JA 78 -21.96 -62.21 46.37
N UNK JA 79 -22.40 -62.19 45.11
CA UNK JA 79 -21.90 -63.16 44.14
C UNK JA 79 -20.40 -62.99 43.92
N UNK JA 80 -19.96 -61.76 43.72
CA UNK JA 80 -18.53 -61.50 43.53
C UNK JA 80 -17.74 -61.85 44.79
N UNK JA 81 -18.31 -61.55 45.96
CA UNK JA 81 -17.63 -61.90 47.21
C UNK JA 81 -17.43 -63.40 47.33
N UNK JA 82 -18.48 -64.18 47.03
CA UNK JA 82 -18.37 -65.63 47.09
C UNK JA 82 -17.39 -66.15 46.04
N UNK JA 83 -17.40 -65.56 44.85
CA UNK JA 83 -16.44 -65.98 43.83
C UNK JA 83 -15.01 -65.73 44.28
N UNK JA 84 -14.75 -64.57 44.86
CA UNK JA 84 -13.40 -64.28 45.34
C UNK JA 84 -13.01 -65.22 46.48
N UNK JA 85 -13.95 -65.49 47.40
CA UNK JA 85 -13.65 -66.41 48.49
C UNK JA 85 -13.31 -67.79 47.97
N UNK JA 86 -14.06 -68.26 46.96
CA UNK JA 86 -13.76 -69.56 46.38
C UNK JA 86 -12.42 -69.57 45.66
N UNK JA 87 -12.10 -68.49 44.93
CA UNK JA 87 -10.82 -68.41 44.25
C UNK JA 87 -9.66 -68.36 45.24
N UNK JA 88 -9.89 -67.82 46.43
CA UNK JA 88 -8.86 -67.74 47.47
C UNK JA 88 -8.79 -69.05 48.26
N UNK JA 89 -8.44 -70.12 47.56
CA UNK JA 89 -8.31 -71.47 48.08
C UNK JA 89 -9.63 -72.11 48.48
N UNK JA 90 -10.76 -71.40 48.32
CA UNK JA 90 -12.07 -71.93 48.65
C UNK JA 90 -12.73 -72.65 47.47
N UNK JA 91 -11.94 -73.16 46.52
CA UNK JA 91 -12.47 -73.77 45.32
C UNK JA 91 -13.68 -74.66 45.59
N UNK JA 92 -13.52 -75.64 46.48
CA UNK JA 92 -14.63 -76.54 46.79
C UNK JA 92 -15.79 -75.78 47.40
N UNK JA 93 -15.60 -75.21 48.61
CA UNK JA 93 -16.69 -74.53 49.28
C UNK JA 93 -17.05 -73.23 48.58
N UNK JA 94 -16.04 -72.43 48.23
CA UNK JA 94 -16.31 -71.19 47.51
C UNK JA 94 -16.93 -71.48 46.14
N UNK JA 95 -16.47 -72.55 45.48
CA UNK JA 95 -17.05 -72.91 44.19
C UNK JA 95 -18.51 -73.30 44.33
N UNK JA 96 -18.84 -74.12 45.33
CA UNK JA 96 -20.23 -74.49 45.56
C UNK JA 96 -21.07 -73.26 45.89
N UNK JA 97 -20.54 -72.34 46.70
CA UNK JA 97 -21.29 -71.13 47.03
C UNK JA 97 -21.53 -70.27 45.81
N UNK JA 98 -20.52 -70.13 44.94
CA UNK JA 98 -20.70 -69.34 43.73
C UNK JA 98 -21.70 -70.00 42.79
N UNK JA 99 -21.67 -71.33 42.69
CA UNK JA 99 -22.64 -72.03 41.86
C UNK JA 99 -24.06 -71.83 42.39
N UNK JA 100 -24.23 -71.92 43.70
CA UNK JA 100 -25.55 -71.70 44.28
C UNK JA 100 -26.03 -70.26 44.06
N UNK JA 101 -25.12 -69.30 44.20
CA UNK JA 101 -25.49 -67.90 43.97
C UNK JA 101 -25.88 -67.68 42.52
N UNK JA 102 -25.14 -68.26 41.57
CA UNK JA 102 -25.48 -68.12 40.16
C UNK JA 102 -26.83 -68.76 39.86
N UNK JA 103 -27.09 -69.94 40.44
CA UNK JA 103 -28.38 -70.58 40.23
C UNK JA 103 -29.52 -69.74 40.78
N UNK JA 104 -29.33 -69.15 41.97
CA UNK JA 104 -30.36 -68.31 42.56
C UNK JA 104 -30.59 -67.06 41.71
N UNK JA 105 -29.51 -66.47 41.20
CA UNK JA 105 -29.66 -65.28 40.35
C UNK JA 105 -30.37 -65.61 39.05
N UNK JA 106 -30.07 -66.78 38.47
CA UNK JA 106 -30.75 -67.19 37.24
C UNK JA 106 -32.21 -67.51 37.49
N UNK JA 107 -32.54 -68.07 38.66
CA UNK JA 107 -33.93 -68.39 38.96
C UNK JA 107 -34.73 -67.12 39.25
N UNK JA 108 -34.13 -66.16 39.96
CA UNK JA 108 -34.82 -64.92 40.28
C UNK JA 108 -34.82 -63.93 39.12
N UNK JA 109 -33.87 -64.05 38.19
CA UNK JA 109 -33.81 -63.15 37.05
C UNK JA 109 -33.58 -63.92 35.75
N UNK KA 1 -45.92 -36.47 49.10
CA UNK KA 1 -45.42 -35.15 48.71
C UNK KA 1 -43.89 -35.12 48.76
N UNK KA 2 -43.36 -34.23 49.61
CA UNK KA 2 -41.91 -34.09 49.77
C UNK KA 2 -41.36 -35.12 50.75
N UNK KA 3 -41.56 -36.39 50.38
CA UNK KA 3 -41.11 -37.52 51.19
C UNK KA 3 -39.85 -38.18 50.63
N UNK KA 4 -39.79 -38.39 49.33
CA UNK KA 4 -38.65 -39.03 48.68
C UNK KA 4 -37.48 -38.08 48.47
N UNK KA 5 -37.46 -36.92 49.14
CA UNK KA 5 -36.35 -35.98 48.97
C UNK KA 5 -35.04 -36.59 49.47
N UNK KA 6 -35.09 -37.32 50.59
CA UNK KA 6 -33.88 -37.95 51.10
C UNK KA 6 -33.36 -39.01 50.12
N UNK KA 7 -34.26 -39.82 49.56
CA UNK KA 7 -33.83 -40.82 48.60
C UNK KA 7 -33.26 -40.18 47.34
N UNK KA 8 -33.88 -39.08 46.89
CA UNK KA 8 -33.36 -38.39 45.71
C UNK KA 8 -31.97 -37.81 45.99
N UNK KA 9 -31.77 -37.23 47.16
CA UNK KA 9 -30.45 -36.69 47.51
C UNK KA 9 -29.42 -37.80 47.59
N UNK KA 10 -29.79 -38.94 48.17
CA UNK KA 10 -28.87 -40.07 48.25
C UNK KA 10 -28.50 -40.58 46.86
N UNK KA 11 -29.49 -40.68 45.97
CA UNK KA 11 -29.21 -41.13 44.61
C UNK KA 11 -28.31 -40.14 43.88
N UNK KA 12 -28.55 -38.84 44.07
CA UNK KA 12 -27.70 -37.84 43.43
C UNK KA 12 -26.27 -37.91 43.96
N UNK KA 13 -26.10 -38.10 45.27
CA UNK KA 13 -24.77 -38.24 45.83
C UNK KA 13 -24.06 -39.48 45.30
N UNK KA 14 -24.79 -40.59 45.19
CA UNK KA 14 -24.20 -41.82 44.67
C UNK KA 14 -23.80 -41.66 43.22
N UNK KA 15 -24.62 -40.97 42.42
CA UNK KA 15 -24.28 -40.74 41.02
C UNK KA 15 -23.09 -39.79 40.88
N UNK KA 16 -22.97 -38.81 41.78
CA UNK KA 16 -21.84 -37.90 41.73
C UNK KA 16 -20.55 -38.63 42.14
N UNK KA 17 -20.62 -39.50 43.14
CA UNK KA 17 -19.47 -40.29 43.57
C UNK KA 17 -19.34 -41.52 42.66
N UNK KA 18 -18.91 -41.24 41.42
CA UNK KA 18 -18.77 -42.25 40.38
C UNK KA 18 -17.35 -42.24 39.82
N UNK KA 19 -16.36 -42.23 40.71
CA UNK KA 19 -14.97 -42.23 40.31
C UNK KA 19 -14.62 -43.55 39.62
N UNK KA 20 -13.36 -43.66 39.19
CA UNK KA 20 -12.91 -44.86 38.50
C UNK KA 20 -13.20 -46.13 39.27
N UNK KA 21 -13.29 -46.04 40.60
CA UNK KA 21 -13.60 -47.21 41.42
C UNK KA 21 -15.02 -47.67 41.12
N UNK KA 22 -15.16 -48.81 40.46
CA UNK KA 22 -16.45 -49.36 40.08
C UNK KA 22 -16.73 -50.60 40.92
N UNK KA 23 -17.98 -50.72 41.40
CA UNK KA 23 -18.35 -51.86 42.21
C UNK KA 23 -18.35 -53.17 41.41
N UNK KA 24 -18.50 -53.09 40.09
CA UNK KA 24 -18.51 -54.27 39.23
C UNK KA 24 -19.62 -55.25 39.64
N UNK KA 25 -20.86 -54.77 39.55
CA UNK KA 25 -22.00 -55.61 39.91
C UNK KA 25 -22.05 -56.89 39.09
N UNK KA 26 -21.64 -56.82 37.82
CA UNK KA 26 -21.63 -58.00 36.95
C UNK KA 26 -23.01 -58.63 36.79
N UNK KA 27 -24.05 -57.80 36.85
CA UNK KA 27 -25.43 -58.27 36.73
C UNK KA 27 -25.74 -58.57 35.26
N UNK KA 28 -25.06 -59.59 34.73
CA UNK KA 28 -25.23 -60.01 33.35
C UNK KA 28 -26.17 -61.20 33.20
N UNK KA 29 -26.11 -62.17 34.11
CA UNK KA 29 -26.94 -63.37 34.10
C UNK KA 29 -26.55 -64.37 33.02
N UNK KA 30 -25.45 -64.13 32.32
CA UNK KA 30 -24.99 -65.05 31.28
C UNK KA 30 -23.55 -65.51 31.48
N UNK KA 31 -22.68 -64.64 31.98
CA UNK KA 31 -21.29 -65.02 32.19
C UNK KA 31 -21.14 -65.96 33.38
N UNK KA 32 -22.04 -65.87 34.37
CA UNK KA 32 -21.95 -66.75 35.53
C UNK KA 32 -22.15 -68.20 35.15
N UNK KA 33 -23.02 -68.48 34.17
CA UNK KA 33 -23.22 -69.86 33.72
C UNK KA 33 -21.93 -70.42 33.15
N UNK KA 34 -21.28 -69.68 32.26
CA UNK KA 34 -20.02 -70.14 31.68
C UNK KA 34 -18.94 -70.28 32.74
N UNK KA 35 -18.92 -69.36 33.71
CA UNK KA 35 -17.94 -69.45 34.79
C UNK KA 35 -18.12 -70.73 35.60
N UNK KA 36 -19.37 -71.02 35.98
CA UNK KA 36 -19.64 -72.24 36.73
C UNK KA 36 -19.32 -73.48 35.91
N UNK KA 37 -19.62 -73.44 34.60
CA UNK KA 37 -19.30 -74.58 33.74
C UNK KA 37 -17.79 -74.81 33.70
N UNK KA 38 -17.02 -73.75 33.49
CA UNK KA 38 -15.57 -73.90 33.46
C UNK KA 38 -15.02 -74.38 34.80
N UNK KA 39 -15.61 -73.90 35.90
CA UNK KA 39 -15.17 -74.35 37.22
C UNK KA 39 -15.44 -75.84 37.40
N UNK KA 40 -16.65 -76.29 37.07
CA UNK KA 40 -16.97 -77.70 37.18
C UNK KA 40 -16.09 -78.55 36.27
N UNK KA 41 -15.74 -78.03 35.09
CA UNK KA 41 -14.90 -78.79 34.17
C UNK KA 41 -13.48 -78.92 34.72
N UNK KA 42 -12.90 -77.81 35.19
CA UNK KA 42 -11.55 -77.85 35.74
C UNK KA 42 -11.49 -78.58 37.07
N UNK KA 43 -12.55 -78.48 37.88
CA UNK KA 43 -12.56 -79.13 39.19
C UNK KA 43 -12.88 -80.62 39.06
N UNK KA 44 -14.03 -80.95 38.49
CA UNK KA 44 -14.48 -82.33 38.33
C UNK KA 44 -14.64 -82.64 36.85
N UNK KA 45 -15.17 -83.83 36.57
CA UNK KA 45 -15.39 -84.28 35.19
C UNK KA 45 -16.85 -84.70 35.04
N UNK KA 46 -17.46 -84.28 33.94
CA UNK KA 46 -18.85 -84.55 33.59
C UNK KA 46 -19.86 -83.76 34.41
N UNK KA 47 -19.40 -82.94 35.37
CA UNK KA 47 -20.33 -82.16 36.19
C UNK KA 47 -20.78 -80.90 35.46
N UNK KA 48 -19.83 -80.10 34.97
CA UNK KA 48 -20.15 -78.86 34.27
C UNK KA 48 -20.69 -79.10 32.87
N UNK KA 49 -20.82 -80.35 32.44
CA UNK KA 49 -21.35 -80.63 31.09
C UNK KA 49 -22.79 -80.14 30.97
N UNK KA 50 -23.61 -80.37 32.00
CA UNK KA 50 -25.00 -79.92 31.95
C UNK KA 50 -25.08 -78.40 31.91
N UNK KA 51 -24.25 -77.71 32.71
CA UNK KA 51 -24.25 -76.25 32.68
C UNK KA 51 -23.81 -75.73 31.32
N UNK KA 52 -22.79 -76.36 30.72
CA UNK KA 52 -22.33 -75.93 29.41
C UNK KA 52 -23.42 -76.14 28.35
N UNK KA 53 -24.11 -77.28 28.41
CA UNK KA 53 -25.19 -77.55 27.46
C UNK KA 53 -26.31 -76.53 27.63
N UNK KA 54 -26.66 -76.21 28.88
CA UNK KA 54 -27.72 -75.23 29.12
C UNK KA 54 -27.31 -73.85 28.60
N UNK KA 55 -26.05 -73.46 28.82
CA UNK KA 55 -25.58 -72.17 28.32
C UNK KA 55 -25.60 -72.13 26.81
N UNK KA 56 -25.18 -73.22 26.15
CA UNK KA 56 -25.21 -73.27 24.70
C UNK KA 56 -26.63 -73.19 24.17
N UNK KA 57 -27.57 -73.89 24.81
CA UNK KA 57 -28.96 -73.83 24.39
C UNK KA 57 -29.53 -72.43 24.57
N UNK KA 58 -29.20 -71.77 25.68
CA UNK KA 58 -29.68 -70.41 25.90
C UNK KA 58 -29.10 -69.44 24.87
N UNK KA 59 -27.82 -69.62 24.53
CA UNK KA 59 -27.20 -68.75 23.53
C UNK KA 59 -27.80 -68.98 22.14
N UNK KA 60 -28.12 -70.25 21.82
CA UNK KA 60 -28.71 -70.54 20.51
C UNK KA 60 -30.14 -70.03 20.43
N UNK KA 61 -30.90 -70.12 21.52
CA UNK KA 61 -32.27 -69.65 21.51
C UNK KA 61 -32.35 -68.13 21.39
N UNK KA 62 -31.35 -67.42 21.88
CA UNK KA 62 -31.33 -65.96 21.82
C UNK KA 62 -30.05 -65.46 21.17
N UNK LA 1 18.00 -90.83 31.31
CA UNK LA 1 16.61 -91.26 31.45
C UNK LA 1 15.92 -91.30 30.09
N UNK LA 2 15.07 -90.31 29.82
CA UNK LA 2 14.37 -90.25 28.55
C UNK LA 2 15.32 -89.97 27.40
N UNK LA 3 16.22 -89.00 27.58
CA UNK LA 3 17.17 -88.67 26.53
C UNK LA 3 18.11 -89.83 26.24
N UNK LA 4 18.62 -90.48 27.30
CA UNK LA 4 19.50 -91.62 27.10
C UNK LA 4 18.78 -92.76 26.38
N UNK LA 5 17.53 -93.02 26.77
CA UNK LA 5 16.76 -94.07 26.09
C UNK LA 5 16.53 -93.74 24.62
N UNK LA 6 16.18 -92.48 24.33
CA UNK LA 6 15.95 -92.08 22.95
C UNK LA 6 17.23 -92.14 22.12
N UNK LA 7 18.38 -91.87 22.75
CA UNK LA 7 19.64 -91.91 22.02
C UNK LA 7 20.21 -93.33 21.89
N UNK LA 8 19.80 -94.25 22.76
CA UNK LA 8 20.30 -95.62 22.70
C UNK LA 8 19.32 -96.60 22.06
N UNK LA 9 18.08 -96.18 21.77
CA UNK LA 9 17.14 -97.07 21.11
C UNK LA 9 17.60 -97.48 19.71
N UNK LA 10 18.59 -96.80 19.15
CA UNK LA 10 19.06 -97.17 17.81
C UNK LA 10 19.71 -98.55 17.78
N UNK LA 11 20.13 -99.08 18.94
CA UNK LA 11 20.73 -100.41 18.97
C UNK LA 11 19.72 -101.48 18.57
N UNK LA 12 18.58 -101.51 19.26
CA UNK LA 12 17.56 -102.51 18.95
C UNK LA 12 17.03 -102.32 17.53
N UNK LA 13 16.37 -103.36 17.03
CA UNK LA 13 15.83 -103.31 15.68
C UNK LA 13 14.78 -102.21 15.57
N UNK LA 14 14.57 -101.75 14.33
CA UNK LA 14 13.60 -100.69 14.07
C UNK LA 14 12.18 -101.23 14.11
N UNK LA 15 11.92 -102.31 13.39
CA UNK LA 15 10.58 -102.89 13.34
C UNK LA 15 10.13 -103.30 14.74
N UNK LA 16 9.10 -102.63 15.24
CA UNK LA 16 8.52 -102.87 16.56
C UNK LA 16 9.49 -102.63 17.71
N UNK LA 17 10.65 -102.02 17.43
CA UNK LA 17 11.65 -101.74 18.46
C UNK LA 17 11.88 -100.25 18.66
N UNK LA 18 12.15 -99.52 17.58
CA UNK LA 18 12.42 -98.08 17.67
C UNK LA 18 11.17 -97.24 17.44
N UNK LA 19 10.39 -97.57 16.40
CA UNK LA 19 9.20 -96.79 16.11
C UNK LA 19 8.18 -96.89 17.23
N UNK LA 20 7.94 -98.10 17.75
CA UNK LA 20 6.97 -98.27 18.81
C UNK LA 20 7.47 -97.69 20.13
N UNK LA 21 8.71 -98.02 20.50
CA UNK LA 21 9.26 -97.53 21.76
C UNK LA 21 9.75 -96.09 21.63
N UNK LA 22 10.61 -95.82 20.64
CA UNK LA 22 11.12 -94.46 20.46
C UNK LA 22 10.00 -93.49 20.14
N UNK LA 23 9.01 -93.93 19.37
CA UNK LA 23 7.88 -93.05 19.05
C UNK LA 23 7.11 -92.68 20.30
N UNK LA 24 6.74 -93.67 21.11
CA UNK LA 24 6.00 -93.39 22.34
C UNK LA 24 6.83 -92.58 23.31
N UNK LA 25 8.16 -92.72 23.27
CA UNK LA 25 9.01 -91.91 24.13
C UNK LA 25 9.03 -90.46 23.69
N UNK LA 26 9.33 -90.22 22.42
CA UNK LA 26 9.34 -88.86 21.89
C UNK LA 26 7.97 -88.19 21.97
N UNK LA 27 6.90 -88.97 22.01
CA UNK LA 27 5.56 -88.38 22.16
C UNK LA 27 5.47 -87.57 23.44
N UNK LA 28 5.98 -88.11 24.55
CA UNK LA 28 5.98 -87.40 25.82
C UNK LA 28 7.19 -86.49 25.99
N UNK LA 29 8.31 -86.82 25.35
CA UNK LA 29 9.52 -86.01 25.45
C UNK LA 29 9.33 -84.75 24.61
N UNK LA 30 9.03 -83.64 25.27
CA UNK LA 30 8.86 -82.38 24.56
C UNK LA 30 10.20 -81.84 24.09
N UNK LA 31 10.28 -81.51 22.81
CA UNK LA 31 11.51 -81.01 22.21
C UNK LA 31 11.16 -79.92 21.20
N UNK LA 32 12.14 -79.54 20.38
CA UNK LA 32 11.94 -78.50 19.38
C UNK LA 32 11.15 -79.07 18.21
N UNK LA 33 11.02 -78.26 17.14
CA UNK LA 33 10.27 -78.69 15.96
C UNK LA 33 10.87 -79.92 15.28
N UNK LA 34 12.06 -80.35 15.69
CA UNK LA 34 12.68 -81.52 15.09
C UNK LA 34 11.90 -82.80 15.34
N UNK LA 35 10.93 -82.78 16.26
CA UNK LA 35 10.15 -83.98 16.54
C UNK LA 35 9.39 -84.46 15.31
N UNK LA 36 9.08 -83.55 14.37
CA UNK LA 36 8.36 -83.94 13.17
C UNK LA 36 9.14 -84.94 12.35
N UNK LA 37 10.48 -84.93 12.45
CA UNK LA 37 11.28 -85.88 11.70
C UNK LA 37 10.95 -87.33 12.10
N UNK LA 38 10.78 -87.58 13.39
CA UNK LA 38 10.44 -88.92 13.84
C UNK LA 38 9.04 -89.32 13.37
N UNK LA 39 8.09 -88.39 13.44
CA UNK LA 39 6.74 -88.70 12.98
C UNK LA 39 6.71 -88.97 11.48
N UNK LA 40 7.59 -88.34 10.72
CA UNK LA 40 7.65 -88.58 9.28
C UNK LA 40 8.37 -89.89 8.97
N UNK LA 41 9.39 -90.22 9.75
CA UNK LA 41 10.11 -91.48 9.53
C UNK LA 41 9.29 -92.68 9.97
N UNK LA 42 8.36 -92.49 10.92
CA UNK LA 42 7.52 -93.58 11.39
C UNK LA 42 6.35 -93.88 10.45
N UNK LA 43 6.40 -93.38 9.22
CA UNK LA 43 5.31 -93.66 8.27
C UNK LA 43 5.25 -95.15 7.94
N UNK LA 44 6.41 -95.80 7.82
CA UNK LA 44 6.43 -97.23 7.54
C UNK LA 44 5.77 -98.01 8.67
N UNK LA 45 6.08 -97.65 9.91
CA UNK LA 45 5.45 -98.33 11.05
C UNK LA 45 3.96 -98.06 11.10
N UNK LA 46 3.56 -96.81 10.84
CA UNK LA 46 2.14 -96.47 10.85
C UNK LA 46 1.38 -97.23 9.77
N UNK LA 47 2.03 -97.49 8.63
CA UNK LA 47 1.37 -98.23 7.57
C UNK LA 47 1.34 -99.72 7.86
N UNK LA 48 2.40 -100.26 8.48
CA UNK LA 48 2.45 -101.67 8.80
C UNK LA 48 1.61 -102.03 10.03
N UNK LA 49 1.23 -101.05 10.83
CA UNK LA 49 0.41 -101.29 12.01
C UNK LA 49 -0.65 -100.20 12.12
N UNK LA 50 -1.91 -100.63 12.24
CA UNK LA 50 -3.00 -99.65 12.32
C UNK LA 50 -2.89 -98.79 13.56
N UNK LA 51 -2.37 -99.33 14.66
CA UNK LA 51 -2.24 -98.56 15.89
C UNK LA 51 -1.20 -97.45 15.72
N UNK LA 52 -0.11 -97.72 14.99
CA UNK LA 52 0.92 -96.72 14.79
C UNK LA 52 0.44 -95.62 13.85
N UNK LA 53 -0.35 -95.97 12.84
CA UNK LA 53 -0.84 -94.97 11.89
C UNK LA 53 -1.70 -93.92 12.60
N UNK LA 54 -2.63 -94.37 13.44
CA UNK LA 54 -3.49 -93.44 14.16
C UNK LA 54 -2.81 -92.78 15.34
N UNK LA 55 -1.75 -93.39 15.88
CA UNK LA 55 -1.04 -92.81 17.01
C UNK LA 55 -0.11 -91.68 16.56
N UNK LA 56 0.74 -91.96 15.58
CA UNK LA 56 1.67 -90.94 15.09
C UNK LA 56 0.92 -89.81 14.39
N UNK LA 57 -0.07 -90.15 13.57
CA UNK LA 57 -0.84 -89.12 12.88
C UNK LA 57 -1.60 -88.24 13.87
N UNK LA 58 -2.07 -88.84 14.98
CA UNK LA 58 -2.76 -88.06 16.00
C UNK LA 58 -1.77 -87.15 16.75
N UNK LA 59 -0.63 -87.70 17.14
CA UNK LA 59 0.36 -86.90 17.86
C UNK LA 59 0.88 -85.76 16.99
N UNK LA 60 0.92 -85.95 15.66
CA UNK LA 60 1.40 -84.90 14.77
C UNK LA 60 0.51 -83.66 14.87
N UNK LA 61 -0.81 -83.86 14.77
CA UNK LA 61 -1.73 -82.72 14.84
C UNK LA 61 -1.68 -82.06 16.21
N UNK LA 62 -1.62 -82.86 17.28
CA UNK LA 62 -1.54 -82.29 18.62
C UNK LA 62 -0.24 -81.54 18.81
N UNK LA 63 0.87 -82.07 18.30
CA UNK LA 63 2.15 -81.38 18.42
C UNK LA 63 2.13 -80.07 17.64
N UNK LA 64 1.54 -80.07 16.45
CA UNK LA 64 1.46 -78.84 15.67
C UNK LA 64 0.59 -77.80 16.37
N UNK LA 65 -0.53 -78.25 16.95
CA UNK LA 65 -1.39 -77.31 17.68
C UNK LA 65 -0.66 -76.73 18.89
N UNK LA 66 0.08 -77.56 19.62
CA UNK LA 66 0.81 -77.08 20.78
C UNK LA 66 1.90 -76.09 20.37
N UNK LA 67 2.58 -76.37 19.24
CA UNK LA 67 3.61 -75.46 18.76
C UNK LA 67 3.01 -74.13 18.31
N UNK LA 68 1.83 -74.18 17.68
CA UNK LA 68 1.20 -72.94 17.21
C UNK LA 68 0.64 -72.14 18.37
N UNK LA 69 0.18 -72.81 19.43
CA UNK LA 69 -0.38 -72.08 20.58
C UNK LA 69 0.64 -71.12 21.17
N UNK LA 70 1.83 -71.62 21.52
CA UNK LA 70 2.85 -70.76 22.09
C UNK LA 70 3.41 -69.77 21.07
N UNK LA 71 3.45 -70.17 19.79
CA UNK LA 71 3.95 -69.27 18.76
C UNK LA 71 3.05 -68.04 18.61
N UNK LA 72 1.73 -68.25 18.62
CA UNK LA 72 0.81 -67.11 18.51
C UNK LA 72 0.95 -66.18 19.71
N UNK LA 73 1.10 -66.75 20.91
CA UNK LA 73 1.26 -65.90 22.09
C UNK LA 73 2.57 -65.13 22.03
N UNK LA 74 3.65 -65.76 21.58
CA UNK LA 74 4.93 -65.05 21.47
C UNK LA 74 4.88 -63.97 20.40
N UNK LA 75 4.13 -64.20 19.32
CA UNK LA 75 4.05 -63.20 18.27
C UNK LA 75 3.12 -62.04 18.63
N UNK LA 76 2.11 -62.30 19.45
CA UNK LA 76 1.18 -61.26 19.87
C UNK LA 76 1.63 -60.61 21.17
N UNK MA 1 5.79 -67.26 7.70
CA UNK MA 1 5.49 -67.66 9.07
C UNK MA 1 4.75 -68.99 9.09
N UNK MA 2 3.99 -69.23 10.17
CA UNK MA 2 3.22 -70.46 10.33
C UNK MA 2 1.87 -70.36 9.60
N UNK MA 3 1.96 -70.05 8.31
CA UNK MA 3 0.78 -69.91 7.46
C UNK MA 3 0.42 -71.20 6.73
N UNK MA 4 1.22 -72.25 6.88
CA UNK MA 4 0.96 -73.52 6.21
C UNK MA 4 0.40 -74.58 7.15
N UNK MA 5 0.02 -74.21 8.37
CA UNK MA 5 -0.54 -75.14 9.34
C UNK MA 5 -2.02 -75.39 9.14
N UNK MA 6 -2.60 -74.93 8.03
CA UNK MA 6 -4.02 -75.14 7.78
C UNK MA 6 -4.32 -76.58 7.37
N UNK MA 7 -3.48 -77.15 6.50
CA UNK MA 7 -3.69 -78.52 6.04
C UNK MA 7 -3.52 -79.55 7.15
N UNK MA 8 -3.02 -79.15 8.32
CA UNK MA 8 -2.87 -80.10 9.42
C UNK MA 8 -4.21 -80.66 9.86
N UNK MA 9 -5.21 -79.79 10.00
CA UNK MA 9 -6.54 -80.25 10.40
C UNK MA 9 -7.15 -81.15 9.34
N UNK MA 10 -6.98 -80.82 8.06
CA UNK MA 10 -7.49 -81.67 6.99
C UNK MA 10 -6.83 -83.04 7.01
N UNK MA 11 -5.52 -83.08 7.22
CA UNK MA 11 -4.83 -84.36 7.28
C UNK MA 11 -5.28 -85.17 8.49
N UNK MA 12 -5.45 -84.52 9.64
CA UNK MA 12 -5.93 -85.23 10.83
C UNK MA 12 -7.32 -85.80 10.59
N UNK MA 13 -8.19 -85.03 9.94
CA UNK MA 13 -9.54 -85.52 9.66
C UNK MA 13 -9.51 -86.68 8.68
N UNK MA 14 -8.70 -86.59 7.63
CA UNK MA 14 -8.59 -87.68 6.67
C UNK MA 14 -8.03 -88.94 7.32
N UNK MA 15 -7.15 -88.78 8.31
CA UNK MA 15 -6.59 -89.93 9.00
C UNK MA 15 -7.59 -90.55 9.97
N UNK MA 16 -8.36 -89.71 10.68
CA UNK MA 16 -9.33 -90.20 11.65
C UNK MA 16 -10.65 -90.65 11.04
N UNK MA 17 -10.87 -90.36 9.75
CA UNK MA 17 -12.09 -90.80 9.08
C UNK MA 17 -12.03 -92.25 8.61
N UNK MA 18 -11.07 -93.03 9.11
CA UNK MA 18 -10.95 -94.44 8.74
C UNK MA 18 -10.93 -95.39 9.93
N UNK MA 19 -11.11 -94.88 11.15
CA UNK MA 19 -11.11 -95.70 12.35
C UNK MA 19 -12.44 -95.50 13.07
N UNK MA 20 -13.11 -96.62 13.38
CA UNK MA 20 -14.39 -96.58 14.06
C UNK MA 20 -14.26 -96.52 15.58
N UNK MA 21 -13.05 -96.59 16.11
CA UNK MA 21 -12.84 -96.55 17.55
C UNK MA 21 -12.99 -95.13 18.08
N UNK MA 22 -12.96 -95.00 19.40
CA UNK MA 22 -13.10 -93.70 20.04
C UNK MA 22 -11.97 -92.75 19.66
N UNK MA 23 -10.86 -93.25 19.12
CA UNK MA 23 -9.76 -92.39 18.73
C UNK MA 23 -10.20 -91.31 17.76
N UNK MA 24 -11.13 -91.64 16.86
CA UNK MA 24 -11.63 -90.66 15.90
C UNK MA 24 -12.41 -89.52 16.55
N UNK MA 25 -12.81 -89.67 17.82
CA UNK MA 25 -13.55 -88.61 18.48
C UNK MA 25 -12.77 -87.30 18.50
N UNK MA 26 -11.46 -87.38 18.75
CA UNK MA 26 -10.62 -86.19 18.80
C UNK MA 26 -10.39 -85.55 17.44
N UNK MA 27 -10.95 -86.12 16.37
CA UNK MA 27 -10.77 -85.54 15.04
C UNK MA 27 -11.28 -84.10 14.99
N UNK MA 28 -12.53 -83.88 15.42
CA UNK MA 28 -13.08 -82.54 15.41
C UNK MA 28 -12.36 -81.64 16.40
N UNK MA 29 -11.98 -82.16 17.56
CA UNK MA 29 -11.27 -81.36 18.54
C UNK MA 29 -9.95 -80.85 17.99
N UNK MA 30 -9.27 -81.68 17.19
CA UNK MA 30 -8.01 -81.26 16.59
C UNK MA 30 -8.20 -80.38 15.36
N UNK MA 31 -9.29 -80.58 14.62
CA UNK MA 31 -9.54 -79.79 13.42
C UNK MA 31 -10.15 -78.43 13.72
N UNK MA 32 -10.71 -78.23 14.92
CA UNK MA 32 -11.29 -76.95 15.29
C UNK MA 32 -10.26 -75.92 15.71
N UNK MA 33 -8.97 -76.17 15.46
CA UNK MA 33 -7.91 -75.24 15.81
C UNK MA 33 -7.75 -74.11 14.79
N UNK MA 34 -8.70 -73.94 13.88
CA UNK MA 34 -8.64 -72.89 12.87
C UNK MA 34 -8.92 -71.50 13.41
N UNK MA 35 -9.07 -71.34 14.72
CA UNK MA 35 -9.34 -70.04 15.32
C UNK MA 35 -8.07 -69.23 15.61
N UNK MA 36 -6.96 -69.58 14.97
CA UNK MA 36 -5.72 -68.85 15.19
C UNK MA 36 -5.75 -67.45 14.59
N UNK MA 37 -6.63 -67.19 13.62
CA UNK MA 37 -6.73 -65.88 12.99
C UNK MA 37 -7.37 -64.87 13.94
N UNK MA 38 -13.17 -67.81 18.25
CA UNK MA 38 -13.11 -69.11 18.92
C UNK MA 38 -13.59 -69.00 20.36
N UNK MA 39 -14.77 -68.42 20.55
CA UNK MA 39 -15.31 -68.27 21.91
C UNK MA 39 -15.55 -69.64 22.54
N UNK MA 40 -16.41 -70.45 21.93
CA UNK MA 40 -16.72 -71.78 22.45
C UNK MA 40 -15.81 -72.83 21.82
N UNK MA 41 -14.52 -72.68 22.08
CA UNK MA 41 -13.54 -73.63 21.55
C UNK MA 41 -13.62 -74.98 22.26
N UNK MA 42 -13.42 -74.98 23.58
CA UNK MA 42 -13.47 -76.19 24.39
C UNK MA 42 -14.84 -76.39 25.03
N UNK MA 43 -15.89 -75.87 24.41
CA UNK MA 43 -17.25 -76.04 24.97
C UNK MA 43 -17.65 -77.50 24.98
N UNK MA 44 -17.47 -78.20 23.87
CA UNK MA 44 -17.83 -79.61 23.75
C UNK MA 44 -16.80 -80.54 24.37
N UNK MA 45 -15.83 -80.01 25.13
CA UNK MA 45 -14.83 -80.86 25.76
C UNK MA 45 -15.47 -81.82 26.75
N UNK MA 46 -16.40 -81.33 27.57
CA UNK MA 46 -17.06 -82.20 28.53
C UNK MA 46 -17.91 -83.25 27.84
N UNK MA 47 -18.61 -82.86 26.77
CA UNK MA 47 -19.43 -83.83 26.04
C UNK MA 47 -18.57 -84.89 25.38
N UNK MA 48 -17.38 -84.52 24.90
CA UNK MA 48 -16.48 -85.49 24.29
C UNK MA 48 -15.86 -86.40 25.34
N UNK MA 49 -15.56 -85.87 26.53
CA UNK MA 49 -14.98 -86.69 27.59
C UNK MA 49 -16.01 -87.61 28.24
N UNK MA 50 -17.29 -87.25 28.19
CA UNK MA 50 -18.35 -88.06 28.77
C UNK MA 50 -19.25 -88.70 27.73
N UNK MA 51 -19.80 -87.89 26.81
CA UNK MA 51 -20.68 -88.42 25.77
C UNK MA 51 -19.90 -88.75 24.50
N UNK MA 52 -18.95 -89.68 24.67
CA UNK MA 52 -18.11 -90.11 23.55
C UNK MA 52 -18.86 -90.91 22.50
N UNK MA 53 -20.14 -91.19 22.71
CA UNK MA 53 -20.91 -91.96 21.73
C UNK MA 53 -21.30 -91.08 20.54
N UNK MA 54 -22.02 -90.01 20.79
CA UNK MA 54 -22.46 -89.09 19.73
C UNK MA 54 -22.79 -87.74 20.36
N UNK MA 55 -23.37 -86.85 19.57
CA UNK MA 55 -23.77 -85.51 19.96
C UNK MA 55 -22.60 -84.54 20.09
N UNK MA 56 -21.36 -84.99 19.92
CA UNK MA 56 -20.19 -84.12 20.04
C UNK MA 56 -19.80 -83.52 18.69
N UNK MA 57 -19.75 -84.33 17.64
CA UNK MA 57 -19.37 -83.85 16.32
C UNK MA 57 -20.42 -82.91 15.73
N UNK MA 58 -21.65 -82.94 16.23
CA UNK MA 58 -22.70 -82.08 15.69
C UNK MA 58 -22.33 -80.62 15.86
N UNK MA 59 -22.01 -80.21 17.09
CA UNK MA 59 -21.63 -78.83 17.38
C UNK MA 59 -20.14 -78.58 17.24
N UNK MA 60 -19.35 -79.61 16.95
CA UNK MA 60 -17.91 -79.44 16.81
C UNK MA 60 -17.54 -78.84 15.45
N UNK MA 61 -18.06 -79.42 14.37
CA UNK MA 61 -17.77 -78.95 13.03
C UNK MA 61 -18.45 -77.64 12.69
N UNK MA 62 -19.20 -77.04 13.61
CA UNK MA 62 -19.87 -75.78 13.33
C UNK MA 62 -18.86 -74.66 13.14
N UNK MA 63 -17.78 -74.66 13.91
CA UNK MA 63 -16.76 -73.61 13.78
C UNK MA 63 -16.10 -73.65 12.42
N UNK MA 64 -15.80 -74.86 11.93
CA UNK MA 64 -15.14 -74.98 10.62
C UNK MA 64 -15.99 -74.37 9.51
N UNK MA 65 -17.32 -74.37 9.67
CA UNK MA 65 -18.19 -73.80 8.64
C UNK MA 65 -17.91 -72.31 8.46
N UNK MA 66 -17.93 -71.55 9.55
CA UNK MA 66 -17.66 -70.12 9.50
C UNK MA 66 -16.18 -69.78 9.52
N UNK MA 67 -15.30 -70.79 9.44
CA UNK MA 67 -13.87 -70.58 9.46
C UNK MA 67 -13.27 -70.34 8.08
N UNK MA 68 -14.08 -69.91 7.12
CA UNK MA 68 -13.63 -69.64 5.76
C UNK MA 68 -13.31 -68.18 5.52
N UNK MA 69 -12.90 -67.45 6.57
CA UNK MA 69 -12.56 -66.04 6.46
C UNK MA 69 -11.08 -65.75 6.57
N UNK MA 70 -10.30 -66.63 7.19
CA UNK MA 70 -8.87 -66.40 7.33
C UNK MA 70 -8.12 -66.78 6.07
N UNK MA 71 -8.23 -68.04 5.64
CA UNK MA 71 -7.56 -68.50 4.44
C UNK MA 71 -6.85 -69.83 4.69
N UNK NA 1 -3.87 -60.71 -49.53
CA UNK NA 1 -4.21 -60.20 -50.85
C UNK NA 1 -5.67 -59.74 -50.91
N UNK NA 2 -6.50 -60.50 -51.62
CA UNK NA 2 -7.90 -60.15 -51.73
C UNK NA 2 -8.60 -60.21 -50.37
N UNK NA 3 -8.28 -61.22 -49.57
CA UNK NA 3 -8.90 -61.35 -48.25
C UNK NA 3 -8.53 -60.17 -47.35
N UNK NA 4 -7.27 -59.70 -47.44
CA UNK NA 4 -6.84 -58.59 -46.61
C UNK NA 4 -7.57 -57.30 -46.95
N UNK NA 5 -8.17 -57.21 -48.13
CA UNK NA 5 -8.91 -56.02 -48.55
C UNK NA 5 -10.38 -56.28 -48.81
N UNK NA 6 -10.72 -57.41 -49.44
CA UNK NA 6 -12.13 -57.70 -49.71
C UNK NA 6 -12.91 -57.91 -48.42
N UNK NA 7 -12.33 -58.65 -47.47
CA UNK NA 7 -13.03 -58.89 -46.20
C UNK NA 7 -13.15 -57.60 -45.39
N UNK NA 8 -12.09 -56.78 -45.38
CA UNK NA 8 -12.15 -55.53 -44.62
C UNK NA 8 -13.22 -54.59 -45.14
N UNK NA 9 -13.52 -54.65 -46.44
CA UNK NA 9 -14.55 -53.78 -47.02
C UNK NA 9 -15.88 -53.96 -46.29
N UNK NA 10 -16.37 -55.20 -46.24
CA UNK NA 10 -17.64 -55.46 -45.57
C UNK NA 10 -17.57 -55.08 -44.09
N UNK NA 11 -16.43 -55.33 -43.45
CA UNK NA 11 -16.29 -55.02 -42.03
C UNK NA 11 -15.90 -53.56 -41.83
N UNK NA 12 -14.80 -53.14 -42.44
CA UNK NA 12 -14.32 -51.75 -42.31
C UNK NA 12 -13.87 -51.44 -40.89
N UNK NA 13 -13.12 -52.36 -40.28
CA UNK NA 13 -12.62 -52.17 -38.91
C UNK NA 13 -11.27 -52.88 -38.83
N UNK NA 14 -10.20 -52.11 -39.01
CA UNK NA 14 -8.84 -52.65 -38.95
C UNK NA 14 -8.03 -52.09 -37.79
N UNK NA 15 -8.00 -50.78 -37.62
CA UNK NA 15 -7.24 -50.16 -36.54
C UNK NA 15 -5.92 -49.58 -37.05
N LEU OA 7 8.76 -22.30 -25.40
CA LEU OA 7 8.70 -23.22 -24.26
C LEU OA 7 7.36 -23.12 -23.54
N LEU OA 8 7.21 -22.07 -22.73
CA LEU OA 8 5.97 -21.88 -22.00
C LEU OA 8 4.81 -21.56 -22.93
N ARG OA 9 5.07 -20.91 -24.06
CA ARG OA 9 4.01 -20.56 -24.99
C ARG OA 9 3.36 -21.83 -25.55
N GLN OA 10 2.14 -21.66 -26.04
CA GLN OA 10 1.33 -22.73 -26.62
C GLN OA 10 0.70 -23.65 -25.57
N CYS OA 11 0.77 -23.29 -24.29
CA CYS OA 11 0.23 -24.09 -23.20
C CYS OA 11 -0.87 -23.28 -22.51
N PRO OA 12 -2.08 -23.25 -23.07
CA PRO OA 12 -3.16 -22.49 -22.43
C PRO OA 12 -3.49 -22.96 -21.03
N LEU OA 13 -3.15 -24.21 -20.68
CA LEU OA 13 -3.40 -24.75 -19.34
C LEU OA 13 -2.17 -25.60 -18.99
N LEU OA 14 -1.21 -24.98 -18.31
CA LEU OA 14 0.03 -25.64 -17.93
C LEU OA 14 0.72 -24.77 -16.88
N LEU OA 15 1.96 -25.12 -16.54
CA LEU OA 15 2.74 -24.37 -15.57
C LEU OA 15 2.04 -24.40 -14.21
N PRO OA 16 1.93 -25.58 -13.58
CA PRO OA 16 1.30 -25.65 -12.26
C PRO OA 16 2.19 -25.12 -11.17
N GLN OA 17 1.74 -25.24 -9.92
CA GLN OA 17 2.52 -24.77 -8.78
C GLN OA 17 3.92 -25.39 -8.81
N ASN OA 18 4.94 -24.54 -8.75
CA ASN OA 18 6.32 -24.98 -8.80
C ASN OA 18 6.83 -25.54 -7.47
N ARG OA 19 5.94 -25.81 -6.51
CA ARG OA 19 6.37 -26.35 -5.23
C ARG OA 19 6.91 -27.77 -5.40
N GLU OA 20 6.20 -28.61 -6.15
CA GLU OA 20 6.61 -29.99 -6.42
C GLU OA 20 6.58 -30.29 -7.90
N GLY OA 21 6.97 -29.32 -8.72
CA GLY OA 21 6.98 -29.45 -10.17
C GLY OA 21 5.70 -29.03 -10.86
N THR OA 22 4.56 -29.27 -10.23
CA THR OA 22 3.26 -28.89 -10.79
C THR OA 22 2.99 -29.63 -12.10
N ALA OA 23 3.16 -30.95 -12.07
CA ALA OA 23 2.94 -31.79 -13.24
C ALA OA 23 1.47 -32.18 -13.37
N TYR OA 24 0.63 -31.16 -13.57
CA TYR OA 24 -0.81 -31.34 -13.73
C TYR OA 24 -1.30 -30.98 -15.12
N GLU OA 25 -1.02 -29.76 -15.57
CA GLU OA 25 -1.44 -29.31 -16.90
C GLU OA 25 -2.93 -29.51 -17.12
N GLY OA 26 -3.72 -29.22 -16.08
CA GLY OA 26 -5.16 -29.37 -16.19
C GLY OA 26 -5.78 -28.40 -17.17
N PHE OA 27 -6.90 -28.82 -17.74
CA PHE OA 27 -7.64 -28.02 -18.71
C PHE OA 27 -6.75 -27.60 -19.88
N VAL OA 28 -6.24 -28.60 -20.59
CA VAL OA 28 -5.35 -28.40 -21.73
C VAL OA 28 -5.89 -29.25 -22.88
N SER OA 29 -6.22 -28.60 -23.99
CA SER OA 29 -6.74 -29.28 -25.16
C SER OA 29 -6.59 -28.37 -26.37
N ALA OA 30 -6.61 -28.98 -27.55
CA ALA OA 30 -6.48 -28.25 -28.81
C ALA OA 30 -7.84 -27.84 -29.37
N GLN OA 31 -8.64 -27.17 -28.55
CA GLN OA 31 -9.96 -26.65 -28.90
C GLN OA 31 -11.02 -27.73 -29.08
N GLY OA 32 -10.65 -29.01 -29.00
CA GLY OA 32 -11.61 -30.07 -29.20
C GLY OA 32 -12.28 -30.54 -27.93
N ARG OA 33 -11.47 -30.86 -26.92
CA ARG OA 33 -11.99 -31.33 -25.64
C ARG OA 33 -11.00 -30.94 -24.54
N ASP OA 34 -11.44 -30.08 -23.62
CA ASP OA 34 -10.61 -29.64 -22.52
C ASP OA 34 -10.55 -30.77 -21.49
N PHE OA 35 -9.52 -31.61 -21.62
CA PHE OA 35 -9.35 -32.74 -20.73
C PHE OA 35 -9.08 -32.25 -19.30
N HIS OA 36 -9.03 -33.21 -18.37
CA HIS OA 36 -8.81 -32.91 -16.97
C HIS OA 36 -7.31 -32.76 -16.69
N ILE OA 37 -6.98 -32.55 -15.42
CA ILE OA 37 -5.60 -32.39 -14.99
C ILE OA 37 -5.24 -33.51 -14.02
N ARG OA 38 -5.88 -34.68 -14.20
CA ARG OA 38 -5.64 -35.83 -13.33
C ARG OA 38 -4.30 -36.45 -13.68
N ILE OA 39 -3.23 -35.82 -13.18
CA ILE OA 39 -1.87 -36.28 -13.41
C ILE OA 39 -1.03 -35.89 -12.21
N LEU OA 40 0.00 -36.69 -11.93
CA LEU OA 40 0.90 -36.45 -10.82
C LEU OA 40 2.18 -35.78 -11.30
N LEU OA 41 2.87 -35.14 -10.36
CA LEU OA 41 4.13 -34.45 -10.64
C LEU OA 41 5.28 -35.32 -10.18
N PRO OA 42 5.95 -36.05 -11.07
CA PRO OA 42 7.06 -36.91 -10.63
C PRO OA 42 8.29 -36.10 -10.23
N THR OA 43 8.66 -36.15 -8.96
CA THR OA 43 9.82 -35.44 -8.44
C THR OA 43 11.13 -36.19 -8.68
N ASP OA 44 11.12 -37.26 -9.46
CA ASP OA 44 12.32 -38.03 -9.73
C ASP OA 44 12.99 -37.50 -11.00
N SER OA 45 13.99 -38.22 -11.50
CA SER OA 45 14.69 -37.79 -12.70
C SER OA 45 13.74 -37.73 -13.89
N GLN OA 46 12.96 -38.79 -14.11
CA GLN OA 46 12.02 -38.84 -15.21
C GLN OA 46 11.07 -40.00 -14.99
N LEU OA 47 9.81 -39.81 -15.36
CA LEU OA 47 8.79 -40.85 -15.22
C LEU OA 47 8.56 -41.22 -13.75
N LYS OA 48 8.33 -40.19 -12.93
CA LYS OA 48 8.10 -40.41 -11.50
C LYS OA 48 6.66 -40.84 -11.23
N ASN OA 49 5.69 -40.00 -11.62
CA ASN OA 49 4.28 -40.30 -11.41
C ASN OA 49 3.50 -39.68 -12.57
N ALA OA 50 3.21 -40.49 -13.58
CA ALA OA 50 2.47 -40.04 -14.74
C ALA OA 50 0.97 -40.25 -14.53
N ARG OA 51 0.18 -40.00 -15.57
CA ARG OA 51 -1.27 -40.18 -15.50
C ARG OA 51 -1.81 -41.06 -16.62
N ILE OA 52 -0.95 -41.87 -17.24
CA ILE OA 52 -1.36 -42.75 -18.33
C ILE OA 52 -2.08 -43.94 -17.70
N GLU OA 53 -3.41 -43.94 -17.75
CA GLU OA 53 -4.24 -45.01 -17.20
C GLU OA 53 -4.21 -45.07 -15.69
N CYS OA 54 -3.84 -43.98 -15.02
CA CYS OA 54 -3.78 -43.93 -13.57
C CYS OA 54 -4.43 -42.71 -12.94
N SER OA 55 -4.90 -41.75 -13.73
CA SER OA 55 -5.51 -40.56 -13.20
C SER OA 55 -7.01 -40.76 -13.00
N TRP OA 56 -7.69 -39.69 -12.60
CA TRP OA 56 -9.14 -39.76 -12.38
C TRP OA 56 -9.87 -40.08 -13.67
N HIS OA 57 -9.54 -39.35 -14.75
CA HIS OA 57 -10.19 -39.54 -16.05
C HIS OA 57 -11.64 -39.05 -16.03
N LEU OA 58 -11.88 -37.90 -15.39
CA LEU OA 58 -13.22 -37.35 -15.37
C LEU OA 58 -13.62 -36.76 -16.72
N LYS OA 59 -12.63 -36.35 -17.52
CA LYS OA 59 -12.88 -35.79 -18.85
C LYS OA 59 -12.77 -36.82 -19.95
N LYS OA 60 -13.05 -38.09 -19.66
CA LYS OA 60 -12.95 -39.17 -20.65
C LYS OA 60 -11.50 -39.46 -21.03
N ILE OA 61 -10.60 -39.34 -20.07
CA ILE OA 61 -9.19 -39.62 -20.33
C ILE OA 61 -8.94 -41.12 -20.43
N LEU OA 62 -9.65 -41.91 -19.61
CA LEU OA 62 -9.47 -43.36 -19.61
C LEU OA 62 -9.90 -44.01 -20.93
N HIS OA 63 -10.60 -43.28 -21.80
CA HIS OA 63 -11.05 -43.83 -23.07
C HIS OA 63 -9.92 -44.03 -24.06
N GLY OA 64 -8.68 -43.77 -23.68
CA GLY OA 64 -7.55 -43.92 -24.58
C GLY OA 64 -7.07 -45.35 -24.70
N TYR OA 65 -7.79 -46.16 -25.48
CA TYR OA 65 -7.46 -47.56 -25.68
C TYR OA 65 -6.53 -47.80 -26.87
N GLN OA 66 -5.69 -46.83 -27.21
CA GLN OA 66 -4.76 -46.96 -28.32
C GLN OA 66 -3.54 -47.76 -27.88
N HIS OA 67 -2.51 -47.80 -28.73
CA HIS OA 67 -1.27 -48.53 -28.43
C HIS OA 67 -0.45 -47.71 -27.45
N ILE OA 68 -0.75 -47.89 -26.16
CA ILE OA 68 -0.04 -47.15 -25.12
C ILE OA 68 1.39 -47.68 -24.96
N LEU OA 69 1.58 -48.99 -25.18
CA LEU OA 69 2.91 -49.57 -25.02
C LEU OA 69 3.89 -48.98 -26.03
N LYS OA 70 3.41 -48.52 -27.19
CA LYS OA 70 4.29 -47.97 -28.20
C LYS OA 70 5.01 -46.72 -27.68
N GLN OA 71 4.29 -45.84 -26.97
CA GLN OA 71 4.90 -44.64 -26.44
C GLN OA 71 5.89 -44.96 -25.32
N ARG OA 72 5.57 -45.95 -24.50
CA ARG OA 72 6.42 -46.35 -23.37
C ARG OA 72 6.55 -45.24 -22.33
N LEU OA 73 5.55 -44.37 -22.27
CA LEU OA 73 5.47 -43.23 -21.35
C LEU OA 73 6.39 -42.07 -21.72
N HIS OA 74 7.17 -42.19 -22.79
CA HIS OA 74 8.08 -41.14 -23.23
C HIS OA 74 9.07 -40.76 -22.12
N SER OA 75 9.57 -41.77 -21.41
CA SER OA 75 10.53 -41.54 -20.34
C SER OA 75 11.93 -41.20 -20.84
N CYS OA 76 12.23 -41.46 -22.11
CA CYS OA 76 13.53 -41.18 -22.67
C CYS OA 76 13.75 -39.67 -22.77
N PRO OA 77 12.68 -38.90 -23.00
CA PRO OA 77 12.86 -37.44 -23.13
C PRO OA 77 13.12 -36.75 -21.80
N ASP OA 78 13.25 -35.44 -21.82
CA ASP OA 78 13.50 -34.64 -20.63
C ASP OA 78 12.22 -33.92 -20.21
N LEU OA 79 12.34 -33.04 -19.22
CA LEU OA 79 11.19 -32.27 -18.75
C LEU OA 79 10.45 -31.63 -19.92
N VAL OA 80 11.18 -30.96 -20.82
CA VAL OA 80 10.55 -30.41 -22.01
C VAL OA 80 10.15 -31.52 -22.98
N SER OA 81 10.95 -32.60 -23.04
CA SER OA 81 10.61 -33.71 -23.92
C SER OA 81 9.30 -34.37 -23.49
N PHE OA 82 9.01 -34.40 -22.18
CA PHE OA 82 7.75 -34.97 -21.73
C PHE OA 82 6.57 -34.18 -22.25
N VAL OA 83 6.63 -32.84 -22.15
CA VAL OA 83 5.55 -32.01 -22.66
C VAL OA 83 5.46 -32.11 -24.18
N VAL OA 84 6.61 -32.22 -24.86
CA VAL OA 84 6.59 -32.37 -26.32
C VAL OA 84 5.87 -33.66 -26.70
N GLU OA 85 6.19 -34.76 -26.03
CA GLU OA 85 5.55 -36.03 -26.32
C GLU OA 85 4.06 -36.00 -25.98
N LEU OA 86 3.70 -35.32 -24.89
CA LEU OA 86 2.29 -35.19 -24.54
C LEU OA 86 1.53 -34.43 -25.62
N LYS OA 87 2.10 -33.31 -26.09
CA LYS OA 87 1.45 -32.54 -27.14
C LYS OA 87 1.35 -33.34 -28.43
N THR OA 88 2.38 -34.12 -28.75
CA THR OA 88 2.34 -34.94 -29.95
C THR OA 88 1.26 -36.00 -29.85
N ILE OA 89 1.14 -36.65 -28.69
CA ILE OA 89 0.10 -37.66 -28.49
C ILE OA 89 -1.28 -37.02 -28.57
N LEU OA 90 -1.43 -35.82 -28.01
CA LEU OA 90 -2.73 -35.14 -28.09
C LEU OA 90 -3.08 -34.79 -29.53
N GLU OA 91 -2.11 -34.29 -30.29
CA GLU OA 91 -2.37 -33.97 -31.69
C GLU OA 91 -2.69 -35.21 -32.51
N ILE OA 92 -2.05 -36.33 -32.18
CA ILE OA 92 -2.32 -37.58 -32.90
C ILE OA 92 -3.72 -38.09 -32.56
N ALA OA 93 -4.12 -37.99 -31.30
CA ALA OA 93 -5.45 -38.42 -30.90
C ALA OA 93 -6.53 -37.50 -31.46
N LEU OA 94 -6.20 -36.22 -31.68
CA LEU OA 94 -7.18 -35.29 -32.25
C LEU OA 94 -7.57 -35.71 -33.67
N LYS OA 95 -6.61 -36.21 -34.45
CA LYS OA 95 -6.92 -36.66 -35.80
C LYS OA 95 -7.74 -37.95 -35.78
N ASN OA 96 -7.44 -38.85 -34.84
CA ASN OA 96 -8.19 -40.10 -34.74
C ASN OA 96 -9.65 -39.88 -34.38
N THR OA 97 -9.99 -38.71 -33.82
CA THR OA 97 -11.37 -38.44 -33.46
C THR OA 97 -12.31 -38.56 -34.66
N GLN OA 98 -11.80 -38.33 -35.87
CA GLN OA 98 -12.63 -38.43 -37.06
C GLN OA 98 -13.21 -39.83 -37.21
N GLU OA 99 -12.53 -40.86 -36.70
CA GLU OA 99 -13.04 -42.22 -36.78
C GLU OA 99 -14.19 -42.44 -35.80
N LEU OA 100 -13.98 -42.08 -34.54
CA LEU OA 100 -15.01 -42.22 -33.53
C LEU OA 100 -16.08 -41.14 -33.70
N HIS OA 101 -17.04 -41.12 -32.77
CA HIS OA 101 -18.14 -40.15 -32.79
C HIS OA 101 -18.26 -39.44 -31.46
N VAL OA 102 -17.13 -39.01 -30.90
CA VAL OA 102 -17.10 -38.29 -29.64
C VAL OA 102 -17.04 -36.79 -29.81
N PRO OA 103 -17.00 -36.29 -31.05
CA PRO OA 103 -16.95 -34.86 -31.29
C PRO OA 103 -17.84 -34.40 -32.43
N TRP OA 104 -18.65 -35.27 -33.03
CA TRP OA 104 -19.52 -34.90 -34.14
C TRP OA 104 -20.75 -34.21 -33.56
N PRO OA 105 -20.62 -32.90 -33.35
CA PRO OA 105 -21.73 -32.12 -32.81
C PRO OA 105 -22.88 -32.03 -33.82
N PRO OA 106 -22.60 -31.53 -35.02
CA PRO OA 106 -23.54 -31.36 -36.11
C PRO OA 106 -24.53 -30.22 -35.90
N GLU OA 107 -24.46 -29.50 -34.78
CA GLU OA 107 -25.38 -28.40 -34.52
C GLU OA 107 -24.89 -27.12 -35.20
N TYR OA 108 -24.64 -27.20 -36.51
CA TYR OA 108 -24.18 -26.06 -37.29
C TYR OA 108 -25.31 -25.36 -38.03
N TYR OA 109 -26.56 -25.74 -37.79
CA TYR OA 109 -27.76 -25.20 -38.40
C TYR OA 109 -27.99 -25.70 -39.82
N SER OA 110 -27.12 -26.55 -40.35
CA SER OA 110 -27.30 -27.07 -41.71
C SER OA 110 -28.34 -28.18 -41.75
N CYS OA 111 -28.39 -29.01 -40.69
CA CYS OA 111 -29.36 -30.11 -40.67
C CYS OA 111 -30.79 -29.57 -40.70
N LEU OA 112 -31.04 -28.47 -39.99
CA LEU OA 112 -32.39 -27.89 -39.99
C LEU OA 112 -32.77 -27.41 -41.39
N ILE OA 113 -31.88 -26.64 -42.03
CA ILE OA 113 -32.15 -26.14 -43.37
C ILE OA 113 -32.25 -27.26 -44.40
N ARG OA 114 -31.61 -28.40 -44.16
CA ARG OA 114 -31.68 -29.50 -45.11
C ARG OA 114 -33.08 -30.12 -45.15
N ASP OA 115 -33.82 -30.06 -44.05
CA ASP OA 115 -35.17 -30.61 -44.05
C ASP OA 115 -36.09 -29.87 -45.01
N LEU OA 116 -35.86 -28.57 -45.20
CA LEU OA 116 -36.67 -27.81 -46.15
C LEU OA 116 -36.48 -28.34 -47.56
N GLU OA 117 -35.21 -28.49 -47.99
CA GLU OA 117 -34.95 -29.02 -49.32
C GLU OA 117 -35.40 -30.48 -49.44
N ILE OA 118 -35.36 -31.23 -48.33
CA ILE OA 118 -35.79 -32.63 -48.38
C ILE OA 118 -37.30 -32.71 -48.59
N LEU OA 119 -38.07 -31.88 -47.90
CA LEU OA 119 -39.52 -31.89 -48.05
C LEU OA 119 -39.98 -31.26 -49.36
N GLY OA 120 -39.13 -30.43 -49.99
CA GLY OA 120 -39.52 -29.80 -51.23
C GLY OA 120 -39.74 -30.79 -52.36
N TRP OA 121 -39.04 -31.93 -52.31
CA TRP OA 121 -39.17 -32.94 -53.35
C TRP OA 121 -40.39 -33.83 -53.17
N ASN OA 122 -41.09 -33.72 -52.04
CA ASN OA 122 -42.29 -34.48 -51.73
C ASN OA 122 -42.00 -35.93 -51.32
N LYS OA 123 -40.73 -36.30 -51.14
CA LYS OA 123 -40.36 -37.65 -50.76
C LYS OA 123 -40.85 -38.68 -51.79
N VAL OA 124 -40.36 -38.51 -53.02
CA VAL OA 124 -40.75 -39.41 -54.11
C VAL OA 124 -40.31 -40.84 -53.81
N ALA OA 125 -39.01 -41.03 -53.63
CA ALA OA 125 -38.45 -42.35 -53.34
C ALA OA 125 -37.27 -42.16 -52.39
N TYR OA 126 -37.53 -42.36 -51.09
CA TYR OA 126 -36.51 -42.23 -50.06
C TYR OA 126 -36.29 -43.59 -49.41
N VAL OA 127 -35.04 -43.90 -49.11
CA VAL OA 127 -34.69 -45.18 -48.49
C VAL OA 127 -33.97 -44.92 -47.17
N ASP OA 128 -32.86 -44.18 -47.23
CA ASP OA 128 -32.09 -43.88 -46.03
C ASP OA 128 -32.78 -42.78 -45.22
N THR OA 129 -32.43 -42.73 -43.94
CA THR OA 129 -32.99 -41.74 -43.03
C THR OA 129 -31.94 -41.44 -41.95
N GLY OA 130 -32.38 -40.75 -40.90
CA GLY OA 130 -31.47 -40.42 -39.81
C GLY OA 130 -30.34 -39.49 -40.20
N LEU OA 131 -30.47 -38.79 -41.33
CA LEU OA 131 -29.47 -37.85 -41.84
C LEU OA 131 -28.26 -38.54 -42.46
N THR OA 132 -28.34 -39.85 -42.73
CA THR OA 132 -27.22 -40.56 -43.32
C THR OA 132 -27.15 -40.34 -44.82
N THR OA 133 -28.21 -40.70 -45.54
CA THR OA 133 -28.27 -40.54 -46.99
C THR OA 133 -29.67 -40.86 -47.47
N VAL OA 134 -29.97 -40.44 -48.69
CA VAL OA 134 -31.27 -40.66 -49.31
C VAL OA 134 -31.11 -41.76 -50.36
N LYS OA 135 -31.91 -42.81 -50.24
CA LYS OA 135 -31.87 -43.92 -51.20
C LYS OA 135 -32.94 -43.74 -52.27
N LEU OA 136 -32.67 -42.78 -53.16
CA LEU OA 136 -33.58 -42.43 -54.24
C LEU OA 136 -32.96 -42.91 -55.55
N LYS OA 137 -33.63 -43.85 -56.21
CA LYS OA 137 -33.18 -44.39 -57.49
C LYS OA 137 -34.34 -45.16 -58.11
N ALA OA 138 -34.07 -45.86 -59.21
CA ALA OA 138 -35.02 -46.69 -59.94
C ALA OA 138 -35.96 -45.88 -60.82
N GLU OA 139 -35.85 -44.55 -60.85
CA GLU OA 139 -36.74 -43.72 -61.66
C GLU OA 139 -36.22 -43.71 -63.10
N ASP OA 140 -36.92 -44.39 -63.99
CA ASP OA 140 -36.54 -44.45 -65.39
C ASP OA 140 -37.63 -45.24 -66.14
N SER OA 141 -37.60 -45.12 -67.46
CA SER OA 141 -38.56 -45.82 -68.31
C SER OA 141 -38.19 -47.29 -68.53
N ARG OA 142 -37.22 -47.81 -67.79
CA ARG OA 142 -36.81 -49.20 -67.90
C ARG OA 142 -36.31 -49.65 -66.53
N GLY OA 143 -35.61 -50.79 -66.49
CA GLY OA 143 -35.06 -51.30 -65.25
C GLY OA 143 -34.11 -50.32 -64.60
N ARG OA 144 -34.54 -49.72 -63.50
CA ARG OA 144 -33.76 -48.71 -62.79
C ARG OA 144 -33.04 -49.34 -61.62
N GLN OA 145 -31.77 -48.96 -61.43
CA GLN OA 145 -30.97 -49.45 -60.31
C GLN OA 145 -29.92 -48.38 -60.00
N HIS OA 146 -30.19 -47.58 -58.99
CA HIS OA 146 -29.31 -46.49 -58.57
C HIS OA 146 -29.14 -46.51 -57.07
N LEU OA 147 -28.36 -45.55 -56.56
CA LEU OA 147 -28.11 -45.44 -55.13
C LEU OA 147 -27.90 -43.98 -54.77
N ILE OA 148 -28.00 -43.68 -53.49
CA ILE OA 148 -27.83 -42.33 -52.96
C ILE OA 148 -27.10 -42.41 -51.63
N THR OA 149 -26.78 -41.24 -51.09
CA THR OA 149 -26.07 -41.13 -49.81
C THR OA 149 -26.17 -39.69 -49.34
N LEU OA 150 -25.52 -39.39 -48.23
CA LEU OA 150 -25.50 -38.07 -47.63
C LEU OA 150 -24.07 -37.55 -47.55
N LYS OA 151 -23.94 -36.27 -47.26
CA LYS OA 151 -22.63 -35.63 -47.15
C LYS OA 151 -22.50 -34.87 -45.83
N LEU OA 152 -21.42 -34.10 -45.69
CA LEU OA 152 -21.16 -33.34 -44.47
C LEU OA 152 -21.53 -31.87 -44.62
N ASN OA 153 -21.26 -31.26 -45.79
CA ASN OA 153 -21.55 -29.86 -46.03
C ASN OA 153 -22.90 -29.65 -46.71
N ALA OA 154 -23.86 -30.53 -46.46
CA ALA OA 154 -25.19 -30.38 -47.06
C ALA OA 154 -25.82 -29.07 -46.62
N LYS OA 155 -26.54 -28.44 -47.54
CA LYS OA 155 -27.21 -27.15 -47.36
C LYS OA 155 -26.23 -25.98 -47.37
N TYR OA 156 -24.93 -26.21 -47.54
CA TYR OA 156 -23.95 -25.14 -47.56
C TYR OA 156 -23.16 -25.19 -48.86
N PRO OA 157 -22.25 -24.25 -49.10
CA PRO OA 157 -21.49 -24.28 -50.36
C PRO OA 157 -20.70 -25.56 -50.57
N THR OA 158 -20.47 -26.35 -49.53
CA THR OA 158 -19.75 -27.62 -49.67
C THR OA 158 -20.62 -28.60 -50.43
N GLU OA 159 -20.19 -28.98 -51.63
CA GLU OA 159 -20.95 -29.92 -52.44
C GLU OA 159 -21.05 -31.25 -51.71
N PRO OA 160 -22.18 -31.94 -51.80
CA PRO OA 160 -22.32 -33.24 -51.13
C PRO OA 160 -21.37 -34.25 -51.73
N PRO OA 161 -20.57 -34.92 -50.90
CA PRO OA 161 -19.63 -35.93 -51.42
C PRO OA 161 -20.17 -37.34 -51.48
N ASP OA 162 -21.35 -37.59 -50.91
CA ASP OA 162 -21.95 -38.94 -50.91
C ASP OA 162 -22.58 -39.26 -52.26
N CYS OA 163 -21.73 -39.28 -53.29
CA CYS OA 163 -22.17 -39.59 -54.65
C CYS OA 163 -22.04 -41.09 -54.97
N VAL OA 164 -22.65 -41.92 -54.13
CA VAL OA 164 -22.61 -43.36 -54.28
C VAL OA 164 -23.86 -43.77 -55.05
N VAL OA 165 -23.67 -44.23 -56.28
CA VAL OA 165 -24.79 -44.66 -57.12
C VAL OA 165 -24.22 -45.48 -58.27
N ASP OA 166 -24.98 -46.47 -58.72
CA ASP OA 166 -24.54 -47.31 -59.82
C ASP OA 166 -24.40 -46.48 -61.10
N PHE OA 167 -23.23 -46.55 -61.72
CA PHE OA 167 -22.96 -45.79 -62.93
C PHE OA 167 -21.61 -46.19 -63.50
N PRO OA 168 -21.29 -45.76 -64.73
CA PRO OA 168 -19.99 -46.13 -65.31
C PRO OA 168 -18.84 -45.35 -64.69
N VAL OA 169 -17.63 -45.52 -65.23
CA VAL OA 169 -16.45 -44.84 -64.70
C VAL OA 169 -16.56 -43.32 -64.77
N GLN OA 170 -17.55 -42.80 -65.50
CA GLN OA 170 -17.76 -41.35 -65.60
C GLN OA 170 -19.18 -40.93 -65.24
N PHE OA 171 -19.97 -41.82 -64.66
CA PHE OA 171 -21.35 -41.50 -64.27
C PHE OA 171 -21.35 -40.88 -62.86
N ALA OA 172 -20.94 -39.62 -62.81
CA ALA OA 172 -20.88 -38.89 -61.55
C ALA OA 172 -20.98 -37.40 -61.86
N ILE OA 173 -21.95 -36.72 -61.25
CA ILE OA 173 -22.13 -35.30 -61.49
C ILE OA 173 -21.19 -34.50 -60.60
N SER OA 174 -20.94 -33.25 -61.02
CA SER OA 174 -20.06 -32.35 -60.28
C SER OA 174 -20.57 -30.93 -60.47
N TRP OA 175 -19.77 -29.95 -60.05
CA TRP OA 175 -20.11 -28.54 -60.17
C TRP OA 175 -21.42 -28.23 -59.45
N MET OA 176 -21.40 -28.43 -58.14
CA MET OA 176 -22.57 -28.19 -57.31
C MET OA 176 -22.89 -26.70 -57.30
N PRO OA 177 -23.98 -26.25 -57.94
CA PRO OA 177 -24.30 -24.81 -57.95
C PRO OA 177 -24.91 -24.33 -56.64
N GLN OA 178 -24.05 -24.05 -55.67
CA GLN OA 178 -24.47 -23.59 -54.35
C GLN OA 178 -25.15 -24.70 -53.55
N ASP OA 179 -24.67 -25.93 -53.71
CA ASP OA 179 -25.22 -27.09 -53.01
C ASP OA 179 -26.71 -27.26 -53.30
N SER OA 180 -27.00 -27.50 -54.58
CA SER OA 180 -28.37 -27.70 -55.04
C SER OA 180 -28.83 -29.08 -54.61
N LEU OA 181 -29.55 -29.15 -53.50
CA LEU OA 181 -30.04 -30.43 -53.00
C LEU OA 181 -31.30 -30.87 -53.73
N ILE OA 182 -32.30 -30.01 -53.79
CA ILE OA 182 -33.54 -30.35 -54.47
C ILE OA 182 -33.28 -30.52 -55.97
N ASP OA 183 -34.06 -31.39 -56.60
CA ASP OA 183 -33.93 -31.66 -58.03
C ASP OA 183 -32.63 -32.35 -58.37
N ILE OA 184 -32.19 -33.26 -57.49
CA ILE OA 184 -30.94 -33.98 -57.73
C ILE OA 184 -31.11 -35.01 -58.84
N HIS OA 185 -32.28 -35.63 -58.94
CA HIS OA 185 -32.50 -36.62 -59.98
C HIS OA 185 -32.60 -35.98 -61.36
N ASN OA 186 -33.19 -34.79 -61.45
CA ASN OA 186 -33.30 -34.11 -62.72
C ASN OA 186 -32.04 -33.31 -63.05
N GLN OA 187 -31.36 -32.77 -62.05
CA GLN OA 187 -30.16 -31.97 -62.31
C GLN OA 187 -29.07 -32.81 -62.96
N PHE OA 188 -28.84 -34.02 -62.44
CA PHE OA 188 -27.78 -34.89 -62.96
C PHE OA 188 -28.21 -36.31 -63.26
N LEU OA 189 -29.32 -36.78 -62.69
CA LEU OA 189 -29.77 -38.15 -62.96
C LEU OA 189 -30.46 -38.28 -64.31
N ALA OA 190 -31.05 -37.20 -64.82
CA ALA OA 190 -31.72 -37.26 -66.11
C ALA OA 190 -30.73 -37.36 -67.26
N ALA OA 191 -29.56 -36.72 -67.12
CA ALA OA 191 -28.54 -36.77 -68.16
C ALA OA 191 -27.87 -38.14 -68.28
N LEU OA 192 -28.19 -39.08 -67.40
CA LEU OA 192 -27.60 -40.42 -67.41
C LEU OA 192 -28.16 -41.32 -68.50
N GLU OA 193 -28.92 -40.78 -69.44
CA GLU OA 193 -29.48 -41.62 -70.50
C GLU OA 193 -28.39 -42.30 -71.31
N SER OA 194 -27.23 -41.67 -71.45
CA SER OA 194 -26.14 -42.29 -72.19
C SER OA 194 -25.78 -43.65 -71.62
N LEU OA 195 -25.64 -43.74 -70.29
CA LEU OA 195 -25.34 -45.02 -69.66
C LEU OA 195 -26.59 -45.89 -69.51
N LYS OA 196 -27.76 -45.27 -69.38
CA LYS OA 196 -28.99 -46.05 -69.24
C LYS OA 196 -29.29 -46.85 -70.51
N GLU OA 197 -28.98 -46.28 -71.68
CA GLU OA 197 -29.18 -47.01 -72.92
C GLU OA 197 -28.33 -48.28 -72.95
N PHE OA 198 -27.04 -48.15 -72.61
CA PHE OA 198 -26.18 -49.33 -72.60
C PHE OA 198 -26.61 -50.32 -71.54
N TRP OA 199 -27.08 -49.83 -70.39
CA TRP OA 199 -27.56 -50.73 -69.35
C TRP OA 199 -28.77 -51.54 -69.84
N ASP OA 200 -29.72 -50.86 -70.48
CA ASP OA 200 -30.89 -51.55 -70.99
C ASP OA 200 -30.50 -52.54 -72.10
N THR OA 201 -29.55 -52.16 -72.94
CA THR OA 201 -29.10 -53.06 -73.99
C THR OA 201 -28.48 -54.32 -73.39
N MET OA 202 -27.63 -54.16 -72.37
CA MET OA 202 -27.02 -55.30 -71.73
C MET OA 202 -28.07 -56.18 -71.04
N ASP OA 203 -29.05 -55.55 -70.40
CA ASP OA 203 -30.10 -56.30 -69.74
C ASP OA 203 -30.90 -57.12 -70.75
N GLU OA 204 -31.22 -56.51 -71.90
CA GLU OA 204 -31.95 -57.24 -72.94
C GLU OA 204 -31.11 -58.35 -73.55
N ILE OA 205 -29.81 -58.14 -73.68
CA ILE OA 205 -28.95 -59.18 -74.24
C ILE OA 205 -28.77 -60.33 -73.27
N ASP OA 206 -28.82 -60.05 -71.96
CA ASP OA 206 -28.69 -61.06 -70.93
C ASP OA 206 -30.04 -61.53 -70.39
N GLY OA 207 -31.09 -61.39 -71.20
CA GLY OA 207 -32.41 -61.82 -70.75
C GLY OA 207 -32.53 -63.33 -70.64
N LYS OA 208 -31.83 -64.06 -71.51
CA LYS OA 208 -31.90 -65.51 -71.54
C LYS OA 208 -30.49 -66.05 -71.76
N THR OA 209 -30.40 -67.34 -72.08
CA THR OA 209 -29.11 -68.01 -72.28
C THR OA 209 -28.26 -67.95 -71.02
N TRP OA 210 -28.78 -68.57 -69.95
CA TRP OA 210 -28.08 -68.59 -68.67
C TRP OA 210 -26.71 -69.24 -68.84
N VAL OA 211 -25.67 -68.52 -68.42
CA VAL OA 211 -24.29 -68.98 -68.52
C VAL OA 211 -23.64 -68.86 -67.15
N LEU OA 212 -22.34 -69.19 -67.10
CA LEU OA 212 -21.57 -69.15 -65.87
C LEU OA 212 -21.02 -67.76 -65.55
N GLU OA 213 -21.59 -66.71 -66.14
CA GLU OA 213 -21.16 -65.35 -65.88
C GLU OA 213 -21.71 -64.90 -64.53
N PRO OA 214 -21.42 -63.66 -64.12
CA PRO OA 214 -21.92 -63.18 -62.83
C PRO OA 214 -23.44 -63.30 -62.71
N GLU OA 215 -23.90 -64.11 -61.75
CA GLU OA 215 -25.33 -64.30 -61.57
C GLU OA 215 -25.95 -63.18 -60.74
N ASN OA 216 -25.29 -62.79 -59.65
CA ASN OA 216 -25.81 -61.73 -58.80
C ASN OA 216 -25.96 -60.44 -59.59
N PRO OA 217 -26.68 -59.46 -59.06
CA PRO OA 217 -26.88 -58.20 -59.79
C PRO OA 217 -25.59 -57.40 -59.92
N ALA OA 218 -25.12 -57.24 -61.15
CA ALA OA 218 -23.88 -56.51 -61.45
C ALA OA 218 -24.14 -55.44 -62.48
N ARG OA 219 -25.22 -54.67 -62.29
CA ARG OA 219 -25.55 -53.60 -63.24
C ARG OA 219 -24.43 -52.58 -63.34
N CYS OA 220 -23.64 -52.40 -62.27
CA CYS OA 220 -22.53 -51.46 -62.31
C CYS OA 220 -21.38 -51.96 -63.18
N ALA OA 221 -21.32 -53.27 -63.46
CA ALA OA 221 -20.25 -53.82 -64.28
C ALA OA 221 -20.84 -54.64 -65.42
N THR OA 222 -19.98 -55.36 -66.15
CA THR OA 222 -20.43 -56.18 -67.27
C THR OA 222 -19.50 -57.38 -67.39
N SER OA 223 -20.07 -58.57 -67.51
CA SER OA 223 -19.32 -59.80 -67.64
C SER OA 223 -20.05 -60.72 -68.61
N ARG OA 224 -19.35 -61.18 -69.64
CA ARG OA 224 -19.91 -62.05 -70.66
C ARG OA 224 -19.51 -63.49 -70.35
N ARG OA 225 -20.48 -64.30 -69.96
CA ARG OA 225 -20.25 -65.72 -69.65
C ARG OA 225 -21.40 -66.51 -70.27
N ILE OA 226 -21.19 -66.97 -71.50
CA ILE OA 226 -22.22 -67.74 -72.20
C ILE OA 226 -22.23 -69.19 -71.72
N ALA OA 227 -21.10 -69.89 -71.91
CA ALA OA 227 -20.99 -71.30 -71.50
C ALA OA 227 -22.05 -72.17 -72.14
N ILE OA 228 -22.43 -71.84 -73.38
CA ILE OA 228 -23.46 -72.63 -74.07
C ILE OA 228 -22.96 -74.06 -74.33
N GLY OA 229 -21.68 -74.20 -74.66
CA GLY OA 229 -21.15 -75.53 -74.91
C GLY OA 229 -21.08 -76.35 -73.64
N ASN OA 230 -21.56 -77.60 -73.73
CA ASN OA 230 -21.56 -78.48 -72.57
C ASN OA 230 -20.13 -78.78 -72.15
N ASN OA 231 -19.85 -78.66 -70.85
CA ASN OA 231 -18.54 -78.91 -70.25
C ASN OA 231 -17.55 -77.77 -70.49
N VAL OA 232 -17.99 -76.65 -71.03
CA VAL OA 232 -17.14 -75.50 -71.31
C VAL OA 232 -17.91 -74.23 -71.00
N SER OA 233 -17.18 -73.11 -70.96
CA SER OA 233 -17.76 -71.80 -70.67
C SER OA 233 -17.18 -70.81 -71.66
N VAL OA 234 -18.04 -70.21 -72.49
CA VAL OA 234 -17.62 -69.22 -73.48
C VAL OA 234 -17.47 -67.89 -72.77
N ASN OA 235 -16.23 -67.49 -72.50
CA ASN OA 235 -15.95 -66.25 -71.80
C ASN OA 235 -15.91 -65.06 -72.76
N ILE OA 236 -17.05 -64.83 -73.42
CA ILE OA 236 -17.20 -63.72 -74.35
C ILE OA 236 -17.67 -62.52 -73.52
N GLU OA 237 -16.71 -61.79 -72.97
CA GLU OA 237 -17.03 -60.66 -72.10
C GLU OA 237 -17.62 -59.51 -72.92
N VAL OA 238 -18.51 -58.75 -72.26
CA VAL OA 238 -19.12 -57.58 -72.88
C VAL OA 238 -18.81 -56.36 -72.01
N ASP OA 239 -17.65 -56.38 -71.36
CA ASP OA 239 -17.25 -55.30 -70.46
C ASP OA 239 -17.23 -53.96 -71.20
N PRO OA 240 -17.03 -53.96 -72.52
CA PRO OA 240 -17.01 -52.70 -73.26
C PRO OA 240 -18.37 -52.02 -73.30
N ARG OA 241 -18.52 -50.91 -72.57
CA ARG OA 241 -19.79 -50.20 -72.55
C ARG OA 241 -19.90 -49.23 -73.72
N HIS OA 242 -18.88 -48.41 -73.92
CA HIS OA 242 -18.93 -47.43 -75.02
C HIS OA 242 -19.13 -48.06 -76.38
N PRO OA 243 -18.71 -49.30 -76.64
CA PRO OA 243 -18.93 -49.88 -77.98
C PRO OA 243 -20.41 -50.12 -78.23
N LYS OA 244 -20.86 -49.76 -79.44
CA LYS OA 244 -22.25 -49.94 -79.80
C LYS OA 244 -22.59 -51.42 -79.99
N MET OA 245 -21.90 -52.07 -80.93
CA MET OA 245 -22.14 -53.48 -81.21
C MET OA 245 -20.83 -54.08 -81.72
N LEU OA 246 -20.91 -55.28 -82.28
CA LEU OA 246 -19.73 -55.97 -82.81
C LEU OA 246 -18.75 -56.26 -81.68
N PRO OA 247 -19.19 -56.89 -80.60
CA PRO OA 247 -18.25 -57.22 -79.51
C PRO OA 247 -17.61 -58.59 -79.70
N GLU OA 248 -16.69 -58.95 -78.81
CA GLU OA 248 -16.02 -60.24 -78.88
C GLU OA 248 -15.28 -60.48 -77.58
N CYS OA 249 -15.40 -61.70 -77.06
CA CYS OA 249 -14.74 -62.11 -75.84
C CYS OA 249 -13.94 -63.39 -76.08
N TYR OA 250 -13.15 -63.78 -75.07
CA TYR OA 250 -12.33 -64.98 -75.13
C TYR OA 250 -13.21 -66.18 -74.74
N PHE OA 251 -14.04 -66.60 -75.69
CA PHE OA 251 -14.95 -67.73 -75.48
C PHE OA 251 -14.18 -69.05 -75.61
N LEU OA 252 -13.32 -69.29 -74.62
CA LEU OA 252 -12.52 -70.52 -74.57
C LEU OA 252 -13.21 -71.57 -73.70
N GLY OA 253 -14.42 -71.94 -74.12
CA GLY OA 253 -15.20 -72.90 -73.38
C GLY OA 253 -14.76 -74.34 -73.58
N ALA OA 254 -14.83 -74.81 -74.83
CA ALA OA 254 -14.47 -76.18 -75.15
C ALA OA 254 -12.99 -76.25 -75.54
N ASP OA 255 -12.33 -77.33 -75.12
CA ASP OA 255 -10.92 -77.51 -75.46
C ASP OA 255 -10.74 -77.78 -76.95
N HIS OA 256 -11.42 -78.80 -77.46
CA HIS OA 256 -11.32 -79.12 -78.88
C HIS OA 256 -12.20 -78.22 -79.74
N ALA OA 257 -13.29 -77.69 -79.16
CA ALA OA 257 -14.18 -76.81 -79.91
C ALA OA 257 -13.55 -75.47 -80.25
N VAL OA 258 -12.35 -75.18 -79.74
CA VAL OA 258 -11.70 -73.92 -80.03
C VAL OA 258 -11.49 -73.74 -81.53
N ASN OA 259 -11.25 -74.84 -82.25
CA ASN OA 259 -11.06 -74.74 -83.70
C ASN OA 259 -12.31 -74.26 -84.42
N PRO OA 260 -13.48 -74.88 -84.23
CA PRO OA 260 -14.67 -74.38 -84.93
C PRO OA 260 -15.08 -72.97 -84.49
N LEU OA 261 -15.02 -72.69 -83.20
CA LEU OA 261 -15.35 -71.35 -82.73
C LEU OA 261 -14.36 -70.31 -83.27
N ARG OA 262 -13.07 -70.65 -83.29
CA ARG OA 262 -12.08 -69.73 -83.84
C ARG OA 262 -12.31 -69.50 -85.33
N THR OA 263 -12.64 -70.56 -86.07
CA THR OA 263 -12.91 -70.41 -87.49
C THR OA 263 -14.14 -69.54 -87.72
N LYS OA 264 -15.20 -69.74 -86.93
CA LYS OA 264 -16.39 -68.93 -87.08
C LYS OA 264 -16.14 -67.48 -86.71
N LEU OA 265 -15.28 -67.23 -85.72
CA LEU OA 265 -14.96 -65.85 -85.36
C LEU OA 265 -14.12 -65.18 -86.44
N ASN OA 266 -13.19 -65.93 -87.03
CA ASN OA 266 -12.36 -65.38 -88.10
C ASN OA 266 -13.21 -65.06 -89.33
N ASN OA 267 -14.08 -66.00 -89.72
CA ASN OA 267 -14.95 -65.77 -90.87
C ASN OA 267 -16.05 -64.77 -90.56
N ASN OA 268 -16.39 -64.56 -89.28
CA ASN OA 268 -17.43 -63.61 -88.91
C ASN OA 268 -17.04 -62.17 -89.17
N MET OA 269 -15.80 -61.91 -89.59
CA MET OA 269 -15.38 -60.54 -89.85
C MET OA 269 -16.28 -59.88 -90.89
N HIS OA 270 -16.58 -60.58 -91.98
CA HIS OA 270 -17.46 -60.03 -93.00
C HIS OA 270 -18.90 -59.96 -92.50
N LEU OA 271 -19.39 -61.03 -91.87
CA LEU OA 271 -20.73 -61.07 -91.32
C LEU OA 271 -20.73 -60.67 -89.84
N TRP OA 272 -20.25 -59.46 -89.59
CA TRP OA 272 -20.16 -58.97 -88.21
C TRP OA 272 -21.56 -58.66 -87.65
N ASP OA 273 -22.36 -57.92 -88.41
CA ASP OA 273 -23.71 -57.57 -87.97
C ASP OA 273 -23.63 -56.74 -86.70
N PRO OA 274 -22.96 -55.58 -86.73
CA PRO OA 274 -22.87 -54.78 -85.51
C PRO OA 274 -24.21 -54.23 -85.04
N GLU OA 275 -25.03 -53.71 -85.95
CA GLU OA 275 -26.33 -53.18 -85.57
C GLU OA 275 -27.30 -54.26 -85.12
N ILE OA 276 -27.03 -55.52 -85.48
CA ILE OA 276 -27.90 -56.63 -85.07
C ILE OA 276 -27.10 -57.61 -84.23
N SER OA 277 -26.03 -57.12 -83.60
CA SER OA 277 -25.19 -57.98 -82.76
C SER OA 277 -25.87 -58.37 -81.45
N LEU OA 278 -26.95 -57.71 -81.08
CA LEU OA 278 -27.65 -58.01 -79.83
C LEU OA 278 -28.47 -59.29 -80.04
N LEU OA 279 -27.81 -60.43 -79.80
CA LEU OA 279 -28.39 -61.77 -79.93
C LEU OA 279 -28.54 -62.23 -81.37
N GLN OA 280 -28.22 -61.40 -82.36
CA GLN OA 280 -28.34 -61.76 -83.76
C GLN OA 280 -26.99 -61.86 -84.46
N ASN OA 281 -26.16 -60.80 -84.38
CA ASN OA 281 -24.86 -60.79 -85.02
C ASN OA 281 -23.72 -61.15 -84.08
N LEU OA 282 -23.98 -61.22 -82.77
CA LEU OA 282 -22.95 -61.55 -81.78
C LEU OA 282 -23.23 -62.86 -81.06
N LYS OA 283 -24.44 -63.02 -80.51
CA LYS OA 283 -24.76 -64.25 -79.78
C LYS OA 283 -24.96 -65.41 -80.75
N ASP OA 284 -25.94 -65.29 -81.65
CA ASP OA 284 -26.25 -66.32 -82.62
C ASP OA 284 -25.65 -66.04 -83.99
N LEU OA 285 -24.63 -65.19 -84.07
CA LEU OA 285 -24.00 -64.89 -85.35
C LEU OA 285 -23.40 -66.13 -85.98
N LEU OA 286 -22.40 -66.71 -85.32
CA LEU OA 286 -21.74 -67.92 -85.81
C LEU OA 286 -22.39 -69.20 -85.26
N GLU OA 287 -23.70 -69.32 -85.44
CA GLU OA 287 -24.46 -70.47 -84.95
C GLU OA 287 -24.26 -70.69 -83.46
N ILE OA 288 -24.64 -69.67 -82.68
CA ILE OA 288 -24.52 -69.69 -81.23
C ILE OA 288 -25.93 -69.68 -80.65
N ASP OA 289 -26.30 -70.77 -79.99
CA ASP OA 289 -27.61 -70.92 -79.39
C ASP OA 289 -27.46 -70.92 -77.87
N PHE OA 290 -28.40 -70.28 -77.19
CA PHE OA 290 -28.36 -70.20 -75.74
C PHE OA 290 -28.87 -71.51 -75.15
N PRO OA 291 -28.11 -72.15 -74.26
CA PRO OA 291 -28.55 -73.41 -73.66
C PRO OA 291 -29.59 -73.15 -72.58
N SER OA 292 -30.01 -74.24 -71.92
CA SER OA 292 -31.00 -74.15 -70.86
C SER OA 292 -30.43 -74.67 -69.55
N ASP OA 319 -20.40 -70.90 -37.42
CA ASP OA 319 -20.02 -72.27 -37.06
C ASP OA 319 -18.51 -72.48 -37.21
N GLN OA 320 -17.73 -71.58 -36.62
CA GLN OA 320 -16.27 -71.66 -36.70
C GLN OA 320 -15.80 -72.75 -35.73
N VAL OA 321 -15.89 -73.99 -36.18
CA VAL OA 321 -15.48 -75.16 -35.40
C VAL OA 321 -14.12 -75.60 -35.94
N CYS OA 322 -13.06 -75.20 -35.26
CA CYS OA 322 -11.70 -75.54 -35.68
C CYS OA 322 -11.35 -76.94 -35.15
N ASN OA 323 -10.08 -77.32 -35.29
CA ASN OA 323 -9.62 -78.63 -34.82
C ASN OA 323 -9.09 -78.59 -33.40
N GLU OA 324 -8.71 -77.43 -32.89
CA GLU OA 324 -8.19 -77.31 -31.53
C GLU OA 324 -9.35 -77.14 -30.55
N PRO OA 325 -9.07 -77.05 -29.25
CA PRO OA 325 -10.17 -76.89 -28.28
C PRO OA 325 -10.97 -75.61 -28.45
N ARG OA 326 -10.46 -74.63 -29.18
CA ARG OA 326 -11.17 -73.37 -29.41
C ARG OA 326 -12.15 -73.58 -30.56
N CYS OA 327 -13.28 -74.20 -30.24
CA CYS OA 327 -14.33 -74.49 -31.21
C CYS OA 327 -15.54 -73.59 -31.07
N GLY OA 328 -15.40 -72.48 -30.35
CA GLY OA 328 -16.51 -71.55 -30.16
C GLY OA 328 -16.39 -70.30 -31.01
N GLN OA 329 -17.21 -70.21 -32.05
CA GLN OA 329 -17.18 -69.07 -32.95
C GLN OA 329 -18.44 -69.06 -33.82
N PRO OA 330 -19.09 -67.92 -33.99
CA PRO OA 330 -20.30 -67.86 -34.81
C PRO OA 330 -19.98 -67.55 -36.26
N PHE OA 331 -20.96 -67.83 -37.12
CA PHE OA 331 -20.81 -67.59 -38.55
C PHE OA 331 -22.20 -67.45 -39.17
N HIS OA 332 -22.26 -66.71 -40.27
CA HIS OA 332 -23.53 -66.50 -40.96
C HIS OA 332 -24.00 -67.81 -41.59
N GLN OA 333 -25.15 -68.30 -41.14
CA GLN OA 333 -25.73 -69.55 -41.65
C GLN OA 333 -26.71 -69.32 -42.78
N ALA OA 334 -26.58 -68.21 -43.51
CA ALA OA 334 -27.49 -67.93 -44.62
C ALA OA 334 -27.18 -68.82 -45.83
N CYS OA 335 -25.96 -68.72 -46.34
CA CYS OA 335 -25.54 -69.52 -47.49
C CYS OA 335 -24.05 -69.72 -47.43
N LEU OA 336 -23.61 -70.87 -47.96
CA LEU OA 336 -22.19 -71.25 -47.99
C LEU OA 336 -21.81 -71.75 -49.37
N TYR OA 337 -22.24 -71.01 -50.41
CA TYR OA 337 -21.92 -71.41 -51.78
C TYR OA 337 -20.42 -71.41 -52.02
N GLU OA 338 -19.66 -70.58 -51.30
CA GLU OA 338 -18.22 -70.50 -51.43
C GLU OA 338 -17.54 -70.58 -50.07
N TRP OA 339 -18.03 -71.46 -49.21
CA TRP OA 339 -17.47 -71.62 -47.88
C TRP OA 339 -16.18 -72.44 -47.88
N LEU OA 340 -15.77 -72.98 -49.02
CA LEU OA 340 -14.54 -73.77 -49.06
C LEU OA 340 -13.31 -72.92 -48.82
N GLN OA 341 -13.37 -71.64 -49.18
CA GLN OA 341 -12.25 -70.72 -48.99
C GLN OA 341 -12.71 -69.33 -49.41
N GLY OA 342 -11.90 -68.33 -49.06
CA GLY OA 342 -12.21 -66.96 -49.41
C GLY OA 342 -11.87 -66.63 -50.85
N LEU OA 343 -10.59 -66.76 -51.21
CA LEU OA 343 -10.15 -66.49 -52.57
C LEU OA 343 -10.52 -67.66 -53.46
N PRO OA 344 -10.22 -68.90 -53.05
CA PRO OA 344 -10.56 -70.06 -53.88
C PRO OA 344 -11.92 -70.62 -53.52
N SER OA 345 -12.65 -71.04 -54.56
CA SER OA 345 -13.98 -71.61 -54.38
C SER OA 345 -14.25 -72.59 -55.51
N SER OA 346 -14.66 -73.80 -55.17
CA SER OA 346 -14.95 -74.85 -56.15
C SER OA 346 -13.70 -75.39 -56.82
N ARG OA 347 -12.58 -75.39 -56.11
CA ARG OA 347 -11.31 -75.87 -56.63
C ARG OA 347 -10.83 -77.07 -55.80
N GLN OA 348 -9.62 -77.54 -56.10
CA GLN OA 348 -9.06 -78.68 -55.40
C GLN OA 348 -8.66 -78.27 -53.98
N SER OA 349 -9.20 -78.98 -52.99
CA SER OA 349 -8.92 -78.70 -51.58
C SER OA 349 -7.53 -79.13 -51.15
N PHE OA 350 -6.68 -79.61 -52.07
CA PHE OA 350 -5.34 -80.03 -51.68
C PHE OA 350 -4.41 -78.83 -51.49
N ASN OA 351 -4.23 -78.04 -52.55
CA ASN OA 351 -3.38 -76.85 -52.48
C ASN OA 351 -4.19 -75.60 -52.14
N VAL OA 352 -5.19 -75.28 -52.98
CA VAL OA 352 -6.05 -74.12 -52.75
C VAL OA 352 -7.23 -74.61 -51.92
N ILE OA 353 -7.06 -74.62 -50.60
CA ILE OA 353 -8.10 -75.08 -49.69
C ILE OA 353 -8.43 -73.98 -48.69
N PHE OA 354 -7.42 -73.48 -47.99
CA PHE OA 354 -7.60 -72.41 -47.00
C PHE OA 354 -7.52 -71.07 -47.72
N GLY OA 355 -8.66 -70.60 -48.22
CA GLY OA 355 -8.72 -69.34 -48.91
C GLY OA 355 -8.62 -68.15 -47.97
N GLU OA 356 -9.59 -68.01 -47.08
CA GLU OA 356 -9.60 -66.91 -46.12
C GLU OA 356 -10.72 -67.17 -45.13
N CYS OA 357 -10.69 -66.42 -44.02
CA CYS OA 357 -11.69 -66.53 -42.95
C CYS OA 357 -12.37 -65.18 -42.77
N PRO OA 358 -13.27 -64.80 -43.69
CA PRO OA 358 -13.95 -63.52 -43.55
C PRO OA 358 -15.14 -63.54 -42.61
N TYR OA 359 -15.67 -64.72 -42.29
CA TYR OA 359 -16.82 -64.80 -41.39
C TYR OA 359 -16.39 -64.78 -39.92
N CYS OA 360 -15.20 -65.28 -39.62
CA CYS OA 360 -14.70 -65.32 -38.24
C CYS OA 360 -13.41 -64.53 -38.05
N ASN OA 361 -12.50 -64.57 -39.02
CA ASN OA 361 -11.23 -63.86 -38.92
C ASN OA 361 -10.38 -64.39 -37.77
N LYS OA 362 -10.20 -65.71 -37.73
CA LYS OA 362 -9.42 -66.36 -36.70
C LYS OA 362 -8.36 -67.25 -37.33
N PRO OA 363 -7.49 -67.87 -36.54
CA PRO OA 363 -6.45 -68.74 -37.12
C PRO OA 363 -7.02 -70.04 -37.66
N LEU OA 364 -7.78 -69.95 -38.75
CA LEU OA 364 -8.39 -71.13 -39.36
C LEU OA 364 -8.85 -70.76 -40.75
N THR OA 365 -8.67 -71.70 -41.70
CA THR OA 365 -9.06 -71.48 -43.08
C THR OA 365 -10.52 -71.89 -43.29
N VAL OA 366 -10.96 -71.93 -44.54
CA VAL OA 366 -12.32 -72.30 -44.87
C VAL OA 366 -12.43 -73.76 -45.32
N LYS OA 367 -11.42 -74.57 -45.00
CA LYS OA 367 -11.41 -75.99 -45.39
C LYS OA 367 -12.39 -76.83 -44.59
N SER OA 368 -13.22 -76.25 -43.73
CA SER OA 368 -14.19 -76.98 -42.93
C SER OA 368 -15.56 -76.31 -43.01
N SER OA 369 -15.96 -75.90 -44.20
CA SER OA 369 -17.25 -75.25 -44.40
C SER OA 369 -17.60 -75.16 -45.88
N UNK PA 1 35.04 -86.47 -57.66
CA UNK PA 1 34.11 -85.40 -57.32
C UNK PA 1 34.39 -84.86 -55.93
N UNK PA 2 35.67 -84.83 -55.55
CA UNK PA 2 36.05 -84.32 -54.24
C UNK PA 2 35.70 -82.85 -54.03
N UNK PA 3 35.67 -81.99 -55.06
CA UNK PA 3 35.33 -80.60 -54.81
C UNK PA 3 33.90 -80.40 -54.32
N UNK PA 4 32.95 -81.15 -54.89
CA UNK PA 4 31.56 -81.04 -54.45
C UNK PA 4 31.43 -81.41 -52.97
N UNK PA 5 32.09 -82.50 -52.56
CA UNK PA 5 32.02 -82.91 -51.17
C UNK PA 5 32.71 -81.90 -50.26
N UNK PA 6 33.87 -81.38 -50.69
CA UNK PA 6 34.56 -80.39 -49.88
C UNK PA 6 33.73 -79.13 -49.71
N UNK PA 7 32.98 -78.75 -50.74
CA UNK PA 7 32.12 -77.58 -50.64
C UNK PA 7 30.90 -77.86 -49.75
N UNK PA 8 30.29 -79.03 -49.90
CA UNK PA 8 29.13 -79.37 -49.07
C UNK PA 8 29.51 -79.50 -47.60
N UNK PA 9 30.74 -79.93 -47.31
CA UNK PA 9 31.17 -80.06 -45.92
C UNK PA 9 31.11 -78.72 -45.19
N UNK PA 10 31.43 -77.63 -45.90
CA UNK PA 10 31.39 -76.30 -45.30
C UNK PA 10 30.06 -75.59 -45.52
N UNK PA 11 29.46 -75.76 -46.70
CA UNK PA 11 28.19 -75.11 -46.99
C UNK PA 11 27.11 -75.54 -46.00
N UNK PA 12 27.00 -76.85 -45.76
CA UNK PA 12 26.00 -77.35 -44.82
C UNK PA 12 26.33 -76.92 -43.39
N UNK PA 13 27.61 -76.99 -43.00
CA UNK PA 13 27.98 -76.56 -41.67
C UNK PA 13 27.65 -75.09 -41.44
N UNK PA 14 27.73 -74.26 -42.49
CA UNK PA 14 27.40 -72.85 -42.36
C UNK PA 14 25.89 -72.62 -42.35
N UNK PA 15 25.16 -73.32 -43.22
CA UNK PA 15 23.71 -73.12 -43.32
C UNK PA 15 22.95 -73.78 -42.18
N UNK PA 16 23.59 -74.66 -41.40
CA UNK PA 16 22.91 -75.26 -40.27
C UNK PA 16 22.70 -74.34 -39.09
N UNK PA 17 23.36 -73.19 -39.07
CA UNK PA 17 23.26 -72.25 -37.96
C UNK PA 17 22.03 -71.36 -38.04
N UNK PA 18 21.10 -71.64 -38.96
CA UNK PA 18 19.89 -70.83 -39.06
C UNK PA 18 18.90 -71.17 -37.95
N UNK PA 19 18.43 -72.41 -37.91
CA UNK PA 19 17.53 -72.89 -36.87
C UNK PA 19 18.35 -73.73 -35.90
N UNK PA 20 18.62 -73.20 -34.71
CA UNK PA 20 19.45 -73.89 -33.74
C UNK PA 20 18.76 -75.16 -33.26
N UNK PA 21 17.66 -75.04 -32.51
CA UNK PA 21 16.95 -76.25 -32.07
C UNK PA 21 15.78 -76.61 -32.96
N UNK PA 22 15.40 -75.69 -33.85
CA UNK PA 22 14.29 -75.92 -34.76
C UNK PA 22 13.03 -76.42 -34.07
N UNK PA 23 12.09 -76.96 -34.85
CA UNK PA 23 10.91 -77.59 -34.28
C UNK PA 23 11.28 -79.00 -33.84
N UNK PA 24 11.93 -79.78 -34.71
CA UNK PA 24 12.35 -81.14 -34.31
C UNK PA 24 13.75 -81.14 -33.69
N UNK PA 25 14.24 -82.32 -33.34
CA UNK PA 25 15.57 -82.44 -32.77
C UNK PA 25 16.64 -82.50 -33.85
N UNK PA 26 17.36 -81.40 -34.03
CA UNK PA 26 18.40 -81.38 -35.08
C UNK PA 26 19.75 -81.85 -34.58
N UNK PA 27 20.72 -81.95 -35.48
CA UNK PA 27 22.09 -82.38 -35.21
C UNK PA 27 22.22 -83.88 -35.03
N UNK PA 28 21.13 -84.64 -35.08
CA UNK PA 28 21.18 -86.10 -34.93
C UNK PA 28 20.50 -86.76 -36.10
N UNK PA 29 20.48 -86.08 -37.25
CA UNK PA 29 19.84 -86.62 -38.45
C UNK PA 29 20.71 -87.64 -39.17
N UNK PA 30 21.97 -87.82 -38.75
CA UNK PA 30 22.83 -88.80 -39.40
C UNK PA 30 22.49 -90.22 -38.94
N UNK PA 31 22.21 -90.39 -37.65
CA UNK PA 31 21.88 -91.71 -37.13
C UNK PA 31 20.57 -92.23 -37.73
N UNK PA 32 19.60 -91.34 -37.93
CA UNK PA 32 18.34 -91.75 -38.55
C UNK PA 32 18.57 -92.28 -39.95
N UNK PA 33 19.34 -91.54 -40.76
CA UNK PA 33 19.65 -92.02 -42.11
C UNK PA 33 20.43 -93.30 -42.10
N UNK PA 34 21.37 -93.45 -41.18
CA UNK PA 34 22.15 -94.68 -41.09
C UNK PA 34 21.25 -95.87 -40.76
N UNK PA 35 20.34 -95.69 -39.81
CA UNK PA 35 19.43 -96.77 -39.44
C UNK PA 35 18.44 -97.07 -40.57
N UNK PA 36 18.04 -96.06 -41.34
CA UNK PA 36 17.11 -96.30 -42.43
C UNK PA 36 17.79 -96.95 -43.63
N UNK PA 37 19.10 -96.73 -43.82
CA UNK PA 37 19.82 -97.32 -44.93
C UNK PA 37 20.35 -98.72 -44.59
N UNK PA 38 21.17 -98.82 -43.54
CA UNK PA 38 21.74 -100.11 -43.16
C UNK PA 38 20.77 -100.97 -42.38
N UNK PA 39 19.79 -100.37 -41.71
CA UNK PA 39 18.82 -101.10 -40.90
C UNK PA 39 17.45 -101.21 -41.56
N UNK PA 40 17.01 -100.16 -42.27
CA UNK PA 40 15.71 -100.22 -42.93
C UNK PA 40 15.71 -101.18 -44.11
N UNK PA 41 16.85 -101.35 -44.76
CA UNK PA 41 16.98 -102.25 -45.89
C UNK PA 41 17.67 -103.55 -45.47
N UNK PA 42 17.85 -104.44 -46.43
CA UNK PA 42 18.50 -105.75 -46.28
C UNK PA 42 17.60 -106.78 -45.63
N UNK PA 43 16.34 -106.45 -45.32
CA UNK PA 43 15.44 -107.40 -44.70
C UNK PA 43 15.24 -107.15 -43.22
N UNK PA 44 16.99 -110.26 -35.12
CA UNK PA 44 17.98 -110.96 -35.90
C UNK PA 44 19.41 -110.58 -35.54
N UNK PA 45 20.30 -110.64 -36.53
CA UNK PA 45 21.70 -110.30 -36.33
C UNK PA 45 22.06 -108.90 -36.83
N UNK PA 46 21.11 -108.19 -37.43
CA UNK PA 46 21.39 -106.84 -37.91
C UNK PA 46 21.37 -105.82 -36.78
N UNK PA 47 20.26 -105.74 -36.06
CA UNK PA 47 20.16 -104.78 -34.95
C UNK PA 47 21.13 -105.14 -33.83
N UNK PA 48 21.30 -106.44 -33.55
CA UNK PA 48 22.22 -106.84 -32.50
C UNK PA 48 23.65 -106.44 -32.81
N UNK PA 49 24.05 -106.51 -34.08
CA UNK PA 49 25.39 -106.10 -34.47
C UNK PA 49 25.52 -104.59 -34.56
N UNK PA 50 24.43 -103.89 -34.94
CA UNK PA 50 24.49 -102.44 -35.02
C UNK PA 50 24.52 -101.79 -33.64
N UNK PA 51 23.89 -102.41 -32.66
CA UNK PA 51 23.88 -101.87 -31.31
C UNK PA 51 25.24 -101.93 -30.66
N UNK PA 52 25.94 -103.05 -30.82
CA UNK PA 52 27.27 -103.17 -30.20
C UNK PA 52 28.32 -102.28 -30.85
N UNK PA 53 28.24 -102.07 -32.17
CA UNK PA 53 29.22 -101.22 -32.84
C UNK PA 53 29.06 -99.76 -32.43
N UNK PA 54 27.84 -99.37 -32.06
CA UNK PA 54 27.58 -97.99 -31.65
C UNK PA 54 28.21 -97.63 -30.32
N UNK PA 55 28.84 -98.58 -29.62
CA UNK PA 55 29.46 -98.28 -28.34
C UNK PA 55 30.55 -97.21 -28.46
N UNK PA 56 31.14 -97.05 -29.64
CA UNK PA 56 32.18 -96.03 -29.82
C UNK PA 56 31.61 -94.62 -29.75
N UNK PA 57 30.30 -94.46 -29.86
CA UNK PA 57 29.66 -93.15 -29.82
C UNK PA 57 29.19 -92.85 -28.40
N UNK PA 58 28.88 -91.59 -28.10
CA UNK PA 58 28.42 -91.24 -26.76
C UNK PA 58 27.05 -91.82 -26.45
N UNK PA 59 27.00 -92.75 -25.49
CA UNK PA 59 25.74 -93.39 -25.11
C UNK PA 59 24.65 -92.37 -24.76
N UNK PA 60 24.87 -91.42 -23.85
CA UNK PA 60 23.79 -90.46 -23.55
C UNK PA 60 23.33 -89.65 -24.75
N UNK PA 61 24.28 -89.09 -25.52
CA UNK PA 61 23.89 -88.32 -26.70
C UNK PA 61 23.38 -89.22 -27.81
N UNK PA 62 23.94 -90.42 -27.92
CA UNK PA 62 23.53 -91.34 -28.97
C UNK PA 62 22.17 -91.99 -28.70
N UNK PA 63 21.67 -91.93 -27.47
CA UNK PA 63 20.38 -92.52 -27.16
C UNK PA 63 19.24 -91.86 -27.93
N UNK PA 64 19.42 -90.62 -28.39
CA UNK PA 64 18.39 -89.93 -29.14
C UNK PA 64 18.19 -90.48 -30.54
N UNK PA 65 19.07 -91.38 -31.00
CA UNK PA 65 18.94 -91.95 -32.34
C UNK PA 65 17.72 -92.86 -32.42
N UNK PA 66 17.43 -93.59 -31.34
CA UNK PA 66 16.29 -94.49 -31.33
C UNK PA 66 14.99 -93.69 -31.42
N UNK PA 67 14.91 -92.56 -30.71
CA UNK PA 67 13.71 -91.75 -30.75
C UNK PA 67 13.48 -91.19 -32.16
N UNK PA 68 14.55 -90.82 -32.86
CA UNK PA 68 14.42 -90.31 -34.22
C UNK PA 68 14.03 -91.43 -35.19
N UNK PA 69 14.60 -92.62 -35.00
CA UNK PA 69 14.29 -93.73 -35.89
C UNK PA 69 12.88 -94.25 -35.67
N UNK PA 70 12.34 -94.09 -34.46
CA UNK PA 70 10.98 -94.56 -34.19
C UNK PA 70 9.95 -93.83 -35.03
N UNK PA 71 10.19 -92.55 -35.34
CA UNK PA 71 9.27 -91.75 -36.13
C UNK PA 71 9.43 -92.15 -37.60
N UNK PA 72 8.72 -93.21 -37.98
CA UNK PA 72 8.78 -93.71 -39.35
C UNK PA 72 7.64 -93.12 -40.19
N UNK PA 73 12.21 -103.92 -39.09
CA UNK PA 73 13.21 -104.13 -38.06
C UNK PA 73 12.95 -103.23 -36.86
N UNK PA 74 11.69 -102.81 -36.70
CA UNK PA 74 11.34 -101.94 -35.58
C UNK PA 74 11.56 -102.65 -34.25
N UNK PA 75 11.19 -103.94 -34.17
CA UNK PA 75 11.37 -104.66 -32.92
C UNK PA 75 12.83 -104.83 -32.55
N UNK PA 76 13.69 -105.09 -33.54
CA UNK PA 76 15.11 -105.26 -33.26
C UNK PA 76 15.71 -104.00 -32.67
N UNK PA 77 15.29 -102.83 -33.15
CA UNK PA 77 15.82 -101.57 -32.61
C UNK PA 77 15.40 -101.39 -31.16
N UNK PA 78 14.11 -101.57 -30.86
CA UNK PA 78 13.64 -101.44 -29.49
C UNK PA 78 14.25 -102.49 -28.56
N UNK PA 79 14.63 -103.65 -29.10
CA UNK PA 79 15.27 -104.67 -28.28
C UNK PA 79 16.72 -104.31 -27.98
N UNK PA 80 17.46 -103.90 -29.01
CA UNK PA 80 18.85 -103.51 -28.80
C UNK PA 80 18.97 -102.27 -27.93
N UNK PA 81 17.97 -101.38 -27.99
CA UNK PA 81 17.98 -100.17 -27.18
C UNK PA 81 17.26 -100.36 -25.86
N UNK PA 82 15.98 -100.74 -25.92
CA UNK PA 82 15.18 -100.97 -24.72
C UNK PA 82 15.23 -102.44 -24.29
N UNK PA 83 16.44 -102.90 -24.03
CA UNK PA 83 16.67 -104.28 -23.61
C UNK PA 83 17.27 -104.39 -22.22
N UNK PA 84 18.27 -103.55 -21.90
CA UNK PA 84 18.89 -103.59 -20.58
C UNK PA 84 18.00 -102.83 -19.59
N UNK PA 85 17.57 -103.53 -18.53
CA UNK PA 85 16.72 -102.89 -17.53
C UNK PA 85 17.43 -101.71 -16.88
N UNK PA 86 18.73 -101.83 -16.65
CA UNK PA 86 19.49 -100.73 -16.05
C UNK PA 86 19.79 -99.64 -17.07
N UNK PA 87 20.42 -100.00 -18.19
CA UNK PA 87 20.75 -99.01 -19.20
C UNK PA 87 19.50 -98.39 -19.80
N UNK PA 88 18.55 -99.23 -20.25
CA UNK PA 88 17.31 -98.72 -20.80
C UNK PA 88 16.52 -97.93 -19.79
N UNK PA 89 16.58 -98.32 -18.51
CA UNK PA 89 15.89 -97.57 -17.47
C UNK PA 89 16.48 -96.18 -17.30
N UNK PA 90 17.80 -96.10 -17.14
CA UNK PA 90 18.46 -94.81 -16.97
C UNK PA 90 18.39 -93.95 -18.22
N UNK PA 91 18.17 -94.56 -19.39
CA UNK PA 91 18.05 -93.77 -20.61
C UNK PA 91 16.86 -92.82 -20.55
N UNK PA 92 15.83 -93.17 -19.80
CA UNK PA 92 14.66 -92.29 -19.70
C UNK PA 92 14.97 -91.02 -18.94
N UNK PA 93 15.94 -91.05 -18.02
CA UNK PA 93 16.29 -89.87 -17.26
C UNK PA 93 16.92 -88.80 -18.15
N UNK PA 94 17.79 -89.21 -19.08
CA UNK PA 94 18.45 -88.28 -19.98
C UNK PA 94 17.80 -88.19 -21.36
N UNK PA 95 16.79 -89.02 -21.63
CA UNK PA 95 16.13 -88.97 -22.92
C UNK PA 95 15.23 -87.75 -23.00
N UNK PA 96 15.10 -87.15 -24.18
CA UNK PA 96 14.24 -85.96 -24.33
C UNK PA 96 12.79 -86.31 -24.04
N UNK PA 97 12.19 -85.55 -23.11
CA UNK PA 97 10.80 -85.81 -22.76
C UNK PA 97 9.85 -85.72 -23.94
N UNK PA 98 10.14 -84.85 -24.90
CA UNK PA 98 9.28 -84.72 -26.07
C UNK PA 98 9.30 -85.99 -26.90
N UNK PA 99 10.49 -86.55 -27.13
CA UNK PA 99 10.58 -87.80 -27.89
C UNK PA 99 9.88 -88.93 -27.17
N UNK PA 100 10.04 -89.02 -25.84
CA UNK PA 100 9.37 -90.06 -25.08
C UNK PA 100 7.85 -89.92 -25.17
N UNK PA 101 7.35 -88.70 -25.04
CA UNK PA 101 5.91 -88.48 -25.15
C UNK PA 101 5.40 -88.85 -26.55
N UNK PA 102 6.17 -88.49 -27.59
CA UNK PA 102 5.75 -88.81 -28.94
C UNK PA 102 5.75 -90.32 -29.20
N UNK PA 103 6.72 -91.03 -28.61
CA UNK PA 103 6.80 -92.47 -28.81
C UNK PA 103 5.85 -93.25 -27.93
N UNK PA 104 5.37 -92.66 -26.84
CA UNK PA 104 4.43 -93.36 -25.98
C UNK PA 104 3.17 -93.76 -26.74
N UNK PA 105 2.51 -92.79 -27.38
CA UNK PA 105 1.31 -93.10 -28.13
C UNK PA 105 1.59 -93.93 -29.36
N UNK PA 106 2.72 -93.68 -30.03
CA UNK PA 106 3.07 -94.44 -31.22
C UNK PA 106 3.59 -95.84 -30.86
N UNK PA 107 4.55 -95.91 -29.94
CA UNK PA 107 5.11 -97.19 -29.50
C UNK PA 107 4.16 -97.82 -28.51
N UNK PA 108 3.32 -98.73 -28.98
CA UNK PA 108 2.37 -99.40 -28.11
C UNK PA 108 3.04 -100.29 -27.08
N UNK PA 109 4.25 -100.77 -27.35
CA UNK PA 109 4.94 -101.64 -26.41
C UNK PA 109 5.70 -100.85 -25.35
N UNK PA 110 6.18 -99.65 -25.69
CA UNK PA 110 6.91 -98.83 -24.74
C UNK PA 110 6.04 -98.27 -23.62
N UNK PA 111 4.71 -98.34 -23.77
CA UNK PA 111 3.83 -97.82 -22.74
C UNK PA 111 3.98 -98.60 -21.43
N UNK PA 112 4.16 -99.92 -21.53
CA UNK PA 112 4.37 -100.73 -20.34
C UNK PA 112 5.62 -100.30 -19.59
N UNK PA 113 6.73 -100.12 -20.31
CA UNK PA 113 7.97 -99.70 -19.68
C UNK PA 113 7.83 -98.29 -19.10
N UNK PA 114 7.12 -97.41 -19.81
CA UNK PA 114 6.91 -96.06 -19.29
C UNK PA 114 6.13 -96.09 -17.99
N UNK PA 115 5.05 -96.86 -17.94
CA UNK PA 115 4.26 -96.97 -16.71
C UNK PA 115 5.07 -97.58 -15.59
N UNK PA 116 5.89 -98.60 -15.90
CA UNK PA 116 6.73 -99.20 -14.88
C UNK PA 116 7.72 -98.20 -14.31
N UNK PA 117 8.37 -97.42 -15.18
CA UNK PA 117 9.32 -96.41 -14.71
C UNK PA 117 8.61 -95.35 -13.89
N UNK PA 118 7.42 -94.93 -14.31
CA UNK PA 118 6.67 -93.93 -13.55
C UNK PA 118 6.30 -94.45 -12.17
N UNK PA 119 5.89 -95.72 -12.08
CA UNK PA 119 5.54 -96.30 -10.79
C UNK PA 119 6.77 -96.50 -9.91
N UNK PA 120 7.92 -96.79 -10.52
CA UNK PA 120 9.14 -96.98 -9.74
C UNK PA 120 9.69 -95.66 -9.23
N UNK PA 121 9.56 -94.59 -10.01
CA UNK PA 121 10.07 -93.29 -9.58
C UNK PA 121 9.25 -92.72 -8.43
N UNK PA 122 7.94 -92.97 -8.42
CA UNK PA 122 7.09 -92.47 -7.36
C UNK PA 122 7.41 -93.01 -5.98
N UNK PA 123 8.20 -94.08 -5.89
CA UNK PA 123 8.54 -94.64 -4.59
C UNK PA 123 9.52 -93.77 -3.83
N UNK PA 124 10.39 -93.04 -4.54
CA UNK PA 124 11.36 -92.17 -3.90
C UNK PA 124 10.75 -90.91 -3.32
N UNK PA 125 9.44 -90.72 -3.43
CA UNK PA 125 8.80 -89.54 -2.90
C UNK PA 125 8.65 -89.64 -1.38
N UNK PA 126 8.40 -88.49 -0.75
CA UNK PA 126 8.24 -88.43 0.71
C UNK PA 126 7.34 -87.24 1.01
N UNK PA 127 6.08 -87.53 1.31
CA UNK PA 127 5.09 -86.49 1.63
C UNK PA 127 5.33 -86.02 3.06
N UNK PA 128 6.37 -85.22 3.22
CA UNK PA 128 6.73 -84.68 4.53
C UNK PA 128 5.72 -83.61 4.93
N UNK PA 129 4.85 -83.86 5.91
CA UNK PA 129 3.88 -82.84 6.29
C UNK PA 129 4.47 -81.68 7.07
N UNK PA 130 5.64 -81.86 7.69
CA UNK PA 130 6.25 -80.77 8.45
C UNK PA 130 6.61 -79.60 7.54
N UNK PA 131 7.18 -79.88 6.38
CA UNK PA 131 7.56 -78.83 5.43
C UNK PA 131 6.48 -78.54 4.40
N UNK PA 132 5.60 -79.49 4.12
CA UNK PA 132 4.54 -79.31 3.15
C UNK PA 132 4.92 -79.62 1.72
N UNK PA 133 6.15 -80.04 1.46
CA UNK PA 133 6.62 -80.38 0.13
C UNK PA 133 7.09 -81.82 0.08
N UNK PA 134 7.41 -82.29 -1.12
CA UNK PA 134 7.89 -83.64 -1.32
C UNK PA 134 9.41 -83.68 -1.16
N UNK PA 135 9.89 -84.53 -0.27
CA UNK PA 135 11.32 -84.67 0.01
C UNK PA 135 11.74 -86.04 -0.50
N UNK PA 136 12.61 -86.05 -1.51
CA UNK PA 136 13.12 -87.29 -2.10
C UNK PA 136 14.48 -87.60 -1.46
N UNK PA 137 14.43 -88.20 -0.27
CA UNK PA 137 15.62 -88.56 0.47
C UNK PA 137 15.81 -90.07 0.59
N UNK PA 138 15.16 -90.84 -0.29
CA UNK PA 138 15.30 -92.29 -0.24
C UNK PA 138 16.71 -92.73 -0.61
N UNK PA 139 17.38 -91.98 -1.48
CA UNK PA 139 18.74 -92.26 -1.95
C UNK PA 139 18.80 -93.40 -2.96
N UNK PA 140 17.66 -93.87 -3.46
CA UNK PA 140 17.64 -94.95 -4.44
C UNK PA 140 17.81 -94.37 -5.85
N UNK PA 141 17.61 -95.21 -6.86
CA UNK PA 141 17.73 -94.78 -8.25
C UNK PA 141 16.46 -94.16 -8.80
N UNK PA 142 15.34 -94.24 -8.06
CA UNK PA 142 14.07 -93.68 -8.48
C UNK PA 142 13.78 -92.33 -7.82
N UNK PA 143 14.75 -91.74 -7.15
CA UNK PA 143 14.56 -90.46 -6.47
C UNK PA 143 14.50 -89.36 -7.51
N UNK PA 144 13.30 -88.96 -7.89
CA UNK PA 144 13.10 -87.91 -8.88
C UNK PA 144 13.01 -86.55 -8.19
N UNK PA 145 12.65 -85.52 -8.94
CA UNK PA 145 12.53 -84.17 -8.40
C UNK PA 145 11.10 -83.91 -7.94
N UNK PA 146 10.97 -83.10 -6.89
CA UNK PA 146 9.66 -82.76 -6.36
C UNK PA 146 8.78 -82.06 -7.38
N UNK PA 147 9.37 -81.39 -8.36
CA UNK PA 147 8.62 -80.68 -9.39
C UNK PA 147 8.89 -81.17 -10.80
N UNK PA 148 10.12 -81.61 -11.10
CA UNK PA 148 10.43 -82.08 -12.44
C UNK PA 148 9.63 -83.34 -12.78
N UNK PA 149 9.49 -84.25 -11.83
CA UNK PA 149 8.70 -85.45 -12.08
C UNK PA 149 7.24 -85.12 -12.34
N UNK PA 150 6.68 -84.21 -11.54
CA UNK PA 150 5.29 -83.80 -11.76
C UNK PA 150 5.11 -83.12 -13.11
N UNK PA 151 6.07 -82.28 -13.50
CA UNK PA 151 5.99 -81.63 -14.80
C UNK PA 151 6.05 -82.64 -15.93
N UNK PA 152 6.96 -83.62 -15.82
CA UNK PA 152 7.05 -84.65 -16.85
C UNK PA 152 5.77 -85.48 -16.92
N UNK PA 153 5.19 -85.79 -15.77
CA UNK PA 153 3.94 -86.55 -15.76
C UNK PA 153 2.81 -85.76 -16.41
N UNK PA 154 2.69 -84.48 -16.06
CA UNK PA 154 1.66 -83.65 -16.67
C UNK PA 154 1.86 -83.45 -18.15
N UNK PA 155 3.11 -83.43 -18.61
CA UNK PA 155 3.37 -83.32 -20.04
C UNK PA 155 3.01 -84.60 -20.77
N UNK PA 156 3.41 -85.75 -20.22
CA UNK PA 156 3.09 -87.02 -20.84
C UNK PA 156 1.58 -87.25 -20.88
N UNK PA 157 0.87 -86.89 -19.81
CA UNK PA 157 -0.57 -87.06 -19.77
C UNK PA 157 -1.29 -86.02 -20.62
N UNK PA 158 -0.61 -84.94 -20.99
CA UNK PA 158 -1.21 -83.87 -21.80
C UNK PA 158 -1.40 -84.25 -23.26
N UNK PA 159 -1.19 -85.50 -23.64
CA UNK PA 159 -1.34 -85.91 -25.01
C UNK PA 159 -2.79 -85.82 -25.48
N UNK PA 160 -3.03 -86.45 -26.63
CA UNK PA 160 -4.36 -86.45 -27.24
C UNK PA 160 -5.22 -87.53 -26.58
N UNK PA 161 -6.39 -87.79 -27.17
CA UNK PA 161 -7.30 -88.80 -26.63
C UNK PA 161 -6.66 -90.19 -26.62
N UNK PA 162 -5.66 -90.42 -27.46
CA UNK PA 162 -5.01 -91.72 -27.48
C UNK PA 162 -4.20 -91.95 -26.20
N UNK PA 163 -3.53 -90.91 -25.71
CA UNK PA 163 -2.74 -91.01 -24.50
C UNK PA 163 -3.48 -90.58 -23.24
N UNK PA 164 -4.53 -89.78 -23.37
CA UNK PA 164 -5.28 -89.34 -22.20
C UNK PA 164 -5.96 -90.52 -21.51
N UNK PA 165 -6.49 -91.47 -22.29
CA UNK PA 165 -7.12 -92.64 -21.69
C UNK PA 165 -6.11 -93.47 -20.93
N UNK PA 166 -4.93 -93.70 -21.52
CA UNK PA 166 -3.89 -94.46 -20.83
C UNK PA 166 -3.43 -93.74 -19.56
N UNK PA 167 -3.31 -92.41 -19.62
CA UNK PA 167 -2.91 -91.66 -18.43
C UNK PA 167 -3.96 -91.77 -17.33
N UNK PA 168 -5.24 -91.67 -17.69
CA UNK PA 168 -6.30 -91.81 -16.70
C UNK PA 168 -6.31 -93.21 -16.10
N UNK PA 169 -6.11 -94.23 -16.94
CA UNK PA 169 -6.07 -95.60 -16.44
C UNK PA 169 -4.90 -95.80 -15.48
N UNK PA 170 -3.73 -95.26 -15.82
CA UNK PA 170 -2.57 -95.38 -14.93
C UNK PA 170 -2.81 -94.64 -13.61
N UNK PA 171 -3.42 -93.46 -13.68
CA UNK PA 171 -3.71 -92.72 -12.45
C UNK PA 171 -4.69 -93.49 -11.57
N UNK PA 172 -5.74 -94.08 -12.18
CA UNK PA 172 -6.70 -94.86 -11.41
C UNK PA 172 -6.04 -96.09 -10.79
N UNK PA 173 -5.16 -96.75 -11.54
CA UNK PA 173 -4.48 -97.92 -11.00
C UNK PA 173 -3.55 -97.55 -9.86
N UNK PA 174 -2.89 -96.40 -9.96
CA UNK PA 174 -2.01 -95.96 -8.88
C UNK PA 174 -2.80 -95.54 -7.65
N UNK PA 175 -3.98 -94.94 -7.86
CA UNK PA 175 -4.81 -94.55 -6.73
C UNK PA 175 -5.40 -95.76 -6.03
N UNK PA 176 -5.85 -96.76 -6.79
CA UNK PA 176 -6.41 -97.97 -6.22
C UNK PA 176 -5.38 -99.01 -5.86
N UNK PA 177 -4.15 -98.90 -6.39
CA UNK PA 177 -3.11 -99.86 -6.07
C UNK PA 177 -2.66 -99.74 -4.63
N UNK PA 178 -2.79 -98.57 -4.02
CA UNK PA 178 -2.39 -98.33 -2.64
C UNK PA 178 -3.56 -98.16 -1.68
N UNK PA 179 -4.66 -97.57 -2.13
CA UNK PA 179 -5.81 -97.38 -1.26
C UNK PA 179 -5.60 -96.37 -0.16
N UNK PA 180 -4.92 -95.27 -0.46
CA UNK PA 180 -4.67 -94.23 0.54
C UNK PA 180 -5.92 -93.38 0.74
N UNK PA 181 -5.79 -92.36 1.60
CA UNK PA 181 -6.91 -91.49 1.88
C UNK PA 181 -7.17 -90.54 0.71
N UNK PA 182 -8.40 -90.04 0.64
CA UNK PA 182 -8.82 -89.12 -0.41
C UNK PA 182 -8.50 -87.66 -0.07
N UNK PA 183 -7.61 -87.42 0.89
CA UNK PA 183 -7.25 -86.06 1.29
C UNK PA 183 -5.80 -85.79 0.92
N UNK PA 184 -5.35 -84.56 1.15
CA UNK PA 184 -3.99 -84.17 0.83
C UNK PA 184 -3.01 -84.72 1.86
N UNK PA 185 -1.73 -84.63 1.54
CA UNK PA 185 -0.69 -85.13 2.42
C UNK PA 185 -0.39 -86.60 2.20
N UNK PA 186 -1.31 -87.46 2.63
CA UNK PA 186 -1.15 -88.90 2.45
C UNK PA 186 -1.52 -89.29 1.02
N UNK PA 187 -1.07 -90.48 0.62
CA UNK PA 187 -1.33 -91.00 -0.72
C UNK PA 187 -0.80 -90.06 -1.80
N UNK PA 188 0.52 -89.87 -1.79
CA UNK PA 188 1.17 -88.98 -2.75
C UNK PA 188 0.70 -89.29 -4.17
N UNK PA 189 0.53 -90.58 -4.49
CA UNK PA 189 0.05 -90.94 -5.82
C UNK PA 189 -1.35 -90.41 -6.07
N UNK PA 190 -2.25 -90.55 -5.10
CA UNK PA 190 -3.60 -90.03 -5.25
C UNK PA 190 -3.59 -88.52 -5.34
N UNK PA 191 -2.74 -87.85 -4.55
CA UNK PA 191 -2.66 -86.40 -4.62
C UNK PA 191 -2.18 -85.94 -5.99
N UNK PA 192 -1.17 -86.62 -6.55
CA UNK PA 192 -0.69 -86.25 -7.88
C UNK PA 192 -1.75 -86.51 -8.93
N UNK PA 193 -2.48 -87.62 -8.82
CA UNK PA 193 -3.54 -87.91 -9.78
C UNK PA 193 -4.64 -86.85 -9.72
N UNK PA 194 -5.00 -86.41 -8.51
CA UNK PA 194 -6.01 -85.38 -8.37
C UNK PA 194 -5.52 -84.05 -8.93
N UNK PA 195 -4.25 -83.71 -8.67
CA UNK PA 195 -3.71 -82.45 -9.17
C UNK PA 195 -3.65 -82.45 -10.70
N UNK PA 196 -3.31 -83.60 -11.30
CA UNK PA 196 -3.25 -83.68 -12.75
C UNK PA 196 -4.63 -83.46 -13.36
N UNK PA 197 -5.66 -84.03 -12.73
CA UNK PA 197 -7.02 -83.85 -13.24
C UNK PA 197 -7.44 -82.38 -13.17
N UNK PA 198 -7.02 -81.67 -12.13
CA UNK PA 198 -7.38 -80.26 -12.00
C UNK PA 198 -6.82 -79.43 -13.15
N UNK PA 199 -5.58 -79.72 -13.55
CA UNK PA 199 -4.98 -78.97 -14.65
C UNK PA 199 -5.76 -79.17 -15.95
N UNK PA 200 -6.20 -80.40 -16.21
CA UNK PA 200 -6.96 -80.66 -17.43
C UNK PA 200 -8.30 -79.93 -17.41
N UNK PA 201 -8.98 -79.91 -16.27
CA UNK PA 201 -10.27 -79.24 -16.15
C UNK PA 201 -10.09 -77.73 -15.95
N UNK QA 1 31.94 102.49 51.03
CA UNK QA 1 31.36 101.27 51.55
C UNK QA 1 30.76 101.48 52.94
N UNK QA 2 29.48 101.78 52.99
CA UNK QA 2 28.77 102.01 54.25
C UNK QA 2 27.28 101.85 54.00
N UNK QA 3 26.47 102.21 55.00
CA UNK QA 3 25.03 102.10 54.87
C UNK QA 3 24.53 103.02 53.76
N UNK QA 4 23.26 102.83 53.41
CA UNK QA 4 22.63 103.63 52.36
C UNK QA 4 22.55 105.09 52.76
N UNK QA 5 23.31 105.95 52.09
CA UNK QA 5 23.31 107.37 52.38
C UNK QA 5 22.31 108.12 51.49
N UNK QA 6 22.14 109.40 51.78
CA UNK QA 6 21.22 110.24 51.02
C UNK QA 6 21.68 110.36 49.57
N UNK QA 7 20.89 109.80 48.65
CA UNK QA 7 21.22 109.83 47.23
C UNK QA 7 20.63 111.04 46.51
N UNK QA 8 20.37 112.13 47.23
CA UNK QA 8 19.81 113.35 46.67
C UNK QA 8 18.34 113.27 46.33
N UNK QA 9 17.63 112.29 46.90
CA UNK QA 9 16.21 112.14 46.64
C UNK QA 9 15.46 113.42 46.96
N UNK QA 10 14.59 113.84 46.04
CA UNK QA 10 13.80 115.05 46.19
C UNK QA 10 12.33 114.73 46.06
N UNK QA 11 11.50 115.55 46.70
CA UNK QA 11 10.06 115.35 46.67
C UNK QA 11 9.51 115.63 45.27
N UNK QA 12 8.20 115.46 45.13
CA UNK QA 12 7.53 115.67 43.85
C UNK QA 12 6.12 116.19 44.12
N UNK QA 13 5.28 116.14 43.09
CA UNK QA 13 3.90 116.61 43.23
C UNK QA 13 3.20 115.86 44.36
N UNK QA 14 2.38 116.58 45.11
CA UNK QA 14 1.64 116.04 46.24
C UNK QA 14 0.17 116.42 46.15
N UNK QA 15 -0.41 116.25 44.96
CA UNK QA 15 -1.81 116.56 44.75
C UNK QA 15 -2.69 115.75 45.71
N UNK QA 16 -3.89 116.27 45.95
CA UNK QA 16 -4.90 115.70 46.84
C UNK QA 16 -4.61 115.97 48.32
N UNK QA 17 -3.51 116.64 48.65
CA UNK QA 17 -3.10 116.97 50.02
C UNK QA 17 -2.61 115.77 50.81
N UNK QA 18 -2.62 114.56 50.23
CA UNK QA 18 -2.18 113.32 50.86
C UNK QA 18 -3.18 112.76 51.86
N UNK QA 19 -4.32 113.42 52.08
CA UNK QA 19 -5.33 112.95 53.03
C UNK QA 19 -6.39 112.13 52.29
N UNK QA 20 -5.97 110.94 51.88
CA UNK QA 20 -6.86 110.03 51.15
C UNK QA 20 -6.91 108.67 51.82
N UNK QA 21 -7.61 107.72 51.21
CA UNK QA 21 -7.73 106.38 51.79
C UNK QA 21 -6.36 105.71 51.89
N UNK QA 22 -5.73 105.46 50.74
CA UNK QA 22 -4.41 104.82 50.72
C UNK QA 22 -3.86 104.75 49.31
N UNK QA 23 -2.62 104.30 49.17
CA UNK QA 23 -1.95 104.17 47.87
C UNK QA 23 -1.52 102.71 47.74
N UNK QA 24 -2.39 101.88 47.18
CA UNK QA 24 -2.14 100.46 47.00
C UNK QA 24 -2.18 100.07 45.53
N UNK QA 25 -1.56 100.88 44.67
CA UNK QA 25 -1.49 100.61 43.24
C UNK QA 25 -0.09 100.06 42.95
N UNK QA 26 0.03 98.74 43.04
CA UNK QA 26 1.33 98.11 42.82
C UNK QA 26 1.72 98.17 41.36
N UNK QA 27 2.98 98.53 41.11
CA UNK QA 27 3.53 98.59 39.76
C UNK QA 27 5.00 98.97 39.81
N UNK QA 28 5.77 98.57 38.82
CA UNK QA 28 7.20 98.90 38.77
C UNK QA 28 7.47 100.15 37.93
N UNK QA 29 7.21 100.06 36.63
CA UNK QA 29 7.43 101.20 35.73
C UNK QA 29 7.06 100.75 34.32
N UNK QA 30 7.06 101.71 33.40
CA UNK QA 30 6.88 101.43 31.98
C UNK QA 30 8.17 101.64 31.20
N UNK QA 31 8.77 102.82 31.30
CA UNK QA 31 10.12 103.05 30.79
C UNK QA 31 11.08 103.39 31.92
N UNK QA 32 10.81 104.45 32.70
CA UNK QA 32 11.55 104.72 33.92
C UNK QA 32 10.66 105.60 34.79
N UNK QA 33 9.98 104.98 35.75
CA UNK QA 33 9.07 105.70 36.64
C UNK QA 33 8.49 104.72 37.64
N UNK QA 34 7.77 105.27 38.62
CA UNK QA 34 7.09 104.47 39.62
C UNK QA 34 6.13 105.38 40.39
N UNK QA 35 4.89 104.91 40.55
CA UNK QA 35 3.87 105.68 41.24
C UNK QA 35 2.59 104.84 41.29
N UNK QA 36 1.59 105.37 41.98
CA UNK QA 36 0.30 104.70 42.11
C UNK QA 36 -0.67 105.68 42.76
N UNK QA 37 -1.95 105.30 42.78
CA UNK QA 37 -2.98 106.13 43.37
C UNK QA 37 -4.25 105.29 43.52
N UNK QA 38 -5.21 105.84 44.25
CA UNK QA 38 -6.49 105.15 44.49
C UNK QA 38 -7.48 105.61 43.42
N UNK QA 39 -7.57 104.83 42.35
CA UNK QA 39 -8.48 105.14 41.25
C UNK QA 39 -9.94 105.03 41.71
N UNK QA 40 -8.48 104.86 37.20
CA UNK QA 40 -9.40 105.62 38.05
C UNK QA 40 -8.78 106.93 38.49
N UNK QA 41 -7.46 106.94 38.64
CA UNK QA 41 -6.72 108.13 39.05
C UNK QA 41 -5.28 107.98 38.59
N UNK QA 42 -4.41 108.87 39.08
CA UNK QA 42 -3.00 108.83 38.71
C UNK QA 42 -2.40 107.49 39.12
N UNK QA 43 -1.95 106.72 38.12
CA UNK QA 43 -1.35 105.41 38.36
C UNK QA 43 0.16 105.41 38.20
N UNK QA 44 0.76 106.57 37.98
CA UNK QA 44 2.21 106.67 37.81
C UNK QA 44 2.58 108.14 37.71
N UNK QA 45 3.88 108.41 37.74
CA UNK QA 45 4.40 109.77 37.67
C UNK QA 45 5.40 109.98 36.54
N UNK QA 46 5.68 108.96 35.73
CA UNK QA 46 6.61 108.98 34.62
C UNK QA 46 8.07 108.92 35.05
N UNK QA 47 8.36 108.95 36.34
CA UNK QA 47 9.74 108.87 36.85
C UNK QA 47 10.64 109.90 36.17
N UNK QA 48 10.20 111.15 36.19
CA UNK QA 48 10.97 112.22 35.56
C UNK QA 48 12.33 112.35 36.25
N UNK QA 49 13.29 112.91 35.49
CA UNK QA 49 14.64 113.09 36.03
C UNK QA 49 14.68 114.12 37.15
N UNK QA 50 13.71 115.03 37.21
CA UNK QA 50 13.67 116.05 38.24
C UNK QA 50 12.42 115.86 39.08
N UNK QA 51 12.57 116.00 40.40
CA UNK QA 51 11.45 115.84 41.32
C UNK QA 51 10.41 116.94 41.12
N UNK QA 52 7.30 115.37 40.32
CA UNK QA 52 6.08 114.78 39.76
C UNK QA 52 6.10 114.82 38.24
N UNK QA 53 5.19 114.07 37.63
CA UNK QA 53 5.09 114.02 36.17
C UNK QA 53 3.70 113.53 35.80
N UNK QA 54 2.95 114.35 35.09
CA UNK QA 54 1.60 113.97 34.69
C UNK QA 54 1.64 112.74 33.79
N UNK QA 55 0.55 111.98 33.83
CA UNK QA 55 0.44 110.76 33.03
C UNK QA 55 -1.03 110.55 32.66
N UNK QA 56 -1.35 109.36 32.17
CA UNK QA 56 -2.72 109.02 31.78
C UNK QA 56 -3.53 108.74 33.04
N UNK QA 57 -3.96 109.83 33.68
CA UNK QA 57 -4.75 109.74 34.91
C UNK QA 57 -6.23 109.77 34.55
N UNK QA 58 -6.73 108.60 34.15
CA UNK QA 58 -8.13 108.45 33.77
C UNK QA 58 -9.02 108.58 35.00
N UNK QA 59 -10.33 108.47 34.78
CA UNK QA 59 -11.34 108.56 35.83
C UNK QA 59 -12.34 107.44 35.60
N UNK QA 60 -12.13 106.31 36.28
CA UNK QA 60 -13.02 105.16 36.16
C UNK QA 60 -13.31 104.55 37.53
N UNK QA 61 -14.99 100.82 42.80
CA UNK QA 61 -15.23 99.55 42.15
C UNK QA 61 -14.72 99.56 40.71
N UNK QA 62 -13.45 99.18 40.54
CA UNK QA 62 -12.83 99.15 39.22
C UNK QA 62 -12.01 97.88 39.00
N UNK QA 63 -12.36 96.80 39.70
CA UNK QA 63 -11.66 95.52 39.57
C UNK QA 63 -10.19 95.65 39.94
N UNK QA 64 -9.95 96.07 41.18
CA UNK QA 64 -8.59 96.21 41.69
C UNK QA 64 -8.06 94.85 42.13
N UNK QA 65 -6.90 94.83 42.79
CA UNK QA 65 -6.28 93.61 43.26
C UNK QA 65 -6.03 92.63 42.10
N UNK QA 66 -5.16 93.04 41.19
CA UNK QA 66 -4.84 92.27 40.01
C UNK QA 66 -3.38 92.51 39.64
N UNK QA 67 -3.01 92.12 38.43
CA UNK QA 67 -1.63 92.25 37.96
C UNK QA 67 -1.31 93.72 37.71
N UNK QA 68 -0.11 93.98 37.20
CA UNK QA 68 0.36 95.34 36.93
C UNK QA 68 1.61 95.22 36.06
N UNK QA 69 2.30 96.35 35.86
CA UNK QA 69 3.51 96.36 35.06
C UNK QA 69 3.19 96.22 33.57
N UNK QA 70 2.02 96.69 33.16
CA UNK QA 70 1.63 96.67 31.76
C UNK QA 70 1.73 98.03 31.10
N UNK QA 71 2.09 99.07 31.85
CA UNK QA 71 2.25 100.41 31.30
C UNK QA 71 0.90 101.07 31.01
N UNK QA 72 -0.19 100.32 31.18
CA UNK QA 72 -1.53 100.84 30.98
C UNK QA 72 -2.37 100.79 32.23
N UNK QA 73 -2.50 99.61 32.85
CA UNK QA 73 -3.31 99.43 34.04
C UNK QA 73 -3.15 97.99 34.49
N UNK QA 74 -3.75 97.67 35.64
CA UNK QA 74 -3.70 96.32 36.22
C UNK QA 74 -5.12 95.97 36.70
N UNK QA 75 -5.91 95.38 35.80
CA UNK QA 75 -7.27 94.95 36.10
C UNK QA 75 -7.46 93.56 35.51
N UNK QA 76 -7.15 92.53 36.31
CA UNK QA 76 -7.28 91.15 35.87
C UNK QA 76 -7.55 90.27 37.09
N UNK QA 77 -7.64 88.97 36.84
CA UNK QA 77 -7.89 87.99 37.90
C UNK QA 77 -7.32 86.65 37.46
N UNK QA 78 -7.65 85.60 38.22
CA UNK QA 78 -7.18 84.25 37.93
C UNK QA 78 -8.10 83.50 36.97
N UNK QA 79 -9.00 84.20 36.29
CA UNK QA 79 -9.93 83.57 35.36
C UNK QA 79 -10.25 84.56 34.26
N UNK QA 80 -11.29 84.24 33.47
CA UNK QA 80 -11.70 85.11 32.38
C UNK QA 80 -12.76 86.10 32.83
N UNK QA 81 -14.28 87.45 36.01
CA UNK QA 81 -13.54 88.57 36.57
C UNK QA 81 -13.54 89.76 35.61
N UNK QA 82 -13.43 90.97 36.17
CA UNK QA 82 -13.41 92.16 35.35
C UNK QA 82 -12.10 92.27 34.58
N UNK QA 83 -12.04 93.27 33.69
CA UNK QA 83 -10.85 93.50 32.87
C UNK QA 83 -10.71 95.00 32.68
N UNK QA 84 -9.87 95.62 33.51
CA UNK QA 84 -9.62 97.06 33.47
C UNK QA 84 -8.18 97.27 33.04
N UNK QA 85 -7.98 97.44 31.73
CA UNK QA 85 -6.65 97.64 31.14
C UNK QA 85 -6.77 98.76 30.11
N UNK QA 86 -6.47 99.99 30.53
CA UNK QA 86 -6.53 101.17 29.68
C UNK QA 86 -5.17 101.83 29.68
N UNK QA 87 -4.59 101.99 28.49
CA UNK QA 87 -3.26 102.58 28.36
C UNK QA 87 -3.34 104.09 28.57
N UNK QA 88 -2.21 104.76 28.36
CA UNK QA 88 -2.15 106.21 28.54
C UNK QA 88 -2.94 106.92 27.45
N UNK QA 89 -2.56 106.70 26.18
CA UNK QA 89 -3.23 107.32 25.05
C UNK QA 89 -4.54 106.59 24.73
N UNK QA 90 -5.43 106.58 25.70
CA UNK QA 90 -6.73 105.93 25.58
C UNK QA 90 -7.60 106.42 26.73
N UNK QA 91 -8.79 105.84 26.86
CA UNK QA 91 -9.73 106.18 27.92
C UNK QA 91 -10.07 104.94 28.73
N UNK QA 92 -10.89 105.14 29.77
CA UNK QA 92 -11.29 104.04 30.62
C UNK QA 92 -12.20 103.07 29.85
N UNK QA 93 -12.44 101.91 30.46
CA UNK QA 93 -13.29 100.85 29.91
C UNK QA 93 -12.70 100.18 28.68
N UNK QA 94 -11.45 100.50 28.33
CA UNK QA 94 -10.81 99.90 27.16
C UNK QA 94 -10.56 98.42 27.43
N UNK QA 95 -11.34 97.56 26.79
CA UNK QA 95 -11.19 96.12 26.96
C UNK QA 95 -12.39 95.54 27.71
N UNK QA 96 -9.54 90.91 23.98
CA UNK QA 96 -10.52 90.86 25.05
C UNK QA 96 -11.32 89.58 25.02
N UNK QA 97 -10.79 88.53 25.62
CA UNK QA 97 -11.45 87.22 25.67
C UNK QA 97 -11.66 86.84 27.13
N UNK QA 98 -12.89 86.46 27.47
CA UNK QA 98 -13.22 86.06 28.83
C UNK QA 98 -12.66 84.67 29.14
N UNK QA 99 -6.40 80.31 32.68
CA UNK QA 99 -5.05 80.81 32.98
C UNK QA 99 -4.88 82.24 32.51
N UNK QA 100 -4.94 83.18 33.46
CA UNK QA 100 -4.80 84.59 33.14
C UNK QA 100 -3.92 85.31 34.16
N UNK QA 101 -3.00 84.58 34.79
CA UNK QA 101 -2.09 85.14 35.78
C UNK QA 101 -0.64 85.11 35.33
N UNK QA 102 -0.39 85.02 34.02
CA UNK QA 102 0.96 84.98 33.49
C UNK QA 102 1.51 86.40 33.32
N UNK QA 103 2.70 86.49 32.75
CA UNK QA 103 3.34 87.78 32.52
C UNK QA 103 4.56 87.56 31.63
N UNK QA 104 4.84 88.56 30.79
CA UNK QA 104 5.97 88.51 29.88
C UNK QA 104 6.05 89.85 29.16
N UNK QA 105 7.18 90.10 28.50
CA UNK QA 105 7.39 91.34 27.78
C UNK QA 105 8.05 91.15 26.42
N UNK QA 106 8.21 89.91 25.96
CA UNK QA 106 8.84 89.62 24.68
C UNK QA 106 7.82 88.99 23.73
N UNK QA 107 8.04 89.19 22.44
CA UNK QA 107 7.21 88.68 21.35
C UNK QA 107 5.89 89.42 21.19
N UNK QA 108 5.58 90.38 22.05
CA UNK QA 108 4.34 91.13 21.96
C UNK QA 108 4.36 92.21 23.03
N UNK QA 109 3.52 93.23 22.83
CA UNK QA 109 3.40 94.35 23.76
C UNK QA 109 2.42 93.97 24.85
N UNK QA 110 2.92 93.73 26.06
CA UNK QA 110 2.09 93.36 27.20
C UNK QA 110 1.28 92.08 26.91
N UNK QA 111 2.02 91.00 26.67
CA UNK QA 111 1.37 89.72 26.38
C UNK QA 111 0.41 89.31 27.49
N UNK QA 112 0.76 89.61 28.74
CA UNK QA 112 -0.06 89.28 29.89
C UNK QA 112 -0.34 87.78 29.97
N UNK QA 113 0.75 87.00 30.10
CA UNK QA 113 0.67 85.54 30.18
C UNK QA 113 0.24 84.93 28.85
N UNK QA 114 0.67 85.54 27.75
CA UNK QA 114 0.35 85.04 26.42
C UNK QA 114 1.02 83.71 26.14
N UNK QA 115 -5.01 77.45 27.14
CA UNK QA 115 -3.83 78.18 26.72
C UNK QA 115 -4.21 79.33 25.79
N UNK QA 116 -4.10 80.56 26.29
CA UNK QA 116 -4.43 81.75 25.52
C UNK QA 116 -3.94 82.97 26.28
N UNK QA 117 -3.88 84.09 25.57
CA UNK QA 117 -3.43 85.35 26.16
C UNK QA 117 -3.78 86.48 25.20
N UNK QA 118 -3.87 87.68 25.75
CA UNK QA 118 -4.20 88.87 24.98
C UNK QA 118 -3.30 90.01 25.42
N UNK QA 119 -2.96 90.88 24.46
CA UNK QA 119 -2.09 92.02 24.74
C UNK QA 119 -2.67 93.29 24.14
N UNK QA 120 -1.90 94.39 24.20
CA UNK QA 120 -2.36 95.66 23.65
C UNK QA 120 -2.35 95.71 22.13
N UNK QA 121 -1.95 94.64 21.46
CA UNK QA 121 -1.91 94.62 20.01
C UNK QA 121 -3.29 94.70 19.38
N UNK QA 122 -4.36 94.62 20.17
CA UNK QA 122 -5.76 94.69 19.73
C UNK QA 122 -6.24 93.41 19.06
N UNK QA 123 -5.39 92.40 18.88
CA UNK QA 123 -5.79 91.15 18.24
C UNK QA 123 -4.90 90.05 18.79
N UNK QA 124 -5.46 89.19 19.65
CA UNK QA 124 -4.70 88.10 20.23
C UNK QA 124 -5.47 86.79 20.27
N UNK QA 125 -6.68 86.73 19.71
CA UNK QA 125 -7.47 85.51 19.71
C UNK QA 125 -6.91 84.50 18.72
N UNK QA 126 0.35 77.19 23.41
CA UNK QA 126 1.62 77.10 22.70
C UNK QA 126 2.76 77.66 23.54
N UNK QA 127 2.42 78.16 24.73
CA UNK QA 127 3.42 78.72 25.64
C UNK QA 127 3.92 77.69 26.64
N UNK QA 128 3.03 77.02 27.34
CA UNK QA 128 3.39 76.01 28.32
C UNK QA 128 2.44 74.82 28.20
N UNK QA 129 2.86 73.69 28.75
CA UNK QA 129 2.03 72.49 28.74
C UNK QA 129 0.66 72.79 29.33
N UNK QA 130 -0.35 72.07 28.82
CA UNK QA 130 -1.73 72.25 29.27
C UNK QA 130 -1.91 71.58 30.63
N UNK QA 131 -1.28 72.18 31.64
CA UNK QA 131 -1.33 71.70 33.01
C UNK QA 131 -1.66 72.89 33.91
N UNK QA 132 -2.95 73.08 34.20
CA UNK QA 132 -3.40 74.19 35.05
C UNK QA 132 -3.15 73.85 36.52
N UNK QA 133 -1.87 73.89 36.88
CA UNK QA 133 -1.45 73.61 38.25
C UNK QA 133 -0.37 74.58 38.73
N UNK QA 134 -0.33 75.78 38.15
CA UNK QA 134 0.66 76.78 38.53
C UNK QA 134 0.04 78.16 38.39
N UNK QA 135 0.39 79.06 39.30
CA UNK QA 135 -0.10 80.43 39.30
C UNK QA 135 1.05 81.42 39.36
N UNK QA 136 2.15 81.11 38.66
CA UNK QA 136 3.31 81.99 38.64
C UNK QA 136 4.13 81.65 37.40
N UNK QA 137 4.26 82.61 36.49
CA UNK QA 137 5.01 82.43 35.26
C UNK QA 137 6.22 83.36 35.24
N UNK QA 138 7.22 82.98 34.46
CA UNK QA 138 8.45 83.76 34.34
C UNK QA 138 9.15 83.34 33.06
N UNK QA 139 9.41 84.29 32.17
CA UNK QA 139 10.08 84.02 30.91
C UNK QA 139 11.59 84.04 31.12
N UNK QA 140 12.28 83.14 30.42
CA UNK QA 140 13.74 83.04 30.50
C UNK QA 140 14.43 83.41 29.19
N UNK QA 141 14.04 82.79 28.09
CA UNK QA 141 14.64 83.08 26.79
C UNK QA 141 13.64 83.33 25.67
N UNK QA 142 12.39 82.89 25.80
CA UNK QA 142 11.38 83.10 24.77
C UNK QA 142 10.96 84.57 24.78
N UNK QA 143 11.49 85.35 23.85
CA UNK QA 143 11.18 86.77 23.77
C UNK QA 143 12.43 87.62 23.95
N UNK QA 144 6.57 79.14 25.63
CA UNK QA 144 7.14 79.78 26.82
C UNK QA 144 8.57 80.24 26.55
N UNK QA 145 9.26 79.56 25.63
CA UNK QA 145 10.62 79.89 25.27
C UNK QA 145 11.56 79.84 26.48
N UNK QA 146 11.64 78.66 27.08
CA UNK QA 146 12.47 78.42 28.26
C UNK QA 146 12.05 79.33 29.42
N UNK QA 147 10.79 79.17 29.82
CA UNK QA 147 10.21 79.95 30.91
C UNK QA 147 10.01 79.07 32.13
N UNK QA 148 9.86 79.73 33.28
CA UNK QA 148 9.68 79.05 34.55
C UNK QA 148 8.22 79.10 34.98
N UNK QA 149 7.86 78.24 35.93
CA UNK QA 149 6.51 78.16 36.43
C UNK QA 149 6.55 77.81 37.90
N UNK QA 150 5.72 78.48 38.69
CA UNK QA 150 5.64 78.27 40.14
C UNK QA 150 4.48 77.32 40.42
N UNK QA 151 4.80 76.09 40.80
CA UNK QA 151 3.77 75.11 41.09
C UNK QA 151 3.04 75.45 42.38
N UNK QA 152 1.76 75.11 42.44
CA UNK QA 152 0.92 75.39 43.60
C UNK QA 152 1.19 74.46 44.77
N UNK QA 153 2.20 73.60 44.71
CA UNK QA 153 2.51 72.67 45.80
C UNK QA 153 3.97 72.81 46.24
N UNK QA 154 4.55 73.99 46.07
CA UNK QA 154 5.93 74.22 46.46
C UNK QA 154 6.89 73.61 45.45
N UNK QA 155 6.35 72.93 44.43
CA UNK QA 155 7.19 72.31 43.41
C UNK QA 155 7.81 73.37 42.51
N UNK QA 156 9.04 73.12 42.06
CA UNK QA 156 9.79 74.00 41.18
C UNK QA 156 9.86 73.32 39.81
N UNK QA 157 8.86 73.56 38.99
CA UNK QA 157 8.80 72.94 37.67
C UNK QA 157 9.80 73.61 36.73
N UNK QA 158 10.66 72.81 36.11
CA UNK QA 158 11.66 73.31 35.16
C UNK QA 158 11.05 73.34 33.76
N UNK QA 159 10.19 74.34 33.55
CA UNK QA 159 9.50 74.49 32.27
C UNK QA 159 10.48 74.65 31.12
N UNK QA 160 10.54 73.65 30.24
CA UNK QA 160 11.41 73.69 29.08
C UNK QA 160 10.73 74.46 27.95
N UNK QA 161 11.32 74.40 26.75
CA UNK QA 161 10.75 75.05 25.57
C UNK QA 161 9.59 74.21 25.07
N UNK QA 162 8.45 74.34 25.77
CA UNK QA 162 7.22 73.61 25.51
C UNK QA 162 7.26 72.16 25.99
N UNK QA 163 8.38 71.68 26.50
CA UNK QA 163 8.51 70.31 26.99
C UNK QA 163 9.16 70.38 28.38
N UNK QA 164 8.35 70.21 29.42
CA UNK QA 164 8.85 70.26 30.78
C UNK QA 164 9.68 69.01 31.06
N UNK QA 165 10.97 69.20 31.35
CA UNK QA 165 11.88 68.09 31.62
C UNK QA 165 12.76 68.40 32.83
N UNK QA 166 12.15 68.93 33.89
CA UNK QA 166 12.89 69.27 35.10
C UNK QA 166 11.89 69.62 36.20
N UNK QA 167 12.32 69.41 37.44
CA UNK QA 167 11.48 69.70 38.59
C UNK QA 167 12.37 70.09 39.76
N UNK QA 168 11.73 70.55 40.83
CA UNK QA 168 12.45 70.97 42.03
C UNK QA 168 11.45 71.12 43.17
N UNK QA 169 11.87 70.77 44.37
CA UNK QA 169 11.02 70.87 45.55
C UNK QA 169 11.03 72.31 46.07
N UNK QA 170 10.46 72.52 47.25
CA UNK QA 170 10.40 73.83 47.87
C UNK QA 170 10.18 73.65 49.37
N UNK QA 171 9.95 74.76 50.07
CA UNK QA 171 9.74 74.75 51.51
C UNK QA 171 8.30 75.02 51.91
N UNK QA 172 7.61 75.93 51.23
CA UNK QA 172 6.23 76.27 51.55
C UNK QA 172 5.52 76.67 50.27
N UNK QA 173 4.27 77.10 50.42
CA UNK QA 173 3.48 77.52 49.28
C UNK QA 173 4.19 78.65 48.52
N UNK QA 174 4.02 78.64 47.20
CA UNK QA 174 4.65 79.64 46.34
C UNK QA 174 3.75 80.85 46.19
N UNK QA 175 4.36 82.03 46.27
CA UNK QA 175 3.64 83.29 46.14
C UNK QA 175 4.21 84.23 45.08
N UNK QA 176 5.53 84.18 44.84
CA UNK QA 176 6.14 85.04 43.83
C UNK QA 176 7.41 84.36 43.36
N UNK QA 177 7.54 84.18 42.04
CA UNK QA 177 8.70 83.52 41.44
C UNK QA 177 9.33 84.49 40.44
N UNK QA 178 10.32 85.25 40.91
CA UNK QA 178 11.01 86.19 40.04
C UNK QA 178 11.90 85.44 39.05
N UNK QA 179 12.62 86.21 38.23
CA UNK QA 179 13.52 85.66 37.22
C UNK QA 179 14.76 86.54 37.17
N UNK QA 180 15.80 86.14 37.91
CA UNK QA 180 17.06 86.87 37.95
C UNK QA 180 18.08 86.19 37.06
N UNK QA 181 18.82 87.00 36.29
CA UNK QA 181 19.83 86.46 35.39
C UNK QA 181 21.11 86.12 36.15
N UNK QA 182 21.58 87.04 36.99
CA UNK QA 182 22.80 86.81 37.76
C UNK QA 182 24.04 86.79 36.86
N UNK QA 183 28.49 85.83 36.46
CA UNK QA 183 28.26 84.55 37.14
C UNK QA 183 28.10 83.42 36.14
N UNK QA 184 27.32 83.66 35.09
CA UNK QA 184 27.05 82.71 34.02
C UNK QA 184 26.04 81.64 34.40
N UNK QA 185 25.39 81.76 35.56
CA UNK QA 185 24.41 80.79 36.03
C UNK QA 185 23.17 81.55 36.49
N UNK QA 186 22.06 81.35 35.81
CA UNK QA 186 20.82 82.02 36.17
C UNK QA 186 20.39 81.62 37.58
N UNK QA 187 19.58 82.47 38.20
CA UNK QA 187 19.06 82.25 39.54
C UNK QA 187 17.56 81.98 39.47
N UNK QA 188 16.96 81.82 40.65
CA UNK QA 188 15.53 81.55 40.76
C UNK QA 188 15.04 82.17 42.06
N UNK QA 189 14.43 83.36 41.95
CA UNK QA 189 13.91 84.08 43.12
C UNK QA 189 12.60 83.44 43.56
N UNK QA 190 12.72 82.27 44.17
CA UNK QA 190 11.56 81.51 44.66
C UNK QA 190 11.07 82.15 45.94
N UNK QA 191 10.25 83.19 45.78
CA UNK QA 191 9.68 83.92 46.91
C UNK QA 191 8.63 83.04 47.59
N UNK QA 192 8.96 82.55 48.79
CA UNK QA 192 8.04 81.69 49.52
C UNK QA 192 6.84 82.50 50.01
N UNK QA 193 5.92 81.81 50.68
CA UNK QA 193 4.72 82.47 51.20
C UNK QA 193 5.08 83.58 52.17
N UNK QA 194 5.76 83.22 53.27
CA UNK QA 194 6.18 84.19 54.29
C UNK QA 194 7.57 83.81 54.76
N UNK QA 195 8.52 84.73 54.61
CA UNK QA 195 9.91 84.50 55.01
C UNK QA 195 10.48 83.24 54.38
N UNK QA 196 10.51 83.24 53.04
CA UNK QA 196 11.05 82.12 52.29
C UNK QA 196 11.68 82.65 51.01
N UNK QA 197 12.75 81.98 50.59
CA UNK QA 197 13.47 82.37 49.36
C UNK QA 197 14.23 81.16 48.87
N UNK QA 198 13.83 80.63 47.72
CA UNK QA 198 14.49 79.47 47.14
C UNK QA 198 15.60 79.92 46.18
N UNK QA 199 16.17 78.98 45.45
CA UNK QA 199 17.24 79.29 44.51
C UNK QA 199 17.33 78.16 43.49
N UNK QA 200 18.06 78.43 42.40
CA UNK QA 200 18.25 77.45 41.35
C UNK QA 200 19.32 77.97 40.40
N UNK QA 201 20.16 77.05 39.91
CA UNK QA 201 21.24 77.38 38.98
C UNK QA 201 21.12 76.44 37.78
N UNK QA 202 20.34 76.86 36.79
CA UNK QA 202 20.12 76.07 35.57
C UNK QA 202 19.69 74.64 35.90
N UNK QA 203 18.57 74.54 36.63
CA UNK QA 203 18.00 73.26 37.04
C UNK QA 203 18.80 72.58 38.15
N UNK QA 204 19.56 73.34 38.93
CA UNK QA 204 20.36 72.80 40.01
C UNK QA 204 19.62 73.07 41.32
N UNK QA 205 18.91 72.06 41.82
CA UNK QA 205 18.15 72.17 43.05
C UNK QA 205 19.11 72.06 44.23
N UNK QA 206 19.79 73.18 44.51
CA UNK QA 206 20.74 73.22 45.61
C UNK QA 206 20.01 73.26 46.95
N UNK QA 207 20.77 73.38 48.03
CA UNK QA 207 20.22 73.42 49.37
C UNK QA 207 20.71 74.62 50.17
N UNK QA 208 21.17 75.67 49.50
CA UNK QA 208 21.65 76.88 50.16
C UNK QA 208 20.48 77.85 50.40
N UNK QA 209 19.44 77.34 51.05
CA UNK QA 209 18.23 78.11 51.32
C UNK QA 209 18.38 78.90 52.63
N UNK QA 210 19.43 79.70 52.68
CA UNK QA 210 19.68 80.58 53.83
C UNK QA 210 18.93 81.90 53.67
N UNK QA 211 17.61 81.79 53.61
CA UNK QA 211 16.72 82.93 53.38
C UNK QA 211 15.92 83.18 54.65
N UNK QA 212 16.16 84.34 55.27
CA UNK QA 212 15.41 84.74 56.45
C UNK QA 212 14.04 85.26 56.04
N UNK QA 213 13.35 85.95 56.94
CA UNK QA 213 12.04 86.49 56.64
C UNK QA 213 12.10 87.37 55.39
N UNK QA 214 12.87 88.45 55.44
CA UNK QA 214 13.12 89.32 54.29
C UNK QA 214 11.84 89.60 53.52
N UNK QA 215 10.90 90.25 54.20
CA UNK QA 215 9.61 90.57 53.60
C UNK QA 215 9.71 91.82 52.73
N UNK QA 216 10.67 91.82 51.79
CA UNK QA 216 10.84 92.94 50.87
C UNK QA 216 11.56 92.39 49.64
N UNK QA 217 10.81 92.18 48.56
CA UNK QA 217 11.36 91.62 47.33
C UNK QA 217 11.70 92.76 46.38
N UNK QA 218 12.99 92.91 46.09
CA UNK QA 218 13.46 93.95 45.16
C UNK QA 218 13.83 93.35 43.80
N UNK QA 219 14.79 92.43 43.77
CA UNK QA 219 15.23 91.79 42.53
C UNK QA 219 15.62 92.81 41.47
N UNK QA 220 16.08 93.98 41.89
CA UNK QA 220 16.46 95.07 40.99
C UNK QA 220 17.96 95.22 40.84
N UNK QA 221 18.71 94.13 40.89
CA UNK QA 221 20.16 94.18 40.74
C UNK QA 221 20.70 92.76 40.76
N UNK QA 222 21.91 92.60 40.23
CA UNK QA 222 22.55 91.29 40.21
C UNK QA 222 22.82 90.80 41.64
N UNK QA 223 23.40 91.67 42.47
CA UNK QA 223 23.66 91.30 43.85
C UNK QA 223 22.35 90.94 44.56
N UNK QA 224 22.40 89.90 45.39
CA UNK QA 224 21.22 89.41 46.09
C UNK QA 224 20.88 90.32 47.28
N UNK QA 225 20.59 91.57 46.95
CA UNK QA 225 20.20 92.57 47.95
C UNK QA 225 18.76 92.29 48.35
N UNK QA 226 18.60 91.43 49.36
CA UNK QA 226 17.26 91.05 49.82
C UNK QA 226 16.44 92.28 50.17
N UNK QA 227 16.95 93.12 51.08
CA UNK QA 227 16.24 94.31 51.53
C UNK QA 227 14.85 93.97 52.06
N UNK QA 228 14.79 92.92 52.88
CA UNK QA 228 13.55 92.45 53.46
C UNK QA 228 13.43 92.93 54.90
N UNK QA 229 12.41 92.43 55.62
CA UNK QA 229 12.22 92.81 57.01
C UNK QA 229 13.49 92.63 57.82
N UNK QA 230 14.31 91.63 57.48
CA UNK QA 230 15.59 91.40 58.13
C UNK QA 230 16.71 91.70 57.14
N UNK QA 231 17.92 91.89 57.67
CA UNK QA 231 19.09 92.20 56.87
C UNK QA 231 18.86 93.47 56.04
N UNK QA 232 18.73 94.60 56.75
CA UNK QA 232 18.47 95.87 56.11
C UNK QA 232 19.38 96.11 54.91
N UNK QA 233 20.62 95.62 54.98
CA UNK QA 233 21.54 95.73 53.85
C UNK QA 233 21.40 94.56 52.88
N UNK QA 234 21.54 93.34 53.38
CA UNK QA 234 21.38 92.13 52.57
C UNK QA 234 22.25 92.18 51.32
N UNK QA 235 23.41 92.81 51.41
CA UNK QA 235 24.33 92.88 50.28
C UNK QA 235 25.13 91.58 50.17
N UNK QA 236 25.56 91.27 48.95
CA UNK QA 236 26.35 90.07 48.70
C UNK QA 236 26.72 90.05 47.24
N UNK QA 237 27.77 89.28 46.93
CA UNK QA 237 28.24 89.08 45.57
C UNK QA 237 27.66 87.80 45.00
N UNK QA 238 28.16 87.38 43.83
CA UNK QA 238 27.70 86.13 43.22
C UNK QA 238 27.83 84.97 44.21
N UNK QA 239 28.97 84.89 44.90
CA UNK QA 239 29.21 83.85 45.90
C UNK QA 239 29.73 84.37 47.22
N UNK QA 240 30.28 85.58 47.29
CA UNK QA 240 30.82 86.13 48.52
C UNK QA 240 30.47 87.62 48.57
N UNK QA 241 29.74 88.02 49.60
CA UNK QA 241 29.34 89.42 49.77
C UNK QA 241 28.78 89.57 51.19
N UNK QA 242 28.40 90.80 51.53
CA UNK QA 242 27.86 91.11 52.85
C UNK QA 242 27.21 92.48 52.78
N UNK QA 243 26.46 92.80 53.82
CA UNK QA 243 25.75 94.08 53.91
C UNK QA 243 25.25 94.25 55.33
N UNK QA 244 24.66 95.41 55.60
CA UNK QA 244 24.12 95.71 56.92
C UNK QA 244 23.19 96.90 56.80
N UNK QA 245 22.07 96.84 57.52
CA UNK QA 245 21.09 97.92 57.52
C UNK QA 245 20.31 97.85 58.82
N UNK QA 246 19.44 98.84 59.03
CA UNK QA 246 18.61 98.95 60.23
C UNK QA 246 17.15 98.96 59.80
N UNK QA 247 16.57 97.77 59.68
CA UNK QA 247 15.16 97.62 59.32
C UNK QA 247 14.50 96.49 60.10
N UNK QA 248 14.96 96.24 61.33
CA UNK QA 248 14.45 95.11 62.09
C UNK QA 248 12.98 95.31 62.48
N UNK QA 249 12.66 96.44 63.10
CA UNK QA 249 11.30 96.68 63.59
C UNK QA 249 10.43 97.31 62.52
N UNK QA 250 10.79 98.50 62.04
CA UNK QA 250 10.00 99.20 61.04
C UNK QA 250 10.76 100.43 60.59
N UNK QA 251 10.54 100.82 59.34
CA UNK QA 251 11.16 102.00 58.75
C UNK QA 251 10.16 103.12 58.47
N UNK QA 252 9.09 102.82 57.74
CA UNK QA 252 8.06 103.81 57.44
C UNK QA 252 6.87 103.09 56.83
N UNK QA 253 5.67 103.55 57.18
CA UNK QA 253 4.46 102.94 56.64
C UNK QA 253 4.30 103.29 55.16
N UNK QA 254 3.51 102.48 54.47
CA UNK QA 254 3.25 102.67 53.05
C UNK QA 254 4.52 102.58 52.21
N UNK QA 255 5.52 101.86 52.72
CA UNK QA 255 6.79 101.74 52.00
C UNK QA 255 6.59 101.01 50.69
N UNK QA 256 7.57 101.17 49.80
CA UNK QA 256 7.54 100.53 48.49
C UNK QA 256 8.98 100.32 48.03
N UNK QA 257 9.16 99.97 46.75
CA UNK QA 257 10.47 99.74 46.20
C UNK QA 257 10.33 99.56 44.69
N UNK QA 258 11.47 99.58 44.01
CA UNK QA 258 11.54 99.41 42.56
C UNK QA 258 12.99 99.11 42.20
N UNK QA 259 13.28 99.11 40.89
CA UNK QA 259 14.64 98.85 40.42
C UNK QA 259 14.86 99.68 39.17
N UNK QA 260 15.39 100.89 39.34
CA UNK QA 260 15.71 101.78 38.23
C UNK QA 260 17.19 102.10 38.15
N UNK QA 261 17.79 102.56 39.24
CA UNK QA 261 19.23 102.87 39.26
C UNK QA 261 19.69 102.70 40.72
N UNK QA 262 20.31 101.56 41.01
CA UNK QA 262 20.81 101.20 42.33
C UNK QA 262 19.70 100.75 43.28
N UNK QA 263 18.49 100.53 42.78
CA UNK QA 263 17.37 100.11 43.62
C UNK QA 263 17.09 101.12 44.73
N UNK QA 264 17.25 102.40 44.43
CA UNK QA 264 17.00 103.46 45.40
C UNK QA 264 15.57 104.00 45.33
N UNK QA 265 14.78 103.57 44.36
CA UNK QA 265 13.41 104.07 44.24
C UNK QA 265 12.60 103.66 45.45
N UNK QA 266 11.97 104.64 46.10
CA UNK QA 266 11.14 104.40 47.27
C UNK QA 266 9.91 105.30 47.20
N UNK QA 267 9.08 105.23 48.23
CA UNK QA 267 7.88 106.06 48.29
C UNK QA 267 7.37 106.05 49.72
N UNK QA 268 7.20 107.23 50.29
CA UNK QA 268 6.69 107.37 51.66
C UNK QA 268 5.47 108.26 51.76
N UNK QA 269 5.40 109.32 50.95
CA UNK QA 269 4.27 110.24 50.98
C UNK QA 269 3.94 110.63 49.54
N UNK QA 270 3.09 111.64 49.39
CA UNK QA 270 2.70 112.12 48.07
C UNK QA 270 3.90 112.76 47.39
N UNK QA 271 4.46 112.07 46.39
CA UNK QA 271 5.64 112.54 45.67
C UNK QA 271 6.90 112.56 46.53
N UNK QA 272 6.95 111.68 47.53
CA UNK QA 272 8.09 111.57 48.43
C UNK QA 272 8.92 110.34 48.06
N UNK QA 273 9.89 110.02 48.90
CA UNK QA 273 10.75 108.84 48.70
C UNK QA 273 11.52 108.94 47.38
N UNK QA 274 12.43 109.90 47.33
CA UNK QA 274 13.27 110.11 46.15
C UNK QA 274 14.21 108.93 45.94
N UNK QA 275 14.95 108.94 44.84
CA UNK QA 275 15.87 107.85 44.53
C UNK QA 275 17.01 107.78 45.53
N UNK QA 276 17.01 106.75 46.37
CA UNK QA 276 18.05 106.55 47.37
C UNK QA 276 19.15 105.63 46.84
N UNK QA 277 19.83 106.11 45.80
CA UNK QA 277 20.89 105.35 45.15
C UNK QA 277 22.12 105.37 46.05
N UNK QA 278 22.28 104.32 46.86
CA UNK QA 278 23.42 104.21 47.76
C UNK QA 278 23.56 102.76 48.19
N UNK QA 279 24.81 102.32 48.32
CA UNK QA 279 25.08 100.94 48.73
C UNK QA 279 24.92 100.77 50.23
N UNK RA 1 9.13 113.38 3.44
CA UNK RA 1 9.75 114.57 3.99
C UNK RA 1 10.90 114.20 4.94
N UNK RA 2 10.56 113.93 6.19
CA UNK RA 2 11.54 113.57 7.20
C UNK RA 2 10.79 113.21 8.47
N UNK RA 3 11.49 112.48 9.36
CA UNK RA 3 10.87 112.07 10.61
C UNK RA 3 10.52 113.29 11.45
N UNK RA 4 9.42 113.17 12.21
CA UNK RA 4 8.94 114.23 13.08
C UNK RA 4 9.31 114.02 14.54
N UNK RA 5 10.47 113.40 14.80
CA UNK RA 5 10.90 113.15 16.17
C UNK RA 5 11.05 114.47 16.91
N UNK RA 6 10.41 114.56 18.07
CA UNK RA 6 10.48 115.78 18.88
C UNK RA 6 11.92 116.03 19.31
N UNK RA 7 12.34 117.29 19.23
CA UNK RA 7 13.70 117.69 19.61
C UNK RA 7 13.82 117.73 21.14
N UNK RA 8 13.85 116.55 21.72
CA UNK RA 8 13.97 116.39 23.17
C UNK RA 8 14.99 115.32 23.51
N UNK RA 9 16.13 115.33 22.81
CA UNK RA 9 17.19 114.35 23.03
C UNK RA 9 18.20 114.87 24.06
N UNK RA 10 17.69 115.10 25.28
CA UNK RA 10 18.50 115.59 26.38
C UNK RA 10 18.22 114.76 27.62
N UNK RA 11 19.21 114.73 28.52
CA UNK RA 11 19.09 113.97 29.76
C UNK RA 11 19.99 114.60 30.81
N UNK RA 12 19.64 114.40 32.08
CA UNK RA 12 20.40 114.95 33.18
C UNK RA 12 21.70 114.19 33.45
N UNK RA 13 21.97 113.12 32.70
CA UNK RA 13 23.19 112.33 32.88
C UNK RA 13 24.29 112.69 31.89
N UNK RA 14 24.35 113.97 31.49
CA UNK RA 14 25.36 114.43 30.53
C UNK RA 14 26.69 114.68 31.23
N UNK RA 15 27.20 113.63 31.87
CA UNK RA 15 28.48 113.68 32.57
C UNK RA 15 29.32 112.45 32.26
N UNK RA 16 29.24 111.97 31.02
CA UNK RA 16 29.99 110.80 30.60
C UNK RA 16 30.08 110.81 29.09
N UNK RA 17 31.30 110.87 28.56
CA UNK RA 17 31.51 110.90 27.11
C UNK RA 17 32.90 110.35 26.82
N UNK RA 18 32.95 109.24 26.10
CA UNK RA 18 34.22 108.60 25.75
C UNK RA 18 34.04 107.91 24.40
N UNK RA 19 35.01 107.06 24.05
CA UNK RA 19 34.96 106.33 22.79
C UNK RA 19 33.77 105.38 22.79
N UNK RA 20 32.86 105.57 21.84
CA UNK RA 20 31.68 104.72 21.76
C UNK RA 20 32.03 103.26 21.50
N UNK RA 21 33.21 102.99 20.94
CA UNK RA 21 33.63 101.62 20.68
C UNK RA 21 34.03 100.85 21.92
N UNK RA 22 33.92 101.46 23.11
CA UNK RA 22 34.29 100.76 24.33
C UNK RA 22 33.48 99.49 24.53
N UNK RA 23 32.24 99.48 24.04
CA UNK RA 23 31.37 98.31 24.16
C UNK RA 23 30.16 98.51 23.25
N UNK RA 24 29.29 97.51 23.21
CA UNK RA 24 28.10 97.55 22.38
C UNK RA 24 26.95 96.93 23.16
N UNK RA 25 25.84 96.66 22.47
CA UNK RA 25 24.65 96.06 23.08
C UNK RA 25 24.89 94.56 23.29
N UNK RA 26 25.79 94.27 24.21
CA UNK RA 26 26.11 92.88 24.53
C UNK RA 26 25.08 92.29 25.48
N UNK RA 27 25.18 90.98 25.69
CA UNK RA 27 24.26 90.27 26.57
C UNK RA 27 24.60 90.53 28.04
N UNK RA 28 18.54 92.64 28.91
CA UNK RA 28 19.56 93.04 27.95
C UNK RA 28 19.78 94.54 27.95
N UNK RA 29 21.02 94.95 28.17
CA UNK RA 29 21.40 96.36 28.21
C UNK RA 29 22.52 96.61 27.20
N UNK RA 30 22.37 97.67 26.41
CA UNK RA 30 23.35 98.03 25.40
C UNK RA 30 24.44 98.86 26.06
N UNK RA 31 25.50 98.19 26.50
CA UNK RA 31 26.60 98.88 27.16
C UNK RA 31 27.44 99.64 26.14
N UNK RA 32 27.96 100.79 26.57
CA UNK RA 32 28.79 101.65 25.71
C UNK RA 32 29.90 102.21 26.58
N UNK RA 33 31.09 101.60 26.50
CA UNK RA 33 32.23 102.05 27.27
C UNK RA 33 32.68 103.42 26.81
N UNK RA 34 33.62 104.00 27.55
CA UNK RA 34 34.17 105.32 27.27
C UNK RA 34 35.67 105.19 27.02
N UNK RA 35 36.30 106.34 26.69
CA UNK RA 35 37.73 106.40 26.43
C UNK RA 35 38.44 107.39 27.35
N UNK RA 36 37.84 107.73 28.48
CA UNK RA 36 38.41 108.67 29.44
C UNK RA 36 39.04 107.96 30.64
N UNK RA 37 39.65 106.79 30.42
CA UNK RA 37 40.25 105.99 31.49
C UNK RA 37 39.20 105.54 32.49
N UNK RA 38 38.18 104.86 31.98
CA UNK RA 38 37.09 104.35 32.80
C UNK RA 38 36.30 103.36 31.97
N UNK RA 39 35.33 102.70 32.62
CA UNK RA 39 34.50 101.71 31.95
C UNK RA 39 33.12 101.74 32.63
N UNK RA 40 32.16 102.36 31.96
CA UNK RA 40 30.80 102.46 32.50
C UNK RA 40 29.83 102.49 31.32
N UNK RA 41 29.25 101.33 31.01
CA UNK RA 41 28.30 101.24 29.92
C UNK RA 41 27.04 102.04 30.23
N UNK RA 42 26.28 102.34 29.19
CA UNK RA 42 25.05 103.13 29.29
C UNK RA 42 23.89 102.21 28.90
N UNK RA 43 23.37 101.49 29.89
CA UNK RA 43 22.22 100.60 29.69
C UNK RA 43 20.94 101.14 30.30
N UNK RA 44 20.97 102.33 30.89
CA UNK RA 44 19.80 102.94 31.52
C UNK RA 44 20.13 104.41 31.77
N UNK RA 45 19.26 105.09 32.52
CA UNK RA 45 19.49 106.50 32.83
C UNK RA 45 20.79 106.68 33.59
N UNK RA 46 21.00 105.89 34.64
CA UNK RA 46 22.21 105.95 35.44
C UNK RA 46 23.29 105.06 34.84
N UNK RA 47 24.43 104.97 35.52
CA UNK RA 47 25.54 104.16 35.06
C UNK RA 47 25.28 102.69 35.41
N UNK RA 48 26.28 101.84 35.17
CA UNK RA 48 26.17 100.41 35.46
C UNK RA 48 27.11 99.99 36.58
N UNK RA 49 28.40 100.26 36.45
CA UNK RA 49 29.39 99.90 37.46
C UNK RA 49 30.73 100.45 37.02
N UNK RA 50 31.68 100.47 37.96
CA UNK RA 50 33.02 100.93 37.66
C UNK RA 50 33.76 99.92 36.80
N UNK RA 51 34.38 100.39 35.72
CA UNK RA 51 35.11 99.52 34.81
C UNK RA 51 36.37 100.24 34.35
N UNK RA 52 37.40 99.45 34.06
CA UNK RA 52 38.69 99.97 33.62
C UNK RA 52 38.80 99.87 32.10
N UNK RA 53 39.85 100.48 31.56
CA UNK RA 53 40.12 100.48 30.13
C UNK RA 53 41.61 100.23 29.93
N UNK RA 54 41.95 99.05 29.42
CA UNK RA 54 43.34 98.67 29.19
C UNK RA 54 43.79 98.90 27.76
N UNK RA 55 43.05 98.37 26.78
CA UNK RA 55 43.38 98.51 25.38
C UNK RA 55 42.23 99.18 24.65
N UNK RA 56 42.57 99.94 23.60
CA UNK RA 56 41.59 100.66 22.80
C UNK RA 56 41.04 99.70 21.75
N UNK RA 57 40.03 98.93 22.16
CA UNK RA 57 39.42 97.96 21.27
C UNK RA 57 38.76 98.68 20.09
N UNK RA 58 38.35 97.88 19.09
CA UNK RA 58 37.71 98.42 17.90
C UNK RA 58 36.20 98.48 18.04
N UNK RA 59 35.58 97.34 18.31
CA UNK RA 59 34.13 97.25 18.47
C UNK RA 59 33.81 95.90 19.12
N UNK RA 60 32.53 95.59 19.22
CA UNK RA 60 32.09 94.34 19.82
C UNK RA 60 30.60 94.16 19.55
N UNK RA 61 30.16 92.91 19.51
CA UNK RA 61 28.76 92.58 19.26
C UNK RA 61 28.49 91.19 19.83
N UNK RA 62 27.31 90.65 19.54
CA UNK RA 62 26.93 89.34 20.03
C UNK RA 62 27.61 88.25 19.21
N UNK RA 63 27.85 87.12 19.86
CA UNK RA 63 28.49 85.97 19.22
C UNK RA 63 27.89 84.71 19.82
N UNK RA 64 26.91 84.14 19.14
CA UNK RA 64 26.26 82.93 19.61
C UNK RA 64 27.21 81.74 19.55
N UNK RA 65 24.43 85.64 24.62
CA UNK RA 65 24.86 85.27 25.97
C UNK RA 65 26.06 86.10 26.40
N UNK RA 66 26.79 86.63 25.43
CA UNK RA 66 27.98 87.44 25.70
C UNK RA 66 28.45 88.02 24.37
N UNK RA 67 29.49 88.84 24.43
CA UNK RA 67 30.04 89.46 23.23
C UNK RA 67 31.50 89.79 23.52
N UNK RA 68 32.42 89.15 22.80
CA UNK RA 68 33.85 89.39 22.99
C UNK RA 68 34.20 90.84 22.69
N UNK RA 69 34.64 91.57 23.70
CA UNK RA 69 35.02 92.98 23.58
C UNK RA 69 36.47 93.10 24.05
N UNK RA 70 37.41 92.92 23.14
CA UNK RA 70 38.83 93.02 23.45
C UNK RA 70 39.59 93.53 22.24
N UNK RA 71 40.76 94.07 22.49
CA UNK RA 71 41.61 94.61 21.43
C UNK RA 71 42.95 95.08 21.97
N UNK RA 72 46.95 91.82 22.12
CA UNK RA 72 46.95 90.77 21.11
C UNK RA 72 45.67 89.95 21.16
N UNK RA 73 45.25 89.58 22.37
CA UNK RA 73 44.05 88.79 22.58
C UNK RA 73 42.93 89.70 23.07
N UNK RA 74 41.72 89.43 22.59
CA UNK RA 74 40.53 90.19 22.94
C UNK RA 74 39.68 89.34 23.86
N UNK RA 75 39.60 89.73 25.14
CA UNK RA 75 38.82 89.00 26.12
C UNK RA 75 37.35 89.38 26.00
N UNK RA 76 36.48 88.36 26.07
CA UNK RA 76 35.05 88.60 25.99
C UNK RA 76 34.56 89.42 27.18
N UNK RA 77 33.40 90.02 27.01
CA UNK RA 77 32.78 90.85 28.04
C UNK RA 77 31.35 90.38 28.27
N UNK RA 78 30.91 90.46 29.52
CA UNK RA 78 29.55 90.06 29.88
C UNK RA 78 29.16 90.82 31.14
N UNK RA 79 28.24 91.77 31.00
CA UNK RA 79 27.78 92.58 32.12
C UNK RA 79 28.95 93.22 32.87
N UNK RA 80 29.96 93.66 32.11
CA UNK RA 80 31.18 94.29 32.60
C UNK RA 80 32.06 93.37 33.41
N UNK RA 81 31.72 92.09 33.54
CA UNK RA 81 32.51 91.13 34.32
C UNK RA 81 33.31 90.28 33.32
N UNK RA 82 34.53 90.73 33.02
CA UNK RA 82 35.40 90.03 32.09
C UNK RA 82 35.95 88.79 32.79
N UNK RA 83 35.30 87.65 32.58
CA UNK RA 83 35.74 86.41 33.23
C UNK RA 83 37.14 86.03 32.76
N UNK RA 84 37.30 85.79 31.46
CA UNK RA 84 38.59 85.40 30.90
C UNK RA 84 38.79 86.12 29.57
N UNK RA 85 40.00 86.02 29.04
CA UNK RA 85 40.38 86.64 27.77
C UNK RA 85 40.97 85.55 26.88
N UNK RA 86 40.11 84.89 26.10
CA UNK RA 86 40.56 83.84 25.22
C UNK RA 86 41.47 84.40 24.13
N UNK RA 87 42.13 83.50 23.41
CA UNK RA 87 43.04 83.89 22.33
C UNK RA 87 43.41 82.65 21.54
N UNK RA 88 43.55 82.81 20.23
CA UNK RA 88 43.90 81.69 19.37
C UNK RA 88 45.33 81.24 19.63
N UNK RA 89 45.73 80.16 18.95
CA UNK RA 89 47.08 79.64 19.12
C UNK RA 89 48.13 80.70 18.81
N UNK RA 90 47.92 81.46 17.74
CA UNK RA 90 48.86 82.50 17.38
C UNK RA 90 48.89 83.60 18.45
N UNK RA 91 49.86 84.50 18.31
CA UNK RA 91 50.03 85.60 19.25
C UNK RA 91 50.79 86.72 18.54
N UNK RA 92 51.24 87.71 19.30
CA UNK RA 92 51.97 88.84 18.75
C UNK RA 92 52.96 89.39 19.77
N UNK RA 93 50.09 93.97 16.33
CA UNK RA 93 50.14 93.93 17.78
C UNK RA 93 48.86 94.46 18.40
N UNK RA 94 48.55 95.72 18.11
CA UNK RA 94 47.35 96.40 18.62
C UNK RA 94 46.63 97.02 17.42
N UNK RA 95 45.74 96.26 16.80
CA UNK RA 95 45.00 96.75 15.65
C UNK RA 95 43.85 97.65 16.10
N UNK RA 96 43.35 98.44 15.15
CA UNK RA 96 42.25 99.37 15.41
C UNK RA 96 41.00 99.01 14.63
N UNK RA 97 41.11 98.83 13.32
CA UNK RA 97 39.95 98.49 12.50
C UNK RA 97 39.32 97.18 12.98
N UNK RA 98 38.01 97.20 13.18
CA UNK RA 98 37.26 96.04 13.64
C UNK RA 98 35.99 95.91 12.82
N UNK RA 99 35.19 94.90 13.14
CA UNK RA 99 33.94 94.65 12.44
C UNK RA 99 33.24 93.50 13.15
N UNK RA 100 31.99 93.24 12.73
CA UNK RA 100 31.19 92.16 13.32
C UNK RA 100 30.20 91.71 12.26
N UNK RA 101 30.48 90.57 11.64
CA UNK RA 101 29.60 90.03 10.60
C UNK RA 101 30.40 89.64 9.37
N UNK RA 102 26.88 82.32 13.17
CA UNK RA 102 26.33 83.22 14.18
C UNK RA 102 26.67 84.67 13.86
N UNK RA 103 27.75 85.17 14.45
CA UNK RA 103 28.18 86.56 14.23
C UNK RA 103 29.69 86.60 14.45
N UNK RA 104 30.45 86.63 13.36
CA UNK RA 104 31.90 86.69 13.41
C UNK RA 104 32.39 87.99 12.79
N UNK RA 105 33.37 88.62 13.44
CA UNK RA 105 33.93 89.88 12.98
C UNK RA 105 35.44 89.74 12.88
N UNK RA 106 36.03 90.51 11.97
CA UNK RA 106 37.47 90.51 11.75
C UNK RA 106 38.04 91.87 12.15
N UNK RA 107 39.25 91.84 12.73
CA UNK RA 107 39.94 93.03 13.18
C UNK RA 107 41.26 93.13 12.44
N UNK RA 108 41.50 94.25 11.78
CA UNK RA 108 42.74 94.46 11.04
C UNK RA 108 43.88 94.74 12.02
N UNK RA 109 44.98 94.00 11.87
CA UNK RA 109 46.15 94.16 12.73
C UNK RA 109 46.98 95.37 12.30
N UNK RA 110 46.36 96.55 12.40
CA UNK RA 110 47.02 97.79 12.03
C UNK RA 110 47.79 98.38 13.21
N UNK RA 111 52.96 93.01 9.44
CA UNK RA 111 51.58 93.15 9.87
C UNK RA 111 50.70 92.09 9.20
N UNK RA 112 49.47 91.95 9.69
CA UNK RA 112 48.52 91.00 9.14
C UNK RA 112 47.19 91.21 9.86
N UNK RA 113 46.15 90.54 9.35
CA UNK RA 113 44.80 90.64 9.91
C UNK RA 113 44.32 89.25 10.29
N UNK RA 114 43.52 89.21 11.35
CA UNK RA 114 42.95 87.96 11.87
C UNK RA 114 41.45 87.94 11.63
N UNK RA 115 40.92 86.73 11.48
CA UNK RA 115 39.49 86.51 11.25
C UNK RA 115 38.89 85.90 12.51
N UNK RA 116 38.04 86.66 13.19
CA UNK RA 116 37.39 86.21 14.42
C UNK RA 116 36.06 85.57 14.06
N UNK RA 117 36.11 84.28 13.70
CA UNK RA 117 34.89 83.56 13.34
C UNK RA 117 33.95 83.48 14.53
N UNK RA 118 32.67 83.72 14.26
CA UNK RA 118 31.62 83.67 15.28
C UNK RA 118 30.43 82.85 14.80
N UNK RA 119 30.72 81.70 14.21
CA UNK RA 119 29.67 80.83 13.70
C UNK RA 119 29.04 80.02 14.83
N UNK RA 120 34.82 81.81 19.64
CA UNK RA 120 35.21 82.78 18.63
C UNK RA 120 36.71 83.02 18.65
N UNK RA 121 37.46 82.13 18.02
CA UNK RA 121 38.92 82.22 17.95
C UNK RA 121 39.35 82.34 16.49
N UNK RA 122 40.39 83.13 16.25
CA UNK RA 122 40.89 83.31 14.90
C UNK RA 122 41.50 82.01 14.38
N UNK RA 123 41.90 82.04 13.11
CA UNK RA 123 42.50 80.89 12.45
C UNK RA 123 43.97 81.09 12.10
N UNK RA 124 44.28 82.18 11.39
CA UNK RA 124 45.66 82.48 10.99
C UNK RA 124 45.68 83.89 10.42
N UNK RA 125 46.86 84.30 9.96
CA UNK RA 125 47.05 85.62 9.37
C UNK RA 125 48.02 85.50 8.21
N UNK RA 126 48.48 86.63 7.70
CA UNK RA 126 49.42 86.67 6.59
C UNK RA 126 49.82 88.13 6.36
N UNK RA 127 50.84 88.31 5.53
CA UNK RA 127 51.32 89.65 5.22
C UNK RA 127 50.27 90.42 4.41
N UNK RA 128 50.37 91.74 4.48
CA UNK RA 128 49.44 92.61 3.75
C UNK RA 128 50.20 93.60 2.88
N UNK RA 129 49.47 94.55 2.28
CA UNK RA 129 50.10 95.54 1.42
C UNK RA 129 50.78 96.65 2.25
N UNK RA 130 50.01 97.30 3.11
CA UNK RA 130 50.53 98.37 3.95
C UNK RA 130 49.62 98.50 5.17
N UNK RA 131 49.81 99.58 5.93
CA UNK RA 131 49.01 99.81 7.12
C UNK RA 131 47.67 100.45 6.75
N UNK RA 132 46.81 100.62 7.75
CA UNK RA 132 45.49 101.20 7.55
C UNK RA 132 45.16 102.11 8.73
N UNK RA 133 44.12 102.92 8.56
CA UNK RA 133 43.67 103.85 9.58
C UNK RA 133 42.33 103.46 10.20
N UNK RA 134 41.31 103.23 9.38
CA UNK RA 134 40.00 102.86 9.88
C UNK RA 134 39.11 102.56 8.67
N UNK RA 135 37.90 102.07 8.97
CA UNK RA 135 36.93 101.73 7.95
C UNK RA 135 35.58 101.52 8.62
N UNK RA 136 34.56 101.24 7.82
CA UNK RA 136 33.22 101.01 8.34
C UNK RA 136 32.43 100.24 7.29
N UNK RA 137 31.99 99.03 7.64
CA UNK RA 137 31.23 98.20 6.70
C UNK RA 137 30.38 97.25 7.52
N UNK RA 138 29.06 97.39 7.42
CA UNK RA 138 28.15 96.53 8.16
C UNK RA 138 26.86 96.39 7.35
N UNK RA 139 26.39 95.15 7.21
CA UNK RA 139 25.17 94.85 6.47
C UNK RA 139 24.20 94.09 7.38
N UNK RA 140 23.08 93.65 6.79
CA UNK RA 140 22.05 92.91 7.52
C UNK RA 140 22.56 91.49 7.74
N UNK RA 141 23.25 91.28 8.86
CA UNK RA 141 23.80 89.96 9.17
C UNK RA 141 22.72 88.90 9.33
N UNK RA 142 21.45 89.29 9.50
CA UNK RA 142 20.38 88.33 9.65
C UNK RA 142 19.89 87.77 8.32
N UNK RA 143 20.39 88.27 7.20
CA UNK RA 143 20.00 87.79 5.87
C UNK RA 143 21.16 87.19 5.10
N UNK RA 144 22.30 87.86 5.07
CA UNK RA 144 23.47 87.37 4.34
C UNK RA 144 24.70 88.09 4.88
N UNK RA 145 25.86 87.77 4.29
CA UNK RA 145 27.13 88.37 4.70
C UNK RA 145 27.20 89.79 4.13
N UNK RA 146 26.53 90.72 4.83
CA UNK RA 146 26.50 92.13 4.43
C UNK RA 146 27.76 92.79 4.96
N UNK RA 147 28.82 92.78 4.16
CA UNK RA 147 30.10 93.37 4.54
C UNK RA 147 30.56 94.30 3.43
N UNK RA 148 31.41 95.25 3.81
CA UNK RA 148 31.94 96.23 2.87
C UNK RA 148 33.20 96.84 3.46
N UNK RA 149 34.22 97.03 2.63
CA UNK RA 149 35.48 97.60 3.07
C UNK RA 149 35.50 99.10 2.82
N UNK RA 150 36.38 99.80 3.55
CA UNK RA 150 36.51 101.24 3.42
C UNK RA 150 37.85 101.64 4.01
N UNK RA 151 38.69 102.29 3.20
CA UNK RA 151 40.00 102.73 3.62
C UNK RA 151 40.13 104.24 3.44
N UNK RA 152 41.13 104.81 4.10
CA UNK RA 152 41.38 106.24 4.01
C UNK RA 152 41.85 106.69 2.63
N UNK RA 153 42.24 105.75 1.77
CA UNK RA 153 42.70 106.07 0.42
C UNK RA 153 41.80 105.48 -0.65
N UNK RA 154 40.53 105.24 -0.31
CA UNK RA 154 39.53 104.68 -1.21
C UNK RA 154 39.82 103.24 -1.64
N UNK RA 155 40.75 102.56 -0.96
CA UNK RA 155 41.11 101.19 -1.29
C UNK RA 155 40.36 100.27 -0.33
N UNK RA 156 39.16 99.85 -0.73
CA UNK RA 156 38.32 98.98 0.05
C UNK RA 156 38.24 97.59 -0.60
N UNK RA 157 37.69 96.65 0.15
CA UNK RA 157 37.55 95.28 -0.32
C UNK RA 157 36.34 94.64 0.34
N UNK RA 158 35.91 93.52 -0.22
CA UNK RA 158 34.76 92.77 0.29
C UNK RA 158 35.23 91.41 0.78
N UNK RA 159 34.59 90.94 1.86
CA UNK RA 159 34.94 89.64 2.44
C UNK RA 159 33.69 89.08 3.09
N UNK RA 160 33.18 87.98 2.54
CA UNK RA 160 31.99 87.31 3.05
C UNK RA 160 32.37 85.92 3.51
N UNK RA 161 31.89 85.53 4.69
CA UNK RA 161 32.17 84.22 5.26
C UNK RA 161 33.66 84.02 5.53
N UNK RA 162 34.36 85.11 5.84
CA UNK RA 162 35.79 85.14 6.13
C UNK RA 162 36.66 85.05 4.88
N UNK RA 163 36.07 84.95 3.70
CA UNK RA 163 36.85 84.87 2.46
C UNK RA 163 37.46 86.24 2.18
N UNK RA 164 38.76 86.38 2.42
CA UNK RA 164 39.48 87.63 2.19
C UNK RA 164 39.72 87.77 0.69
N UNK RA 165 38.67 88.16 -0.03
CA UNK RA 165 38.77 88.33 -1.47
C UNK RA 165 39.64 89.55 -1.80
N UNK RA 166 39.86 89.76 -3.10
CA UNK RA 166 40.68 90.86 -3.59
C UNK RA 166 39.87 91.94 -4.30
N UNK RA 167 38.83 91.57 -5.05
CA UNK RA 167 38.02 92.52 -5.77
C UNK RA 167 37.27 93.40 -4.77
N UNK RA 168 37.66 94.67 -4.67
CA UNK RA 168 37.03 95.60 -3.75
C UNK RA 168 36.58 96.86 -4.47
N UNK RA 169 36.11 97.85 -3.72
CA UNK RA 169 35.64 99.12 -4.30
C UNK RA 169 36.81 100.09 -4.35
N UNK RA 170 37.11 100.59 -5.54
CA UNK RA 170 38.21 101.54 -5.73
C UNK RA 170 37.71 102.95 -5.43
N UNK RA 171 38.38 103.64 -4.51
CA UNK RA 171 38.00 104.99 -4.13
C UNK RA 171 38.39 105.95 -5.25
N UNK RA 172 37.39 106.45 -5.97
CA UNK RA 172 37.61 107.38 -7.06
C UNK RA 172 37.42 108.84 -6.65
N UNK RA 173 37.14 109.10 -5.37
CA UNK RA 173 36.95 110.46 -4.89
C UNK RA 173 37.31 110.49 -3.41
N UNK RA 174 37.00 111.61 -2.75
CA UNK RA 174 37.28 111.79 -1.34
C UNK RA 174 36.03 111.46 -0.53
N UNK RA 175 36.17 110.57 0.44
CA UNK RA 175 35.07 110.14 1.29
C UNK RA 175 35.32 110.56 2.73
N UNK RA 176 34.24 110.87 3.44
CA UNK RA 176 34.34 111.28 4.83
C UNK RA 176 33.45 110.39 5.70
N UNK RA 177 32.38 109.85 5.13
CA UNK RA 177 31.47 108.97 5.85
C UNK RA 177 30.83 108.03 4.84
N UNK RA 178 29.82 107.29 5.29
CA UNK RA 178 29.12 106.34 4.43
C UNK RA 178 27.81 105.94 5.10
N UNK RA 179 26.88 105.47 4.28
CA UNK RA 179 25.57 105.01 4.73
C UNK RA 179 25.33 103.63 4.13
N UNK RA 180 25.72 102.59 4.86
CA UNK RA 180 25.57 101.21 4.39
C UNK RA 180 24.11 100.82 4.50
N UNK RA 181 23.38 100.93 3.39
CA UNK RA 181 21.97 100.57 3.35
C UNK RA 181 21.82 99.07 3.19
N UNK RA 182 20.58 98.60 3.00
CA UNK RA 182 20.34 97.17 2.84
C UNK RA 182 20.62 96.73 1.40
N UNK RA 183 19.91 97.30 0.44
CA UNK RA 183 20.09 96.95 -0.96
C UNK RA 183 21.24 97.69 -1.63
N UNK RA 184 21.78 98.72 -0.99
CA UNK RA 184 22.88 99.49 -1.56
C UNK RA 184 23.74 100.03 -0.42
N UNK RA 185 24.62 100.98 -0.74
CA UNK RA 185 25.51 101.57 0.26
C UNK RA 185 25.71 103.04 -0.13
N UNK RA 186 25.15 103.95 0.66
CA UNK RA 186 25.25 105.38 0.39
C UNK RA 186 26.47 105.96 1.10
N UNK RA 187 27.64 105.53 0.61
CA UNK RA 187 28.92 105.98 1.15
C UNK RA 187 29.21 107.40 0.63
N UNK RA 188 28.47 108.35 1.20
CA UNK RA 188 28.63 109.75 0.80
C UNK RA 188 30.03 110.23 1.11
N UNK RA 189 30.72 110.75 0.10
CA UNK RA 189 32.07 111.26 0.28
C UNK RA 189 32.05 112.54 1.12
N UNK RA 190 33.25 112.97 1.51
CA UNK RA 190 33.35 114.19 2.32
C UNK RA 190 32.73 115.38 1.61
N UNK RA 191 32.98 115.53 0.32
CA UNK RA 191 32.43 116.63 -0.47
C UNK RA 191 31.12 116.25 -1.14
N UNK RA 192 30.17 115.76 -0.34
CA UNK RA 192 28.86 115.37 -0.84
C UNK RA 192 28.95 114.35 -1.97
N UNK RA 193 30.01 113.53 -1.95
CA UNK RA 193 30.23 112.52 -2.98
C UNK RA 193 29.39 111.30 -2.63
N UNK RA 194 28.13 111.31 -3.09
CA UNK RA 194 27.20 110.21 -2.85
C UNK RA 194 27.44 109.07 -3.85
N UNK RA 195 28.65 108.51 -3.79
CA UNK RA 195 29.04 107.42 -4.68
C UNK RA 195 28.23 106.19 -4.32
N UNK RA 196 27.31 105.81 -5.20
CA UNK RA 196 26.49 104.63 -4.97
C UNK RA 196 27.36 103.38 -4.89
N UNK RA 197 26.89 102.39 -4.14
CA UNK RA 197 27.61 101.13 -3.96
C UNK RA 197 26.57 100.02 -3.89
N UNK RA 198 26.36 99.32 -5.01
CA UNK RA 198 25.41 98.24 -5.08
C UNK RA 198 26.12 96.90 -4.90
N UNK RA 199 25.35 95.81 -5.03
CA UNK RA 199 25.93 94.48 -4.87
C UNK RA 199 26.96 94.18 -5.94
N UNK RA 200 26.85 94.83 -7.10
CA UNK RA 200 27.78 94.62 -8.21
C UNK RA 200 29.02 95.51 -8.13
N UNK RA 201 29.09 96.40 -7.14
CA UNK RA 201 30.20 97.32 -6.92
C UNK RA 201 30.28 98.43 -7.96
N UNK RA 202 29.37 98.50 -8.91
CA UNK RA 202 29.40 99.53 -9.94
C UNK RA 202 29.03 100.88 -9.33
N UNK RA 203 29.09 101.92 -10.16
CA UNK RA 203 28.76 103.28 -9.74
C UNK RA 203 28.08 103.98 -10.92
N UNK RA 204 26.75 104.04 -10.88
CA UNK RA 204 25.96 104.66 -11.94
C UNK RA 204 25.33 105.98 -11.51
N UNK RA 205 24.73 106.03 -10.34
CA UNK RA 205 24.09 107.24 -9.86
C UNK RA 205 25.16 108.25 -9.41
N UNK RA 206 24.70 109.44 -9.02
CA UNK RA 206 25.58 110.51 -8.57
C UNK RA 206 24.95 111.15 -7.34
N UNK RA 207 25.37 110.73 -6.15
CA UNK RA 207 24.83 111.25 -4.91
C UNK RA 207 25.53 112.55 -4.56
N UNK RA 208 24.74 113.58 -4.26
CA UNK RA 208 25.26 114.91 -3.90
C UNK RA 208 24.54 115.36 -2.64
N UNK RA 209 25.23 115.25 -1.51
CA UNK RA 209 24.66 115.65 -0.23
C UNK RA 209 24.58 117.17 -0.14
N UNK RA 210 24.01 117.65 0.97
CA UNK RA 210 23.86 119.08 1.19
C UNK RA 210 25.20 119.72 1.56
N UNK RA 211 29.72 113.92 12.07
CA UNK RA 211 28.93 114.33 13.22
C UNK RA 211 28.33 113.14 13.93
N UNK RA 212 27.48 112.39 13.22
CA UNK RA 212 26.83 111.21 13.79
C UNK RA 212 26.37 110.33 12.64
N UNK RA 213 26.92 109.12 12.56
CA UNK RA 213 26.59 108.15 11.51
C UNK RA 213 25.77 107.05 12.16
N UNK RA 214 24.45 107.22 12.20
CA UNK RA 214 23.54 106.25 12.78
C UNK RA 214 23.22 105.17 11.75
N UNK RA 215 24.26 104.41 11.40
CA UNK RA 215 24.14 103.33 10.42
C UNK RA 215 23.54 102.08 11.07
N UNK RA 216 22.30 102.22 11.53
CA UNK RA 216 21.59 101.13 12.18
C UNK RA 216 20.10 101.28 11.90
N UNK RA 217 19.35 100.23 12.23
CA UNK RA 217 17.92 100.25 12.02
C UNK RA 217 17.27 101.35 12.85
N UNK RA 218 16.14 101.85 12.37
CA UNK RA 218 15.40 102.91 13.04
C UNK RA 218 14.02 102.46 13.49
N UNK RA 219 13.26 101.80 12.63
CA UNK RA 219 11.92 101.33 12.99
C UNK RA 219 11.64 99.96 12.39
N UNK RA 220 10.97 102.66 2.16
CA UNK RA 220 12.38 102.38 2.43
C UNK RA 220 12.67 102.39 3.93
N UNK RA 221 12.28 101.31 4.61
CA UNK RA 221 12.50 101.20 6.04
C UNK RA 221 13.98 100.97 6.33
N UNK RA 222 14.31 100.83 7.62
CA UNK RA 222 15.67 100.60 8.07
C UNK RA 222 16.63 101.72 7.67
N UNK RA 223 16.11 102.93 7.47
CA UNK RA 223 16.96 104.04 7.08
C UNK RA 223 17.95 104.36 8.18
N UNK RA 224 19.18 104.65 7.79
CA UNK RA 224 20.25 104.97 8.73
C UNK RA 224 20.30 106.48 8.96
N UNK RA 225 21.34 106.94 9.65
CA UNK RA 225 21.51 108.36 9.96
C UNK RA 225 22.94 108.76 9.60
N UNK RA 226 23.08 109.75 8.73
CA UNK RA 226 24.38 110.25 8.31
C UNK RA 226 24.58 111.65 8.87
N UNK RA 227 25.73 111.87 9.51
CA UNK RA 227 26.05 113.15 10.13
C UNK RA 227 27.08 113.89 9.28
N UNK RA 228 27.14 115.21 9.48
CA UNK RA 228 28.07 116.06 8.77
C UNK RA 228 28.56 117.14 9.74
N UNK RA 229 29.21 118.16 9.19
CA UNK RA 229 29.70 119.25 10.03
C UNK RA 229 28.58 119.94 10.80
N UNK RA 230 27.33 119.78 10.37
CA UNK RA 230 26.20 120.35 11.07
C UNK RA 230 25.53 119.39 12.04
N UNK RA 231 25.79 118.08 11.90
CA UNK RA 231 25.22 117.06 12.78
C UNK RA 231 23.69 117.10 12.77
N UNK RA 232 23.14 116.83 11.58
CA UNK RA 232 21.69 116.83 11.40
C UNK RA 232 21.36 115.81 10.30
N UNK RA 233 20.84 114.65 10.71
CA UNK RA 233 20.47 113.59 9.79
C UNK RA 233 18.96 113.60 9.56
N UNK RA 234 18.52 112.74 8.65
CA UNK RA 234 17.11 112.62 8.32
C UNK RA 234 16.83 111.22 7.81
N UNK RA 235 15.55 110.86 7.79
CA UNK RA 235 15.16 109.53 7.34
C UNK RA 235 15.11 109.47 5.82
N UNK RA 236 15.71 108.42 5.27
CA UNK RA 236 15.75 108.23 3.82
C UNK RA 236 16.53 106.96 3.49
N UNK RA 237 16.31 106.41 2.28
CA UNK RA 237 17.06 105.25 1.81
C UNK RA 237 17.79 105.68 0.54
N UNK RA 238 18.95 106.31 0.73
CA UNK RA 238 19.81 106.73 -0.37
C UNK RA 238 19.21 107.90 -1.14
N UNK RA 239 17.97 108.26 -0.83
CA UNK RA 239 17.31 109.38 -1.51
C UNK RA 239 16.48 110.27 -0.60
N UNK RA 240 16.16 109.86 0.62
CA UNK RA 240 15.20 110.58 1.47
C UNK RA 240 15.96 111.56 2.36
N UNK RA 241 15.93 112.83 1.98
CA UNK RA 241 16.45 113.89 2.85
C UNK RA 241 15.33 114.38 3.77
N UNK RA 242 15.58 114.35 5.07
CA UNK RA 242 14.56 114.67 6.05
C UNK RA 242 14.83 115.99 6.77
N UNK RA 243 16.01 116.15 7.37
CA UNK RA 243 16.31 117.37 8.11
C UNK RA 243 17.75 117.39 8.61
N UNK RA 244 18.13 118.48 9.27
CA UNK RA 244 19.48 118.63 9.83
C UNK RA 244 19.32 119.38 11.15
N UNK RA 245 19.37 118.64 12.26
CA UNK RA 245 19.18 119.23 13.57
C UNK RA 245 20.32 120.21 13.89
N UNK RA 246 20.19 120.89 15.02
CA UNK RA 246 21.17 121.88 15.47
C UNK RA 246 22.02 121.23 16.56
N UNK RA 247 23.24 120.83 16.19
CA UNK RA 247 24.15 120.19 17.13
C UNK RA 247 25.57 120.37 16.60
N UNK RA 248 26.45 120.89 17.44
CA UNK RA 248 27.85 121.15 17.10
C UNK RA 248 28.78 120.61 18.16
N UNK RA 249 28.53 119.38 18.60
CA UNK RA 249 29.32 118.72 19.63
C UNK RA 249 29.94 117.45 19.05
N UNK RA 250 30.81 116.84 19.85
CA UNK RA 250 31.48 115.62 19.43
C UNK RA 250 30.52 114.44 19.42
N UNK RA 251 30.89 113.40 18.69
CA UNK RA 251 30.10 112.18 18.57
C UNK RA 251 30.96 111.02 19.06
N UNK RA 252 30.57 110.43 20.20
CA UNK RA 252 31.35 109.34 20.77
C UNK RA 252 31.12 108.03 20.02
N UNK RA 253 29.88 107.56 19.99
CA UNK RA 253 29.51 106.33 19.31
C UNK RA 253 28.00 106.29 19.18
N UNK RA 254 27.47 105.16 18.72
CA UNK RA 254 26.04 104.98 18.55
C UNK RA 254 25.69 103.54 18.92
N UNK RA 255 24.46 103.13 18.60
CA UNK RA 255 24.00 101.78 18.90
C UNK RA 255 22.90 101.43 17.92
N UNK RA 256 23.11 100.36 17.14
CA UNK RA 256 22.13 99.91 16.16
C UNK RA 256 21.07 99.03 16.81
N UNK RA 257 20.35 99.61 17.76
CA UNK RA 257 19.31 98.91 18.48
C UNK RA 257 18.03 99.73 18.55
N UNK RA 258 13.29 102.90 16.94
CA UNK RA 258 12.31 103.96 17.18
C UNK RA 258 12.86 105.01 18.15
N UNK RA 259 14.14 105.32 18.00
CA UNK RA 259 14.81 106.30 18.85
C UNK RA 259 16.21 106.53 18.28
N UNK RA 260 16.93 107.45 18.90
CA UNK RA 260 18.30 107.80 18.50
C UNK RA 260 19.26 107.18 19.51
N UNK RA 261 19.83 106.03 19.15
CA UNK RA 261 20.76 105.31 20.02
C UNK RA 261 22.20 105.69 19.64
N UNK RA 262 22.53 106.94 19.93
CA UNK RA 262 23.87 107.47 19.64
C UNK RA 262 24.15 108.58 20.65
N UNK RA 263 24.99 108.28 21.64
CA UNK RA 263 25.33 109.26 22.66
C UNK RA 263 26.22 110.36 22.07
N UNK RA 264 26.13 111.55 22.67
CA UNK RA 264 26.92 112.69 22.22
C UNK RA 264 28.35 112.57 22.74
N UNK RA 265 29.32 112.88 21.88
CA UNK RA 265 30.72 112.82 22.26
C UNK RA 265 31.11 113.89 23.26
N UNK RA 266 30.23 114.84 23.54
CA UNK RA 266 30.49 115.91 24.50
C UNK RA 266 30.15 115.52 25.93
N UNK RA 267 30.04 114.22 26.22
CA UNK RA 267 29.70 113.67 27.52
C UNK RA 267 28.22 113.74 27.83
N UNK RA 268 27.39 114.31 26.95
CA UNK RA 268 25.96 114.41 27.17
C UNK RA 268 25.26 113.17 26.63
N UNK RA 269 24.28 112.68 27.37
CA UNK RA 269 23.51 111.50 26.97
C UNK RA 269 22.25 111.96 26.26
N UNK RA 270 22.40 112.28 24.98
CA UNK RA 270 21.31 112.76 24.14
C UNK RA 270 21.14 111.83 22.95
N UNK RA 271 19.90 111.73 22.48
CA UNK RA 271 19.57 110.87 21.35
C UNK RA 271 18.53 111.60 20.49
N UNK RA 272 17.95 110.88 19.54
CA UNK RA 272 16.94 111.42 18.64
C UNK RA 272 15.64 110.64 18.79
N UNK RA 273 14.66 110.97 17.95
CA UNK RA 273 13.35 110.34 17.96
C UNK RA 273 13.21 109.52 16.68
N UNK RA 274 13.02 108.21 16.83
CA UNK RA 274 12.86 107.33 15.68
C UNK RA 274 11.62 107.74 14.89
N UNK RA 275 11.80 107.93 13.58
CA UNK RA 275 10.71 108.31 12.69
C UNK RA 275 9.90 107.08 12.30
N UNK RA 276 8.99 107.25 11.35
CA UNK RA 276 8.16 106.14 10.88
C UNK RA 276 8.81 105.44 9.69
N UNK SA 1 34.52 17.95 97.10
CA UNK SA 1 35.33 16.77 97.33
C UNK SA 1 36.77 17.14 97.66
N UNK SA 2 36.96 18.34 98.21
CA UNK SA 2 38.30 18.81 98.56
C UNK SA 2 38.87 18.08 99.76
N UNK SA 3 38.08 17.30 100.49
CA UNK SA 3 38.60 16.59 101.65
C UNK SA 3 39.67 15.60 101.25
N UNK SA 4 39.47 14.89 100.13
CA UNK SA 4 40.47 13.93 99.67
C UNK SA 4 41.81 14.62 99.40
N UNK SA 5 41.77 15.72 98.64
CA UNK SA 5 43.00 16.44 98.34
C UNK SA 5 43.61 17.07 99.59
N UNK SA 6 42.79 17.37 100.60
CA UNK SA 6 43.29 17.96 101.83
C UNK SA 6 44.08 16.98 102.69
N UNK SA 7 44.22 15.72 102.27
CA UNK SA 7 44.96 14.72 103.01
C UNK SA 7 46.23 14.27 102.29
N UNK SA 8 46.14 13.92 101.01
CA UNK SA 8 47.32 13.50 100.28
C UNK SA 8 48.32 14.64 100.14
N UNK SA 9 47.87 15.79 99.65
CA UNK SA 9 48.74 16.96 99.51
C UNK SA 9 49.10 17.60 100.85
N UNK SA 10 48.59 17.09 101.95
CA UNK SA 10 48.87 17.63 103.28
C UNK SA 10 49.86 16.78 104.07
N UNK SA 11 49.67 15.46 104.08
CA UNK SA 11 50.59 14.58 104.79
C UNK SA 11 52.00 14.62 104.21
N UNK SA 12 52.15 15.04 102.95
CA UNK SA 12 53.44 15.15 102.32
C UNK SA 12 54.13 16.48 102.57
N UNK SA 13 53.63 17.29 103.50
CA UNK SA 13 54.23 18.59 103.78
C UNK SA 13 55.69 18.42 104.15
N UNK SA 14 56.55 19.24 103.54
CA UNK SA 14 58.00 19.23 103.75
C UNK SA 14 58.70 18.10 103.02
N UNK SA 15 58.02 17.41 102.09
CA UNK SA 15 58.63 16.30 101.37
C UNK SA 15 58.07 16.30 99.95
N UNK SA 16 58.83 16.89 99.02
CA UNK SA 16 58.46 16.96 97.61
C UNK SA 16 59.25 15.96 96.77
N UNK SA 17 59.51 14.76 97.31
CA UNK SA 17 60.35 13.80 96.61
C UNK SA 17 59.83 13.47 95.21
N UNK SA 18 58.51 13.48 95.02
CA UNK SA 18 57.93 13.14 93.73
C UNK SA 18 57.28 14.33 93.05
N UNK SA 19 56.24 14.92 93.66
CA UNK SA 19 55.55 16.06 93.07
C UNK SA 19 55.68 17.33 93.90
N UNK SA 20 55.32 17.28 95.17
CA UNK SA 20 55.37 18.47 96.03
C UNK SA 20 54.28 19.47 95.65
N UNK SA 21 53.49 19.14 94.62
CA UNK SA 21 52.43 20.03 94.16
C UNK SA 21 51.14 19.30 93.80
N UNK SA 22 51.03 18.01 94.11
CA UNK SA 22 49.81 17.27 93.78
C UNK SA 22 48.61 17.83 94.52
N UNK SA 23 48.76 18.11 95.81
CA UNK SA 23 47.65 18.67 96.58
C UNK SA 23 47.25 20.04 96.05
N UNK SA 24 48.24 20.88 95.72
CA UNK SA 24 47.92 22.20 95.18
C UNK SA 24 47.19 22.08 93.85
N UNK SA 25 47.63 21.18 92.98
CA UNK SA 25 46.94 20.99 91.70
C UNK SA 25 45.52 20.49 91.90
N UNK SA 26 45.33 19.55 92.83
CA UNK SA 26 43.99 19.06 93.10
C UNK SA 26 43.09 20.17 93.63
N UNK SA 27 43.61 21.01 94.53
CA UNK SA 27 42.82 22.11 95.05
C UNK SA 27 42.48 23.12 93.96
N UNK SA 28 43.44 23.42 93.09
CA UNK SA 28 43.17 24.34 91.99
C UNK SA 28 42.11 23.78 91.05
N UNK SA 29 42.19 22.49 90.74
CA UNK SA 29 41.19 21.88 89.87
C UNK SA 29 39.81 21.91 90.51
N UNK SA 30 39.74 21.61 91.81
CA UNK SA 30 38.45 21.66 92.51
C UNK SA 30 37.88 23.08 92.48
N UNK SA 31 38.72 24.07 92.75
CA UNK SA 31 38.26 25.45 92.70
C UNK SA 31 37.75 25.82 91.31
N UNK SA 32 38.52 25.47 90.27
CA UNK SA 32 38.10 25.80 88.91
C UNK SA 32 36.78 25.12 88.57
N UNK SA 33 36.60 23.86 88.97
CA UNK SA 33 35.37 23.14 88.67
C UNK SA 33 34.19 23.54 89.56
N UNK SA 34 34.45 24.24 90.66
CA UNK SA 34 33.38 24.66 91.57
C UNK SA 34 33.29 26.16 91.75
N UNK SA 35 34.20 26.94 91.14
CA UNK SA 35 34.20 28.40 91.26
C UNK SA 35 34.30 28.83 92.73
N UNK SA 36 35.43 28.47 93.34
CA UNK SA 36 35.66 28.82 94.73
C UNK SA 36 35.75 30.34 94.89
N UNK SA 37 35.77 30.78 96.15
CA UNK SA 37 35.85 32.20 96.49
C UNK SA 37 37.26 32.65 96.83
N UNK SA 38 37.91 31.98 97.78
CA UNK SA 38 39.26 32.33 98.21
C UNK SA 38 40.28 31.22 98.01
N UNK SA 39 39.87 29.95 98.09
CA UNK SA 39 40.82 28.86 97.93
C UNK SA 39 41.50 28.89 96.57
N UNK SA 40 40.82 29.44 95.56
CA UNK SA 40 41.42 29.53 94.23
C UNK SA 40 42.66 30.43 94.24
N UNK SA 41 42.62 31.51 95.00
CA UNK SA 41 43.79 32.39 95.09
C UNK SA 41 44.97 31.66 95.71
N UNK SA 42 44.74 30.95 96.81
CA UNK SA 42 45.83 30.19 97.43
C UNK SA 42 46.35 29.11 96.50
N UNK SA 43 45.46 28.45 95.75
CA UNK SA 43 45.89 27.43 94.81
C UNK SA 43 46.78 28.03 93.72
N UNK SA 44 46.34 29.16 93.15
CA UNK SA 44 47.15 29.81 92.12
C UNK SA 44 48.49 30.28 92.68
N UNK SA 45 48.51 30.78 93.91
CA UNK SA 45 49.76 31.20 94.52
C UNK SA 45 50.71 30.01 94.69
N UNK SA 46 50.20 28.90 95.24
CA UNK SA 46 51.02 27.72 95.41
C UNK SA 46 51.55 27.23 94.06
N UNK SA 47 50.70 27.24 93.03
CA UNK SA 47 51.14 26.81 91.70
C UNK SA 47 52.26 27.70 91.19
N UNK SA 48 52.05 29.01 91.20
CA UNK SA 48 53.08 29.94 90.73
C UNK SA 48 54.34 29.90 91.57
N UNK SA 49 54.26 29.40 92.81
CA UNK SA 49 55.40 29.32 93.70
C UNK SA 49 56.07 27.95 93.67
N UNK SA 50 55.78 27.13 92.67
CA UNK SA 50 56.37 25.81 92.58
C UNK SA 50 57.88 25.92 92.33
N UNK SA 51 58.58 24.84 92.62
CA UNK SA 51 60.03 24.80 92.42
C UNK SA 51 60.35 24.75 90.94
N UNK SA 52 61.19 25.67 90.48
CA UNK SA 52 61.58 25.70 89.08
C UNK SA 52 62.54 24.55 88.77
N UNK SA 53 62.34 23.93 87.62
CA UNK SA 53 63.15 22.80 87.17
C UNK SA 53 62.87 22.58 85.69
N UNK SA 54 63.41 21.49 85.15
CA UNK SA 54 63.21 21.15 83.74
C UNK SA 54 62.42 19.87 83.52
N UNK SA 55 62.56 18.87 84.40
CA UNK SA 55 61.80 17.63 84.25
C UNK SA 55 60.39 17.78 84.83
N UNK SA 56 60.25 18.52 85.93
CA UNK SA 56 58.96 18.74 86.56
C UNK SA 56 58.28 20.02 86.11
N UNK SA 57 58.91 20.79 85.21
CA UNK SA 57 58.32 22.02 84.73
C UNK SA 57 56.96 21.81 84.09
N UNK SA 58 56.64 20.58 83.69
CA UNK SA 58 55.33 20.32 83.09
C UNK SA 58 54.20 20.66 84.05
N UNK SA 59 54.28 20.15 85.29
CA UNK SA 59 53.24 20.45 86.27
C UNK SA 59 53.20 21.92 86.62
N UNK SA 60 54.36 22.57 86.69
CA UNK SA 60 54.40 24.00 86.99
C UNK SA 60 53.68 24.79 85.91
N UNK SA 61 53.97 24.51 84.64
CA UNK SA 61 53.32 25.21 83.54
C UNK SA 61 51.81 24.93 83.53
N UNK SA 62 51.42 23.69 83.84
CA UNK SA 62 50.00 23.36 83.88
C UNK SA 62 49.29 24.15 84.96
N UNK SA 63 49.89 24.22 86.16
CA UNK SA 63 49.29 24.99 87.24
C UNK SA 63 49.23 26.47 86.90
N UNK SA 64 50.27 26.99 86.24
CA UNK SA 64 50.27 28.39 85.84
C UNK SA 64 49.15 28.68 84.84
N UNK SA 65 48.97 27.80 83.86
CA UNK SA 65 47.90 27.97 82.90
C UNK SA 65 46.53 27.87 83.56
N UNK SA 66 46.39 26.96 84.52
CA UNK SA 66 45.12 26.83 85.23
C UNK SA 66 44.82 28.11 86.01
N UNK SA 67 45.82 28.65 86.70
CA UNK SA 67 45.62 29.90 87.44
C UNK SA 67 45.28 31.04 86.50
N UNK SA 68 45.95 31.10 85.35
CA UNK SA 68 45.66 32.16 84.37
C UNK SA 68 44.23 32.05 83.88
N UNK SA 69 43.78 30.83 83.57
CA UNK SA 69 42.40 30.65 83.13
C UNK SA 69 41.40 31.03 84.22
N UNK SA 70 41.69 30.64 85.47
CA UNK SA 70 40.82 31.00 86.57
C UNK SA 70 40.73 32.52 86.74
N UNK SA 71 41.86 33.21 86.63
CA UNK SA 71 41.86 34.66 86.73
C UNK SA 71 41.09 35.30 85.59
N UNK SA 72 41.25 34.77 84.38
CA UNK SA 72 40.54 35.30 83.22
C UNK SA 72 39.07 34.93 83.20
N UNK SA 73 38.65 34.00 84.04
CA UNK SA 73 37.24 33.61 84.14
C UNK SA 73 36.60 34.06 85.45
N UNK SA 74 37.32 34.84 86.26
CA UNK SA 74 36.82 35.33 87.55
C UNK SA 74 37.08 36.83 87.68
N UNK SA 75 36.74 37.58 86.64
CA UNK SA 75 36.93 39.04 86.62
C UNK SA 75 38.40 39.40 86.79
N UNK SA 76 39.21 38.93 85.85
CA UNK SA 76 40.65 39.20 85.86
C UNK SA 76 41.13 39.19 84.41
N UNK SA 77 41.63 40.33 83.95
CA UNK SA 77 42.09 40.48 82.57
C UNK SA 77 43.60 40.66 82.46
N UNK SA 78 44.17 41.60 83.21
CA UNK SA 78 45.61 41.85 83.12
C UNK SA 78 46.41 40.62 83.54
N UNK SA 79 46.14 40.09 84.73
CA UNK SA 79 46.87 38.92 85.21
C UNK SA 79 46.65 37.72 84.31
N UNK SA 80 45.41 37.55 83.83
CA UNK SA 80 45.12 36.41 82.94
C UNK SA 80 45.92 36.51 81.65
N UNK SA 81 45.94 37.70 81.05
CA UNK SA 81 46.71 37.88 79.81
C UNK SA 81 48.20 37.68 80.06
N UNK SA 82 48.70 38.16 81.21
CA UNK SA 82 50.11 37.98 81.53
C UNK SA 82 50.45 36.50 81.66
N UNK SA 83 49.62 35.75 82.40
CA UNK SA 83 49.87 34.32 82.56
C UNK SA 83 49.78 33.60 81.21
N UNK SA 84 48.83 33.99 80.37
CA UNK SA 84 48.72 33.37 79.05
C UNK SA 84 49.95 33.64 78.20
N UNK SA 85 50.43 34.88 78.20
CA UNK SA 85 51.63 35.20 77.44
C UNK SA 85 52.85 34.44 77.97
N UNK SA 86 52.96 34.32 79.30
CA UNK SA 86 54.07 33.57 79.88
C UNK SA 86 54.01 32.11 79.47
N UNK SA 87 52.82 31.50 79.57
CA UNK SA 87 52.68 30.10 79.18
C UNK SA 87 52.99 29.90 77.70
N UNK SA 88 52.58 30.85 76.85
CA UNK SA 88 52.87 30.75 75.43
C UNK SA 88 54.36 30.83 75.17
N UNK SA 89 55.04 31.81 75.78
CA UNK SA 89 56.48 31.94 75.63
C UNK SA 89 57.19 30.67 76.11
N UNK SA 90 56.69 30.07 77.18
CA UNK SA 90 57.31 28.85 77.70
C UNK SA 90 57.12 27.69 76.74
N UNK SA 91 55.88 27.43 76.33
CA UNK SA 91 55.57 26.29 75.47
C UNK SA 91 55.93 26.51 74.01
N UNK SA 92 56.45 27.68 73.64
CA UNK SA 92 56.90 27.93 72.28
C UNK SA 92 58.37 27.55 72.06
N UNK SA 93 58.90 26.63 72.86
CA UNK SA 93 60.27 26.16 72.74
C UNK SA 93 60.33 24.74 72.18
N UNK SA 94 59.42 24.41 71.27
CA UNK SA 94 59.35 23.06 70.69
C UNK SA 94 59.00 22.02 71.75
N UNK SA 95 58.00 22.33 72.56
CA UNK SA 95 57.53 21.45 73.63
C UNK SA 95 56.09 21.05 73.35
N UNK SA 96 55.77 19.79 73.68
CA UNK SA 96 54.42 19.26 73.47
C UNK SA 96 53.52 19.73 74.61
N UNK SA 97 53.27 21.04 74.62
CA UNK SA 97 52.43 21.69 75.62
C UNK SA 97 51.33 22.49 74.95
N UNK SA 98 50.66 21.86 73.98
CA UNK SA 98 49.58 22.54 73.26
C UNK SA 98 48.44 22.95 74.17
N UNK SA 99 48.36 22.38 75.37
CA UNK SA 99 47.29 22.74 76.30
C UNK SA 99 47.39 24.20 76.70
N UNK SA 100 48.61 24.72 76.87
CA UNK SA 100 48.79 26.12 77.20
C UNK SA 100 48.22 27.02 76.11
N UNK SA 101 48.58 26.75 74.86
CA UNK SA 101 48.06 27.54 73.75
C UNK SA 101 46.55 27.41 73.62
N UNK SA 102 46.02 26.21 73.87
CA UNK SA 102 44.58 26.01 73.81
C UNK SA 102 43.87 26.86 74.86
N UNK SA 103 44.37 26.84 76.10
CA UNK SA 103 43.76 27.65 77.16
C UNK SA 103 43.89 29.14 76.84
N UNK SA 104 45.03 29.55 76.29
CA UNK SA 104 45.21 30.95 75.94
C UNK SA 104 44.21 31.39 74.88
N UNK SA 105 44.02 30.55 73.85
CA UNK SA 105 43.06 30.88 72.81
C UNK SA 105 41.63 30.90 73.36
N UNK SA 106 41.30 29.95 74.24
CA UNK SA 106 39.98 29.94 74.84
C UNK SA 106 39.74 31.22 75.65
N UNK SA 107 40.74 31.65 76.42
CA UNK SA 107 40.61 32.88 77.19
C UNK SA 107 40.44 34.09 76.27
N UNK SA 108 41.29 34.19 75.25
CA UNK SA 108 41.23 35.32 74.33
C UNK SA 108 39.98 35.31 73.46
N UNK SA 109 39.27 34.19 73.37
CA UNK SA 109 38.07 34.12 72.54
C UNK SA 109 36.99 35.10 72.96
N UNK SA 110 37.06 35.64 74.18
CA UNK SA 110 36.08 36.58 74.69
C UNK SA 110 36.69 37.97 74.89
N UNK SA 111 37.61 38.36 74.01
CA UNK SA 111 38.30 39.63 74.11
C UNK SA 111 37.70 40.71 73.22
N UNK SA 112 37.44 40.39 71.95
CA UNK SA 112 36.94 41.33 70.95
C UNK SA 112 37.96 42.36 70.52
N UNK SA 113 39.21 42.24 70.98
CA UNK SA 113 40.30 43.14 70.61
C UNK SA 113 41.55 42.32 70.24
N UNK SA 114 41.35 41.31 69.41
CA UNK SA 114 42.40 40.36 69.09
C UNK SA 114 42.81 40.44 67.62
N UNK SA 115 42.97 41.66 67.10
CA UNK SA 115 43.44 41.83 65.73
C UNK SA 115 44.68 41.00 65.46
N UNK SA 116 45.72 41.18 66.27
CA UNK SA 116 46.92 40.36 66.14
C UNK SA 116 46.76 38.98 66.76
N UNK SA 117 45.85 38.84 67.72
CA UNK SA 117 45.59 37.53 68.32
C UNK SA 117 45.09 36.53 67.29
N UNK SA 118 44.40 37.01 66.26
CA UNK SA 118 43.95 36.13 65.19
C UNK SA 118 45.13 35.43 64.52
N UNK SA 119 46.09 36.23 64.04
CA UNK SA 119 47.28 35.66 63.42
C UNK SA 119 48.09 34.85 64.43
N UNK SA 120 48.11 35.27 65.69
CA UNK SA 120 48.82 34.51 66.71
C UNK SA 120 48.25 33.10 66.82
N UNK SA 121 46.93 32.99 66.99
CA UNK SA 121 46.30 31.68 67.07
C UNK SA 121 46.46 30.89 65.79
N UNK SA 122 46.42 31.57 64.64
CA UNK SA 122 46.63 30.90 63.37
C UNK SA 122 48.01 30.25 63.32
N UNK SA 123 49.05 30.99 63.68
CA UNK SA 123 50.39 30.44 63.70
C UNK SA 123 50.51 29.33 64.73
N UNK SA 124 49.84 29.47 65.88
CA UNK SA 124 49.89 28.44 66.90
C UNK SA 124 49.24 27.16 66.41
N UNK SA 125 48.23 27.27 65.55
CA UNK SA 125 47.52 26.09 65.04
C UNK SA 125 48.46 25.14 64.31
N UNK SA 126 49.63 25.61 63.87
CA UNK SA 126 50.58 24.74 63.17
C UNK SA 126 50.86 23.47 63.97
N UNK SA 127 50.83 23.54 65.30
CA UNK SA 127 51.06 22.37 66.13
C UNK SA 127 50.05 21.28 65.78
N UNK SA 128 50.51 20.04 65.76
CA UNK SA 128 49.69 18.88 65.42
C UNK SA 128 49.56 18.03 66.68
N UNK SA 129 48.45 18.21 67.40
CA UNK SA 129 48.19 17.46 68.62
C UNK SA 129 46.97 16.53 68.54
N UNK SA 130 46.05 16.77 67.63
CA UNK SA 130 44.85 15.96 67.45
C UNK SA 130 43.79 16.21 68.52
N UNK SA 131 43.91 17.30 69.27
CA UNK SA 131 42.92 17.59 70.31
C UNK SA 131 41.55 17.90 69.73
N UNK SA 132 41.47 18.18 68.43
CA UNK SA 132 40.24 18.51 67.72
C UNK SA 132 39.79 19.94 67.94
N UNK SA 133 40.52 20.75 68.70
CA UNK SA 133 40.15 22.13 68.95
C UNK SA 133 40.95 23.12 68.11
N UNK SA 134 42.21 22.80 67.78
CA UNK SA 134 43.01 23.69 66.96
C UNK SA 134 42.38 23.89 65.59
N UNK SA 135 41.96 22.78 64.95
CA UNK SA 135 41.33 22.89 63.63
C UNK SA 135 40.02 23.66 63.71
N UNK SA 136 39.23 23.43 64.76
CA UNK SA 136 37.98 24.15 64.93
C UNK SA 136 38.23 25.66 65.06
N UNK SA 137 39.24 26.03 65.86
CA UNK SA 137 39.56 27.44 66.03
C UNK SA 137 40.06 28.05 64.73
N UNK SA 138 40.89 27.31 64.00
CA UNK SA 138 41.38 27.82 62.72
C UNK SA 138 40.22 28.04 61.74
N UNK SA 139 39.28 27.10 61.69
CA UNK SA 139 38.13 27.26 60.81
C UNK SA 139 37.26 28.44 61.23
N UNK SA 140 37.02 28.59 62.53
CA UNK SA 140 36.24 29.73 63.01
C UNK SA 140 36.92 31.05 62.65
N UNK SA 141 38.25 31.11 62.77
CA UNK SA 141 38.97 32.33 62.42
C UNK SA 141 38.89 32.61 60.92
N UNK SA 142 39.13 31.59 60.10
CA UNK SA 142 39.06 31.76 58.65
C UNK SA 142 37.65 32.11 58.19
N UNK SA 143 36.63 31.75 58.96
CA UNK SA 143 35.27 32.11 58.59
C UNK SA 143 34.93 33.53 59.03
N UNK SA 144 35.32 33.91 60.26
CA UNK SA 144 35.08 35.27 60.71
C UNK SA 144 35.87 36.28 59.92
N UNK SA 145 37.02 35.87 59.36
CA UNK SA 145 37.86 36.75 58.56
C UNK SA 145 37.58 36.64 57.07
N UNK SA 146 36.52 35.91 56.68
CA UNK SA 146 36.17 35.74 55.27
C UNK SA 146 37.28 35.02 54.50
N UNK SA 147 37.65 33.84 55.01
CA UNK SA 147 38.68 33.06 54.36
C UNK SA 147 38.23 32.63 52.97
N UNK SA 148 39.20 32.39 52.09
CA UNK SA 148 38.93 31.99 50.71
C UNK SA 148 38.70 30.48 50.63
N UNK SA 149 37.73 30.01 51.41
CA UNK SA 149 37.31 28.61 51.48
C UNK SA 149 38.29 27.71 52.24
N UNK SA 150 39.40 28.25 52.72
CA UNK SA 150 40.36 27.42 53.46
C UNK SA 150 39.75 26.90 54.75
N UNK SA 151 39.02 27.75 55.48
CA UNK SA 151 38.39 27.30 56.71
C UNK SA 151 37.38 26.20 56.44
N UNK SA 152 36.59 26.33 55.36
CA UNK SA 152 35.63 25.30 55.02
C UNK SA 152 36.32 24.01 54.64
N UNK SA 153 37.37 24.09 53.81
CA UNK SA 153 38.12 22.89 53.43
C UNK SA 153 38.69 22.19 54.66
N UNK SA 154 39.21 22.96 55.62
CA UNK SA 154 39.75 22.38 56.84
C UNK SA 154 38.64 21.70 57.65
N UNK SA 155 37.54 22.42 57.90
CA UNK SA 155 36.44 21.85 58.67
C UNK SA 155 35.90 20.58 58.00
N UNK SA 156 36.01 20.49 56.68
CA UNK SA 156 35.54 19.30 55.98
C UNK SA 156 36.53 18.15 56.09
N UNK SA 157 37.81 18.41 55.80
CA UNK SA 157 38.82 17.36 55.82
C UNK SA 157 39.06 16.86 57.24
N UNK SA 158 39.50 17.74 58.13
CA UNK SA 158 39.79 17.32 59.50
C UNK SA 158 38.56 16.82 60.24
N UNK SA 159 37.36 17.02 59.71
CA UNK SA 159 36.13 16.59 60.35
C UNK SA 159 35.89 15.10 60.10
N UNK SA 160 36.89 14.29 60.45
CA UNK SA 160 36.83 12.84 60.32
C UNK SA 160 36.63 12.14 61.65
N UNK SA 161 35.87 12.74 62.57
CA UNK SA 161 35.65 12.17 63.88
C UNK SA 161 34.65 11.02 63.79
N UNK SA 162 34.25 10.50 64.94
CA UNK SA 162 33.31 9.39 65.03
C UNK SA 162 32.15 9.82 65.91
N UNK SA 163 30.94 9.77 65.36
CA UNK SA 163 29.68 10.14 65.99
C UNK SA 163 29.50 11.65 66.13
N UNK SA 164 30.50 12.47 65.79
CA UNK SA 164 30.41 13.93 65.85
C UNK SA 164 30.87 14.48 64.51
N UNK SA 165 29.93 14.62 63.58
CA UNK SA 165 30.25 15.12 62.24
C UNK SA 165 29.21 16.10 61.70
N UNK SA 166 28.31 16.61 62.54
CA UNK SA 166 27.27 17.51 62.06
C UNK SA 166 27.79 18.94 61.94
N UNK SA 167 28.91 19.12 61.25
CA UNK SA 167 29.46 20.44 61.00
C UNK SA 167 29.74 20.70 59.52
N UNK SA 168 30.22 19.69 58.79
CA UNK SA 168 30.47 19.88 57.36
C UNK SA 168 29.19 20.18 56.60
N UNK SA 169 28.05 19.68 57.09
CA UNK SA 169 26.77 20.01 56.47
C UNK SA 169 26.54 21.51 56.48
N UNK SA 170 26.48 22.10 57.68
CA UNK SA 170 26.27 23.54 57.80
C UNK SA 170 27.40 24.34 57.16
N UNK SA 171 28.59 23.74 57.06
CA UNK SA 171 29.73 24.35 56.37
C UNK SA 171 29.48 24.52 54.88
N UNK SA 172 29.36 23.39 54.16
CA UNK SA 172 28.96 23.44 52.75
C UNK SA 172 27.67 24.22 52.58
N UNK SA 173 26.92 24.36 53.66
CA UNK SA 173 25.87 25.34 53.86
C UNK SA 173 26.57 26.67 54.13
N UNK SA 174 25.95 27.50 54.96
CA UNK SA 174 26.39 28.87 55.19
C UNK SA 174 27.91 29.02 55.25
N UNK SA 175 28.61 28.06 55.85
CA UNK SA 175 30.04 28.20 56.04
C UNK SA 175 30.78 28.31 54.70
N UNK SA 176 30.24 27.69 53.66
CA UNK SA 176 30.86 27.73 52.34
C UNK SA 176 29.85 27.99 51.22
N UNK SA 177 28.59 28.27 51.55
CA UNK SA 177 27.59 28.53 50.53
C UNK SA 177 27.94 29.76 49.70
N UNK SA 178 28.64 30.73 50.30
CA UNK SA 178 29.00 31.95 49.60
C UNK SA 178 29.98 31.73 48.46
N UNK SA 179 30.51 30.51 48.32
CA UNK SA 179 31.46 30.22 47.25
C UNK SA 179 30.72 29.91 45.95
N UNK SA 180 31.49 29.81 44.86
CA UNK SA 180 30.92 29.52 43.56
C UNK SA 180 30.43 28.07 43.44
N UNK SA 181 30.68 27.23 44.44
CA UNK SA 181 30.25 25.84 44.42
C UNK SA 181 28.83 25.64 44.94
N UNK SA 182 28.02 26.69 44.95
CA UNK SA 182 26.65 26.57 45.43
C UNK SA 182 25.82 25.67 44.52
N UNK SA 183 25.92 25.89 43.20
CA UNK SA 183 25.15 25.09 42.25
C UNK SA 183 25.45 23.60 42.35
N UNK SA 184 26.60 23.23 42.93
CA UNK SA 184 26.98 21.83 43.07
C UNK SA 184 26.97 21.36 44.52
N UNK SA 185 26.69 22.25 45.48
CA UNK SA 185 26.64 21.87 46.88
C UNK SA 185 25.26 21.98 47.51
N UNK SA 186 24.35 22.74 46.90
CA UNK SA 186 23.00 22.86 47.46
C UNK SA 186 22.29 21.52 47.49
N UNK SA 187 22.14 20.88 46.34
CA UNK SA 187 21.48 19.59 46.27
C UNK SA 187 22.26 18.56 47.09
N UNK SA 188 21.53 17.74 47.84
CA UNK SA 188 22.04 16.68 48.70
C UNK SA 188 22.66 17.19 49.99
N UNK SA 189 22.71 18.51 50.21
CA UNK SA 189 23.29 19.02 51.44
C UNK SA 189 22.38 18.78 52.64
N UNK SA 190 21.09 19.12 52.51
CA UNK SA 190 20.13 18.93 53.58
C UNK SA 190 19.66 17.49 53.71
N UNK SA 191 20.16 16.57 52.88
CA UNK SA 191 19.77 15.17 52.91
C UNK SA 191 20.66 14.33 53.82
N UNK SA 192 21.30 14.94 54.82
CA UNK SA 192 22.17 14.19 55.72
C UNK SA 192 21.40 13.08 56.42
N UNK SA 193 20.36 13.44 57.17
CA UNK SA 193 19.56 12.46 57.90
C UNK SA 193 20.41 11.61 58.84
N UNK SA 194 21.20 12.30 59.67
CA UNK SA 194 22.09 11.60 60.60
C UNK SA 194 21.28 10.73 61.57
N UNK SA 195 20.43 11.36 62.38
CA UNK SA 195 19.64 10.63 63.36
C UNK SA 195 18.19 11.09 63.43
N UNK SA 196 17.71 11.86 62.46
CA UNK SA 196 16.36 12.40 62.39
C UNK SA 196 16.14 13.59 63.30
N UNK SA 197 17.17 14.08 64.00
CA UNK SA 197 17.06 15.22 64.89
C UNK SA 197 17.70 16.48 64.33
N UNK SA 198 18.84 16.37 63.67
CA UNK SA 198 19.54 17.50 63.08
C UNK SA 198 18.86 18.05 61.83
N UNK SA 199 17.64 17.57 61.49
CA UNK SA 199 16.95 18.06 60.30
C UNK SA 199 16.77 19.57 60.31
N UNK SA 200 16.82 20.20 61.49
CA UNK SA 200 16.68 21.65 61.55
C UNK SA 200 17.71 22.35 60.68
N UNK SA 201 18.93 21.80 60.62
CA UNK SA 201 19.99 22.39 59.80
C UNK SA 201 19.66 22.33 58.32
N UNK SA 202 18.62 21.60 57.91
CA UNK SA 202 18.27 21.51 56.50
C UNK SA 202 17.98 22.87 55.88
N UNK SA 203 17.69 23.89 56.70
CA UNK SA 203 17.40 25.22 56.17
C UNK SA 203 18.56 25.78 55.33
N UNK SA 204 19.77 25.25 55.51
CA UNK SA 204 20.90 25.72 54.73
C UNK SA 204 20.69 25.45 53.24
N UNK SA 205 20.10 24.30 52.92
CA UNK SA 205 19.83 23.98 51.52
C UNK SA 205 18.84 24.98 50.92
N UNK SA 206 17.75 25.26 51.62
CA UNK SA 206 16.78 26.22 51.13
C UNK SA 206 17.39 27.60 51.00
N UNK SA 207 18.27 27.98 51.94
CA UNK SA 207 18.92 29.28 51.86
C UNK SA 207 19.82 29.37 50.64
N UNK SA 208 20.63 28.34 50.40
CA UNK SA 208 21.49 28.31 49.22
C UNK SA 208 20.67 28.34 47.94
N UNK SA 209 19.53 27.64 47.93
CA UNK SA 209 18.66 27.67 46.75
C UNK SA 209 18.12 29.07 46.50
N UNK SA 210 17.57 29.70 47.54
CA UNK SA 210 17.06 31.05 47.40
C UNK SA 210 18.15 32.01 46.94
N UNK SA 211 19.38 31.82 47.41
CA UNK SA 211 20.49 32.66 47.01
C UNK SA 211 20.96 32.41 45.58
N UNK SA 212 20.31 31.51 44.85
CA UNK SA 212 20.68 31.23 43.48
C UNK SA 212 19.49 31.38 42.55
N UNK SA 213 18.29 31.15 43.09
CA UNK SA 213 17.06 31.26 42.33
C UNK SA 213 15.89 31.38 43.31
N UNK SA 214 14.68 31.43 42.76
CA UNK SA 214 13.47 31.53 43.58
C UNK SA 214 12.36 30.75 42.91
N UNK SA 215 11.27 30.57 43.65
CA UNK SA 215 10.08 29.85 43.21
C UNK SA 215 10.29 28.35 43.07
N UNK SA 216 11.37 27.80 43.62
CA UNK SA 216 11.65 26.37 43.53
C UNK SA 216 12.16 25.81 44.85
N UNK SA 217 11.72 26.38 45.98
CA UNK SA 217 12.12 25.94 47.29
C UNK SA 217 10.92 25.74 48.21
N UNK SA 218 9.81 25.26 47.64
CA UNK SA 218 8.62 25.02 48.44
C UNK SA 218 8.65 23.69 49.16
N UNK SA 219 9.31 22.68 48.58
CA UNK SA 219 9.39 21.38 49.23
C UNK SA 219 10.11 21.48 50.57
N UNK SA 220 11.28 22.13 50.59
CA UNK SA 220 12.02 22.28 51.83
C UNK SA 220 11.26 23.15 52.83
N UNK SA 221 10.62 24.21 52.35
CA UNK SA 221 9.83 25.06 53.25
C UNK SA 221 8.73 24.25 53.92
N UNK SA 222 8.03 23.41 53.16
CA UNK SA 222 6.97 22.60 53.74
C UNK SA 222 7.52 21.55 54.70
N UNK SA 223 8.62 20.88 54.31
CA UNK SA 223 9.20 19.87 55.17
C UNK SA 223 9.75 20.47 56.46
N UNK SA 224 10.10 21.74 56.46
CA UNK SA 224 10.55 22.41 57.68
C UNK SA 224 9.37 22.90 58.52
N UNK SA 225 8.35 23.47 57.89
CA UNK SA 225 7.17 23.90 58.63
C UNK SA 225 6.46 22.71 59.27
N UNK SA 226 6.54 21.53 58.66
CA UNK SA 226 5.89 20.36 59.23
C UNK SA 226 6.57 19.91 60.51
N UNK SA 227 7.89 19.73 60.48
CA UNK SA 227 8.65 19.23 61.62
C UNK SA 227 9.36 20.34 62.39
N UNK SA 228 8.85 21.57 62.33
CA UNK SA 228 9.40 22.67 63.10
C UNK SA 228 8.42 23.28 64.09
N UNK SA 229 7.14 22.93 64.04
CA UNK SA 229 6.15 23.48 64.96
C UNK SA 229 4.91 22.58 65.03
N UNK SA 230 10.46 26.68 67.34
CA UNK SA 230 11.09 27.96 67.02
C UNK SA 230 11.39 28.06 65.53
N UNK SA 231 11.72 26.92 64.91
CA UNK SA 231 12.02 26.89 63.49
C UNK SA 231 10.81 27.20 62.61
N UNK SA 232 9.60 27.19 63.17
CA UNK SA 232 8.41 27.49 62.37
C UNK SA 232 8.46 28.90 61.81
N UNK SA 233 9.05 29.84 62.54
CA UNK SA 233 9.14 31.22 62.05
C UNK SA 233 9.94 31.30 60.76
N UNK SA 234 11.22 30.90 60.82
CA UNK SA 234 12.05 30.93 59.62
C UNK SA 234 11.53 29.98 58.55
N UNK SA 235 10.98 28.83 58.95
CA UNK SA 235 10.41 27.90 57.99
C UNK SA 235 9.26 28.55 57.22
N UNK SA 236 8.28 29.08 57.95
CA UNK SA 236 7.15 29.74 57.30
C UNK SA 236 7.62 30.91 56.45
N UNK SA 237 8.60 31.67 56.93
CA UNK SA 237 9.13 32.79 56.16
C UNK SA 237 9.68 32.32 54.82
N UNK SA 238 10.63 31.38 54.85
CA UNK SA 238 11.21 30.86 53.62
C UNK SA 238 10.13 30.23 52.73
N UNK SA 239 9.07 29.68 53.31
CA UNK SA 239 8.01 29.08 52.51
C UNK SA 239 7.30 30.13 51.68
N UNK SA 240 6.88 31.23 52.30
CA UNK SA 240 6.21 32.28 51.55
C UNK SA 240 7.09 32.84 50.45
N UNK SA 241 8.40 32.93 50.70
CA UNK SA 241 9.31 33.44 49.67
C UNK SA 241 9.24 32.62 48.40
N UNK SA 242 9.19 31.28 48.53
CA UNK SA 242 9.11 30.42 47.36
C UNK SA 242 7.83 30.69 46.57
N UNK SA 243 6.68 30.45 47.18
CA UNK SA 243 5.41 30.64 46.50
C UNK SA 243 4.97 32.09 46.51
N UNK SA 244 4.76 32.66 47.71
CA UNK SA 244 4.31 34.03 47.80
C UNK SA 244 5.37 35.00 47.31
N UNK SA 245 6.63 34.78 47.71
CA UNK SA 245 7.71 35.65 47.24
C UNK SA 245 7.90 35.52 45.74
N UNK SA 246 7.79 34.30 45.21
CA UNK SA 246 7.91 34.12 43.77
C UNK SA 246 6.81 34.84 43.02
N UNK SA 247 5.57 34.75 43.51
CA UNK SA 247 4.46 35.45 42.87
C UNK SA 247 4.66 36.96 42.94
N UNK SA 248 5.14 37.46 44.08
CA UNK SA 248 5.37 38.90 44.21
C UNK SA 248 6.46 39.36 43.25
N UNK SA 249 7.54 38.58 43.11
CA UNK SA 249 8.60 38.94 42.19
C UNK SA 249 8.11 38.91 40.75
N UNK SA 250 7.29 37.90 40.40
CA UNK SA 250 6.74 37.84 39.06
C UNK SA 250 5.84 39.04 38.77
N UNK SA 251 5.01 39.42 39.74
CA UNK SA 251 4.14 40.59 39.55
C UNK SA 251 4.95 41.86 39.42
N UNK SA 252 6.02 41.99 40.22
CA UNK SA 252 6.86 43.19 40.14
C UNK SA 252 7.49 43.35 38.76
N UNK SA 253 7.78 42.23 38.08
CA UNK SA 253 8.36 42.31 36.75
C UNK SA 253 7.49 43.09 35.78
N UNK SA 254 6.16 43.10 36.00
CA UNK SA 254 5.27 43.83 35.13
C UNK SA 254 5.57 45.32 35.08
N UNK SA 255 6.25 45.85 36.10
CA UNK SA 255 6.58 47.27 36.11
C UNK SA 255 7.35 47.68 34.85
N UNK SA 256 8.28 46.82 34.41
CA UNK SA 256 9.04 47.13 33.21
C UNK SA 256 8.14 47.19 31.98
N UNK SA 257 7.33 46.15 31.78
CA UNK SA 257 6.38 46.11 30.68
C UNK SA 257 5.00 46.63 31.07
N UNK SA 258 4.91 47.43 32.13
CA UNK SA 258 3.66 47.98 32.62
C UNK SA 258 3.11 49.12 31.77
N UNK SA 259 3.69 49.38 30.60
CA UNK SA 259 3.21 50.47 29.76
C UNK SA 259 1.70 50.41 29.57
N UNK SA 260 1.22 49.33 28.99
CA UNK SA 260 -0.22 49.13 28.81
C UNK SA 260 -0.44 47.76 28.18
N UNK SA 261 -1.66 47.24 28.35
CA UNK SA 261 -2.06 45.97 27.74
C UNK SA 261 -1.02 44.87 27.99
N UNK SA 262 -0.68 44.68 29.26
CA UNK SA 262 0.29 43.66 29.62
C UNK SA 262 0.34 43.54 31.13
N UNK SA 263 0.64 42.32 31.60
CA UNK SA 263 0.80 42.04 33.03
C UNK SA 263 -0.48 42.36 33.82
N UNK SA 264 -1.61 41.93 33.27
CA UNK SA 264 -2.90 42.06 33.96
C UNK SA 264 -3.49 40.71 34.33
N UNK SA 265 -3.71 39.83 33.37
CA UNK SA 265 -4.27 38.52 33.68
C UNK SA 265 -3.24 37.64 34.36
N UNK SA 266 -2.00 37.66 33.88
CA UNK SA 266 -0.93 36.91 34.54
C UNK SA 266 -0.75 37.38 35.98
N UNK SA 267 -0.73 38.70 36.19
CA UNK SA 267 -0.58 39.23 37.53
C UNK SA 267 -1.76 38.86 38.43
N UNK SA 268 -2.98 38.91 37.87
CA UNK SA 268 -4.15 38.52 38.65
C UNK SA 268 -4.08 37.06 39.07
N UNK SA 269 -3.71 36.18 38.13
CA UNK SA 269 -3.60 34.76 38.46
C UNK SA 269 -2.50 34.52 39.49
N UNK SA 270 -1.38 35.25 39.36
CA UNK SA 270 -0.30 35.11 40.33
C UNK SA 270 -0.75 35.53 41.72
N UNK SA 271 -1.42 36.68 41.82
CA UNK SA 271 -1.91 37.14 43.11
C UNK SA 271 -2.91 36.15 43.70
N UNK SA 272 -3.79 35.60 42.86
CA UNK SA 272 -4.77 34.62 43.35
C UNK SA 272 -4.07 33.38 43.89
N UNK SA 273 -3.10 32.86 43.15
CA UNK SA 273 -2.38 31.67 43.60
C UNK SA 273 -1.61 31.96 44.88
N UNK SA 274 -1.03 33.15 44.99
CA UNK SA 274 -0.29 33.51 46.21
C UNK SA 274 -1.22 33.59 47.41
N UNK SA 275 -2.39 34.21 47.23
CA UNK SA 275 -3.36 34.27 48.32
C UNK SA 275 -3.84 32.88 48.71
N UNK SA 276 -4.08 32.01 47.73
CA UNK SA 276 -4.52 30.66 48.03
C UNK SA 276 -3.46 29.91 48.81
N UNK SA 277 -2.20 30.03 48.39
CA UNK SA 277 -1.11 29.36 49.10
C UNK SA 277 -0.98 29.89 50.52
N UNK SA 278 -1.07 31.21 50.70
CA UNK SA 278 -0.99 31.79 52.04
C UNK SA 278 -2.12 31.29 52.92
N UNK SA 279 -3.33 31.22 52.39
CA UNK SA 279 -4.45 30.71 53.16
C UNK SA 279 -4.24 29.26 53.55
N UNK SA 280 -3.82 28.42 52.58
CA UNK SA 280 -3.59 27.02 52.87
C UNK SA 280 -2.47 26.82 53.88
N UNK SA 281 -1.49 27.72 53.91
CA UNK SA 281 -0.38 27.57 54.84
C UNK SA 281 -0.71 28.12 56.22
N UNK SA 282 -1.59 29.12 56.31
CA UNK SA 282 -1.93 29.70 57.60
C UNK SA 282 -2.49 28.65 58.56
N UNK SA 283 -3.62 28.04 58.21
CA UNK SA 283 -4.25 27.06 59.09
C UNK SA 283 -3.60 25.68 58.95
N UNK SA 284 -3.67 25.11 57.75
CA UNK SA 284 -3.09 23.79 57.51
C UNK SA 284 -3.33 23.44 56.04
N UNK SA 285 -2.53 22.50 55.54
CA UNK SA 285 -2.64 22.06 54.16
C UNK SA 285 -1.84 20.78 53.92
N UNK TA 1 -11.05 38.25 44.69
CA UNK TA 1 -10.41 38.08 45.99
C UNK TA 1 -8.90 38.30 45.88
N UNK TA 2 -8.50 39.56 45.69
CA UNK TA 2 -7.09 39.91 45.58
C UNK TA 2 -6.61 40.79 46.72
N UNK TA 3 -7.32 41.88 47.02
CA UNK TA 3 -6.90 42.76 48.11
C UNK TA 3 -6.93 42.03 49.45
N UNK TA 4 -8.00 41.27 49.70
CA UNK TA 4 -8.10 40.53 50.96
C UNK TA 4 -6.99 39.49 51.08
N UNK TA 5 -6.72 38.77 49.98
CA UNK TA 5 -5.65 37.77 50.01
C UNK TA 5 -4.29 38.43 50.25
N UNK TA 6 -4.03 39.56 49.61
CA UNK TA 6 -2.77 40.26 49.83
C UNK TA 6 -2.64 40.73 51.27
N UNK TA 7 -3.72 41.28 51.83
CA UNK TA 7 -3.69 41.73 53.21
C UNK TA 7 -3.45 40.57 54.17
N UNK TA 8 -4.10 39.43 53.92
CA UNK TA 8 -3.89 38.25 54.77
C UNK TA 8 -2.46 37.77 54.67
N UNK TA 9 -1.90 37.72 53.46
CA UNK TA 9 -0.52 37.28 53.29
C UNK TA 9 0.45 38.22 53.99
N UNK TA 10 0.19 39.53 53.91
CA UNK TA 10 1.06 40.49 54.58
C UNK TA 10 0.97 40.37 56.10
N UNK TA 11 -0.24 40.19 56.63
CA UNK TA 11 -0.40 40.07 58.07
C UNK TA 11 0.19 38.76 58.60
N UNK TA 12 0.12 37.69 57.81
CA UNK TA 12 0.65 36.41 58.26
C UNK TA 12 2.14 36.49 58.55
N UNK TA 13 2.91 37.07 57.61
CA UNK TA 13 4.35 37.16 57.80
C UNK TA 13 4.70 38.16 58.90
N UNK TA 14 4.31 39.43 58.72
CA UNK TA 14 4.57 40.52 59.65
C UNK TA 14 6.01 40.99 59.65
N UNK TA 15 6.90 40.37 58.88
CA UNK TA 15 8.29 40.76 58.82
C UNK TA 15 8.51 41.79 57.71
N UNK TA 16 9.77 42.07 57.39
CA UNK TA 16 10.08 43.04 56.33
C UNK TA 16 9.45 42.66 55.00
N UNK TA 17 9.08 41.39 54.82
CA UNK TA 17 8.45 40.98 53.57
C UNK TA 17 7.13 41.71 53.31
N UNK TA 18 6.58 42.38 54.32
CA UNK TA 18 5.34 43.11 54.13
C UNK TA 18 5.51 44.22 53.10
N UNK TA 19 6.69 44.85 53.05
CA UNK TA 19 6.94 45.88 52.06
C UNK TA 19 6.84 45.32 50.64
N UNK TA 20 7.52 44.20 50.39
CA UNK TA 20 7.46 43.58 49.07
C UNK TA 20 6.04 43.11 48.76
N UNK TA 21 5.33 42.60 49.76
CA UNK TA 21 3.95 42.15 49.54
C UNK TA 21 3.07 43.32 49.11
N UNK TA 22 3.19 44.46 49.81
CA UNK TA 22 2.40 45.64 49.43
C UNK TA 22 2.80 46.14 48.06
N UNK TA 23 4.10 46.14 47.75
CA UNK TA 23 4.55 46.57 46.43
C UNK TA 23 3.94 45.71 45.34
N UNK TA 24 3.95 44.39 45.53
CA UNK TA 24 3.36 43.47 44.55
C UNK TA 24 1.86 43.73 44.42
N UNK TA 25 1.15 43.82 45.55
CA UNK TA 25 -0.27 44.07 45.52
C UNK TA 25 -0.61 45.38 44.81
N UNK TA 26 0.29 46.37 44.89
CA UNK TA 26 0.07 47.64 44.22
C UNK TA 26 -0.23 47.46 42.74
N UNK TA 27 0.33 46.41 42.12
CA UNK TA 27 0.06 46.16 40.71
C UNK TA 27 -1.41 45.84 40.46
N UNK TA 28 -2.01 45.04 41.35
CA UNK TA 28 -3.43 44.72 41.22
C UNK TA 28 -4.28 45.99 41.27
N UNK TA 29 -3.96 46.89 42.21
CA UNK TA 29 -4.70 48.14 42.32
C UNK TA 29 -4.51 49.00 41.08
N UNK TA 30 -3.25 49.14 40.62
CA UNK TA 30 -2.98 49.95 39.44
C UNK TA 30 -3.67 49.39 38.21
N UNK TA 31 -3.90 48.08 38.16
CA UNK TA 31 -4.59 47.48 37.03
C UNK TA 31 -6.11 47.66 37.14
N UNK TA 32 -6.66 47.47 38.34
CA UNK TA 32 -8.09 47.64 38.54
C UNK TA 32 -8.52 49.07 38.21
N UNK TA 33 -7.79 50.05 38.73
CA UNK TA 33 -8.14 51.45 38.48
C UNK TA 33 -8.15 51.73 36.99
N UNK TA 34 -9.10 52.57 36.56
CA UNK TA 34 -9.32 52.97 35.18
C UNK TA 34 -9.92 51.87 34.31
N UNK TA 35 -10.12 50.66 34.86
CA UNK TA 35 -10.72 49.58 34.10
C UNK TA 35 -11.73 48.77 34.91
N UNK TA 36 -12.17 49.27 36.05
CA UNK TA 36 -13.11 48.54 36.90
C UNK TA 36 -13.86 49.57 37.75
N UNK TA 37 -14.57 49.07 38.77
CA UNK TA 37 -15.36 49.93 39.65
C UNK TA 37 -14.43 50.59 40.68
N UNK TA 38 -15.03 51.25 41.68
CA UNK TA 38 -14.26 51.94 42.70
C UNK TA 38 -14.71 51.52 44.09
N UNK TA 39 -14.22 52.22 45.12
CA UNK TA 39 -14.54 51.91 46.50
C UNK TA 39 -13.88 50.63 46.99
N UNK TA 40 -12.75 50.26 46.37
CA UNK TA 40 -11.99 49.07 46.74
C UNK TA 40 -10.87 49.37 47.73
N UNK TA 41 -11.01 50.43 48.54
CA UNK TA 41 -9.97 50.81 49.48
C UNK TA 41 -9.60 49.64 50.38
N UNK TA 42 -8.30 49.36 50.47
CA UNK TA 42 -7.78 48.30 51.31
C UNK TA 42 -6.43 48.75 51.88
N UNK TA 43 -5.77 47.86 52.62
CA UNK TA 43 -4.50 48.16 53.26
C UNK TA 43 -4.62 49.37 54.17
N UNK TA 44 -5.47 49.20 55.19
CA UNK TA 44 -5.80 50.29 56.10
C UNK TA 44 -4.66 50.58 57.08
N UNK TA 45 -3.55 51.11 56.55
CA UNK TA 45 -2.43 51.52 57.40
C UNK TA 45 -2.44 53.01 57.70
N UNK TA 46 -3.17 53.81 56.94
CA UNK TA 46 -3.27 55.25 57.16
C UNK TA 46 -4.43 55.77 56.32
N UNK TA 47 -5.19 56.70 56.89
CA UNK TA 47 -6.37 57.24 56.21
C UNK TA 47 -6.57 58.68 56.70
N UNK TA 48 -6.29 59.65 55.82
CA UNK TA 48 -6.47 61.05 56.17
C UNK TA 48 -7.15 61.85 55.06
N UNK TA 49 -7.85 61.17 54.14
CA UNK TA 49 -8.54 61.83 53.04
C UNK TA 49 -9.90 61.17 52.88
N UNK TA 50 -10.96 61.88 53.28
CA UNK TA 50 -12.33 61.37 53.19
C UNK TA 50 -13.11 62.00 52.04
N UNK TA 51 -12.42 62.58 51.06
CA UNK TA 51 -13.11 63.19 49.92
C UNK TA 51 -13.93 62.17 49.16
N UNK TA 52 -13.41 60.96 48.99
CA UNK TA 52 -14.08 59.87 48.27
C UNK TA 52 -14.08 60.05 46.76
N UNK TA 53 -13.35 61.04 46.25
CA UNK TA 53 -13.32 61.27 44.81
C UNK TA 53 -12.45 60.22 44.12
N UNK TA 54 -12.84 59.85 42.90
CA UNK TA 54 -12.09 58.86 42.14
C UNK TA 54 -10.64 59.28 41.97
N UNK TA 55 -10.42 60.42 41.33
CA UNK TA 55 -9.05 60.90 41.12
C UNK TA 55 -8.37 61.21 42.46
N UNK TA 56 -9.09 61.85 43.38
CA UNK TA 56 -8.51 62.17 44.68
C UNK TA 56 -8.15 60.91 45.45
N UNK TA 57 -9.04 59.91 45.44
CA UNK TA 57 -8.76 58.66 46.13
C UNK TA 57 -7.57 57.94 45.50
N UNK TA 58 -7.50 57.95 44.16
CA UNK TA 58 -6.36 57.32 43.49
C UNK TA 58 -5.06 58.00 43.85
N UNK TA 59 -5.05 59.34 43.86
CA UNK TA 59 -3.84 60.07 44.24
C UNK TA 59 -3.45 59.79 45.68
N UNK TA 60 -4.43 59.74 46.59
CA UNK TA 60 -4.14 59.45 47.98
C UNK TA 60 -3.55 58.05 48.13
N UNK TA 61 -4.11 57.07 47.43
CA UNK TA 61 -3.58 55.71 47.50
C UNK TA 61 -2.17 55.64 46.93
N UNK TA 62 -1.93 56.33 45.81
CA UNK TA 62 -0.58 56.35 45.23
C UNK TA 62 0.43 56.97 46.19
N UNK TA 63 0.04 58.07 46.86
CA UNK TA 63 0.93 58.69 47.83
C UNK TA 63 1.20 57.76 49.01
N UNK TA 64 0.14 57.15 49.54
CA UNK TA 64 0.32 56.21 50.64
C UNK TA 64 1.26 55.08 50.26
N UNK TA 65 1.12 54.55 49.05
CA UNK TA 65 2.02 53.51 48.58
C UNK TA 65 3.46 54.01 48.49
N UNK TA 66 3.67 55.07 47.70
CA UNK TA 66 5.02 55.62 47.55
C UNK TA 66 5.64 56.02 48.88
N UNK TA 67 4.84 56.19 49.94
CA UNK TA 67 5.37 56.55 51.25
C UNK TA 67 5.65 55.35 52.14
N UNK TA 68 4.77 54.34 52.14
CA UNK TA 68 4.88 53.23 53.08
C UNK TA 68 5.25 51.90 52.42
N UNK TA 69 5.71 51.93 51.16
CA UNK TA 69 6.18 50.70 50.52
C UNK TA 69 7.60 50.32 50.90
N UNK TA 70 8.29 51.16 51.68
CA UNK TA 70 9.67 50.91 52.10
C UNK TA 70 9.84 51.19 53.58
N UNK TA 71 8.87 50.77 54.39
CA UNK TA 71 8.98 50.99 55.83
C UNK TA 71 10.17 50.25 56.43
N UNK TA 72 10.46 49.05 55.92
CA UNK TA 72 11.59 48.26 56.41
C UNK TA 72 12.84 48.57 55.58
N UNK TA 73 13.88 47.77 55.77
CA UNK TA 73 15.12 47.98 55.02
C UNK TA 73 14.86 47.84 53.52
N UNK TA 74 15.79 48.38 52.73
CA UNK TA 74 15.68 48.34 51.29
C UNK TA 74 17.01 48.77 50.69
N UNK TA 75 17.27 48.30 49.47
CA UNK TA 75 18.51 48.62 48.77
C UNK TA 75 18.22 49.22 47.40
N UNK TA 76 19.26 49.39 46.58
CA UNK TA 76 19.07 49.95 45.25
C UNK TA 76 18.05 49.14 44.45
N UNK TA 77 18.10 47.82 44.56
CA UNK TA 77 17.15 46.97 43.83
C UNK TA 77 15.72 47.23 44.29
N UNK TA 78 15.50 47.25 45.61
CA UNK TA 78 14.17 47.51 46.13
C UNK TA 78 13.69 48.91 45.77
N UNK TA 79 14.59 49.90 45.81
CA UNK TA 79 14.22 51.26 45.43
C UNK TA 79 13.80 51.32 43.98
N UNK TA 80 14.57 50.69 43.09
CA UNK TA 80 14.22 50.69 41.68
C UNK TA 80 12.90 49.97 41.44
N UNK TA 81 12.66 48.86 42.16
CA UNK TA 81 11.40 48.14 42.02
C UNK TA 81 10.23 49.01 42.46
N UNK TA 82 10.37 49.69 43.59
CA UNK TA 82 9.31 50.58 44.07
C UNK TA 82 9.06 51.72 43.09
N UNK TA 83 10.13 52.26 42.51
CA UNK TA 83 9.96 53.34 41.53
C UNK TA 83 9.24 52.84 40.29
N UNK TA 84 9.61 51.67 39.80
CA UNK TA 84 8.93 51.09 38.64
C UNK TA 84 7.47 50.83 38.94
N UNK TA 85 7.16 50.34 40.14
CA UNK TA 85 5.77 50.09 40.50
C UNK TA 85 4.99 51.39 40.57
N UNK TA 86 5.56 52.42 41.21
CA UNK TA 86 4.89 53.72 41.26
C UNK TA 86 4.63 54.26 39.86
N UNK TA 87 5.61 54.10 38.95
CA UNK TA 87 5.42 54.57 37.58
C UNK TA 87 4.31 53.80 36.89
N UNK TA 88 4.35 52.48 36.95
CA UNK TA 88 3.33 51.66 36.30
C UNK TA 88 1.95 51.87 36.90
N UNK TA 89 1.86 52.39 38.13
CA UNK TA 89 0.58 52.65 38.75
C UNK TA 89 0.10 54.08 38.60
N UNK TA 90 1.00 55.02 38.29
CA UNK TA 90 0.63 56.42 38.11
C UNK TA 90 0.45 56.81 36.65
N UNK TA 91 1.41 56.46 35.78
CA UNK TA 91 1.32 56.83 34.38
C UNK TA 91 0.16 56.15 33.65
N UNK TA 92 -0.55 55.22 34.30
CA UNK TA 92 -1.69 54.55 33.71
C UNK TA 92 -3.00 54.83 34.44
N UNK TA 93 -3.02 55.84 35.30
CA UNK TA 93 -4.21 56.22 36.06
C UNK TA 93 -4.65 57.64 35.72
N UNK TA 94 -4.64 57.97 34.42
CA UNK TA 94 -5.00 59.32 33.96
C UNK TA 94 -6.52 59.49 33.94
N UNK TA 95 -7.13 59.30 35.11
CA UNK TA 95 -8.57 59.45 35.28
C UNK TA 95 -8.86 60.23 36.56
N UNK TA 96 -8.04 61.21 36.86
CA UNK TA 96 -8.19 62.02 38.06
C UNK TA 96 -7.67 63.43 37.78
N UNK TA 97 -7.41 64.20 38.84
CA UNK TA 97 -6.92 65.56 38.69
C UNK TA 97 -5.62 65.75 39.47
N UNK TA 98 -5.14 66.98 39.55
CA UNK TA 98 -3.90 67.30 40.24
C UNK TA 98 -2.71 66.56 39.63
N UNK TA 99 -2.49 66.84 38.34
CA UNK TA 99 -1.42 66.22 37.59
C UNK TA 99 -0.04 66.81 37.88
N UNK TA 100 0.07 67.69 38.87
CA UNK TA 100 1.36 68.27 39.21
C UNK TA 100 2.26 67.26 39.89
N UNK TA 101 1.74 66.58 40.92
CA UNK TA 101 2.52 65.55 41.59
C UNK TA 101 2.95 64.45 40.64
N UNK TA 102 2.15 64.20 39.59
CA UNK TA 102 2.52 63.18 38.61
C UNK TA 102 3.85 63.49 37.96
N UNK TA 103 4.15 64.77 37.74
CA UNK TA 103 5.42 65.14 37.14
C UNK TA 103 6.59 64.69 38.01
N UNK TA 104 6.56 65.07 39.30
CA UNK TA 104 7.62 64.65 40.21
C UNK TA 104 7.67 63.14 40.36
N UNK TA 105 6.52 62.47 40.33
CA UNK TA 105 6.50 61.02 40.43
C UNK TA 105 7.22 60.38 39.25
N UNK TA 106 6.90 60.84 38.03
CA UNK TA 106 7.56 60.31 36.84
C UNK TA 106 9.05 60.63 36.86
N UNK TA 107 9.42 61.82 37.33
CA UNK TA 107 10.83 62.18 37.42
C UNK TA 107 11.56 61.23 38.36
N UNK TA 108 11.00 60.98 39.54
CA UNK TA 108 11.61 60.05 40.50
C UNK TA 108 11.70 58.66 39.90
N UNK TA 109 10.65 58.20 39.23
CA UNK TA 109 10.67 56.88 38.61
C UNK TA 109 11.79 56.77 37.59
N UNK TA 110 11.93 57.80 36.74
CA UNK TA 110 12.97 57.78 35.72
C UNK TA 110 14.36 57.80 36.35
N UNK TA 111 14.54 58.61 37.39
CA UNK TA 111 15.83 58.64 38.07
C UNK TA 111 16.17 57.29 38.69
N UNK TA 112 15.18 56.64 39.32
CA UNK TA 112 15.43 55.33 39.90
C UNK TA 112 15.76 54.30 38.83
N UNK TA 113 15.03 54.34 37.70
CA UNK TA 113 15.32 53.40 36.62
C UNK TA 113 16.72 53.62 36.05
N UNK TA 114 17.13 54.88 35.90
CA UNK TA 114 18.48 55.17 35.41
C UNK TA 114 19.52 54.66 36.40
N UNK TA 115 19.32 54.91 37.69
CA UNK TA 115 20.27 54.44 38.69
C UNK TA 115 20.36 52.93 38.68
N UNK TA 116 19.23 52.24 38.53
CA UNK TA 116 19.25 50.78 38.46
C UNK TA 116 20.00 50.30 37.23
N UNK TA 117 19.67 50.83 36.06
CA UNK TA 117 20.38 50.45 34.84
C UNK TA 117 21.87 50.69 34.98
N UNK TA 118 22.26 51.75 35.69
CA UNK TA 118 23.68 52.05 35.86
C UNK TA 118 24.35 51.03 36.79
N UNK TA 119 23.79 50.82 37.98
CA UNK TA 119 24.38 49.97 39.00
C UNK TA 119 23.38 48.92 39.47
N UNK TA 120 22.72 48.27 38.52
CA UNK TA 120 21.75 47.22 38.82
C UNK TA 120 22.16 45.93 38.13
N UNK TA 121 21.59 44.82 38.59
CA UNK TA 121 21.87 43.51 38.02
C UNK TA 121 20.59 42.77 37.67
N UNK TA 122 19.50 43.11 38.35
CA UNK TA 122 18.21 42.48 38.12
C UNK TA 122 17.18 43.19 39.00
N UNK TA 123 15.91 42.83 38.80
CA UNK TA 123 14.82 43.41 39.57
C UNK TA 123 14.67 44.90 39.25
N UNK TA 124 23.21 41.22 32.09
CA UNK TA 124 23.29 41.78 30.75
C UNK TA 124 21.90 42.11 30.22
N UNK TA 125 21.00 42.50 31.13
CA UNK TA 125 19.63 42.86 30.78
C UNK TA 125 19.37 44.35 30.86
N UNK TA 126 20.43 45.16 30.88
CA UNK TA 126 20.25 46.61 30.96
C UNK TA 126 19.53 47.15 29.74
N UNK TA 127 19.66 46.48 28.59
CA UNK TA 127 18.99 46.94 27.39
C UNK TA 127 17.47 46.92 27.56
N UNK TA 128 16.94 45.83 28.12
CA UNK TA 128 15.51 45.74 28.35
C UNK TA 128 15.03 46.81 29.32
N UNK TA 129 15.80 47.06 30.37
CA UNK TA 129 15.42 48.10 31.33
C UNK TA 129 15.41 49.47 30.67
N UNK TA 130 16.43 49.76 29.86
CA UNK TA 130 16.47 51.04 29.17
C UNK TA 130 15.31 51.19 28.20
N UNK TA 131 14.98 50.12 27.47
CA UNK TA 131 13.85 50.17 26.55
C UNK TA 131 12.54 50.41 27.30
N UNK TA 132 12.35 49.73 28.43
CA UNK TA 132 11.15 49.93 29.21
C UNK TA 132 11.06 51.35 29.74
N UNK TA 133 12.18 51.90 30.22
CA UNK TA 133 12.19 53.28 30.71
C UNK TA 133 11.86 54.26 29.59
N UNK TA 134 12.43 54.04 28.40
CA UNK TA 134 12.14 54.92 27.28
C UNK TA 134 10.67 54.84 26.88
N UNK TA 135 10.11 53.63 26.85
CA UNK TA 135 8.70 53.48 26.51
C UNK TA 135 7.81 54.16 27.54
N UNK TA 136 8.15 54.03 28.83
CA UNK TA 136 7.36 54.68 29.87
C UNK TA 136 7.44 56.21 29.74
N UNK TA 137 8.64 56.73 29.47
CA UNK TA 137 8.79 58.17 29.30
C UNK TA 137 7.99 58.67 28.10
N UNK TA 138 8.02 57.91 27.00
CA UNK TA 138 7.25 58.30 25.82
C UNK TA 138 5.76 58.29 26.12
N UNK TA 139 5.27 57.25 26.81
CA UNK TA 139 3.87 57.18 27.16
C UNK TA 139 3.47 58.35 28.05
N UNK TA 140 4.31 58.68 29.03
CA UNK TA 140 4.03 59.81 29.91
C UNK TA 140 3.95 61.11 29.11
N UNK TA 141 4.95 61.36 28.27
CA UNK TA 141 4.95 62.57 27.45
C UNK TA 141 3.70 62.64 26.57
N UNK TA 142 3.29 61.51 26.00
CA UNK TA 142 2.09 61.50 25.16
C UNK TA 142 0.84 61.80 25.99
N UNK TA 143 0.74 61.23 27.18
CA UNK TA 143 -0.41 61.44 28.05
C UNK TA 143 -0.36 62.78 28.79
N UNK TA 144 0.63 63.63 28.50
CA UNK TA 144 0.72 64.92 29.18
C UNK TA 144 -0.51 65.78 28.88
N UNK TA 145 -0.73 66.09 27.61
CA UNK TA 145 -1.87 66.91 27.21
C UNK TA 145 -2.82 66.11 26.31
N SER UA 6 40.61 51.63 -14.26
CA SER UA 6 41.35 51.98 -13.06
C SER UA 6 41.08 53.43 -12.65
N LEU UA 7 40.43 54.18 -13.54
CA LEU UA 7 40.11 55.57 -13.26
C LEU UA 7 38.96 55.71 -12.27
N LEU UA 8 38.08 54.71 -12.19
CA LEU UA 8 36.95 54.77 -11.27
C LEU UA 8 37.36 54.53 -9.82
N ARG UA 9 38.57 54.05 -9.56
CA ARG UA 9 39.03 53.80 -8.20
C ARG UA 9 40.34 54.51 -7.88
N GLN UA 10 40.82 55.40 -8.76
CA GLN UA 10 42.07 56.11 -8.50
C GLN UA 10 41.95 57.08 -7.33
N CYS UA 11 40.74 57.49 -6.96
CA CYS UA 11 40.52 58.42 -5.86
C CYS UA 11 39.27 57.96 -5.11
N PRO UA 12 39.34 57.80 -3.79
CA PRO UA 12 38.17 57.36 -3.03
C PRO UA 12 37.08 58.42 -2.91
N LEU UA 13 37.26 59.59 -3.49
CA LEU UA 13 36.28 60.68 -3.44
C LEU UA 13 35.97 61.19 -4.83
N LEU UA 14 35.74 60.27 -5.76
CA LEU UA 14 35.43 60.60 -7.15
C LEU UA 14 34.09 59.95 -7.48
N LEU UA 15 33.00 60.70 -7.23
CA LEU UA 15 31.65 60.22 -7.49
C LEU UA 15 31.12 60.83 -8.78
N PRO UA 16 30.30 60.07 -9.53
CA PRO UA 16 29.75 60.62 -10.78
C PRO UA 16 28.76 61.74 -10.53
N GLN UA 17 29.13 62.97 -10.93
CA GLN UA 17 28.23 64.11 -10.71
C GLN UA 17 26.98 63.99 -11.57
N ASN UA 18 27.14 63.80 -12.87
CA ASN UA 18 26.02 63.68 -13.79
C ASN UA 18 26.17 62.43 -14.63
N ARG UA 19 25.04 61.88 -15.07
CA ARG UA 19 25.05 60.68 -15.90
C ARG UA 19 25.74 60.91 -17.24
N GLU UA 20 25.82 62.16 -17.69
CA GLU UA 20 26.46 62.46 -18.96
C GLU UA 20 27.98 62.38 -18.92
N GLY UA 21 28.56 62.00 -17.78
CA GLY UA 21 30.00 61.88 -17.67
C GLY UA 21 30.65 63.11 -17.08
N THR UA 22 30.10 63.63 -15.99
CA THR UA 22 30.68 64.81 -15.35
C THR UA 22 31.93 64.45 -14.54
N ALA UA 23 31.89 63.34 -13.81
CA ALA UA 23 33.02 62.87 -13.01
C ALA UA 23 33.50 63.89 -11.99
N TYR UA 24 32.63 64.82 -11.59
CA TYR UA 24 32.96 65.85 -10.61
C TYR UA 24 32.02 65.70 -9.43
N GLU UA 25 32.39 64.83 -8.49
CA GLU UA 25 31.59 64.62 -7.28
C GLU UA 25 32.42 63.91 -6.22
N GLY UA 26 32.50 64.48 -5.03
CA GLY UA 26 33.26 63.91 -3.94
C GLY UA 26 34.55 64.65 -3.69
N PHE UA 27 35.14 64.37 -2.52
CA PHE UA 27 36.42 64.97 -2.15
C PHE UA 27 37.51 64.44 -3.06
N VAL UA 28 38.00 65.28 -3.97
CA VAL UA 28 39.03 64.88 -4.92
C VAL UA 28 40.35 65.55 -4.55
N SER UA 29 40.51 65.87 -3.28
CA SER UA 29 41.71 66.53 -2.77
C SER UA 29 42.34 65.63 -1.72
N ALA UA 30 43.62 65.29 -1.90
CA ALA UA 30 44.36 64.46 -0.97
C ALA UA 30 45.14 65.37 -0.04
N GLN UA 31 44.67 65.50 1.20
CA GLN UA 31 45.30 66.36 2.19
C GLN UA 31 45.10 65.74 3.57
N GLY UA 32 45.35 66.54 4.60
CA GLY UA 32 45.20 66.09 5.98
C GLY UA 32 43.87 65.44 6.26
N ARG UA 33 42.77 66.16 5.98
CA ARG UA 33 41.43 65.67 6.23
C ARG UA 33 40.67 65.35 4.95
N ASP UA 34 40.58 66.29 4.02
CA ASP UA 34 39.87 66.08 2.77
C ASP UA 34 40.08 67.32 1.90
N PHE UA 35 39.61 67.24 0.65
CA PHE UA 35 39.72 68.34 -0.31
C PHE UA 35 38.46 68.32 -1.17
N HIS UA 36 37.49 69.16 -0.80
CA HIS UA 36 36.21 69.23 -1.52
C HIS UA 36 36.39 70.13 -2.74
N ILE UA 37 36.93 69.53 -3.80
CA ILE UA 37 37.17 70.22 -5.06
C ILE UA 37 36.37 69.49 -6.13
N ARG UA 38 35.16 69.96 -6.39
CA ARG UA 38 34.27 69.35 -7.37
C ARG UA 38 34.44 70.10 -8.69
N ILE UA 39 35.19 69.50 -9.62
CA ILE UA 39 35.45 70.08 -10.93
C ILE UA 39 34.53 69.38 -11.93
N LEU UA 40 33.58 70.14 -12.48
CA LEU UA 40 32.61 69.60 -13.44
C LEU UA 40 33.04 70.07 -14.83
N LEU UA 41 33.53 69.13 -15.64
CA LEU UA 41 33.96 69.44 -17.00
C LEU UA 41 32.75 69.31 -17.92
N PRO UA 42 32.21 70.43 -18.42
CA PRO UA 42 31.04 70.35 -19.31
C PRO UA 42 31.36 70.14 -20.79
N THR UA 43 32.61 69.91 -21.14
CA THR UA 43 32.98 69.71 -22.54
C THR UA 43 32.67 68.27 -22.95
N ASP UA 44 32.43 68.10 -24.26
CA ASP UA 44 32.12 66.78 -24.79
C ASP UA 44 33.29 65.82 -24.57
N SER UA 45 34.44 66.11 -25.18
CA SER UA 45 35.62 65.26 -25.04
C SER UA 45 36.90 66.01 -24.77
N GLN UA 46 36.95 67.33 -24.97
CA GLN UA 46 38.17 68.08 -24.73
C GLN UA 46 38.34 68.37 -23.24
N LEU UA 47 39.57 68.20 -22.76
CA LEU UA 47 39.85 68.46 -21.35
C LEU UA 47 39.90 69.95 -21.04
N LYS UA 48 40.55 70.72 -21.91
CA LYS UA 48 40.64 72.16 -21.70
C LYS UA 48 39.26 72.81 -21.80
N ASN UA 49 39.11 73.95 -21.13
CA ASN UA 49 37.89 74.74 -21.07
C ASN UA 49 36.85 74.18 -20.12
N ALA UA 50 37.12 73.07 -19.45
CA ALA UA 50 36.16 72.48 -18.51
C ALA UA 50 36.22 73.21 -17.18
N ARG UA 51 35.06 73.41 -16.58
CA ARG UA 51 34.97 74.10 -15.29
C ARG UA 51 35.61 73.24 -14.21
N ILE UA 52 36.80 73.64 -13.76
CA ILE UA 52 37.52 72.90 -12.73
C ILE UA 52 37.70 73.79 -11.50
N GLU UA 53 36.74 74.69 -11.28
CA GLU UA 53 36.79 75.62 -10.15
C GLU UA 53 36.41 74.86 -8.88
N CYS UA 54 37.36 74.08 -8.38
CA CYS UA 54 37.16 73.29 -7.17
C CYS UA 54 37.43 74.18 -5.96
N SER UA 55 36.38 74.88 -5.52
CA SER UA 55 36.50 75.77 -4.38
C SER UA 55 36.93 75.00 -3.15
N TRP UA 56 38.03 75.43 -2.54
CA TRP UA 56 38.56 74.77 -1.35
C TRP UA 56 39.40 75.79 -0.57
N HIS UA 57 39.85 75.36 0.61
CA HIS UA 57 40.67 76.19 1.48
C HIS UA 57 39.90 77.42 1.96
N LEU UA 58 38.71 77.18 2.50
CA LEU UA 58 37.82 78.21 3.03
C LEU UA 58 37.12 79.02 1.94
N LYS UA 59 37.27 78.64 0.68
CA LYS UA 59 36.64 79.34 -0.43
C LYS UA 59 35.58 78.44 -1.05
N LYS UA 60 34.40 79.02 -1.31
CA LYS UA 60 33.30 78.27 -1.90
C LYS UA 60 33.31 78.37 -3.42
N ILE UA 61 33.24 79.59 -3.96
CA ILE UA 61 33.25 79.80 -5.39
C ILE UA 61 34.66 79.59 -5.92
N LEU UA 62 34.79 78.72 -6.93
CA LEU UA 62 36.08 78.43 -7.53
C LEU UA 62 36.33 79.31 -8.74
N HIS UA 63 37.55 79.22 -9.26
CA HIS UA 63 37.97 79.98 -10.43
C HIS UA 63 38.41 79.03 -11.54
N GLY UA 64 38.78 79.61 -12.67
CA GLY UA 64 39.22 78.83 -13.81
C GLY UA 64 40.53 78.12 -13.55
N TYR UA 65 41.04 77.49 -14.60
CA TYR UA 65 42.30 76.75 -14.51
C TYR UA 65 43.48 77.72 -14.49
N GLN UA 66 44.66 77.15 -14.26
CA GLN UA 66 45.91 77.92 -14.22
C GLN UA 66 46.00 78.81 -12.98
N HIS UA 67 45.45 78.34 -11.85
CA HIS UA 67 45.53 79.12 -10.62
C HIS UA 67 46.94 79.17 -10.08
N ILE UA 68 47.64 78.03 -10.07
CA ILE UA 68 49.00 77.96 -9.60
C ILE UA 68 49.96 78.25 -10.76
N LEU UA 69 51.22 78.55 -10.42
CA LEU UA 69 52.22 78.81 -11.44
C LEU UA 69 52.31 77.68 -12.45
N LYS UA 70 52.24 76.44 -11.97
CA LYS UA 70 52.28 75.26 -12.83
C LYS UA 70 51.00 74.43 -12.71
N GLN UA 71 49.88 75.09 -12.43
CA GLN UA 71 48.61 74.37 -12.29
C GLN UA 71 48.13 73.85 -13.64
N ARG UA 72 47.93 74.74 -14.60
CA ARG UA 72 47.45 74.36 -15.93
C ARG UA 72 48.61 74.06 -16.89
N LEU UA 73 49.49 73.16 -16.47
CA LEU UA 73 50.64 72.77 -17.27
C LEU UA 73 50.49 71.38 -17.89
N HIS UA 74 50.19 70.37 -17.08
CA HIS UA 74 50.04 69.00 -17.58
C HIS UA 74 48.56 68.73 -17.89
N SER UA 75 48.08 69.41 -18.93
CA SER UA 75 46.70 69.27 -19.39
C SER UA 75 46.62 68.52 -20.72
N CYS UA 76 47.62 67.69 -21.02
CA CYS UA 76 47.66 66.94 -22.25
C CYS UA 76 46.74 65.72 -22.15
N PRO UA 77 46.78 64.99 -21.05
CA PRO UA 77 45.97 63.78 -20.91
C PRO UA 77 44.53 64.15 -20.57
N ASP UA 78 43.69 63.12 -20.48
CA ASP UA 78 42.27 63.29 -20.19
C ASP UA 78 42.08 63.48 -18.69
N LEU UA 79 40.82 63.45 -18.24
CA LEU UA 79 40.52 63.62 -16.83
C LEU UA 79 41.22 62.60 -15.95
N VAL UA 80 41.55 61.43 -16.49
CA VAL UA 80 42.23 60.41 -15.71
C VAL UA 80 43.59 60.92 -15.24
N SER UA 81 44.45 61.31 -16.18
CA SER UA 81 45.75 61.85 -15.82
C SER UA 81 45.60 63.16 -15.05
N PHE UA 82 44.64 63.99 -15.43
CA PHE UA 82 44.42 65.25 -14.73
C PHE UA 82 43.98 65.00 -13.30
N VAL UA 83 43.13 63.99 -13.08
CA VAL UA 83 42.69 63.67 -11.73
C VAL UA 83 43.82 63.06 -10.91
N VAL UA 84 44.68 62.28 -11.56
CA VAL UA 84 45.81 61.67 -10.85
C VAL UA 84 46.82 62.74 -10.45
N GLU UA 85 47.02 63.75 -11.30
CA GLU UA 85 47.94 64.83 -10.99
C GLU UA 85 47.42 65.77 -9.93
N LEU UA 86 46.15 65.64 -9.52
CA LEU UA 86 45.60 66.52 -8.50
C LEU UA 86 46.37 66.38 -7.19
N LYS UA 87 46.67 65.14 -6.78
CA LYS UA 87 47.40 64.94 -5.53
C LYS UA 87 48.83 65.47 -5.65
N THR UA 88 49.48 65.24 -6.80
CA THR UA 88 50.84 65.73 -6.98
C THR UA 88 50.89 67.26 -6.98
N ILE UA 89 49.82 67.91 -7.45
CA ILE UA 89 49.78 69.36 -7.45
C ILE UA 89 49.46 69.90 -6.05
N LEU UA 90 48.59 69.20 -5.31
CA LEU UA 90 48.26 69.64 -3.96
C LEU UA 90 49.43 69.44 -3.00
N GLU UA 91 50.26 68.42 -3.24
CA GLU UA 91 51.40 68.18 -2.38
C GLU UA 91 52.43 69.31 -2.44
N ILE UA 92 52.47 70.06 -3.56
CA ILE UA 92 53.43 71.16 -3.66
C ILE UA 92 53.08 72.28 -2.70
N ALA UA 93 51.81 72.43 -2.36
CA ALA UA 93 51.37 73.46 -1.42
C ALA UA 93 51.05 72.92 -0.03
N LEU UA 94 50.91 71.59 0.11
CA LEU UA 94 50.62 71.03 1.42
C LEU UA 94 51.80 71.11 2.39
N LYS UA 95 53.02 71.28 1.87
CA LYS UA 95 54.21 71.39 2.70
C LYS UA 95 54.60 72.84 2.99
N ASN UA 96 53.63 73.75 2.99
CA ASN UA 96 53.92 75.16 3.26
C ASN UA 96 52.87 75.75 4.21
#